data_7ND5
#
_entry.id   7ND5
#
_cell.length_a   1.00
_cell.length_b   1.00
_cell.length_c   1.00
_cell.angle_alpha   90.00
_cell.angle_beta   90.00
_cell.angle_gamma   90.00
#
_symmetry.space_group_name_H-M   'P 1'
#
loop_
_entity.id
_entity.type
_entity.pdbx_description
1 polymer 'Spike glycoprotein'
2 polymer 'COVOX-150 Fab heavy chain'
3 polymer 'COVOX-150 Fab light chain'
4 branched 2-acetamido-2-deoxy-beta-D-glucopyranose-(1-4)-2-acetamido-2-deoxy-beta-D-glucopyranose
5 non-polymer 2-acetamido-2-deoxy-beta-D-glucopyranose
#
loop_
_entity_poly.entity_id
_entity_poly.type
_entity_poly.pdbx_seq_one_letter_code
_entity_poly.pdbx_strand_id
1 'polypeptide(L)'
;MFVFLVLLPLVSSQCVNLTTRTQLPPAYTNSFTRGVYYPDKVFRSSVLHSTQDLFLPFFSNVTWFHAIHVSGTNGTKRFD
NPVLPFNDGVYFASTEKSNIIRGWIFGTTLDSKTQSLLIVNNATNVVIKVCEFQFCNDPFLGVYYHKNNKSWMESEFRVY
SSANNCTFEYVSQPFLMDLEGKQGNFKNLREFVFKNIDGYFKIYSKHTPINLVRDLPQGFSALEPLVDLPIGINITRFQT
LLALHRSYLTPGDSSSGWTAGAAAYYVGYLQPRTFLLKYNENGTITDAVDCALDPLSETKCTLKSFTVEKGIYQTSNFRV
QPTESIVRFPNITNLCPFGEVFNATRFASVYAWNRKRISNCVADYSVLYNSASFSTFKCYGVSPTKLNDLCFTNVYADSF
VIRGDEVRQIAPGQTGKIADYNYKLPDDFTGCVIAWNSNNLDSKVGGNYNYLYRLFRKSNLKPFERDISTEIYQAGSTPC
NGVEGFNCYFPLQSYGFQPTNGVGYQPYRVVVLSFELLHAPATVCGPKKSTNLVKNKCVNFNFNGLTGTGVLTESNKKFL
PFQQFGRDIADTTDAVRDPQTLEILDITPCSFGGVSVITPGTNTSNQVAVLYQDVNCTEVPVAIHADQLTPTWRVYSTGS
NVFQTRAGCLIGAEHVNNSYECDIPIGAGICASYQTQTNSPGSASSVASQSIIAYTMSLGAENSVAYSNNSIAIPTNFTI
SVTTEILPVSMTKTSVDCTMYICGDSTECSNLLLQYGSFCTQLNRALTGIAVEQDKNTQEVFAQVKQIYKTPPIKDFGGF
NFSQILPDPSKPSKRSFIEDLLFNKVTLADAGFIKQYGDCLGDIAARDLICAQKFNGLTVLPPLLTDEMIAQYTSALLAG
TITSGWTFGAGAALQIPFAMQMAYRFNGIGVTQNVLYENQKLIANQFNSAIGKIQDSLSSTASALGKLQDVVNQNAQALN
TLVKQLSSNFGAISSVLNDILSRLDPPEAEVQIDRLITGRLQSLQTYVTQQLIRAAEIRASANLAATKMSECVLGQSKRV
DFCGKGYHLMSFPQSAPHGVVFLHVTYVPAQEKNFTTAPAICHDGKAHFPREGVFVSNGTHWFVTQRNFYEPQIITTDNT
FVSGNCDVVIGIVNNTVYDPLQPELDSFKEELDKYFKNHTSPDVDLGDISGINASVVNIQKEIDRLNEVAKNLNESLIDL
QELGKYEQGSGYIPEAPRDGQAYVRKDGEWVLLSTFLGRSLEVLFQGPGHHHHHHHHGSAWSHPQFEKGGGSGGGSGGSA
WSHPQFEK
;
A,B,C
2 'polypeptide(L)'
;ILFLVATATGVHSQVQLVESGGGLIQPGGSLRLSCAASGVTVSSNYMSWVRQAPGKGLEWVSIIYSGGTTYYADSVKGRF
TISRDSSMNTLYLQMNSLRAEDTAVYYCARDLMVYGIDVWGQGTTVTVSSASTKGPSVFPLAPSSKSTSGGTAALGCLVK
DYFPEPVTVSWNSGALTSGVHTFPAVLQSSGLYSLSSVVTVPSSSLGTQTYICNVNHKPSNTKVDKKVEPKSCDK
;
H
3 'polypeptide(L)'
;ILFLVATATGVHSEIVMTQSPSSLSASVGDRVTITCRASQGISSYLAWYQQKPGKAPKLLIYAASTLQSGVPSRFSGSGS
GTDFTLTISSLQPEDFATYYCQQLDSYPPGYTFGQGTKVDIKRTVAAPSVFIFPPSDEQLKSGTASVVCLLNNFYPREAK
VQWKVDNALQSGNSQESVTEQDSKDSTYSLSSTLTLSKADYEKHKVYACEVTHQGLSSPVTKSFNRGEC
;
L
#
loop_
_chem_comp.id
_chem_comp.type
_chem_comp.name
_chem_comp.formula
NAG D-saccharide, beta linking 2-acetamido-2-deoxy-beta-D-glucopyranose 'C8 H15 N O6'
#
# COMPACT_ATOMS: atom_id res chain seq x y z
N ALA A 27 -54.65 22.07 -7.10
CA ALA A 27 -54.17 23.01 -6.10
C ALA A 27 -52.73 22.74 -5.71
N TYR A 28 -52.04 23.76 -5.24
CA TYR A 28 -50.64 23.64 -4.81
C TYR A 28 -50.43 24.50 -3.58
N THR A 29 -49.41 24.16 -2.79
CA THR A 29 -49.07 24.94 -1.62
C THR A 29 -47.57 24.80 -1.35
N ASN A 30 -47.09 25.58 -0.39
CA ASN A 30 -45.67 25.72 -0.13
C ASN A 30 -45.27 24.89 1.09
N SER A 31 -44.37 23.93 0.88
CA SER A 31 -43.83 23.12 1.98
C SER A 31 -42.70 23.91 2.63
N PHE A 32 -43.08 24.84 3.51
CA PHE A 32 -42.17 25.82 4.09
C PHE A 32 -40.89 25.19 4.63
N THR A 33 -41.01 24.39 5.69
CA THR A 33 -39.84 23.73 6.27
C THR A 33 -40.14 22.31 6.73
N ARG A 34 -41.30 21.75 6.38
CA ARG A 34 -41.70 20.45 6.88
C ARG A 34 -41.13 19.33 6.00
N GLY A 35 -41.10 18.13 6.57
CA GLY A 35 -40.57 16.97 5.89
C GLY A 35 -39.23 16.48 6.40
N VAL A 36 -38.76 16.99 7.53
CA VAL A 36 -37.52 16.53 8.12
C VAL A 36 -37.83 15.47 9.17
N TYR A 37 -37.14 14.34 9.08
CA TYR A 37 -37.39 13.18 9.93
C TYR A 37 -36.06 12.63 10.41
N TYR A 38 -36.07 12.07 11.63
CA TYR A 38 -34.87 11.49 12.23
C TYR A 38 -34.30 10.43 11.30
N PRO A 39 -33.17 10.69 10.64
CA PRO A 39 -32.64 9.70 9.68
C PRO A 39 -32.05 8.48 10.35
N ASP A 40 -31.79 8.54 11.65
CA ASP A 40 -31.22 7.44 12.40
C ASP A 40 -31.92 7.35 13.75
N LYS A 41 -31.93 6.15 14.32
CA LYS A 41 -32.54 5.90 15.62
C LYS A 41 -31.56 6.08 16.77
N VAL A 42 -30.56 6.93 16.60
CA VAL A 42 -29.54 7.20 17.60
C VAL A 42 -29.69 8.63 18.08
N PHE A 43 -29.70 8.81 19.40
CA PHE A 43 -29.81 10.14 19.99
C PHE A 43 -28.54 10.96 19.80
N ARG A 44 -28.72 12.26 19.61
CA ARG A 44 -27.65 13.23 19.55
C ARG A 44 -28.10 14.48 20.29
N SER A 45 -27.18 15.42 20.49
CA SER A 45 -27.48 16.60 21.27
C SER A 45 -26.57 17.75 20.86
N SER A 46 -27.16 18.93 20.71
CA SER A 46 -26.44 20.19 20.51
C SER A 46 -25.34 20.04 19.47
N VAL A 47 -25.75 19.76 18.22
CA VAL A 47 -24.80 19.48 17.16
C VAL A 47 -25.49 19.75 15.84
N LEU A 48 -24.71 20.01 14.80
CA LEU A 48 -25.18 20.21 13.44
C LEU A 48 -24.69 19.03 12.61
N HIS A 49 -25.56 18.07 12.36
CA HIS A 49 -25.19 16.82 11.71
C HIS A 49 -25.66 16.83 10.27
N SER A 50 -24.76 16.48 9.36
CA SER A 50 -25.07 16.39 7.94
C SER A 50 -25.40 14.95 7.58
N THR A 51 -26.44 14.78 6.75
CA THR A 51 -26.85 13.45 6.33
C THR A 51 -27.57 13.55 4.99
N GLN A 52 -27.30 12.59 4.10
CA GLN A 52 -27.95 12.52 2.81
C GLN A 52 -28.91 11.35 2.78
N ASP A 53 -30.13 11.61 2.32
CA ASP A 53 -31.19 10.61 2.20
C ASP A 53 -32.33 11.24 1.42
N LEU A 54 -33.42 10.50 1.29
CA LEU A 54 -34.61 10.99 0.58
C LEU A 54 -35.39 11.88 1.53
N PHE A 55 -35.44 13.17 1.23
CA PHE A 55 -36.15 14.14 2.05
C PHE A 55 -37.10 14.96 1.17
N LEU A 56 -37.97 15.71 1.82
CA LEU A 56 -38.83 16.67 1.14
C LEU A 56 -38.07 17.99 0.98
N PRO A 57 -37.78 18.40 -0.25
CA PRO A 57 -37.04 19.65 -0.46
C PRO A 57 -37.78 20.84 0.14
N PHE A 58 -37.02 21.74 0.75
CA PHE A 58 -37.61 22.92 1.38
C PHE A 58 -38.24 23.83 0.34
N PHE A 59 -39.30 24.52 0.74
CA PHE A 59 -40.03 25.47 -0.11
C PHE A 59 -40.44 24.82 -1.43
N SER A 60 -40.87 23.56 -1.35
CA SER A 60 -41.31 22.83 -2.53
C SER A 60 -42.80 23.01 -2.76
N ASN A 61 -43.21 22.75 -4.00
CA ASN A 61 -44.61 22.80 -4.39
C ASN A 61 -45.25 21.45 -4.07
N VAL A 62 -46.06 21.40 -3.00
CA VAL A 62 -46.73 20.18 -2.56
C VAL A 62 -48.19 20.26 -2.97
N THR A 63 -48.70 19.17 -3.54
CA THR A 63 -50.05 19.17 -4.07
C THR A 63 -51.08 19.12 -2.94
N TRP A 64 -52.14 19.91 -3.09
CA TRP A 64 -53.17 20.10 -2.08
C TRP A 64 -54.47 19.50 -2.62
N PHE A 65 -54.99 18.50 -1.92
CA PHE A 65 -56.24 17.85 -2.30
C PHE A 65 -57.31 18.16 -1.25
N HIS A 66 -58.44 18.69 -1.69
CA HIS A 66 -59.54 19.03 -0.79
C HIS A 66 -60.61 17.94 -0.84
N ALA A 67 -61.43 17.91 0.20
CA ALA A 67 -62.47 16.91 0.36
C ALA A 67 -63.81 17.58 0.66
N ILE A 68 -64.14 18.61 -0.12
CA ILE A 68 -65.34 19.41 0.10
C ILE A 68 -66.12 19.50 -1.21
N HIS A 69 -67.45 19.36 -1.10
CA HIS A 69 -68.35 19.41 -2.25
C HIS A 69 -67.87 18.57 -3.43
N PRO A 82 -58.66 9.17 -5.00
CA PRO A 82 -57.77 9.33 -6.15
C PRO A 82 -56.43 8.62 -5.96
N VAL A 83 -55.91 8.00 -7.01
CA VAL A 83 -54.63 7.30 -6.96
C VAL A 83 -53.52 8.27 -7.32
N LEU A 84 -52.38 8.15 -6.64
CA LEU A 84 -51.25 9.03 -6.83
C LEU A 84 -49.98 8.23 -7.04
N PRO A 85 -49.00 8.78 -7.74
CA PRO A 85 -47.73 8.07 -7.93
C PRO A 85 -46.94 7.99 -6.64
N PHE A 86 -45.99 7.06 -6.61
CA PHE A 86 -45.12 6.79 -5.46
C PHE A 86 -43.67 6.74 -5.92
N ASN A 87 -43.25 7.78 -6.66
CA ASN A 87 -41.99 7.81 -7.40
C ASN A 87 -40.82 7.24 -6.60
N ASP A 88 -40.43 7.93 -5.52
CA ASP A 88 -39.29 7.50 -4.71
C ASP A 88 -39.56 7.71 -3.22
N GLY A 89 -40.82 7.61 -2.80
CA GLY A 89 -41.17 7.98 -1.44
C GLY A 89 -42.12 9.16 -1.41
N VAL A 90 -42.88 9.32 -0.32
CA VAL A 90 -43.96 10.29 -0.28
C VAL A 90 -44.03 10.88 1.12
N TYR A 91 -44.29 12.19 1.17
CA TYR A 91 -44.66 12.88 2.40
C TYR A 91 -46.15 13.17 2.33
N PHE A 92 -46.89 12.72 3.34
CA PHE A 92 -48.33 12.92 3.41
C PHE A 92 -48.64 13.76 4.63
N ALA A 93 -49.64 14.63 4.53
CA ALA A 93 -50.03 15.45 5.66
C ALA A 93 -51.54 15.63 5.66
N SER A 94 -52.11 15.73 6.85
CA SER A 94 -53.55 15.84 7.03
C SER A 94 -53.87 16.92 8.05
N THR A 95 -54.80 17.81 7.70
CA THR A 95 -55.37 18.76 8.63
C THR A 95 -56.81 18.35 8.90
N GLU A 96 -57.15 18.16 10.17
CA GLU A 96 -58.41 17.52 10.54
C GLU A 96 -59.15 18.34 11.58
N LYS A 97 -60.48 18.27 11.50
CA LYS A 97 -61.37 18.78 12.53
C LYS A 97 -62.15 17.69 13.25
N SER A 98 -62.41 16.57 12.56
CA SER A 98 -63.06 15.42 13.20
C SER A 98 -62.45 14.09 12.77
N ASN A 99 -61.22 14.10 12.22
CA ASN A 99 -60.51 12.90 11.81
C ASN A 99 -61.27 12.15 10.71
N ILE A 100 -61.57 12.85 9.62
CA ILE A 100 -62.26 12.22 8.51
C ILE A 100 -61.34 11.22 7.80
N ILE A 101 -60.10 11.63 7.51
CA ILE A 101 -59.18 10.74 6.82
C ILE A 101 -58.71 9.66 7.78
N ARG A 102 -58.83 8.41 7.36
CA ARG A 102 -58.40 7.30 8.20
C ARG A 102 -57.46 6.33 7.49
N GLY A 103 -57.68 6.06 6.21
CA GLY A 103 -57.04 4.91 5.61
C GLY A 103 -56.07 5.18 4.48
N TRP A 104 -55.21 4.21 4.20
CA TRP A 104 -54.30 4.25 3.06
C TRP A 104 -54.33 2.91 2.33
N ILE A 105 -54.22 2.96 1.01
CA ILE A 105 -54.07 1.77 0.17
C ILE A 105 -52.81 1.94 -0.66
N PHE A 106 -52.02 0.87 -0.74
CA PHE A 106 -50.76 0.87 -1.48
C PHE A 106 -50.74 -0.32 -2.44
N GLY A 107 -50.05 -0.14 -3.55
CA GLY A 107 -49.85 -1.23 -4.50
C GLY A 107 -49.64 -0.70 -5.90
N THR A 108 -49.57 -1.64 -6.85
CA THR A 108 -49.40 -1.32 -8.26
C THR A 108 -50.74 -1.17 -8.99
N THR A 109 -51.60 -2.18 -8.88
CA THR A 109 -52.92 -2.15 -9.48
C THR A 109 -54.02 -1.80 -8.48
N LEU A 110 -53.81 -2.14 -7.21
CA LEU A 110 -54.68 -1.73 -6.10
C LEU A 110 -56.04 -2.41 -6.14
N ASP A 111 -56.11 -3.61 -6.74
CA ASP A 111 -57.36 -4.36 -6.77
C ASP A 111 -57.02 -5.86 -6.80
N SER A 112 -56.99 -6.47 -5.61
CA SER A 112 -56.85 -7.92 -5.46
C SER A 112 -55.64 -8.45 -6.23
N LYS A 113 -54.52 -7.76 -6.09
CA LYS A 113 -53.28 -8.18 -6.75
C LYS A 113 -52.08 -7.43 -6.20
N SER A 116 -50.02 -5.67 -2.22
CA SER A 116 -50.77 -4.47 -1.87
C SER A 116 -50.96 -4.36 -0.36
N LEU A 117 -50.99 -3.13 0.15
CA LEU A 117 -51.11 -2.88 1.57
C LEU A 117 -52.37 -2.06 1.84
N LEU A 118 -52.92 -2.21 3.05
CA LEU A 118 -54.01 -1.38 3.51
C LEU A 118 -53.78 -1.03 4.98
N ILE A 119 -54.11 0.21 5.33
CA ILE A 119 -54.12 0.67 6.71
C ILE A 119 -55.44 1.39 6.94
N VAL A 120 -56.02 1.21 8.12
CA VAL A 120 -57.30 1.86 8.43
C VAL A 120 -57.43 1.97 9.94
N ASN A 121 -57.90 3.13 10.39
CA ASN A 121 -58.08 3.40 11.81
C ASN A 121 -59.58 3.51 12.08
N ASN A 122 -60.17 2.43 12.57
CA ASN A 122 -61.60 2.43 12.88
C ASN A 122 -61.79 2.92 14.31
N ALA A 123 -61.75 4.24 14.44
CA ALA A 123 -62.45 5.03 15.45
C ALA A 123 -62.03 4.72 16.88
N THR A 124 -61.36 3.59 17.09
CA THR A 124 -60.63 3.35 18.33
C THR A 124 -59.36 2.57 18.04
N ASN A 125 -59.28 1.93 16.88
CA ASN A 125 -58.26 0.90 16.68
C ASN A 125 -57.56 1.06 15.34
N VAL A 126 -56.23 0.99 15.35
CA VAL A 126 -55.46 0.93 14.11
C VAL A 126 -55.46 -0.51 13.61
N VAL A 127 -55.46 -0.68 12.29
CA VAL A 127 -55.46 -1.99 11.65
C VAL A 127 -54.64 -1.93 10.37
N ILE A 128 -53.53 -2.66 10.33
CA ILE A 128 -52.69 -2.76 9.14
C ILE A 128 -52.77 -4.18 8.61
N LYS A 129 -53.03 -4.30 7.31
CA LYS A 129 -53.07 -5.60 6.65
C LYS A 129 -52.33 -5.49 5.32
N VAL A 130 -51.87 -6.63 4.81
CA VAL A 130 -51.16 -6.67 3.54
C VAL A 130 -51.83 -7.67 2.62
N CYS A 131 -53.07 -8.05 2.94
CA CYS A 131 -53.84 -8.91 2.06
C CYS A 131 -54.21 -8.16 0.78
N GLU A 132 -54.33 -8.92 -0.32
CA GLU A 132 -54.76 -8.35 -1.60
C GLU A 132 -56.28 -8.16 -1.56
N PHE A 133 -56.71 -7.10 -0.90
CA PHE A 133 -58.12 -6.87 -0.66
C PHE A 133 -58.85 -6.52 -1.96
N GLN A 134 -60.17 -6.62 -1.91
CA GLN A 134 -61.04 -6.19 -3.00
C GLN A 134 -61.59 -4.81 -2.64
N PHE A 135 -61.13 -3.78 -3.34
CA PHE A 135 -61.55 -2.41 -3.10
C PHE A 135 -62.27 -1.86 -4.33
N CYS A 136 -63.17 -0.92 -4.08
CA CYS A 136 -63.93 -0.30 -5.16
C CYS A 136 -63.01 0.61 -5.99
N ASN A 137 -63.51 1.02 -7.15
CA ASN A 137 -62.78 1.96 -8.00
C ASN A 137 -62.34 3.20 -7.22
N ASP A 138 -63.22 3.71 -6.36
CA ASP A 138 -62.88 4.81 -5.46
C ASP A 138 -63.57 4.59 -4.12
N PRO A 139 -62.93 3.87 -3.20
CA PRO A 139 -63.57 3.57 -1.92
C PRO A 139 -63.84 4.82 -1.10
N PHE A 140 -64.83 4.73 -0.23
CA PHE A 140 -65.26 5.85 0.58
C PHE A 140 -65.87 5.33 1.87
N LEU A 141 -66.26 6.26 2.75
CA LEU A 141 -66.94 5.93 3.99
C LEU A 141 -68.16 6.82 4.14
N GLY A 142 -69.21 6.26 4.75
CA GLY A 142 -70.44 6.99 4.95
C GLY A 142 -70.40 7.89 6.17
N VAL A 143 -71.52 8.57 6.39
CA VAL A 143 -71.65 9.48 7.52
C VAL A 143 -72.99 9.25 8.21
N CYS A 166 -52.13 -13.03 2.79
CA CYS A 166 -51.98 -12.25 4.02
C CYS A 166 -50.69 -12.63 4.75
N THR A 167 -49.61 -11.91 4.47
CA THR A 167 -48.33 -12.15 5.11
C THR A 167 -48.15 -11.37 6.40
N PHE A 168 -49.07 -10.48 6.74
CA PHE A 168 -48.96 -9.67 7.94
C PHE A 168 -50.34 -9.11 8.29
N GLU A 169 -50.56 -8.93 9.60
CA GLU A 169 -51.78 -8.30 10.09
C GLU A 169 -51.52 -7.82 11.50
N TYR A 170 -51.80 -6.55 11.76
CA TYR A 170 -51.59 -5.95 13.08
C TYR A 170 -52.80 -5.12 13.49
N VAL A 171 -53.12 -5.17 14.77
CA VAL A 171 -54.23 -4.41 15.36
C VAL A 171 -53.72 -3.76 16.64
N SER A 172 -54.10 -2.50 16.84
CA SER A 172 -53.73 -1.77 18.06
C SER A 172 -54.85 -1.84 19.08
N ASN A 188 -56.36 19.55 13.99
CA ASN A 188 -55.05 18.98 14.27
C ASN A 188 -54.29 18.68 12.97
N LEU A 189 -52.98 18.55 13.08
CA LEU A 189 -52.11 18.27 11.95
C LEU A 189 -51.36 16.97 12.19
N ARG A 190 -51.37 16.10 11.18
CA ARG A 190 -50.67 14.83 11.22
C ARG A 190 -49.76 14.72 10.00
N GLU A 191 -48.50 14.35 10.22
CA GLU A 191 -47.52 14.24 9.15
C GLU A 191 -46.94 12.84 9.13
N PHE A 192 -46.88 12.25 7.94
CA PHE A 192 -46.33 10.91 7.73
C PHE A 192 -45.34 10.94 6.57
N VAL A 193 -44.34 10.07 6.64
CA VAL A 193 -43.40 9.82 5.56
C VAL A 193 -43.40 8.33 5.26
N PHE A 194 -43.59 7.99 3.98
CA PHE A 194 -43.60 6.60 3.51
C PHE A 194 -42.44 6.42 2.55
N LYS A 195 -41.55 5.48 2.86
CA LYS A 195 -40.51 5.08 1.91
C LYS A 195 -40.42 3.56 1.84
N ASN A 196 -39.98 3.06 0.69
CA ASN A 196 -39.87 1.62 0.44
C ASN A 196 -38.45 1.32 -0.04
N ILE A 197 -37.62 0.81 0.88
CA ILE A 197 -36.20 0.55 0.62
C ILE A 197 -35.94 -0.92 0.86
N ASP A 198 -35.46 -1.61 -0.19
CA ASP A 198 -35.12 -3.04 -0.12
C ASP A 198 -36.28 -3.88 0.43
N GLY A 199 -37.48 -3.56 -0.02
CA GLY A 199 -38.66 -4.28 0.39
C GLY A 199 -39.17 -3.94 1.78
N TYR A 200 -38.50 -3.04 2.49
CA TYR A 200 -38.93 -2.60 3.80
C TYR A 200 -39.68 -1.28 3.68
N PHE A 201 -40.85 -1.21 4.30
CA PHE A 201 -41.72 -0.05 4.24
C PHE A 201 -41.54 0.73 5.55
N LYS A 202 -40.91 1.89 5.46
CA LYS A 202 -40.69 2.75 6.61
C LYS A 202 -41.76 3.83 6.64
N ILE A 203 -42.44 3.93 7.78
CA ILE A 203 -43.49 4.91 8.03
C ILE A 203 -43.08 5.74 9.24
N TYR A 204 -42.79 7.01 9.00
CA TYR A 204 -42.49 7.97 10.06
C TYR A 204 -43.73 8.82 10.29
N SER A 205 -43.94 9.21 11.55
CA SER A 205 -45.18 9.88 11.92
C SER A 205 -44.89 11.00 12.90
N LYS A 206 -45.82 11.95 12.97
CA LYS A 206 -45.78 13.02 13.94
C LYS A 206 -47.15 13.70 13.97
N HIS A 207 -47.50 14.26 15.12
CA HIS A 207 -48.78 14.91 15.31
C HIS A 207 -48.56 16.22 16.05
N THR A 208 -49.50 17.16 15.87
CA THR A 208 -49.48 18.40 16.63
C THR A 208 -50.80 19.16 16.48
N PRO A 209 -51.29 19.79 17.54
CA PRO A 209 -52.48 20.65 17.40
C PRO A 209 -52.17 21.89 16.59
N ILE A 210 -53.20 22.39 15.90
CA ILE A 210 -53.07 23.56 15.04
C ILE A 210 -54.38 24.33 15.09
N ASN A 211 -54.32 25.59 14.67
CA ASN A 211 -55.52 26.43 14.51
C ASN A 211 -55.36 27.22 13.22
N LEU A 212 -55.83 26.65 12.11
CA LEU A 212 -55.76 27.27 10.80
C LEU A 212 -56.67 26.50 9.85
N VAL A 213 -57.24 27.22 8.87
CA VAL A 213 -58.22 26.65 7.96
C VAL A 213 -57.86 26.88 6.50
N ARG A 214 -56.71 27.49 6.21
CA ARG A 214 -56.31 27.78 4.83
C ARG A 214 -55.40 26.70 4.26
N ASP A 215 -54.29 26.42 4.93
CA ASP A 215 -53.33 25.42 4.47
C ASP A 215 -52.49 24.99 5.68
N LEU A 216 -51.46 24.19 5.43
CA LEU A 216 -50.59 23.75 6.50
C LEU A 216 -49.83 24.95 7.07
N PRO A 217 -49.80 25.13 8.38
CA PRO A 217 -49.15 26.31 8.95
C PRO A 217 -47.64 26.28 8.73
N GLN A 218 -47.06 27.48 8.72
CA GLN A 218 -45.61 27.61 8.59
C GLN A 218 -44.94 27.27 9.92
N GLY A 219 -43.90 26.45 9.85
CA GLY A 219 -43.20 26.03 11.06
C GLY A 219 -42.30 24.85 10.75
N PHE A 220 -41.68 24.34 11.81
CA PHE A 220 -40.75 23.23 11.69
C PHE A 220 -41.04 22.21 12.77
N SER A 221 -40.89 20.93 12.43
CA SER A 221 -41.03 19.84 13.39
C SER A 221 -40.38 18.60 12.79
N ALA A 222 -40.14 17.62 13.65
CA ALA A 222 -39.47 16.39 13.26
C ALA A 222 -40.43 15.22 13.34
N LEU A 223 -40.33 14.31 12.38
CA LEU A 223 -41.23 13.17 12.24
C LEU A 223 -40.48 11.89 12.60
N GLU A 224 -40.62 11.46 13.85
CA GLU A 224 -39.92 10.27 14.29
C GLU A 224 -40.46 9.02 13.57
N PRO A 225 -39.61 8.00 13.40
CA PRO A 225 -40.11 6.75 12.81
C PRO A 225 -41.05 6.02 13.76
N LEU A 226 -42.07 5.38 13.19
CA LEU A 226 -43.03 4.64 13.98
C LEU A 226 -43.21 3.19 13.52
N VAL A 227 -43.12 2.91 12.23
CA VAL A 227 -43.34 1.56 11.74
C VAL A 227 -42.29 1.19 10.70
N ASP A 228 -41.76 -0.04 10.81
CA ASP A 228 -40.99 -0.67 9.76
C ASP A 228 -41.66 -2.00 9.43
N LEU A 229 -42.07 -2.17 8.18
CA LEU A 229 -42.87 -3.31 7.78
C LEU A 229 -42.13 -4.14 6.74
N PRO A 230 -41.99 -5.46 6.94
CA PRO A 230 -41.29 -6.33 5.97
C PRO A 230 -42.20 -6.84 4.86
N ILE A 231 -42.78 -5.91 4.09
CA ILE A 231 -43.73 -6.30 3.06
C ILE A 231 -43.03 -7.02 1.91
N GLY A 232 -41.90 -6.47 1.43
CA GLY A 232 -41.29 -6.98 0.22
C GLY A 232 -42.18 -6.87 -0.99
N ILE A 233 -43.11 -5.90 -0.98
CA ILE A 233 -44.16 -5.79 -1.98
C ILE A 233 -43.83 -4.61 -2.91
N ASN A 234 -43.99 -4.83 -4.21
CA ASN A 234 -43.77 -3.75 -5.17
C ASN A 234 -44.75 -2.61 -4.89
N ILE A 235 -44.28 -1.38 -5.06
CA ILE A 235 -45.09 -0.19 -4.85
C ILE A 235 -44.88 0.75 -6.02
N THR A 236 -45.99 1.15 -6.67
CA THR A 236 -45.97 2.22 -7.64
C THR A 236 -47.16 3.16 -7.55
N ARG A 237 -48.06 2.96 -6.58
CA ARG A 237 -49.24 3.81 -6.48
C ARG A 237 -49.85 3.67 -5.09
N PHE A 238 -50.60 4.69 -4.69
CA PHE A 238 -51.29 4.69 -3.42
C PHE A 238 -52.54 5.56 -3.53
N GLN A 239 -53.38 5.47 -2.51
CA GLN A 239 -54.63 6.23 -2.49
C GLN A 239 -55.12 6.35 -1.06
N THR A 240 -55.54 7.55 -0.67
CA THR A 240 -56.02 7.78 0.68
C THR A 240 -57.48 7.33 0.79
N LEU A 241 -57.98 7.37 2.02
CA LEU A 241 -59.34 6.94 2.33
C LEU A 241 -59.88 7.82 3.44
N LEU A 242 -60.95 8.56 3.14
CA LEU A 242 -61.59 9.43 4.12
C LEU A 242 -63.11 9.24 4.11
N ALA A 263 -61.95 17.95 5.26
CA ALA A 263 -60.60 17.57 5.66
C ALA A 263 -59.70 17.38 4.45
N ALA A 264 -58.90 18.40 4.15
CA ALA A 264 -57.97 18.33 3.03
C ALA A 264 -56.67 17.65 3.46
N TYR A 265 -55.87 17.27 2.48
CA TYR A 265 -54.56 16.67 2.73
C TYR A 265 -53.56 17.19 1.70
N TYR A 266 -52.29 16.91 1.96
CA TYR A 266 -51.19 17.43 1.16
C TYR A 266 -50.20 16.30 0.87
N VAL A 267 -49.72 16.27 -0.36
CA VAL A 267 -48.82 15.22 -0.84
C VAL A 267 -47.57 15.86 -1.44
N GLY A 268 -46.41 15.36 -1.04
CA GLY A 268 -45.15 15.79 -1.62
C GLY A 268 -44.26 14.59 -1.90
N TYR A 269 -43.22 14.84 -2.71
CA TYR A 269 -42.32 13.78 -3.15
C TYR A 269 -40.91 14.04 -2.64
N LEU A 270 -40.22 12.97 -2.28
CA LEU A 270 -38.88 13.05 -1.72
C LEU A 270 -37.83 12.92 -2.81
N GLN A 271 -36.68 13.53 -2.59
CA GLN A 271 -35.52 13.43 -3.46
C GLN A 271 -34.29 13.17 -2.60
N PRO A 272 -33.23 12.59 -3.19
CA PRO A 272 -32.02 12.32 -2.41
C PRO A 272 -31.18 13.58 -2.17
N ARG A 273 -31.52 14.33 -1.13
CA ARG A 273 -30.88 15.61 -0.85
C ARG A 273 -30.25 15.61 0.53
N THR A 274 -29.05 16.18 0.62
CA THR A 274 -28.35 16.28 1.90
C THR A 274 -28.99 17.38 2.75
N PHE A 275 -29.04 17.15 4.05
CA PHE A 275 -29.61 18.10 5.00
C PHE A 275 -28.70 18.22 6.21
N LEU A 276 -28.82 19.34 6.90
CA LEU A 276 -28.00 19.69 8.07
C LEU A 276 -28.93 19.91 9.26
N LEU A 277 -29.14 18.84 10.02
CA LEU A 277 -30.08 18.87 11.14
C LEU A 277 -29.40 19.43 12.39
N LYS A 278 -30.15 20.23 13.15
CA LYS A 278 -29.65 20.81 14.39
C LYS A 278 -30.30 20.13 15.59
N TYR A 279 -29.53 19.28 16.27
CA TYR A 279 -30.00 18.68 17.51
C TYR A 279 -29.73 19.62 18.67
N ASN A 280 -30.78 19.93 19.43
CA ASN A 280 -30.69 20.89 20.52
C ASN A 280 -30.10 20.23 21.76
N GLU A 281 -30.15 20.92 22.90
CA GLU A 281 -29.69 20.34 24.15
C GLU A 281 -30.50 19.11 24.52
N ASN A 282 -31.80 19.13 24.23
CA ASN A 282 -32.72 18.07 24.61
C ASN A 282 -32.88 17.01 23.52
N GLY A 283 -32.23 17.19 22.37
CA GLY A 283 -32.20 16.17 21.34
C GLY A 283 -33.34 16.21 20.36
N THR A 284 -34.05 17.33 20.25
CA THR A 284 -35.11 17.49 19.27
C THR A 284 -34.61 18.37 18.13
N ILE A 285 -34.84 17.92 16.89
CA ILE A 285 -34.46 18.68 15.71
C ILE A 285 -35.23 19.99 15.68
N THR A 286 -34.52 21.12 15.82
CA THR A 286 -35.17 22.42 15.87
C THR A 286 -35.08 23.20 14.56
N ASP A 287 -34.11 22.87 13.70
CA ASP A 287 -33.90 23.60 12.47
C ASP A 287 -33.16 22.71 11.49
N ALA A 288 -33.18 23.10 10.22
CA ALA A 288 -32.52 22.35 9.17
C ALA A 288 -32.12 23.30 8.06
N VAL A 289 -31.24 22.82 7.18
CA VAL A 289 -30.73 23.61 6.06
C VAL A 289 -30.60 22.68 4.86
N ASP A 290 -31.46 22.88 3.86
CA ASP A 290 -31.37 22.13 2.61
C ASP A 290 -30.05 22.44 1.93
N CYS A 291 -29.25 21.42 1.64
CA CYS A 291 -27.93 21.62 1.08
C CYS A 291 -27.95 21.96 -0.40
N ALA A 292 -29.12 22.07 -1.02
CA ALA A 292 -29.22 22.44 -2.42
C ALA A 292 -30.35 23.43 -2.69
N LEU A 293 -30.93 24.03 -1.63
CA LEU A 293 -32.05 24.94 -1.82
C LEU A 293 -31.61 26.25 -2.46
N ASP A 294 -30.54 26.85 -1.96
CA ASP A 294 -30.13 28.17 -2.39
C ASP A 294 -28.66 28.36 -2.02
N PRO A 295 -27.99 29.38 -2.59
CA PRO A 295 -26.56 29.55 -2.29
C PRO A 295 -26.24 29.69 -0.82
N LEU A 296 -26.99 30.51 -0.08
CA LEU A 296 -26.72 30.68 1.35
C LEU A 296 -26.88 29.35 2.09
N SER A 297 -27.91 28.57 1.74
CA SER A 297 -28.08 27.26 2.36
C SER A 297 -26.91 26.34 2.02
N GLU A 298 -26.44 26.40 0.77
CA GLU A 298 -25.28 25.59 0.40
C GLU A 298 -24.06 25.99 1.21
N THR A 299 -23.86 27.28 1.43
CA THR A 299 -22.75 27.75 2.24
C THR A 299 -22.86 27.23 3.67
N LYS A 300 -24.05 27.37 4.27
CA LYS A 300 -24.27 26.85 5.61
C LYS A 300 -24.01 25.34 5.68
N CYS A 301 -24.38 24.63 4.61
CA CYS A 301 -24.13 23.19 4.56
C CYS A 301 -22.63 22.89 4.53
N THR A 302 -21.89 23.60 3.69
CA THR A 302 -20.46 23.33 3.56
C THR A 302 -19.70 23.73 4.82
N LEU A 303 -20.12 24.81 5.48
CA LEU A 303 -19.44 25.29 6.67
C LEU A 303 -19.83 24.54 7.93
N LYS A 304 -20.86 23.69 7.85
CA LYS A 304 -21.38 22.96 9.02
C LYS A 304 -21.80 23.93 10.12
N SER A 305 -22.40 25.06 9.72
CA SER A 305 -22.87 26.06 10.66
C SER A 305 -24.16 26.70 10.15
N PHE A 306 -24.95 27.22 11.08
CA PHE A 306 -26.15 27.98 10.77
C PHE A 306 -25.93 29.48 10.83
N THR A 307 -24.71 29.93 11.13
CA THR A 307 -24.34 31.34 11.06
C THR A 307 -23.08 31.46 10.22
N VAL A 308 -23.10 32.38 9.26
CA VAL A 308 -22.00 32.58 8.32
C VAL A 308 -21.48 34.00 8.47
N GLU A 309 -20.18 34.12 8.70
CA GLU A 309 -19.55 35.42 8.88
C GLU A 309 -19.39 36.10 7.52
N LYS A 310 -19.17 37.42 7.57
CA LYS A 310 -18.91 38.17 6.35
C LYS A 310 -17.67 37.62 5.65
N GLY A 311 -17.75 37.45 4.35
CA GLY A 311 -16.63 36.96 3.57
C GLY A 311 -17.12 36.23 2.34
N ILE A 312 -16.15 35.69 1.60
CA ILE A 312 -16.40 34.93 0.39
C ILE A 312 -15.97 33.49 0.65
N TYR A 313 -16.90 32.55 0.50
CA TYR A 313 -16.65 31.14 0.76
C TYR A 313 -16.81 30.35 -0.52
N GLN A 314 -15.83 29.52 -0.84
CA GLN A 314 -15.90 28.63 -2.00
C GLN A 314 -16.71 27.39 -1.60
N THR A 315 -17.93 27.29 -2.12
CA THR A 315 -18.86 26.25 -1.68
C THR A 315 -18.82 25.01 -2.57
N SER A 316 -19.13 25.16 -3.85
CA SER A 316 -19.44 23.99 -4.67
C SER A 316 -18.75 24.03 -6.03
N ASN A 317 -19.13 23.09 -6.91
CA ASN A 317 -18.62 23.06 -8.28
C ASN A 317 -19.82 22.87 -9.21
N PHE A 318 -20.30 23.97 -9.78
CA PHE A 318 -21.38 23.91 -10.75
C PHE A 318 -20.99 23.02 -11.92
N ARG A 319 -21.88 22.11 -12.28
CA ARG A 319 -21.68 21.18 -13.39
C ARG A 319 -23.01 20.97 -14.09
N VAL A 320 -23.01 21.17 -15.42
CA VAL A 320 -24.21 20.93 -16.20
C VAL A 320 -24.46 19.43 -16.33
N GLN A 321 -25.69 19.02 -16.16
CA GLN A 321 -25.82 17.57 -16.22
C GLN A 321 -26.10 17.13 -17.65
N PRO A 322 -25.68 15.91 -18.03
CA PRO A 322 -25.97 15.41 -19.37
C PRO A 322 -27.47 15.34 -19.61
N THR A 323 -27.87 15.60 -20.86
CA THR A 323 -29.27 15.56 -21.23
C THR A 323 -29.64 14.43 -22.18
N GLU A 324 -28.66 13.81 -22.84
CA GLU A 324 -28.93 12.72 -23.76
C GLU A 324 -27.95 11.58 -23.51
N SER A 325 -28.35 10.39 -23.92
CA SER A 325 -27.50 9.20 -23.89
C SER A 325 -27.27 8.75 -25.33
N ILE A 326 -26.03 8.84 -25.80
CA ILE A 326 -25.69 8.53 -27.17
C ILE A 326 -24.84 7.27 -27.17
N VAL A 327 -25.39 6.18 -27.70
CA VAL A 327 -24.68 4.91 -27.83
C VAL A 327 -24.57 4.60 -29.32
N ARG A 328 -23.36 4.27 -29.76
CA ARG A 328 -23.13 3.98 -31.17
C ARG A 328 -22.24 2.76 -31.33
N PHE A 329 -22.51 1.98 -32.36
CA PHE A 329 -21.77 0.77 -32.68
C PHE A 329 -21.85 0.54 -34.17
N PRO A 330 -20.90 -0.19 -34.76
CA PRO A 330 -21.04 -0.58 -36.17
C PRO A 330 -22.27 -1.46 -36.37
N ASN A 331 -22.98 -1.20 -37.48
CA ASN A 331 -24.22 -1.88 -37.80
C ASN A 331 -23.96 -3.26 -38.41
N ILE A 332 -23.41 -4.14 -37.57
CA ILE A 332 -23.01 -5.48 -38.00
C ILE A 332 -24.09 -6.46 -37.56
N THR A 333 -24.37 -7.44 -38.42
CA THR A 333 -25.52 -8.33 -38.27
C THR A 333 -25.13 -9.72 -37.79
N ASN A 334 -24.13 -10.33 -38.42
CA ASN A 334 -23.88 -11.76 -38.26
C ASN A 334 -23.64 -12.12 -36.80
N LEU A 335 -24.34 -13.16 -36.34
CA LEU A 335 -24.12 -13.68 -35.01
C LEU A 335 -22.82 -14.48 -34.95
N CYS A 336 -22.16 -14.44 -33.80
CA CYS A 336 -20.92 -15.19 -33.63
C CYS A 336 -21.20 -16.68 -33.54
N PRO A 337 -20.37 -17.52 -34.15
CA PRO A 337 -20.64 -18.97 -34.19
C PRO A 337 -20.19 -19.71 -32.93
N PHE A 338 -20.74 -19.28 -31.79
CA PHE A 338 -20.44 -19.96 -30.53
C PHE A 338 -20.94 -21.40 -30.55
N GLY A 339 -22.00 -21.67 -31.31
CA GLY A 339 -22.56 -23.00 -31.35
C GLY A 339 -21.57 -24.06 -31.79
N GLU A 340 -20.82 -23.77 -32.85
CA GLU A 340 -19.85 -24.73 -33.38
C GLU A 340 -18.75 -25.05 -32.37
N VAL A 341 -18.54 -24.20 -31.37
CA VAL A 341 -17.54 -24.45 -30.33
C VAL A 341 -18.18 -25.20 -29.18
N PHE A 342 -19.23 -24.62 -28.59
CA PHE A 342 -19.90 -25.24 -27.45
C PHE A 342 -20.64 -26.51 -27.81
N ASN A 343 -20.88 -26.77 -29.10
CA ASN A 343 -21.61 -27.94 -29.55
C ASN A 343 -20.86 -28.65 -30.66
N ALA A 344 -19.53 -28.66 -30.59
CA ALA A 344 -18.74 -29.52 -31.45
C ALA A 344 -18.89 -30.97 -31.01
N THR A 345 -19.02 -31.87 -31.99
CA THR A 345 -19.21 -33.28 -31.68
C THR A 345 -18.01 -33.84 -30.91
N ARG A 346 -16.80 -33.52 -31.36
CA ARG A 346 -15.58 -33.98 -30.72
C ARG A 346 -14.82 -32.78 -30.15
N PHE A 347 -14.22 -32.97 -28.98
CA PHE A 347 -13.38 -31.97 -28.36
C PHE A 347 -11.93 -32.42 -28.37
N ALA A 348 -11.02 -31.46 -28.40
CA ALA A 348 -9.59 -31.77 -28.43
C ALA A 348 -9.08 -32.11 -27.04
N SER A 349 -7.98 -32.86 -27.01
CA SER A 349 -7.31 -33.18 -25.75
C SER A 349 -6.71 -31.92 -25.13
N VAL A 350 -6.59 -31.93 -23.81
CA VAL A 350 -6.12 -30.75 -23.09
C VAL A 350 -4.72 -30.34 -23.57
N TYR A 351 -3.83 -31.32 -23.80
CA TYR A 351 -2.51 -31.00 -24.30
C TYR A 351 -2.55 -30.43 -25.72
N ALA A 352 -3.62 -30.69 -26.46
CA ALA A 352 -3.77 -30.18 -27.82
C ALA A 352 -5.02 -29.33 -27.94
N TRP A 353 -5.23 -28.44 -26.96
CA TRP A 353 -6.43 -27.63 -26.91
C TRP A 353 -6.62 -26.85 -28.21
N ASN A 354 -7.86 -26.85 -28.72
CA ASN A 354 -8.16 -26.19 -29.98
C ASN A 354 -8.44 -24.71 -29.74
N ARG A 355 -8.01 -23.87 -30.68
CA ARG A 355 -8.23 -22.43 -30.60
C ARG A 355 -9.05 -21.98 -31.78
N LYS A 356 -10.16 -21.32 -31.51
CA LYS A 356 -11.05 -20.76 -32.53
C LYS A 356 -11.07 -19.25 -32.39
N ARG A 357 -10.89 -18.55 -33.51
CA ARG A 357 -10.87 -17.10 -33.53
C ARG A 357 -12.27 -16.57 -33.83
N ILE A 358 -12.73 -15.63 -33.02
CA ILE A 358 -14.03 -15.01 -33.19
C ILE A 358 -13.81 -13.55 -33.57
N SER A 359 -14.45 -13.12 -34.65
CA SER A 359 -14.29 -11.74 -35.12
C SER A 359 -15.43 -11.39 -36.06
N ASN A 360 -15.62 -10.08 -36.24
CA ASN A 360 -16.60 -9.52 -37.18
C ASN A 360 -17.97 -10.17 -37.03
N CYS A 361 -18.49 -10.14 -35.80
CA CYS A 361 -19.77 -10.75 -35.51
C CYS A 361 -20.34 -10.14 -34.23
N VAL A 362 -21.63 -10.37 -34.02
CA VAL A 362 -22.33 -9.93 -32.82
C VAL A 362 -22.40 -11.10 -31.85
N ALA A 363 -21.95 -10.88 -30.62
CA ALA A 363 -21.86 -11.92 -29.61
C ALA A 363 -22.97 -11.68 -28.57
N ASP A 364 -24.03 -12.47 -28.66
CA ASP A 364 -25.13 -12.43 -27.70
C ASP A 364 -24.77 -13.35 -26.53
N TYR A 365 -24.01 -12.80 -25.59
CA TYR A 365 -23.51 -13.60 -24.47
C TYR A 365 -24.62 -14.10 -23.56
N SER A 366 -25.83 -13.54 -23.67
CA SER A 366 -26.94 -14.03 -22.87
C SER A 366 -27.14 -15.53 -23.07
N VAL A 367 -27.18 -15.96 -24.33
CA VAL A 367 -27.31 -17.39 -24.68
C VAL A 367 -26.39 -18.25 -23.83
N LEU A 368 -25.23 -17.70 -23.45
CA LEU A 368 -24.30 -18.45 -22.61
C LEU A 368 -24.67 -18.31 -21.14
N TYR A 369 -24.79 -17.08 -20.63
CA TYR A 369 -24.98 -16.92 -19.19
C TYR A 369 -26.43 -17.10 -18.74
N ASN A 370 -27.37 -17.21 -19.67
CA ASN A 370 -28.74 -17.60 -19.34
C ASN A 370 -28.99 -19.09 -19.52
N SER A 371 -28.02 -19.83 -20.06
CA SER A 371 -28.16 -21.26 -20.24
C SER A 371 -27.93 -21.98 -18.91
N ALA A 372 -28.67 -23.07 -18.70
CA ALA A 372 -28.50 -23.91 -17.52
C ALA A 372 -27.57 -25.09 -17.78
N SER A 373 -26.92 -25.14 -18.95
CA SER A 373 -26.09 -26.27 -19.34
C SER A 373 -24.68 -26.20 -18.78
N PHE A 374 -24.33 -25.15 -18.04
CA PHE A 374 -22.97 -24.94 -17.57
C PHE A 374 -22.94 -25.03 -16.05
N SER A 375 -21.98 -25.81 -15.53
CA SER A 375 -21.80 -25.92 -14.09
C SER A 375 -20.78 -24.94 -13.54
N THR A 376 -19.81 -24.52 -14.35
CA THR A 376 -18.83 -23.51 -13.95
C THR A 376 -18.80 -22.40 -14.99
N PHE A 377 -18.98 -21.16 -14.53
CA PHE A 377 -18.97 -19.98 -15.40
C PHE A 377 -18.31 -18.84 -14.61
N LYS A 378 -17.03 -18.63 -14.83
CA LYS A 378 -16.23 -17.71 -14.01
C LYS A 378 -15.48 -16.75 -14.93
N CYS A 379 -15.80 -15.47 -14.83
CA CYS A 379 -15.18 -14.44 -15.65
C CYS A 379 -14.24 -13.60 -14.80
N TYR A 380 -12.99 -13.50 -15.26
CA TYR A 380 -11.96 -12.71 -14.59
C TYR A 380 -11.74 -11.42 -15.36
N GLY A 381 -11.78 -10.29 -14.65
CA GLY A 381 -11.55 -9.00 -15.24
C GLY A 381 -12.76 -8.38 -15.91
N VAL A 382 -13.90 -9.06 -15.91
CA VAL A 382 -15.12 -8.57 -16.55
C VAL A 382 -16.30 -9.18 -15.79
N SER A 383 -17.45 -8.54 -15.91
CA SER A 383 -18.73 -9.08 -15.45
C SER A 383 -19.58 -9.45 -16.65
N PRO A 384 -20.06 -10.70 -16.73
CA PRO A 384 -20.72 -11.17 -17.96
C PRO A 384 -21.93 -10.34 -18.38
N THR A 385 -22.68 -9.77 -17.45
CA THR A 385 -23.82 -8.94 -17.82
C THR A 385 -23.37 -7.78 -18.69
N LYS A 386 -22.27 -7.12 -18.31
CA LYS A 386 -21.76 -5.96 -19.02
C LYS A 386 -21.13 -6.31 -20.36
N LEU A 387 -20.83 -7.60 -20.62
CA LEU A 387 -20.34 -7.99 -21.93
C LEU A 387 -21.28 -7.58 -23.05
N ASN A 388 -22.59 -7.55 -22.79
CA ASN A 388 -23.54 -7.13 -23.81
C ASN A 388 -23.30 -5.70 -24.25
N ASP A 389 -22.67 -4.88 -23.40
CA ASP A 389 -22.36 -3.48 -23.68
C ASP A 389 -20.91 -3.24 -24.05
N LEU A 390 -20.15 -4.28 -24.40
CA LEU A 390 -18.73 -4.13 -24.65
C LEU A 390 -18.35 -4.73 -26.00
N CYS A 391 -17.30 -4.15 -26.59
CA CYS A 391 -16.65 -4.63 -27.80
C CYS A 391 -15.21 -4.99 -27.51
N PHE A 392 -14.67 -5.92 -28.31
CA PHE A 392 -13.31 -6.39 -28.15
C PHE A 392 -12.69 -6.59 -29.51
N THR A 393 -11.35 -6.53 -29.55
CA THR A 393 -10.62 -6.70 -30.80
C THR A 393 -10.17 -8.13 -31.05
N ASN A 394 -10.15 -8.96 -30.02
CA ASN A 394 -9.69 -10.34 -30.14
C ASN A 394 -10.54 -11.20 -29.21
N VAL A 395 -11.13 -12.25 -29.76
CA VAL A 395 -11.81 -13.27 -28.97
C VAL A 395 -11.25 -14.62 -29.38
N TYR A 396 -10.74 -15.37 -28.40
CA TYR A 396 -10.06 -16.65 -28.65
C TYR A 396 -10.72 -17.70 -27.78
N ALA A 397 -11.58 -18.51 -28.39
CA ALA A 397 -12.24 -19.61 -27.70
C ALA A 397 -11.30 -20.81 -27.71
N ASP A 398 -10.79 -21.20 -26.53
CA ASP A 398 -9.92 -22.36 -26.40
C ASP A 398 -10.74 -23.49 -25.79
N SER A 399 -10.91 -24.57 -26.56
CA SER A 399 -11.73 -25.70 -26.15
C SER A 399 -10.85 -26.91 -25.87
N PHE A 400 -11.22 -27.66 -24.84
CA PHE A 400 -10.56 -28.93 -24.51
C PHE A 400 -11.42 -29.67 -23.49
N VAL A 401 -10.90 -30.79 -22.99
CA VAL A 401 -11.59 -31.63 -22.03
C VAL A 401 -10.62 -32.00 -20.91
N ILE A 402 -11.10 -31.98 -19.68
CA ILE A 402 -10.31 -32.43 -18.53
C ILE A 402 -11.20 -33.27 -17.61
N ARG A 403 -10.68 -33.66 -16.46
CA ARG A 403 -11.48 -34.29 -15.43
C ARG A 403 -11.89 -33.27 -14.38
N GLY A 404 -12.98 -33.58 -13.67
CA GLY A 404 -13.61 -32.58 -12.81
C GLY A 404 -12.65 -31.99 -11.78
N ASP A 405 -11.86 -32.85 -11.13
CA ASP A 405 -10.94 -32.37 -10.08
C ASP A 405 -9.98 -31.33 -10.62
N GLU A 406 -9.71 -31.34 -11.92
CA GLU A 406 -8.76 -30.44 -12.54
C GLU A 406 -9.40 -29.15 -13.03
N VAL A 407 -10.72 -29.01 -12.91
CA VAL A 407 -11.39 -27.80 -13.38
C VAL A 407 -10.85 -26.58 -12.65
N ARG A 408 -10.54 -26.72 -11.36
CA ARG A 408 -9.97 -25.61 -10.60
C ARG A 408 -8.67 -25.11 -11.23
N GLN A 409 -7.91 -26.00 -11.88
CA GLN A 409 -6.62 -25.60 -12.43
C GLN A 409 -6.75 -24.67 -13.63
N ILE A 410 -7.92 -24.61 -14.25
CA ILE A 410 -8.13 -23.71 -15.41
C ILE A 410 -8.54 -22.36 -14.83
N ALA A 411 -7.55 -21.58 -14.44
CA ALA A 411 -7.73 -20.26 -13.82
C ALA A 411 -6.38 -19.58 -13.66
N PRO A 412 -6.32 -18.25 -13.71
CA PRO A 412 -5.02 -17.57 -13.57
C PRO A 412 -4.36 -17.88 -12.24
N GLY A 413 -3.05 -18.04 -12.26
CA GLY A 413 -2.29 -18.22 -11.04
C GLY A 413 -2.47 -19.57 -10.39
N GLN A 414 -2.84 -20.58 -11.15
CA GLN A 414 -3.03 -21.94 -10.65
C GLN A 414 -1.85 -22.82 -11.02
N THR A 415 -1.65 -23.86 -10.22
CA THR A 415 -0.57 -24.82 -10.43
C THR A 415 -1.15 -26.23 -10.44
N GLY A 416 -0.30 -27.18 -10.81
CA GLY A 416 -0.68 -28.57 -10.95
C GLY A 416 -0.37 -29.09 -12.34
N LYS A 417 -0.67 -30.38 -12.52
CA LYS A 417 -0.40 -31.06 -13.79
C LYS A 417 -0.90 -30.26 -14.98
N ILE A 418 -2.21 -30.01 -15.03
CA ILE A 418 -2.82 -29.33 -16.18
C ILE A 418 -2.24 -27.93 -16.34
N ALA A 419 -2.20 -27.16 -15.24
CA ALA A 419 -1.71 -25.79 -15.33
C ALA A 419 -0.24 -25.75 -15.73
N ASP A 420 0.58 -26.64 -15.18
CA ASP A 420 2.02 -26.56 -15.42
C ASP A 420 2.40 -27.07 -16.80
N TYR A 421 1.76 -28.14 -17.28
CA TYR A 421 2.23 -28.87 -18.44
C TYR A 421 1.27 -28.90 -19.62
N ASN A 422 0.00 -28.54 -19.42
CA ASN A 422 -1.00 -28.68 -20.47
C ASN A 422 -1.56 -27.36 -20.95
N TYR A 423 -2.08 -26.53 -20.04
CA TYR A 423 -2.62 -25.23 -20.42
C TYR A 423 -2.40 -24.25 -19.27
N LYS A 424 -1.71 -23.15 -19.56
CA LYS A 424 -1.35 -22.16 -18.55
C LYS A 424 -1.93 -20.81 -18.93
N LEU A 425 -2.78 -20.26 -18.05
CA LEU A 425 -3.29 -18.91 -18.23
C LEU A 425 -2.32 -17.87 -17.67
N PRO A 426 -2.35 -16.65 -18.17
CA PRO A 426 -1.54 -15.57 -17.58
C PRO A 426 -2.13 -15.12 -16.26
N ASP A 427 -1.26 -14.57 -15.41
CA ASP A 427 -1.71 -14.06 -14.11
C ASP A 427 -2.71 -12.94 -14.25
N ASP A 428 -2.59 -12.13 -15.32
CA ASP A 428 -3.52 -11.05 -15.58
C ASP A 428 -4.56 -11.41 -16.63
N PHE A 429 -4.97 -12.68 -16.67
CA PHE A 429 -5.91 -13.16 -17.69
C PHE A 429 -7.20 -12.35 -17.64
N THR A 430 -7.70 -11.97 -18.81
CA THR A 430 -8.93 -11.21 -18.94
C THR A 430 -9.88 -11.98 -19.85
N GLY A 431 -10.97 -12.49 -19.29
CA GLY A 431 -11.92 -13.26 -20.05
C GLY A 431 -12.61 -14.28 -19.16
N CYS A 432 -13.34 -15.19 -19.80
CA CYS A 432 -14.23 -16.10 -19.08
C CYS A 432 -13.79 -17.54 -19.27
N VAL A 433 -14.06 -18.36 -18.25
CA VAL A 433 -13.84 -19.80 -18.29
C VAL A 433 -15.17 -20.48 -18.03
N ILE A 434 -15.53 -21.44 -18.88
CA ILE A 434 -16.80 -22.14 -18.81
C ILE A 434 -16.51 -23.63 -18.85
N ALA A 435 -17.13 -24.38 -17.94
CA ALA A 435 -16.89 -25.81 -17.85
C ALA A 435 -18.20 -26.51 -17.54
N TRP A 436 -18.43 -27.64 -18.20
CA TRP A 436 -19.65 -28.39 -17.97
C TRP A 436 -19.37 -29.88 -18.12
N ASN A 437 -20.06 -30.67 -17.30
CA ASN A 437 -19.92 -32.13 -17.36
C ASN A 437 -20.34 -32.66 -18.72
N SER A 438 -19.57 -33.61 -19.24
CA SER A 438 -19.83 -34.26 -20.51
C SER A 438 -19.72 -35.77 -20.37
N ASN A 439 -20.16 -36.30 -19.23
CA ASN A 439 -20.09 -37.74 -18.99
C ASN A 439 -20.88 -38.52 -20.02
N ASN A 440 -22.06 -38.02 -20.38
CA ASN A 440 -22.90 -38.72 -21.35
C ASN A 440 -22.24 -38.83 -22.72
N LEU A 441 -21.34 -37.91 -23.04
CA LEU A 441 -20.77 -37.81 -24.39
C LEU A 441 -19.36 -38.39 -24.50
N ASP A 442 -18.51 -38.19 -23.49
CA ASP A 442 -17.11 -38.57 -23.58
C ASP A 442 -16.76 -39.85 -22.83
N SER A 443 -17.72 -40.49 -22.19
CA SER A 443 -17.47 -41.72 -21.46
C SER A 443 -17.92 -42.94 -22.26
N LYS A 444 -17.21 -44.04 -22.07
CA LYS A 444 -17.53 -45.30 -22.72
C LYS A 444 -17.49 -46.42 -21.70
N VAL A 445 -18.32 -47.44 -21.91
CA VAL A 445 -18.39 -48.57 -20.99
C VAL A 445 -17.02 -49.24 -20.84
N GLY A 446 -16.31 -49.40 -21.95
CA GLY A 446 -14.97 -49.94 -21.92
C GLY A 446 -13.89 -48.95 -21.60
N GLY A 447 -14.24 -47.68 -21.39
CA GLY A 447 -13.27 -46.66 -21.08
C GLY A 447 -12.80 -45.92 -22.31
N ASN A 448 -13.06 -44.61 -22.37
CA ASN A 448 -12.63 -43.80 -23.51
C ASN A 448 -11.26 -43.21 -23.21
N TYR A 449 -10.27 -43.56 -24.04
CA TYR A 449 -8.90 -43.10 -23.86
C TYR A 449 -8.46 -42.14 -24.97
N ASN A 450 -9.40 -41.59 -25.74
CA ASN A 450 -9.04 -40.68 -26.82
C ASN A 450 -8.55 -39.33 -26.31
N TYR A 451 -8.88 -38.98 -25.07
CA TYR A 451 -8.47 -37.71 -24.49
C TYR A 451 -7.18 -37.90 -23.72
N LEU A 452 -6.18 -37.07 -24.00
CA LEU A 452 -4.85 -37.22 -23.45
C LEU A 452 -4.50 -36.02 -22.58
N TYR A 453 -3.47 -36.19 -21.76
CA TYR A 453 -2.92 -35.10 -20.97
C TYR A 453 -1.41 -35.29 -20.86
N ARG A 454 -0.66 -34.19 -20.92
CA ARG A 454 0.78 -34.24 -20.78
C ARG A 454 1.13 -34.43 -19.31
N LEU A 455 2.01 -35.40 -19.02
CA LEU A 455 2.36 -35.71 -17.64
C LEU A 455 3.73 -35.17 -17.23
N PHE A 456 4.63 -34.96 -18.18
CA PHE A 456 5.97 -34.46 -17.88
C PHE A 456 6.35 -33.35 -18.84
N ARG A 457 7.24 -32.48 -18.39
CA ARG A 457 7.81 -31.41 -19.19
C ARG A 457 8.98 -30.81 -18.44
N LYS A 458 10.00 -30.37 -19.20
CA LYS A 458 11.21 -29.83 -18.60
C LYS A 458 10.96 -28.49 -17.90
N SER A 459 9.87 -27.81 -18.23
CA SER A 459 9.54 -26.53 -17.59
C SER A 459 8.06 -26.28 -17.74
N ASN A 460 7.55 -25.36 -16.93
CA ASN A 460 6.15 -24.99 -16.99
C ASN A 460 5.87 -24.16 -18.24
N LEU A 461 4.65 -24.31 -18.77
CA LEU A 461 4.25 -23.57 -19.95
C LEU A 461 4.11 -22.08 -19.65
N LYS A 462 4.54 -21.25 -20.59
CA LYS A 462 4.26 -19.82 -20.54
C LYS A 462 2.79 -19.58 -20.88
N PRO A 463 2.26 -18.40 -20.52
CA PRO A 463 0.84 -18.13 -20.79
C PRO A 463 0.50 -18.30 -22.27
N PHE A 464 -0.63 -18.96 -22.52
CA PHE A 464 -1.16 -19.26 -23.84
C PHE A 464 -0.19 -20.05 -24.72
N GLU A 465 0.85 -20.64 -24.13
CA GLU A 465 1.76 -21.49 -24.89
C GLU A 465 1.12 -22.84 -25.18
N ARG A 466 1.37 -23.36 -26.37
CA ARG A 466 0.84 -24.65 -26.79
C ARG A 466 1.99 -25.56 -27.16
N ASP A 467 2.01 -26.75 -26.56
CA ASP A 467 3.05 -27.74 -26.80
C ASP A 467 2.38 -29.04 -27.21
N ILE A 468 2.62 -29.47 -28.45
CA ILE A 468 2.10 -30.72 -28.97
C ILE A 468 3.21 -31.71 -29.31
N SER A 469 4.45 -31.41 -28.92
CA SER A 469 5.57 -32.29 -29.22
C SER A 469 5.42 -33.63 -28.51
N THR A 470 5.89 -34.68 -29.18
CA THR A 470 5.85 -36.04 -28.65
C THR A 470 7.24 -36.55 -28.26
N GLU A 471 8.19 -35.63 -28.01
CA GLU A 471 9.53 -36.04 -27.63
C GLU A 471 9.50 -36.85 -26.35
N ILE A 472 10.34 -37.90 -26.31
CA ILE A 472 10.38 -38.78 -25.15
C ILE A 472 11.00 -38.04 -23.97
N TYR A 473 10.29 -38.03 -22.85
CA TYR A 473 10.78 -37.37 -21.64
C TYR A 473 11.77 -38.29 -20.94
N GLN A 474 12.97 -37.77 -20.69
CA GLN A 474 14.03 -38.50 -19.99
C GLN A 474 13.89 -38.23 -18.50
N ALA A 475 13.26 -39.18 -17.79
CA ALA A 475 13.05 -39.03 -16.35
C ALA A 475 14.29 -39.35 -15.53
N GLY A 476 15.32 -39.93 -16.14
CA GLY A 476 16.54 -40.27 -15.42
C GLY A 476 17.78 -39.61 -15.99
N SER A 477 18.95 -40.14 -15.65
CA SER A 477 20.22 -39.62 -16.17
C SER A 477 20.63 -40.27 -17.48
N THR A 478 19.94 -41.31 -17.93
CA THR A 478 20.30 -42.00 -19.15
C THR A 478 19.60 -41.36 -20.34
N PRO A 479 20.33 -40.87 -21.34
CA PRO A 479 19.66 -40.33 -22.54
C PRO A 479 18.79 -41.38 -23.21
N CYS A 480 17.64 -40.96 -23.70
CA CYS A 480 16.69 -41.87 -24.31
C CYS A 480 16.93 -42.07 -25.80
N ASN A 481 17.42 -41.05 -26.50
CA ASN A 481 17.70 -41.12 -27.93
C ASN A 481 16.45 -41.56 -28.71
N GLY A 482 15.29 -41.04 -28.28
CA GLY A 482 14.04 -41.38 -28.94
C GLY A 482 13.53 -42.77 -28.66
N VAL A 483 14.08 -43.47 -27.67
CA VAL A 483 13.68 -44.83 -27.35
C VAL A 483 13.02 -44.82 -25.98
N GLU A 484 11.77 -45.28 -25.91
CA GLU A 484 11.07 -45.36 -24.64
C GLU A 484 11.58 -46.53 -23.81
N GLY A 485 11.39 -46.41 -22.49
CA GLY A 485 11.84 -47.44 -21.58
C GLY A 485 11.90 -46.91 -20.16
N PHE A 486 12.73 -47.56 -19.35
CA PHE A 486 12.90 -47.15 -17.96
C PHE A 486 13.41 -45.70 -17.90
N ASN A 487 12.68 -44.86 -17.16
CA ASN A 487 12.96 -43.43 -17.06
C ASN A 487 12.90 -42.72 -18.40
N CYS A 488 12.31 -43.36 -19.41
CA CYS A 488 12.12 -42.77 -20.74
C CYS A 488 10.65 -42.95 -21.11
N TYR A 489 9.85 -41.90 -20.94
CA TYR A 489 8.41 -42.01 -20.99
C TYR A 489 7.83 -41.19 -22.14
N PHE A 490 6.70 -41.65 -22.64
CA PHE A 490 5.91 -40.84 -23.56
C PHE A 490 5.20 -39.75 -22.77
N PRO A 491 5.39 -38.47 -23.11
CA PRO A 491 4.89 -37.39 -22.24
C PRO A 491 3.38 -37.39 -22.08
N LEU A 492 2.64 -38.02 -22.98
CA LEU A 492 1.19 -38.02 -22.93
C LEU A 492 0.67 -39.27 -22.23
N GLN A 493 -0.50 -39.16 -21.62
CA GLN A 493 -1.17 -40.27 -20.97
C GLN A 493 -2.67 -40.11 -21.17
N SER A 494 -3.35 -41.22 -21.41
CA SER A 494 -4.77 -41.18 -21.74
C SER A 494 -5.62 -41.08 -20.49
N TYR A 495 -6.72 -40.32 -20.59
CA TYR A 495 -7.71 -40.29 -19.52
C TYR A 495 -8.52 -41.58 -19.52
N GLY A 496 -8.87 -42.05 -18.32
CA GLY A 496 -9.81 -43.14 -18.19
C GLY A 496 -11.23 -42.66 -17.90
N PHE A 497 -12.07 -42.60 -18.93
CA PHE A 497 -13.42 -42.08 -18.81
C PHE A 497 -14.42 -43.22 -18.97
N GLN A 498 -15.02 -43.65 -17.85
CA GLN A 498 -16.10 -44.60 -17.84
C GLN A 498 -17.33 -43.98 -17.17
N PRO A 499 -18.54 -44.34 -17.60
CA PRO A 499 -19.74 -43.72 -17.01
C PRO A 499 -19.88 -43.95 -15.52
N THR A 500 -19.30 -45.01 -14.97
CA THR A 500 -19.36 -45.30 -13.55
C THR A 500 -18.29 -44.58 -12.74
N ASN A 501 -17.41 -43.83 -13.39
CA ASN A 501 -16.37 -43.10 -12.68
C ASN A 501 -16.96 -42.01 -11.81
N GLY A 502 -16.28 -41.73 -10.70
CA GLY A 502 -16.69 -40.64 -9.83
C GLY A 502 -16.70 -39.31 -10.55
N VAL A 503 -17.56 -38.40 -10.08
CA VAL A 503 -17.75 -37.12 -10.75
C VAL A 503 -16.42 -36.38 -10.88
N GLY A 504 -15.56 -36.47 -9.87
CA GLY A 504 -14.25 -35.85 -9.97
C GLY A 504 -13.41 -36.39 -11.11
N TYR A 505 -13.65 -37.65 -11.49
CA TYR A 505 -12.96 -38.27 -12.60
C TYR A 505 -13.79 -38.28 -13.88
N GLN A 506 -15.00 -37.73 -13.85
CA GLN A 506 -15.83 -37.72 -15.05
C GLN A 506 -15.37 -36.62 -16.00
N PRO A 507 -15.52 -36.83 -17.31
CA PRO A 507 -15.06 -35.83 -18.28
C PRO A 507 -15.85 -34.54 -18.16
N TYR A 508 -15.14 -33.42 -18.37
CA TYR A 508 -15.71 -32.09 -18.38
C TYR A 508 -15.18 -31.35 -19.59
N ARG A 509 -16.08 -30.74 -20.35
CA ARG A 509 -15.71 -29.92 -21.49
C ARG A 509 -15.51 -28.48 -21.02
N VAL A 510 -14.40 -27.87 -21.43
CA VAL A 510 -14.01 -26.55 -20.96
C VAL A 510 -13.73 -25.67 -22.16
N VAL A 511 -14.28 -24.46 -22.13
CA VAL A 511 -14.06 -23.43 -23.14
C VAL A 511 -13.61 -22.17 -22.42
N VAL A 512 -12.49 -21.62 -22.85
CA VAL A 512 -11.92 -20.40 -22.27
C VAL A 512 -12.00 -19.32 -23.34
N LEU A 513 -12.84 -18.33 -23.11
CA LEU A 513 -12.95 -17.19 -24.01
C LEU A 513 -11.96 -16.13 -23.54
N SER A 514 -11.03 -15.76 -24.41
CA SER A 514 -10.01 -14.77 -24.08
C SER A 514 -10.24 -13.52 -24.92
N PHE A 515 -10.35 -12.39 -24.24
CA PHE A 515 -10.57 -11.10 -24.87
C PHE A 515 -9.29 -10.27 -24.84
N GLU A 516 -9.26 -9.24 -25.68
CA GLU A 516 -8.17 -8.27 -25.71
C GLU A 516 -8.84 -6.90 -25.73
N LEU A 517 -9.02 -6.31 -24.55
CA LEU A 517 -9.72 -5.05 -24.39
C LEU A 517 -8.78 -3.84 -24.46
N LEU A 518 -7.99 -3.79 -25.52
CA LEU A 518 -7.16 -2.63 -25.81
C LEU A 518 -7.92 -1.76 -26.81
N HIS A 519 -7.99 -0.46 -26.51
CA HIS A 519 -8.75 0.48 -27.33
C HIS A 519 -8.22 0.53 -28.75
N ALA A 520 -9.01 0.02 -29.69
CA ALA A 520 -8.57 -0.25 -31.05
C ALA A 520 -9.81 -0.45 -31.94
N PRO A 521 -9.67 -0.67 -33.26
CA PRO A 521 -10.85 -0.88 -34.10
C PRO A 521 -11.56 -2.20 -33.77
N ALA A 522 -12.31 -2.20 -32.67
CA ALA A 522 -12.97 -3.40 -32.19
C ALA A 522 -13.93 -3.96 -33.23
N THR A 523 -13.95 -5.29 -33.34
CA THR A 523 -14.80 -6.00 -34.29
C THR A 523 -15.96 -6.73 -33.63
N VAL A 524 -15.69 -7.56 -32.62
CA VAL A 524 -16.77 -8.22 -31.91
C VAL A 524 -17.47 -7.22 -31.00
N CYS A 525 -18.79 -7.32 -30.92
CA CYS A 525 -19.59 -6.42 -30.10
C CYS A 525 -20.84 -7.16 -29.61
N GLY A 526 -21.49 -6.57 -28.62
CA GLY A 526 -22.68 -7.13 -28.04
C GLY A 526 -23.94 -6.52 -28.62
N PRO A 527 -25.10 -6.84 -28.03
CA PRO A 527 -26.37 -6.34 -28.56
C PRO A 527 -26.66 -4.92 -28.11
N LYS A 528 -26.66 -3.99 -29.06
CA LYS A 528 -26.98 -2.59 -28.79
C LYS A 528 -27.42 -1.95 -30.09
N LYS A 529 -28.16 -0.84 -29.98
CA LYS A 529 -28.66 -0.10 -31.12
C LYS A 529 -28.01 1.27 -31.19
N SER A 530 -27.44 1.58 -32.35
CA SER A 530 -26.80 2.88 -32.56
C SER A 530 -27.88 3.94 -32.78
N THR A 531 -27.92 4.92 -31.89
CA THR A 531 -28.89 6.00 -31.99
C THR A 531 -28.29 7.19 -32.75
N ASN A 532 -29.09 8.25 -32.90
CA ASN A 532 -28.63 9.45 -33.56
C ASN A 532 -27.66 10.22 -32.67
N LEU A 533 -26.91 11.13 -33.27
CA LEU A 533 -25.88 11.89 -32.59
C LEU A 533 -26.27 13.36 -32.57
N VAL A 534 -26.12 13.99 -31.39
CA VAL A 534 -26.44 15.40 -31.18
C VAL A 534 -25.15 16.12 -30.81
N LYS A 535 -24.89 17.23 -31.50
CA LYS A 535 -23.69 18.02 -31.24
C LYS A 535 -24.04 19.23 -30.39
N ASN A 536 -22.98 19.86 -29.84
CA ASN A 536 -23.08 21.09 -29.05
C ASN A 536 -23.95 20.92 -27.81
N LYS A 537 -24.28 19.69 -27.43
CA LYS A 537 -25.01 19.39 -26.21
C LYS A 537 -24.28 18.33 -25.40
N CYS A 538 -24.18 18.56 -24.10
CA CYS A 538 -23.50 17.62 -23.21
C CYS A 538 -24.31 16.34 -23.05
N VAL A 539 -23.72 15.22 -23.45
CA VAL A 539 -24.41 13.93 -23.49
C VAL A 539 -23.53 12.87 -22.84
N ASN A 540 -24.19 11.78 -22.44
CA ASN A 540 -23.51 10.60 -21.90
C ASN A 540 -23.28 9.65 -23.06
N PHE A 541 -22.07 9.65 -23.60
CA PHE A 541 -21.76 8.88 -24.80
C PHE A 541 -21.01 7.60 -24.46
N ASN A 542 -21.06 6.64 -25.38
CA ASN A 542 -20.34 5.39 -25.24
C ASN A 542 -20.01 4.90 -26.65
N PHE A 543 -18.77 5.14 -27.09
CA PHE A 543 -18.32 4.77 -28.42
C PHE A 543 -17.57 3.45 -28.35
N ASN A 544 -18.18 2.40 -28.91
CA ASN A 544 -17.52 1.09 -29.05
C ASN A 544 -17.00 0.55 -27.73
N GLY A 545 -17.63 0.93 -26.62
CA GLY A 545 -17.24 0.47 -25.30
C GLY A 545 -16.56 1.53 -24.46
N LEU A 546 -16.01 2.58 -25.07
CA LEU A 546 -15.39 3.67 -24.34
C LEU A 546 -16.49 4.63 -23.89
N THR A 547 -16.70 4.72 -22.58
CA THR A 547 -17.78 5.51 -22.00
C THR A 547 -17.26 6.85 -21.52
N GLY A 548 -18.12 7.86 -21.57
CA GLY A 548 -17.74 9.18 -21.12
C GLY A 548 -18.95 10.10 -21.11
N THR A 549 -18.73 11.30 -20.59
CA THR A 549 -19.76 12.33 -20.54
C THR A 549 -19.16 13.66 -20.98
N GLY A 550 -19.83 14.33 -21.90
CA GLY A 550 -19.34 15.62 -22.36
C GLY A 550 -20.06 16.06 -23.62
N VAL A 551 -19.67 17.24 -24.09
CA VAL A 551 -20.19 17.81 -25.33
C VAL A 551 -19.36 17.29 -26.49
N LEU A 552 -20.03 16.97 -27.60
CA LEU A 552 -19.40 16.56 -28.83
C LEU A 552 -19.51 17.71 -29.82
N THR A 553 -18.35 18.17 -30.33
CA THR A 553 -18.32 19.31 -31.23
C THR A 553 -17.49 18.96 -32.46
N GLU A 554 -18.01 19.29 -33.64
CA GLU A 554 -17.28 19.07 -34.88
C GLU A 554 -15.87 19.64 -34.77
N SER A 555 -14.88 18.77 -34.83
CA SER A 555 -13.49 19.15 -34.60
C SER A 555 -12.80 19.55 -35.89
N ASN A 556 -11.79 20.41 -35.76
CA ASN A 556 -10.94 20.79 -36.87
C ASN A 556 -9.63 20.02 -36.90
N LYS A 557 -9.47 19.03 -36.03
CA LYS A 557 -8.23 18.27 -35.97
C LYS A 557 -8.01 17.50 -37.26
N LYS A 558 -6.74 17.43 -37.68
CA LYS A 558 -6.38 16.74 -38.92
C LYS A 558 -6.01 15.29 -38.58
N PHE A 559 -7.05 14.52 -38.23
CA PHE A 559 -6.87 13.10 -37.96
C PHE A 559 -6.36 12.38 -39.20
N LEU A 560 -5.44 11.45 -38.99
CA LEU A 560 -5.01 10.56 -40.07
C LEU A 560 -6.07 9.50 -40.33
N PRO A 561 -6.09 8.91 -41.52
CA PRO A 561 -7.16 7.95 -41.86
C PRO A 561 -7.22 6.75 -40.96
N PHE A 562 -6.13 6.37 -40.31
CA PHE A 562 -6.10 5.18 -39.47
C PHE A 562 -6.31 5.46 -37.99
N GLN A 563 -6.27 6.73 -37.58
CA GLN A 563 -6.44 7.08 -36.18
C GLN A 563 -7.92 6.97 -35.80
N GLN A 564 -8.19 6.28 -34.69
CA GLN A 564 -9.56 6.08 -34.24
C GLN A 564 -10.02 7.13 -33.23
N PHE A 565 -9.12 7.60 -32.38
CA PHE A 565 -9.49 8.59 -31.37
C PHE A 565 -8.23 9.18 -30.76
N GLY A 566 -8.38 10.38 -30.20
CA GLY A 566 -7.29 11.06 -29.54
C GLY A 566 -7.34 10.90 -28.02
N ARG A 567 -6.34 11.49 -27.37
CA ARG A 567 -6.24 11.45 -25.91
C ARG A 567 -5.71 12.77 -25.40
N ASP A 568 -5.99 13.04 -24.12
CA ASP A 568 -5.36 14.12 -23.38
C ASP A 568 -4.13 13.59 -22.64
N ILE A 569 -3.35 14.52 -22.09
CA ILE A 569 -2.14 14.13 -21.37
C ILE A 569 -2.47 13.35 -20.11
N ALA A 570 -3.69 13.48 -19.59
CA ALA A 570 -4.14 12.74 -18.42
C ALA A 570 -4.66 11.34 -18.76
N ASP A 571 -4.39 10.86 -19.97
CA ASP A 571 -4.85 9.53 -20.42
C ASP A 571 -6.38 9.47 -20.48
N THR A 572 -6.98 10.51 -21.03
CA THR A 572 -8.43 10.59 -21.17
C THR A 572 -8.78 10.93 -22.61
N THR A 573 -9.90 10.39 -23.08
CA THR A 573 -10.32 10.59 -24.46
C THR A 573 -10.55 12.07 -24.75
N ASP A 574 -10.14 12.50 -25.94
CA ASP A 574 -10.31 13.88 -26.36
C ASP A 574 -11.18 14.03 -27.60
N ALA A 575 -10.93 13.26 -28.65
CA ALA A 575 -11.74 13.31 -29.86
C ALA A 575 -11.90 11.89 -30.41
N VAL A 576 -13.07 11.62 -30.98
CA VAL A 576 -13.40 10.30 -31.49
C VAL A 576 -13.93 10.41 -32.92
N ARG A 577 -13.66 9.37 -33.71
CA ARG A 577 -14.21 9.24 -35.05
C ARG A 577 -15.46 8.37 -35.00
N ASP A 578 -16.57 8.91 -35.51
CA ASP A 578 -17.85 8.23 -35.42
C ASP A 578 -17.77 6.88 -36.12
N PRO A 579 -18.09 5.78 -35.46
CA PRO A 579 -18.09 4.47 -36.16
C PRO A 579 -19.06 4.41 -37.32
N GLN A 580 -20.21 5.08 -37.24
CA GLN A 580 -21.21 4.99 -38.29
C GLN A 580 -20.93 5.96 -39.44
N THR A 581 -20.43 7.15 -39.14
CA THR A 581 -20.17 8.17 -40.16
C THR A 581 -18.69 8.53 -40.17
N LEU A 582 -18.15 8.75 -41.36
CA LEU A 582 -16.74 9.12 -41.51
C LEU A 582 -16.51 10.58 -41.10
N GLU A 583 -16.75 10.84 -39.81
CA GLU A 583 -16.59 12.17 -39.23
C GLU A 583 -15.85 12.05 -37.91
N ILE A 584 -15.05 13.08 -37.61
CA ILE A 584 -14.27 13.16 -36.38
C ILE A 584 -14.78 14.33 -35.56
N LEU A 585 -15.10 14.09 -34.30
CA LEU A 585 -15.60 15.14 -33.43
C LEU A 585 -14.88 15.11 -32.09
N ASP A 586 -14.61 16.31 -31.57
CA ASP A 586 -13.91 16.47 -30.31
C ASP A 586 -14.87 16.35 -29.14
N ILE A 587 -14.35 15.81 -28.03
CA ILE A 587 -15.09 15.65 -26.78
C ILE A 587 -14.55 16.68 -25.80
N THR A 588 -15.43 17.57 -25.34
CA THR A 588 -15.06 18.53 -24.30
C THR A 588 -15.91 18.23 -23.07
N PRO A 589 -15.29 17.90 -21.93
CA PRO A 589 -16.08 17.56 -20.75
C PRO A 589 -17.07 18.65 -20.37
N CYS A 590 -18.22 18.20 -19.88
CA CYS A 590 -19.37 19.05 -19.58
C CYS A 590 -18.96 20.34 -18.87
N SER A 591 -19.46 21.47 -19.37
CA SER A 591 -19.06 22.76 -18.83
C SER A 591 -19.28 22.81 -17.33
N PHE A 592 -18.33 23.44 -16.62
CA PHE A 592 -18.31 23.38 -15.17
C PHE A 592 -17.68 24.65 -14.62
N GLY A 593 -17.51 24.68 -13.30
CA GLY A 593 -16.79 25.76 -12.66
C GLY A 593 -17.01 25.88 -11.16
N GLY A 594 -15.98 26.32 -10.44
CA GLY A 594 -16.15 26.56 -9.02
C GLY A 594 -17.22 27.58 -8.73
N VAL A 595 -17.91 27.40 -7.60
CA VAL A 595 -18.98 28.28 -7.16
C VAL A 595 -18.64 28.74 -5.75
N SER A 596 -18.37 30.04 -5.60
CA SER A 596 -18.14 30.67 -4.31
C SER A 596 -19.35 31.54 -3.98
N VAL A 597 -19.64 31.68 -2.70
CA VAL A 597 -20.83 32.42 -2.27
C VAL A 597 -20.38 33.59 -1.40
N ILE A 598 -20.49 34.79 -1.97
CA ILE A 598 -20.14 36.00 -1.25
C ILE A 598 -21.33 36.42 -0.40
N THR A 599 -21.08 36.62 0.89
CA THR A 599 -22.16 36.98 1.77
C THR A 599 -21.67 37.87 2.90
N PRO A 600 -22.40 38.93 3.23
CA PRO A 600 -22.18 39.61 4.51
C PRO A 600 -22.66 38.74 5.65
N GLY A 601 -22.26 39.12 6.86
CA GLY A 601 -22.65 38.39 8.05
C GLY A 601 -24.15 38.19 8.14
N THR A 602 -24.57 36.94 8.39
CA THR A 602 -26.01 36.65 8.49
C THR A 602 -26.66 37.51 9.57
N ASN A 603 -25.89 37.95 10.56
CA ASN A 603 -26.37 38.92 11.53
C ASN A 603 -26.95 40.14 10.83
N THR A 604 -26.30 40.61 9.76
CA THR A 604 -26.77 41.79 9.05
C THR A 604 -27.88 41.45 8.07
N SER A 605 -27.60 40.57 7.10
CA SER A 605 -28.58 40.22 6.09
C SER A 605 -28.33 38.81 5.60
N ASN A 606 -29.34 38.23 4.96
CA ASN A 606 -29.25 36.91 4.34
C ASN A 606 -29.39 37.01 2.82
N GLN A 607 -28.95 38.12 2.24
CA GLN A 607 -28.86 38.30 0.80
C GLN A 607 -27.42 38.08 0.36
N VAL A 608 -27.23 37.25 -0.66
CA VAL A 608 -25.91 36.79 -1.04
C VAL A 608 -25.73 36.91 -2.54
N ALA A 609 -24.47 36.96 -2.96
CA ALA A 609 -24.07 36.88 -4.36
C ALA A 609 -23.29 35.60 -4.61
N VAL A 610 -23.19 35.23 -5.88
CA VAL A 610 -22.53 33.99 -6.29
C VAL A 610 -21.49 34.30 -7.34
N LEU A 611 -20.26 33.84 -7.13
CA LEU A 611 -19.17 33.98 -8.09
C LEU A 611 -18.91 32.61 -8.70
N TYR A 612 -19.16 32.50 -10.00
CA TYR A 612 -18.74 31.35 -10.78
C TYR A 612 -17.35 31.63 -11.33
N GLN A 613 -16.38 30.79 -10.96
CA GLN A 613 -14.99 31.08 -11.26
C GLN A 613 -14.65 30.73 -12.70
N ASP A 614 -14.05 31.70 -13.42
CA ASP A 614 -13.50 31.49 -14.75
C ASP A 614 -14.51 30.91 -15.74
N VAL A 615 -15.75 31.41 -15.68
CA VAL A 615 -16.77 31.06 -16.65
C VAL A 615 -17.36 32.33 -17.24
N ASN A 616 -17.45 32.40 -18.56
CA ASN A 616 -18.14 33.50 -19.22
C ASN A 616 -19.59 33.57 -18.74
N CYS A 617 -20.15 34.77 -18.77
CA CYS A 617 -21.53 34.93 -18.30
C CYS A 617 -22.51 34.56 -19.40
N THR A 618 -22.31 33.41 -20.03
CA THR A 618 -23.25 32.86 -21.01
C THR A 618 -23.72 31.47 -20.66
N GLU A 619 -22.80 30.55 -20.32
CA GLU A 619 -23.17 29.17 -20.09
C GLU A 619 -24.06 29.02 -18.86
N VAL A 620 -23.73 29.72 -17.78
CA VAL A 620 -24.46 29.60 -16.52
C VAL A 620 -25.90 30.08 -16.68
N ASN A 641 -28.87 41.69 -13.80
CA ASN A 641 -28.03 41.98 -12.64
C ASN A 641 -26.86 41.01 -12.61
N VAL A 642 -26.04 41.04 -13.66
CA VAL A 642 -24.89 40.15 -13.81
C VAL A 642 -23.66 40.99 -14.13
N PHE A 643 -22.53 40.63 -13.53
CA PHE A 643 -21.27 41.36 -13.69
C PHE A 643 -20.22 40.39 -14.21
N GLN A 644 -19.48 40.79 -15.23
CA GLN A 644 -18.35 40.02 -15.73
C GLN A 644 -17.06 40.56 -15.11
N THR A 645 -16.20 39.67 -14.63
CA THR A 645 -14.93 40.06 -14.06
C THR A 645 -13.87 39.06 -14.49
N ARG A 646 -12.61 39.46 -14.35
CA ARG A 646 -11.51 38.55 -14.69
C ARG A 646 -11.55 37.28 -13.84
N ALA A 647 -12.23 37.32 -12.69
CA ALA A 647 -12.37 36.14 -11.86
C ALA A 647 -13.50 35.22 -12.32
N GLY A 648 -14.46 35.74 -13.07
CA GLY A 648 -15.55 34.91 -13.52
C GLY A 648 -16.84 35.71 -13.70
N CYS A 649 -17.95 35.07 -13.38
CA CYS A 649 -19.27 35.68 -13.48
C CYS A 649 -19.82 35.90 -12.07
N LEU A 650 -20.14 37.15 -11.74
CA LEU A 650 -20.69 37.52 -10.44
C LEU A 650 -22.18 37.83 -10.60
N ILE A 651 -23.02 37.07 -9.90
CA ILE A 651 -24.47 37.20 -10.00
C ILE A 651 -25.01 37.62 -8.64
N GLY A 652 -25.97 38.54 -8.66
CA GLY A 652 -26.57 39.09 -7.46
C GLY A 652 -25.93 40.37 -6.95
N ALA A 653 -24.82 40.79 -7.53
CA ALA A 653 -24.12 42.00 -7.11
C ALA A 653 -24.39 43.12 -8.10
N GLU A 654 -24.44 44.34 -7.59
CA GLU A 654 -24.70 45.53 -8.40
C GLU A 654 -23.39 46.23 -8.71
N HIS A 655 -23.07 46.35 -10.01
CA HIS A 655 -21.81 46.96 -10.42
C HIS A 655 -21.88 48.47 -10.22
N VAL A 656 -20.89 49.01 -9.51
CA VAL A 656 -20.83 50.42 -9.18
C VAL A 656 -19.54 50.99 -9.76
N ASN A 657 -19.56 52.29 -10.07
CA ASN A 657 -18.37 52.94 -10.60
C ASN A 657 -17.54 53.60 -9.51
N ASN A 658 -18.18 54.04 -8.43
CA ASN A 658 -17.45 54.63 -7.31
C ASN A 658 -16.62 53.57 -6.61
N SER A 659 -15.37 53.91 -6.29
CA SER A 659 -14.43 53.00 -5.67
C SER A 659 -14.35 53.26 -4.16
N TYR A 660 -14.20 52.19 -3.39
CA TYR A 660 -14.11 52.27 -1.95
C TYR A 660 -13.01 51.33 -1.47
N GLU A 661 -12.77 51.33 -0.16
CA GLU A 661 -11.84 50.37 0.43
C GLU A 661 -12.39 48.96 0.29
N CYS A 662 -11.50 48.01 0.03
CA CYS A 662 -11.92 46.62 -0.16
C CYS A 662 -12.42 46.05 1.15
N ASP A 663 -13.58 45.38 1.10
CA ASP A 663 -14.21 44.80 2.27
C ASP A 663 -14.30 43.28 2.18
N ILE A 664 -14.84 42.77 1.08
CA ILE A 664 -14.97 41.33 0.86
C ILE A 664 -14.23 41.01 -0.44
N PRO A 665 -12.94 40.68 -0.39
CA PRO A 665 -12.16 40.57 -1.63
C PRO A 665 -12.71 39.46 -2.52
N ILE A 666 -12.99 39.82 -3.78
CA ILE A 666 -13.37 38.84 -4.79
C ILE A 666 -12.12 38.43 -5.56
N GLY A 667 -11.50 39.40 -6.21
CA GLY A 667 -10.26 39.13 -6.92
C GLY A 667 -10.15 39.99 -8.16
N ALA A 668 -8.96 39.99 -8.74
CA ALA A 668 -8.66 40.77 -9.94
C ALA A 668 -8.99 42.25 -9.73
N GLY A 669 -8.73 42.73 -8.51
CA GLY A 669 -9.00 44.10 -8.16
C GLY A 669 -10.44 44.43 -7.86
N ILE A 670 -11.33 43.44 -7.91
CA ILE A 670 -12.75 43.65 -7.66
C ILE A 670 -13.05 43.18 -6.23
N CYS A 671 -13.69 44.06 -5.46
CA CYS A 671 -14.17 43.73 -4.12
C CYS A 671 -15.64 44.12 -4.00
N ALA A 672 -16.37 43.38 -3.18
CA ALA A 672 -17.80 43.61 -2.98
C ALA A 672 -18.05 43.94 -1.52
N SER A 673 -19.16 44.64 -1.27
CA SER A 673 -19.51 45.02 0.08
C SER A 673 -21.01 45.31 0.16
N TYR A 674 -21.51 45.25 1.39
CA TYR A 674 -22.94 45.47 1.66
C TYR A 674 -23.15 46.94 2.00
N GLN A 675 -24.00 47.62 1.23
CA GLN A 675 -24.22 49.05 1.42
C GLN A 675 -25.66 49.40 1.06
N THR A 676 -26.07 50.59 1.47
CA THR A 676 -27.42 51.07 1.21
C THR A 676 -27.52 51.66 -0.18
N GLN A 690 -31.15 48.45 1.06
CA GLN A 690 -29.76 48.02 1.05
C GLN A 690 -29.56 46.87 0.07
N SER A 691 -28.31 46.60 -0.28
CA SER A 691 -27.97 45.55 -1.24
C SER A 691 -26.46 45.31 -1.16
N ILE A 692 -25.97 44.47 -2.07
CA ILE A 692 -24.55 44.16 -2.22
C ILE A 692 -24.06 44.82 -3.51
N ILE A 693 -22.92 45.49 -3.44
CA ILE A 693 -22.35 46.18 -4.58
C ILE A 693 -20.94 45.64 -4.83
N ALA A 694 -20.53 45.64 -6.09
CA ALA A 694 -19.20 45.20 -6.49
C ALA A 694 -18.50 46.34 -7.21
N TYR A 695 -17.26 46.61 -6.81
CA TYR A 695 -16.52 47.75 -7.33
C TYR A 695 -15.05 47.40 -7.43
N THR A 696 -14.36 48.10 -8.32
CA THR A 696 -12.90 48.02 -8.37
C THR A 696 -12.32 48.78 -7.19
N MET A 697 -11.64 48.06 -6.29
CA MET A 697 -11.17 48.66 -5.06
C MET A 697 -10.18 49.78 -5.33
N SER A 698 -10.21 50.80 -4.48
CA SER A 698 -9.29 51.92 -4.58
C SER A 698 -8.04 51.64 -3.74
N LEU A 699 -6.90 52.07 -4.25
CA LEU A 699 -5.63 51.90 -3.56
C LEU A 699 -5.38 52.98 -2.51
N GLY A 700 -6.19 54.05 -2.49
CA GLY A 700 -5.99 55.13 -1.56
C GLY A 700 -6.26 56.47 -2.19
N ALA A 701 -6.38 57.51 -1.37
CA ALA A 701 -6.66 58.84 -1.89
C ALA A 701 -5.45 59.37 -2.65
N GLU A 702 -5.68 59.88 -3.86
CA GLU A 702 -4.62 60.48 -4.64
C GLU A 702 -4.17 61.79 -4.01
N ASN A 703 -2.87 62.05 -4.03
CA ASN A 703 -2.34 63.28 -3.44
C ASN A 703 -1.00 63.60 -4.09
N SER A 704 -0.99 64.64 -4.93
CA SER A 704 0.24 65.11 -5.53
C SER A 704 1.11 65.79 -4.48
N VAL A 705 2.40 65.90 -4.77
CA VAL A 705 3.36 66.56 -3.89
C VAL A 705 3.87 67.80 -4.60
N ALA A 706 3.79 68.95 -3.93
CA ALA A 706 4.16 70.22 -4.54
C ALA A 706 5.69 70.35 -4.54
N TYR A 707 6.30 69.53 -5.39
CA TYR A 707 7.76 69.51 -5.49
C TYR A 707 8.23 70.70 -6.30
N SER A 708 9.34 71.29 -5.85
CA SER A 708 9.99 72.38 -6.56
C SER A 708 11.40 72.53 -6.02
N ASN A 709 12.30 73.04 -6.86
CA ASN A 709 13.72 72.97 -6.59
C ASN A 709 14.19 73.95 -5.52
N ASN A 710 13.33 74.86 -5.06
CA ASN A 710 13.71 75.82 -4.02
C ASN A 710 12.59 75.97 -2.99
N SER A 711 12.03 74.85 -2.55
CA SER A 711 10.98 74.88 -1.53
C SER A 711 11.10 73.65 -0.64
N ILE A 712 11.00 73.87 0.67
CA ILE A 712 11.05 72.79 1.66
C ILE A 712 9.88 72.97 2.60
N ALA A 713 9.24 71.86 2.97
CA ALA A 713 8.11 71.88 3.88
C ALA A 713 8.58 71.41 5.24
N ILE A 714 8.57 72.32 6.21
CA ILE A 714 9.06 72.00 7.55
C ILE A 714 7.88 71.98 8.51
N PRO A 715 7.82 71.01 9.42
CA PRO A 715 6.76 71.02 10.41
C PRO A 715 6.91 72.18 11.38
N THR A 716 5.78 72.60 11.96
CA THR A 716 5.78 73.61 13.00
C THR A 716 5.13 73.10 14.27
N ASN A 717 4.75 71.83 14.31
CA ASN A 717 4.06 71.22 15.44
C ASN A 717 4.20 69.72 15.29
N PHE A 718 3.88 69.00 16.36
CA PHE A 718 4.04 67.56 16.37
C PHE A 718 2.86 66.91 17.09
N THR A 719 2.84 65.58 17.06
CA THR A 719 1.87 64.80 17.80
C THR A 719 2.51 63.50 18.25
N ILE A 720 2.27 63.14 19.50
CA ILE A 720 2.79 61.91 20.08
C ILE A 720 1.67 60.88 19.98
N SER A 721 1.89 59.84 19.19
CA SER A 721 0.86 58.84 18.94
C SER A 721 1.30 57.50 19.52
N VAL A 722 0.37 56.84 20.21
CA VAL A 722 0.61 55.51 20.76
C VAL A 722 -0.20 54.54 19.91
N THR A 723 0.50 53.78 19.08
CA THR A 723 -0.13 52.78 18.23
C THR A 723 0.01 51.40 18.87
N THR A 724 -0.75 50.45 18.36
CA THR A 724 -0.78 49.11 18.94
C THR A 724 -0.39 48.10 17.87
N GLU A 725 0.40 47.11 18.28
CA GLU A 725 0.85 46.07 17.35
C GLU A 725 0.83 44.74 18.09
N ILE A 726 0.06 43.78 17.58
CA ILE A 726 -0.16 42.50 18.25
C ILE A 726 0.64 41.45 17.51
N LEU A 727 1.26 40.54 18.27
CA LEU A 727 2.07 39.49 17.67
C LEU A 727 1.87 38.19 18.43
N PRO A 728 1.49 37.12 17.75
CA PRO A 728 1.46 35.80 18.39
C PRO A 728 2.87 35.33 18.72
N VAL A 729 2.97 34.62 19.85
CA VAL A 729 4.24 34.10 20.34
C VAL A 729 4.24 32.58 20.39
N SER A 730 3.14 31.99 20.84
CA SER A 730 3.06 30.54 21.03
C SER A 730 1.68 30.05 20.65
N MET A 731 1.62 28.78 20.25
CA MET A 731 0.39 28.08 19.93
C MET A 731 -0.17 27.44 21.21
N THR A 732 -1.16 26.58 21.04
CA THR A 732 -1.65 25.75 22.14
C THR A 732 -0.82 24.46 22.17
N LYS A 733 -0.27 24.16 23.35
CA LYS A 733 0.63 23.02 23.51
C LYS A 733 -0.17 21.73 23.48
N THR A 734 -0.53 21.32 22.26
CA THR A 734 -1.27 20.08 22.07
C THR A 734 -0.33 18.88 22.19
N SER A 735 -0.94 17.73 22.47
CA SER A 735 -0.19 16.47 22.50
C SER A 735 -1.17 15.34 22.23
N VAL A 736 -0.86 14.50 21.25
CA VAL A 736 -1.77 13.45 20.78
C VAL A 736 -1.16 12.10 21.13
N ASP A 737 -1.98 11.23 21.70
CA ASP A 737 -1.57 9.87 22.04
C ASP A 737 -1.87 8.99 20.83
N CYS A 738 -0.82 8.62 20.09
CA CYS A 738 -1.01 7.89 18.85
C CYS A 738 -1.75 6.57 19.07
N THR A 739 -1.27 5.75 20.02
CA THR A 739 -1.87 4.44 20.22
C THR A 739 -3.30 4.56 20.72
N MET A 740 -3.56 5.46 21.68
CA MET A 740 -4.90 5.59 22.22
C MET A 740 -5.85 6.22 21.22
N TYR A 741 -5.35 7.11 20.35
CA TYR A 741 -6.23 7.69 19.34
C TYR A 741 -6.58 6.66 18.28
N ILE A 742 -5.57 6.00 17.71
CA ILE A 742 -5.84 5.06 16.62
C ILE A 742 -6.53 3.80 17.12
N CYS A 743 -6.11 3.30 18.28
CA CYS A 743 -6.52 1.99 18.79
C CYS A 743 -7.01 2.09 20.23
N GLY A 744 -7.92 3.03 20.51
CA GLY A 744 -8.38 3.27 21.86
C GLY A 744 -8.87 2.03 22.58
N ASP A 745 -8.12 1.60 23.59
CA ASP A 745 -8.49 0.50 24.48
C ASP A 745 -8.84 -0.76 23.67
N SER A 746 -7.83 -1.28 22.97
CA SER A 746 -8.01 -2.50 22.19
C SER A 746 -6.64 -3.13 21.94
N THR A 747 -6.42 -4.31 22.54
CA THR A 747 -5.12 -4.97 22.39
C THR A 747 -4.86 -5.38 20.95
N GLU A 748 -5.87 -5.94 20.28
CA GLU A 748 -5.68 -6.44 18.92
C GLU A 748 -5.34 -5.32 17.95
N CYS A 749 -6.04 -4.18 18.08
CA CYS A 749 -5.73 -3.05 17.21
C CYS A 749 -4.32 -2.54 17.44
N SER A 750 -3.88 -2.50 18.70
CA SER A 750 -2.53 -2.06 18.99
C SER A 750 -1.49 -3.02 18.43
N ASN A 751 -1.76 -4.34 18.52
CA ASN A 751 -0.85 -5.31 17.94
C ASN A 751 -0.76 -5.18 16.43
N LEU A 752 -1.90 -4.91 15.77
CA LEU A 752 -1.86 -4.66 14.34
C LEU A 752 -1.12 -3.37 14.01
N LEU A 753 -1.29 -2.34 14.85
CA LEU A 753 -0.64 -1.05 14.62
C LEU A 753 0.87 -1.17 14.74
N LEU A 754 1.36 -1.91 15.72
CA LEU A 754 2.79 -2.03 15.97
C LEU A 754 3.53 -2.77 14.86
N GLN A 755 2.81 -3.28 13.86
CA GLN A 755 3.45 -3.85 12.68
C GLN A 755 4.07 -2.77 11.79
N TYR A 756 3.57 -1.54 11.88
CA TYR A 756 4.04 -0.44 11.02
C TYR A 756 5.35 0.16 11.52
N GLY A 757 5.84 -0.24 12.68
CA GLY A 757 7.11 0.25 13.18
C GLY A 757 6.95 1.56 13.94
N SER A 758 7.76 2.56 13.57
CA SER A 758 7.85 3.81 14.32
C SER A 758 6.91 4.89 13.77
N PHE A 759 5.81 4.49 13.11
CA PHE A 759 4.84 5.45 12.61
C PHE A 759 4.07 6.17 13.71
N CYS A 760 4.17 5.71 14.96
CA CYS A 760 3.49 6.37 16.08
C CYS A 760 4.45 7.15 16.97
N THR A 761 5.58 6.57 17.36
CA THR A 761 6.48 7.23 18.30
C THR A 761 6.97 8.57 17.76
N GLN A 762 7.23 8.65 16.46
CA GLN A 762 7.79 9.88 15.90
C GLN A 762 6.76 11.00 15.87
N LEU A 763 5.48 10.69 15.78
CA LEU A 763 4.45 11.72 15.91
C LEU A 763 4.49 12.35 17.30
N ASN A 764 4.58 11.52 18.34
CA ASN A 764 4.72 12.04 19.70
C ASN A 764 6.00 12.85 19.85
N ARG A 765 7.09 12.37 19.25
CA ARG A 765 8.35 13.11 19.30
C ARG A 765 8.19 14.49 18.67
N ALA A 766 7.53 14.55 17.50
CA ALA A 766 7.33 15.83 16.82
C ALA A 766 6.47 16.76 17.67
N LEU A 767 5.40 16.24 18.26
CA LEU A 767 4.51 17.09 19.06
C LEU A 767 5.22 17.61 20.31
N THR A 768 6.03 16.76 20.95
CA THR A 768 6.81 17.23 22.09
C THR A 768 7.81 18.29 21.67
N GLY A 769 8.45 18.11 20.51
CA GLY A 769 9.31 19.14 19.97
C GLY A 769 8.58 20.44 19.76
N ILE A 770 7.35 20.36 19.23
CA ILE A 770 6.53 21.55 19.02
C ILE A 770 6.28 22.26 20.34
N ALA A 771 5.92 21.50 21.37
CA ALA A 771 5.64 22.09 22.68
C ALA A 771 6.88 22.78 23.23
N VAL A 772 8.03 22.10 23.16
CA VAL A 772 9.29 22.70 23.61
C VAL A 772 9.58 23.97 22.82
N GLU A 773 9.28 23.95 21.52
CA GLU A 773 9.49 25.12 20.69
C GLU A 773 8.62 26.28 21.15
N GLN A 774 7.37 26.01 21.53
CA GLN A 774 6.50 27.06 22.04
C GLN A 774 7.06 27.65 23.34
N ASP A 775 7.50 26.78 24.25
CA ASP A 775 8.06 27.28 25.51
C ASP A 775 9.31 28.14 25.25
N LYS A 776 10.17 27.69 24.34
CA LYS A 776 11.36 28.46 23.99
C LYS A 776 10.98 29.79 23.36
N ASN A 777 9.94 29.79 22.51
CA ASN A 777 9.45 31.02 21.92
C ASN A 777 9.05 32.02 22.99
N THR A 778 8.24 31.57 23.96
CA THR A 778 7.78 32.49 25.01
C THR A 778 8.95 33.01 25.82
N GLN A 779 9.89 32.13 26.19
CA GLN A 779 11.03 32.56 26.99
C GLN A 779 11.92 33.53 26.24
N GLU A 780 12.13 33.29 24.93
CA GLU A 780 12.90 34.23 24.11
C GLU A 780 12.21 35.58 24.02
N VAL A 781 10.90 35.58 23.78
CA VAL A 781 10.18 36.83 23.57
C VAL A 781 10.22 37.68 24.83
N PHE A 782 9.86 37.09 25.98
CA PHE A 782 9.65 37.90 27.16
C PHE A 782 10.89 37.99 28.04
N ALA A 783 11.55 36.87 28.31
CA ALA A 783 12.64 36.83 29.30
C ALA A 783 13.94 37.36 28.68
N GLN A 784 13.91 38.64 28.33
CA GLN A 784 15.09 39.37 27.87
C GLN A 784 15.64 40.35 28.91
N VAL A 785 15.11 40.32 30.13
CA VAL A 785 15.56 41.20 31.20
C VAL A 785 16.17 40.34 32.32
N LYS A 786 17.40 40.67 32.69
CA LYS A 786 18.12 39.87 33.67
C LYS A 786 17.48 39.95 35.05
N GLN A 787 17.01 41.13 35.45
CA GLN A 787 16.47 41.35 36.78
C GLN A 787 15.01 41.79 36.67
N ILE A 788 14.36 41.93 37.82
CA ILE A 788 12.97 42.37 37.90
C ILE A 788 12.95 43.75 38.52
N TYR A 789 12.72 44.76 37.71
CA TYR A 789 12.67 46.13 38.18
C TYR A 789 11.25 46.50 38.63
N LYS A 790 11.17 47.56 39.44
CA LYS A 790 9.90 48.06 39.95
C LYS A 790 9.92 49.57 39.96
N THR A 791 8.79 50.18 39.60
CA THR A 791 8.67 51.61 39.65
C THR A 791 8.63 52.10 41.10
N PRO A 792 9.04 53.33 41.37
CA PRO A 792 8.89 53.89 42.72
C PRO A 792 7.43 54.15 43.03
N PRO A 793 7.08 54.26 44.31
CA PRO A 793 5.67 54.51 44.66
C PRO A 793 5.13 55.80 44.11
N ILE A 794 5.98 56.79 43.85
CA ILE A 794 5.56 58.10 43.39
C ILE A 794 5.78 58.20 41.89
N LYS A 795 4.74 58.59 41.17
CA LYS A 795 4.79 58.68 39.70
C LYS A 795 5.08 60.13 39.30
N ASP A 796 6.29 60.57 39.66
CA ASP A 796 6.73 61.92 39.32
C ASP A 796 7.58 61.86 38.05
N PHE A 797 6.89 61.56 36.95
CA PHE A 797 7.50 61.37 35.64
C PHE A 797 7.37 62.62 34.76
N GLY A 798 7.31 63.80 35.38
CA GLY A 798 7.28 65.03 34.62
C GLY A 798 5.93 65.30 33.97
N GLY A 799 4.85 64.77 34.53
CA GLY A 799 3.52 64.98 34.03
C GLY A 799 2.93 63.80 33.29
N PHE A 800 3.77 62.92 32.76
CA PHE A 800 3.28 61.71 32.10
C PHE A 800 2.59 60.80 33.11
N ASN A 801 1.50 60.17 32.67
CA ASN A 801 0.64 59.35 33.51
C ASN A 801 0.66 57.92 32.97
N PHE A 802 1.40 57.04 33.63
CA PHE A 802 1.50 55.64 33.23
C PHE A 802 0.64 54.72 34.09
N SER A 803 -0.28 55.28 34.89
CA SER A 803 -1.09 54.46 35.78
C SER A 803 -1.94 53.44 35.03
N GLN A 804 -2.20 53.67 33.74
CA GLN A 804 -3.05 52.78 32.96
C GLN A 804 -2.26 51.65 32.32
N ILE A 805 -0.94 51.67 32.41
CA ILE A 805 -0.11 50.58 31.91
C ILE A 805 0.75 49.94 32.99
N LEU A 806 1.05 50.64 34.08
CA LEU A 806 1.71 50.03 35.21
C LEU A 806 0.73 49.10 35.94
N PRO A 807 1.23 48.03 36.54
CA PRO A 807 0.32 47.07 37.18
C PRO A 807 -0.48 47.71 38.31
N ASP A 808 -1.74 47.34 38.40
CA ASP A 808 -2.58 47.77 39.50
C ASP A 808 -2.33 46.90 40.72
N PRO A 809 -1.92 47.46 41.86
CA PRO A 809 -1.55 46.60 43.00
C PRO A 809 -2.69 45.75 43.52
N SER A 810 -3.93 46.25 43.45
CA SER A 810 -5.06 45.55 44.04
C SER A 810 -5.67 44.50 43.11
N LYS A 811 -5.39 44.56 41.81
CA LYS A 811 -5.93 43.61 40.84
C LYS A 811 -5.63 42.17 41.24
N PRO A 812 -6.42 41.19 40.79
CA PRO A 812 -6.21 39.81 41.25
C PRO A 812 -4.96 39.15 40.68
N SER A 813 -4.32 39.75 39.67
CA SER A 813 -3.18 39.13 39.03
C SER A 813 -2.02 40.10 38.78
N LYS A 814 -2.06 41.29 39.38
CA LYS A 814 -1.04 42.32 39.16
C LYS A 814 -0.94 42.69 37.68
N ARG A 815 -2.07 42.68 36.98
CA ARG A 815 -2.13 43.03 35.58
C ARG A 815 -2.77 44.40 35.42
N SER A 816 -2.20 45.23 34.55
CA SER A 816 -2.68 46.58 34.39
C SER A 816 -4.04 46.59 33.71
N PHE A 817 -4.68 47.77 33.75
CA PHE A 817 -6.02 47.95 33.19
C PHE A 817 -6.07 47.44 31.75
N ILE A 818 -5.11 47.88 30.93
CA ILE A 818 -5.10 47.52 29.52
C ILE A 818 -4.88 46.02 29.35
N GLU A 819 -4.04 45.42 30.20
CA GLU A 819 -3.88 43.97 30.16
C GLU A 819 -5.20 43.26 30.39
N ASP A 820 -5.96 43.70 31.39
CA ASP A 820 -7.27 43.09 31.65
C ASP A 820 -8.20 43.27 30.46
N LEU A 821 -8.21 44.47 29.86
CA LEU A 821 -9.01 44.68 28.66
C LEU A 821 -8.62 43.72 27.56
N LEU A 822 -7.32 43.49 27.38
CA LEU A 822 -6.86 42.55 26.34
C LEU A 822 -7.32 41.13 26.66
N PHE A 823 -7.23 40.73 27.93
CA PHE A 823 -7.49 39.34 28.29
C PHE A 823 -8.96 38.98 28.08
N ASN A 824 -9.85 39.96 28.14
CA ASN A 824 -11.28 39.71 28.01
C ASN A 824 -11.72 39.65 26.56
N LYS A 825 -10.82 39.91 25.61
CA LYS A 825 -11.13 39.92 24.19
C LYS A 825 -10.68 38.66 23.47
N VAL A 826 -10.07 37.71 24.19
CA VAL A 826 -9.58 36.47 23.62
C VAL A 826 -10.22 35.31 24.36
N THR A 827 -10.74 34.34 23.62
CA THR A 827 -11.41 33.19 24.21
C THR A 827 -10.51 31.96 24.17
N ILE A 850 -14.15 20.74 24.88
CA ILE A 850 -12.82 20.20 25.11
C ILE A 850 -12.96 18.80 25.69
N CYS A 851 -14.15 18.51 26.23
CA CYS A 851 -14.41 17.23 26.87
C CYS A 851 -14.03 16.06 25.96
N ALA A 852 -14.67 15.97 24.79
CA ALA A 852 -14.39 14.87 23.87
C ALA A 852 -12.94 14.87 23.45
N GLN A 853 -12.39 16.06 23.17
CA GLN A 853 -10.98 16.19 22.79
C GLN A 853 -10.07 15.52 23.83
N LYS A 854 -10.32 15.78 25.11
CA LYS A 854 -9.47 15.29 26.18
C LYS A 854 -9.83 13.86 26.60
N PHE A 855 -10.55 13.12 25.74
CA PHE A 855 -10.89 11.73 26.00
C PHE A 855 -10.29 10.75 25.00
N ASN A 856 -9.94 11.20 23.80
CA ASN A 856 -9.43 10.31 22.75
C ASN A 856 -7.92 10.38 22.63
N GLY A 857 -7.22 10.54 23.77
CA GLY A 857 -5.78 10.62 23.78
C GLY A 857 -5.21 11.99 23.51
N LEU A 858 -6.02 12.96 23.15
CA LEU A 858 -5.56 14.33 22.93
C LEU A 858 -5.58 15.10 24.25
N THR A 859 -4.54 15.89 24.47
CA THR A 859 -4.42 16.65 25.70
C THR A 859 -3.75 17.99 25.40
N VAL A 860 -3.93 18.93 26.31
CA VAL A 860 -3.38 20.28 26.18
C VAL A 860 -2.48 20.51 27.38
N LEU A 861 -1.18 20.63 27.12
CA LEU A 861 -0.27 20.92 28.21
C LEU A 861 -0.35 22.40 28.59
N PRO A 862 -0.10 22.73 29.86
CA PRO A 862 -0.08 24.13 30.26
C PRO A 862 1.27 24.75 29.98
N PRO A 863 1.30 26.01 29.53
CA PRO A 863 2.58 26.67 29.26
C PRO A 863 3.40 26.82 30.53
N LEU A 864 4.73 26.76 30.38
CA LEU A 864 5.61 26.87 31.53
C LEU A 864 5.37 28.17 32.28
N LEU A 865 5.32 29.28 31.55
CA LEU A 865 5.15 30.61 32.15
C LEU A 865 3.67 30.93 32.20
N THR A 866 3.10 30.97 33.40
CA THR A 866 1.72 31.42 33.55
C THR A 866 1.57 32.86 33.08
N ASP A 867 0.32 33.28 32.90
CA ASP A 867 0.06 34.62 32.37
C ASP A 867 0.44 35.70 33.37
N GLU A 868 0.29 35.44 34.67
CA GLU A 868 0.68 36.43 35.66
C GLU A 868 2.20 36.64 35.66
N MET A 869 2.96 35.57 35.41
CA MET A 869 4.41 35.71 35.31
C MET A 869 4.80 36.52 34.07
N ILE A 870 4.09 36.32 32.96
CA ILE A 870 4.34 37.14 31.77
C ILE A 870 4.00 38.59 32.08
N ALA A 871 2.94 38.82 32.85
CA ALA A 871 2.60 40.17 33.27
C ALA A 871 3.71 40.77 34.12
N GLN A 872 4.30 39.96 35.02
CA GLN A 872 5.42 40.41 35.82
C GLN A 872 6.60 40.79 34.93
N TYR A 873 6.89 39.97 33.92
CA TYR A 873 7.99 40.27 33.00
C TYR A 873 7.74 41.60 32.29
N THR A 874 6.54 41.78 31.76
CA THR A 874 6.23 43.01 31.03
C THR A 874 6.26 44.22 31.97
N SER A 875 5.81 44.05 33.22
CA SER A 875 5.88 45.13 34.18
C SER A 875 7.32 45.48 34.53
N ALA A 876 8.19 44.46 34.64
CA ALA A 876 9.60 44.71 34.89
C ALA A 876 10.24 45.46 33.74
N LEU A 877 9.93 45.03 32.51
CA LEU A 877 10.43 45.71 31.32
C LEU A 877 9.95 47.16 31.29
N LEU A 878 8.67 47.36 31.62
CA LEU A 878 8.10 48.71 31.61
C LEU A 878 8.80 49.59 32.63
N ALA A 879 8.94 49.11 33.87
CA ALA A 879 9.60 49.89 34.91
C ALA A 879 11.04 50.20 34.52
N GLY A 880 11.75 49.23 33.94
CA GLY A 880 13.11 49.48 33.49
C GLY A 880 13.17 50.56 32.42
N THR A 881 12.29 50.46 31.42
CA THR A 881 12.27 51.48 30.36
C THR A 881 11.95 52.85 30.94
N ILE A 882 10.99 52.92 31.86
CA ILE A 882 10.56 54.21 32.40
C ILE A 882 11.67 54.85 33.22
N THR A 883 12.32 54.06 34.08
CA THR A 883 13.24 54.62 35.06
C THR A 883 14.69 54.64 34.60
N SER A 884 15.03 53.96 33.50
CA SER A 884 16.40 53.87 33.06
C SER A 884 16.58 54.03 31.56
N GLY A 885 15.51 54.21 30.80
CA GLY A 885 15.66 54.38 29.36
C GLY A 885 16.06 53.08 28.69
N TRP A 886 17.04 53.16 27.80
CA TRP A 886 17.55 51.99 27.10
C TRP A 886 18.71 51.32 27.80
N THR A 887 19.25 51.95 28.85
CA THR A 887 20.46 51.44 29.49
C THR A 887 20.25 50.07 30.13
N PHE A 888 19.02 49.75 30.54
CA PHE A 888 18.80 48.48 31.23
C PHE A 888 18.95 47.27 30.30
N GLY A 889 19.00 47.48 28.99
CA GLY A 889 19.23 46.39 28.07
C GLY A 889 20.70 46.17 27.77
N ALA A 890 21.44 47.28 27.66
CA ALA A 890 22.87 47.18 27.33
C ALA A 890 23.66 46.64 28.51
N GLY A 891 23.58 47.32 29.64
CA GLY A 891 24.30 46.92 30.84
C GLY A 891 23.44 46.92 32.08
N ALA A 892 23.89 47.62 33.11
CA ALA A 892 23.13 47.76 34.34
C ALA A 892 22.22 48.99 34.25
N ALA A 893 21.05 48.87 34.88
CA ALA A 893 20.07 49.94 34.87
C ALA A 893 20.65 51.20 35.48
N LEU A 894 20.60 52.30 34.73
CA LEU A 894 21.09 53.60 35.18
C LEU A 894 19.89 54.54 35.25
N GLN A 895 19.51 54.95 36.46
CA GLN A 895 18.33 55.79 36.58
C GLN A 895 18.55 57.11 35.84
N ILE A 896 17.43 57.74 35.47
CA ILE A 896 17.46 59.01 34.75
C ILE A 896 16.07 59.62 34.77
N PRO A 897 15.94 60.92 35.01
CA PRO A 897 14.60 61.52 35.01
C PRO A 897 13.93 61.31 33.66
N PHE A 898 12.63 61.04 33.69
CA PHE A 898 11.94 60.61 32.47
C PHE A 898 12.01 61.70 31.40
N ALA A 899 11.87 62.96 31.80
CA ALA A 899 11.98 64.05 30.84
C ALA A 899 13.33 64.00 30.14
N MET A 900 14.41 63.74 30.88
CA MET A 900 15.73 63.62 30.25
C MET A 900 15.78 62.45 29.28
N GLN A 901 15.12 61.34 29.62
CA GLN A 901 15.05 60.20 28.71
C GLN A 901 14.36 60.58 27.41
N MET A 902 13.23 61.29 27.51
CA MET A 902 12.54 61.72 26.31
C MET A 902 13.37 62.73 25.52
N ALA A 903 14.18 63.54 26.22
CA ALA A 903 15.08 64.46 25.53
C ALA A 903 16.11 63.68 24.72
N TYR A 904 16.67 62.62 25.29
CA TYR A 904 17.58 61.77 24.53
C TYR A 904 16.88 61.15 23.33
N ARG A 905 15.64 60.70 23.51
CA ARG A 905 14.91 60.12 22.38
C ARG A 905 14.71 61.14 21.27
N PHE A 906 14.36 62.38 21.63
CA PHE A 906 14.20 63.43 20.64
C PHE A 906 15.51 63.71 19.93
N ASN A 907 16.61 63.79 20.68
CA ASN A 907 17.93 63.86 20.04
C ASN A 907 18.14 62.68 19.10
N GLY A 908 17.61 61.51 19.48
CA GLY A 908 17.71 60.31 18.67
C GLY A 908 16.97 60.41 17.35
N ILE A 909 15.97 61.27 17.28
CA ILE A 909 15.18 61.43 16.05
C ILE A 909 15.46 62.78 15.40
N GLY A 910 16.60 63.39 15.72
CA GLY A 910 17.03 64.59 15.03
C GLY A 910 16.31 65.85 15.45
N VAL A 911 15.62 65.83 16.59
CA VAL A 911 14.95 67.00 17.14
C VAL A 911 15.71 67.43 18.38
N THR A 912 16.27 68.63 18.36
CA THR A 912 17.01 69.15 19.50
C THR A 912 16.15 69.06 20.76
N GLN A 913 16.81 68.86 21.90
CA GLN A 913 16.08 68.52 23.12
C GLN A 913 15.36 69.72 23.74
N ASN A 914 15.65 70.94 23.30
CA ASN A 914 14.93 72.09 23.83
C ASN A 914 13.45 72.05 23.48
N VAL A 915 13.10 71.35 22.40
CA VAL A 915 11.69 71.23 22.01
C VAL A 915 10.90 70.54 23.10
N LEU A 916 11.41 69.41 23.58
CA LEU A 916 10.73 68.66 24.63
C LEU A 916 10.62 69.49 25.90
N TYR A 917 11.69 70.15 26.31
CA TYR A 917 11.66 70.87 27.56
C TYR A 917 10.72 72.07 27.48
N GLU A 918 10.56 72.66 26.29
CA GLU A 918 9.62 73.76 26.14
C GLU A 918 8.19 73.31 25.92
N ASN A 919 7.96 72.04 25.52
CA ASN A 919 6.61 71.55 25.28
C ASN A 919 6.31 70.30 26.10
N GLN A 920 6.92 70.19 27.27
CA GLN A 920 6.74 69.02 28.13
C GLN A 920 5.28 68.81 28.52
N LYS A 921 4.60 69.89 28.93
CA LYS A 921 3.21 69.76 29.35
C LYS A 921 2.34 69.28 28.19
N LEU A 922 2.53 69.88 27.00
CA LEU A 922 1.78 69.46 25.83
C LEU A 922 2.04 67.99 25.49
N ILE A 923 3.30 67.58 25.52
CA ILE A 923 3.64 66.20 25.18
C ILE A 923 3.04 65.22 26.19
N ALA A 924 3.11 65.55 27.48
CA ALA A 924 2.51 64.69 28.49
C ALA A 924 1.01 64.55 28.29
N ASN A 925 0.33 65.68 28.03
CA ASN A 925 -1.11 65.63 27.79
C ASN A 925 -1.42 64.79 26.55
N GLN A 926 -0.65 64.98 25.47
CA GLN A 926 -0.89 64.23 24.25
C GLN A 926 -0.70 62.73 24.48
N PHE A 927 0.37 62.36 25.20
CA PHE A 927 0.62 60.94 25.46
C PHE A 927 -0.49 60.33 26.30
N ASN A 928 -0.94 61.05 27.34
CA ASN A 928 -2.02 60.54 28.17
C ASN A 928 -3.31 60.37 27.36
N SER A 929 -3.62 61.35 26.52
CA SER A 929 -4.79 61.24 25.65
C SER A 929 -4.67 60.06 24.70
N ALA A 930 -3.46 59.82 24.17
CA ALA A 930 -3.25 58.68 23.29
C ALA A 930 -3.48 57.37 24.03
N ILE A 931 -2.99 57.27 25.26
CA ILE A 931 -3.21 56.05 26.05
C ILE A 931 -4.70 55.85 26.31
N GLY A 932 -5.40 56.93 26.64
CA GLY A 932 -6.85 56.84 26.80
C GLY A 932 -7.55 56.36 25.54
N LYS A 933 -7.16 56.92 24.39
CA LYS A 933 -7.73 56.49 23.12
C LYS A 933 -7.47 55.02 22.87
N ILE A 934 -6.26 54.55 23.23
CA ILE A 934 -5.96 53.13 23.10
C ILE A 934 -6.89 52.30 23.97
N GLN A 935 -7.10 52.75 25.21
CA GLN A 935 -8.04 52.07 26.10
C GLN A 935 -9.42 51.95 25.47
N ASP A 936 -9.94 53.07 24.96
CA ASP A 936 -11.27 53.03 24.35
C ASP A 936 -11.31 52.12 23.14
N SER A 937 -10.30 52.21 22.27
CA SER A 937 -10.28 51.38 21.07
C SER A 937 -10.25 49.91 21.42
N LEU A 938 -9.41 49.52 22.38
CA LEU A 938 -9.36 48.13 22.80
C LEU A 938 -10.68 47.69 23.44
N SER A 939 -11.31 48.57 24.22
CA SER A 939 -12.56 48.22 24.87
C SER A 939 -13.70 48.09 23.86
N SER A 940 -13.60 48.78 22.71
CA SER A 940 -14.69 48.80 21.76
C SER A 940 -14.56 47.68 20.72
N THR A 941 -13.46 47.65 19.98
CA THR A 941 -13.31 46.76 18.83
C THR A 941 -12.56 45.51 19.29
N ALA A 942 -13.28 44.38 19.35
CA ALA A 942 -12.65 43.11 19.70
C ALA A 942 -11.68 42.65 18.62
N SER A 943 -12.07 42.81 17.34
CA SER A 943 -11.25 42.32 16.23
C SER A 943 -9.84 42.88 16.24
N ALA A 944 -9.56 43.90 17.06
CA ALA A 944 -8.19 44.39 17.20
C ALA A 944 -7.24 43.25 17.56
N LEU A 945 -7.69 42.30 18.38
CA LEU A 945 -6.85 41.18 18.78
C LEU A 945 -7.04 39.97 17.88
N GLY A 946 -7.67 40.15 16.72
CA GLY A 946 -8.04 39.09 15.81
C GLY A 946 -6.96 38.04 15.67
N LYS A 947 -5.74 38.50 15.38
CA LYS A 947 -4.59 37.62 15.18
C LYS A 947 -4.54 36.55 16.25
N LEU A 948 -4.40 36.95 17.51
CA LEU A 948 -4.33 35.96 18.58
C LEU A 948 -5.52 35.03 18.52
N GLN A 949 -6.74 35.61 18.49
CA GLN A 949 -7.95 34.80 18.39
C GLN A 949 -7.83 33.83 17.23
N ASP A 950 -7.43 34.35 16.07
CA ASP A 950 -7.34 33.52 14.87
C ASP A 950 -6.50 32.29 15.17
N VAL A 951 -5.31 32.49 15.76
CA VAL A 951 -4.43 31.37 16.09
C VAL A 951 -5.23 30.29 16.80
N VAL A 952 -5.84 30.65 17.93
CA VAL A 952 -6.59 29.69 18.73
C VAL A 952 -7.57 28.95 17.82
N ASN A 953 -8.38 29.71 17.07
CA ASN A 953 -9.41 29.11 16.24
C ASN A 953 -8.81 28.03 15.37
N GLN A 954 -7.72 28.37 14.66
CA GLN A 954 -7.05 27.40 13.80
C GLN A 954 -6.82 26.10 14.55
N ASN A 955 -6.09 26.18 15.66
CA ASN A 955 -5.77 24.97 16.42
C ASN A 955 -7.04 24.22 16.75
N ALA A 956 -8.05 24.93 17.25
CA ALA A 956 -9.30 24.28 17.63
C ALA A 956 -9.82 23.46 16.45
N GLN A 957 -9.95 24.10 15.28
CA GLN A 957 -10.47 23.40 14.11
C GLN A 957 -9.68 22.12 13.90
N ALA A 958 -8.35 22.22 13.90
CA ALA A 958 -7.49 21.05 13.75
C ALA A 958 -7.99 19.93 14.65
N LEU A 959 -8.01 20.18 15.96
CA LEU A 959 -8.41 19.13 16.89
C LEU A 959 -9.78 18.59 16.53
N ASN A 960 -10.74 19.50 16.27
CA ASN A 960 -12.08 19.05 15.92
C ASN A 960 -12.02 18.11 14.73
N THR A 961 -11.31 18.51 13.67
CA THR A 961 -11.16 17.64 12.51
C THR A 961 -10.53 16.32 12.93
N LEU A 962 -9.45 16.41 13.71
CA LEU A 962 -8.74 15.20 14.15
C LEU A 962 -9.66 14.28 14.92
N VAL A 963 -10.74 14.81 15.48
CA VAL A 963 -11.70 13.99 16.20
C VAL A 963 -12.78 13.47 15.25
N LYS A 964 -13.22 14.29 14.31
CA LYS A 964 -14.26 13.85 13.38
C LYS A 964 -13.79 12.72 12.48
N GLN A 965 -12.47 12.57 12.29
CA GLN A 965 -11.96 11.46 11.51
C GLN A 965 -12.08 10.13 12.25
N LEU A 966 -12.44 10.14 13.53
CA LEU A 966 -12.70 8.92 14.27
C LEU A 966 -14.05 8.31 13.93
N SER A 967 -14.90 9.02 13.19
CA SER A 967 -16.23 8.55 12.84
C SER A 967 -16.33 7.99 11.43
N SER A 968 -15.26 8.07 10.65
CA SER A 968 -15.28 7.57 9.28
C SER A 968 -15.04 6.06 9.21
N ASN A 969 -15.70 5.42 8.26
CA ASN A 969 -15.54 3.98 8.10
C ASN A 969 -14.21 3.63 7.46
N PHE A 970 -13.69 4.50 6.58
CA PHE A 970 -12.48 4.22 5.80
C PHE A 970 -12.59 2.91 5.01
N GLY A 971 -13.81 2.52 4.67
CA GLY A 971 -14.05 1.27 3.97
C GLY A 971 -14.43 0.11 4.85
N ALA A 972 -14.24 0.22 6.16
CA ALA A 972 -14.59 -0.87 7.06
C ALA A 972 -16.12 -1.00 7.14
N ILE A 973 -16.56 -2.00 7.91
CA ILE A 973 -17.99 -2.23 8.08
C ILE A 973 -18.61 -1.28 9.08
N SER A 974 -17.81 -0.72 10.00
CA SER A 974 -18.31 0.20 10.99
C SER A 974 -17.14 1.02 11.51
N SER A 975 -17.38 2.30 11.76
CA SER A 975 -16.34 3.20 12.25
C SER A 975 -16.05 3.01 13.73
N VAL A 976 -16.74 2.10 14.40
CA VAL A 976 -16.53 1.83 15.82
C VAL A 976 -15.73 0.54 15.92
N LEU A 977 -14.57 0.61 16.58
CA LEU A 977 -13.71 -0.56 16.70
C LEU A 977 -14.39 -1.68 17.48
N ASN A 978 -15.11 -1.32 18.55
CA ASN A 978 -15.70 -2.33 19.42
C ASN A 978 -16.73 -3.17 18.66
N ASP A 979 -17.51 -2.53 17.78
CA ASP A 979 -18.50 -3.27 17.00
C ASP A 979 -17.84 -4.34 16.14
N ILE A 980 -16.77 -3.96 15.43
CA ILE A 980 -16.05 -4.93 14.61
C ILE A 980 -15.47 -6.04 15.47
N LEU A 981 -14.85 -5.68 16.59
CA LEU A 981 -14.24 -6.68 17.45
C LEU A 981 -15.27 -7.60 18.11
N SER A 982 -16.53 -7.18 18.17
CA SER A 982 -17.58 -8.01 18.73
C SER A 982 -18.34 -8.81 17.68
N ARG A 983 -18.36 -8.35 16.42
CA ARG A 983 -19.12 -9.00 15.37
C ARG A 983 -18.31 -9.98 14.53
N LEU A 984 -17.00 -9.79 14.40
CA LEU A 984 -16.18 -10.62 13.54
C LEU A 984 -15.04 -11.26 14.32
N ASP A 985 -14.57 -12.40 13.80
CA ASP A 985 -13.43 -13.15 14.29
C ASP A 985 -12.15 -12.62 13.66
N PRO A 986 -10.99 -12.93 14.24
CA PRO A 986 -9.72 -12.31 13.79
C PRO A 986 -9.51 -12.35 12.28
N PRO A 987 -9.75 -13.49 11.59
CA PRO A 987 -9.39 -13.56 10.17
C PRO A 987 -9.91 -12.42 9.31
N GLU A 988 -11.06 -11.83 9.65
CA GLU A 988 -11.57 -10.66 8.94
C GLU A 988 -11.55 -9.40 9.80
N ALA A 989 -11.70 -9.55 11.12
CA ALA A 989 -11.59 -8.41 12.03
C ALA A 989 -10.26 -7.68 11.84
N GLU A 990 -9.17 -8.44 11.65
CA GLU A 990 -7.87 -7.78 11.54
C GLU A 990 -7.70 -7.07 10.21
N VAL A 991 -8.39 -7.53 9.15
CA VAL A 991 -8.41 -6.79 7.90
C VAL A 991 -9.17 -5.47 8.06
N GLN A 992 -10.35 -5.54 8.68
CA GLN A 992 -11.13 -4.33 8.90
C GLN A 992 -10.37 -3.34 9.78
N ILE A 993 -9.68 -3.86 10.80
CA ILE A 993 -8.90 -2.99 11.68
C ILE A 993 -7.67 -2.46 10.96
N ASP A 994 -7.12 -3.22 10.01
CA ASP A 994 -6.05 -2.71 9.17
C ASP A 994 -6.52 -1.48 8.39
N ARG A 995 -7.71 -1.58 7.79
CA ARG A 995 -8.26 -0.44 7.06
C ARG A 995 -8.45 0.76 8.00
N LEU A 996 -9.04 0.53 9.17
CA LEU A 996 -9.28 1.61 10.11
C LEU A 996 -7.97 2.25 10.56
N ILE A 997 -6.96 1.42 10.87
CA ILE A 997 -5.67 1.93 11.32
C ILE A 997 -5.02 2.74 10.22
N THR A 998 -5.09 2.27 8.97
CA THR A 998 -4.52 3.04 7.88
C THR A 998 -5.16 4.41 7.78
N GLY A 999 -6.49 4.46 7.83
CA GLY A 999 -7.18 5.74 7.74
C GLY A 999 -6.81 6.68 8.88
N ARG A 1000 -6.88 6.17 10.12
CA ARG A 1000 -6.62 7.03 11.26
C ARG A 1000 -5.16 7.47 11.30
N LEU A 1001 -4.24 6.60 10.89
CA LEU A 1001 -2.83 6.96 10.85
C LEU A 1001 -2.57 8.03 9.81
N GLN A 1002 -3.22 7.94 8.64
CA GLN A 1002 -3.09 9.00 7.66
C GLN A 1002 -3.63 10.32 8.21
N SER A 1003 -4.78 10.27 8.90
CA SER A 1003 -5.33 11.48 9.51
C SER A 1003 -4.36 12.09 10.50
N LEU A 1004 -3.78 11.25 11.38
CA LEU A 1004 -2.85 11.74 12.39
C LEU A 1004 -1.61 12.33 11.76
N GLN A 1005 -1.06 11.67 10.73
CA GLN A 1005 0.13 12.20 10.07
C GLN A 1005 -0.15 13.54 9.41
N THR A 1006 -1.32 13.67 8.77
CA THR A 1006 -1.69 14.96 8.18
C THR A 1006 -1.77 16.03 9.26
N TYR A 1007 -2.40 15.71 10.39
CA TYR A 1007 -2.53 16.67 11.48
C TYR A 1007 -1.15 17.07 12.00
N VAL A 1008 -0.25 16.11 12.14
CA VAL A 1008 1.08 16.41 12.67
C VAL A 1008 1.86 17.29 11.70
N THR A 1009 1.74 17.03 10.40
CA THR A 1009 2.39 17.89 9.42
C THR A 1009 1.84 19.32 9.48
N GLN A 1010 0.52 19.45 9.59
CA GLN A 1010 -0.08 20.78 9.71
C GLN A 1010 0.42 21.49 10.96
N GLN A 1011 0.50 20.77 12.08
CA GLN A 1011 1.00 21.36 13.31
C GLN A 1011 2.46 21.80 13.17
N LEU A 1012 3.27 20.99 12.51
CA LEU A 1012 4.67 21.36 12.29
C LEU A 1012 4.78 22.65 11.46
N ILE A 1013 4.00 22.74 10.38
CA ILE A 1013 4.04 23.92 9.53
C ILE A 1013 3.59 25.16 10.31
N ARG A 1014 2.47 25.03 11.04
CA ARG A 1014 1.96 26.17 11.79
C ARG A 1014 2.90 26.57 12.91
N ALA A 1015 3.59 25.60 13.52
CA ALA A 1015 4.57 25.94 14.54
C ALA A 1015 5.78 26.64 13.95
N ALA A 1016 6.19 26.25 12.73
CA ALA A 1016 7.25 27.00 12.06
C ALA A 1016 6.83 28.45 11.82
N GLU A 1017 5.60 28.65 11.34
CA GLU A 1017 5.09 30.00 11.16
C GLU A 1017 5.09 30.78 12.48
N ILE A 1018 4.55 30.17 13.54
CA ILE A 1018 4.44 30.85 14.82
C ILE A 1018 5.82 31.11 15.41
N ARG A 1019 6.81 30.25 15.12
CA ARG A 1019 8.16 30.50 15.62
C ARG A 1019 8.82 31.65 14.86
N ALA A 1020 8.54 31.77 13.56
CA ALA A 1020 8.99 32.95 12.83
C ALA A 1020 8.39 34.22 13.43
N SER A 1021 7.08 34.18 13.72
CA SER A 1021 6.43 35.33 14.35
C SER A 1021 7.02 35.61 15.73
N ALA A 1022 7.34 34.57 16.49
CA ALA A 1022 7.90 34.74 17.83
C ALA A 1022 9.30 35.34 17.76
N ASN A 1023 10.10 34.93 16.78
CA ASN A 1023 11.41 35.52 16.60
C ASN A 1023 11.30 36.98 16.18
N LEU A 1024 10.32 37.30 15.33
CA LEU A 1024 10.07 38.71 15.01
C LEU A 1024 9.68 39.50 16.25
N ALA A 1025 8.83 38.93 17.10
CA ALA A 1025 8.42 39.60 18.32
C ALA A 1025 9.59 39.80 19.27
N ALA A 1026 10.46 38.79 19.39
CA ALA A 1026 11.67 38.93 20.20
C ALA A 1026 12.56 40.04 19.66
N THR A 1027 12.74 40.08 18.34
CA THR A 1027 13.50 41.16 17.72
C THR A 1027 12.90 42.52 18.06
N LYS A 1028 11.58 42.63 17.96
CA LYS A 1028 10.91 43.89 18.26
C LYS A 1028 11.11 44.28 19.72
N MET A 1029 10.97 43.32 20.64
CA MET A 1029 11.13 43.64 22.05
C MET A 1029 12.56 44.05 22.36
N SER A 1030 13.54 43.44 21.69
CA SER A 1030 14.94 43.74 21.94
C SER A 1030 15.32 45.11 21.39
N GLU A 1031 14.92 45.41 20.16
CA GLU A 1031 15.40 46.57 19.44
C GLU A 1031 14.41 47.73 19.44
N CYS A 1032 13.26 47.54 20.07
CA CYS A 1032 12.18 48.53 20.13
C CYS A 1032 11.92 48.99 21.55
N VAL A 1033 11.74 48.06 22.48
CA VAL A 1033 11.53 48.40 23.87
C VAL A 1033 12.84 48.73 24.55
N LEU A 1034 13.78 47.78 24.54
CA LEU A 1034 15.05 47.93 25.24
C LEU A 1034 15.94 49.00 24.63
N GLY A 1035 15.62 49.48 23.43
CA GLY A 1035 16.41 50.53 22.81
C GLY A 1035 15.56 51.43 21.96
N GLN A 1036 16.20 52.21 21.08
CA GLN A 1036 15.49 53.06 20.12
C GLN A 1036 15.85 52.59 18.72
N SER A 1037 14.85 52.17 17.95
CA SER A 1037 15.08 51.69 16.59
C SER A 1037 15.08 52.85 15.61
N LYS A 1038 16.11 52.90 14.77
CA LYS A 1038 16.16 53.85 13.66
C LYS A 1038 15.61 53.25 12.37
N ARG A 1039 15.26 51.96 12.40
CA ARG A 1039 14.65 51.30 11.25
C ARG A 1039 13.24 51.84 11.00
N VAL A 1040 12.99 52.26 9.76
CA VAL A 1040 11.73 52.92 9.44
C VAL A 1040 10.61 51.89 9.41
N ASP A 1041 9.47 52.24 10.00
CA ASP A 1041 8.24 51.45 10.01
C ASP A 1041 8.42 50.08 10.67
N PHE A 1042 9.52 49.87 11.38
CA PHE A 1042 9.68 48.64 12.16
C PHE A 1042 9.07 48.76 13.56
N CYS A 1043 8.82 49.98 14.03
CA CYS A 1043 8.26 50.22 15.36
C CYS A 1043 7.19 51.29 15.29
N GLY A 1044 6.25 51.13 14.38
CA GLY A 1044 5.14 52.06 14.30
C GLY A 1044 5.37 53.14 13.27
N LYS A 1045 4.28 53.58 12.66
CA LYS A 1045 4.36 54.66 11.67
C LYS A 1045 4.91 55.92 12.32
N GLY A 1046 5.84 56.58 11.62
CA GLY A 1046 6.54 57.71 12.18
C GLY A 1046 7.86 57.34 12.81
N TYR A 1047 8.46 58.35 13.43
CA TYR A 1047 9.75 58.15 14.09
C TYR A 1047 9.51 57.53 15.45
N HIS A 1048 10.37 56.60 15.83
CA HIS A 1048 10.15 55.81 17.03
C HIS A 1048 10.74 56.52 18.24
N LEU A 1049 9.90 56.76 19.24
CA LEU A 1049 10.34 57.31 20.52
C LEU A 1049 10.57 56.23 21.56
N MET A 1050 9.62 55.31 21.72
CA MET A 1050 9.79 54.19 22.64
C MET A 1050 8.66 53.19 22.42
N SER A 1051 8.67 52.12 23.20
CA SER A 1051 7.64 51.10 23.13
C SER A 1051 7.43 50.54 24.52
N PHE A 1052 6.25 49.96 24.74
CA PHE A 1052 5.92 49.31 25.99
C PHE A 1052 5.29 47.96 25.69
N PRO A 1053 5.80 46.88 26.25
CA PRO A 1053 5.16 45.57 26.06
C PRO A 1053 3.96 45.38 26.96
N GLN A 1054 3.08 44.48 26.54
CA GLN A 1054 1.94 44.05 27.33
C GLN A 1054 1.66 42.59 27.00
N SER A 1055 1.40 41.80 28.04
CA SER A 1055 1.08 40.40 27.82
C SER A 1055 -0.30 40.26 27.17
N ALA A 1056 -0.55 39.08 26.60
CA ALA A 1056 -1.87 38.73 26.11
C ALA A 1056 -1.93 37.22 25.95
N PRO A 1057 -3.12 36.62 25.97
CA PRO A 1057 -3.21 35.16 25.88
C PRO A 1057 -2.48 34.62 24.65
N HIS A 1058 -1.37 33.92 24.88
CA HIS A 1058 -0.57 33.34 23.82
C HIS A 1058 -0.04 34.40 22.85
N GLY A 1059 0.33 35.56 23.38
CA GLY A 1059 0.88 36.59 22.50
C GLY A 1059 1.31 37.81 23.28
N VAL A 1060 1.89 38.77 22.53
CA VAL A 1060 2.37 40.01 23.08
C VAL A 1060 1.74 41.16 22.30
N VAL A 1061 1.65 42.32 22.95
CA VAL A 1061 1.06 43.51 22.35
C VAL A 1061 1.96 44.69 22.69
N PHE A 1062 2.52 45.33 21.66
CA PHE A 1062 3.39 46.47 21.83
C PHE A 1062 2.58 47.75 21.68
N LEU A 1063 2.80 48.69 22.59
CA LEU A 1063 2.33 50.06 22.44
C LEU A 1063 3.53 50.89 22.00
N HIS A 1064 3.52 51.31 20.74
CA HIS A 1064 4.59 52.12 20.18
C HIS A 1064 4.27 53.60 20.38
N VAL A 1065 5.08 54.27 21.19
CA VAL A 1065 5.01 55.72 21.34
C VAL A 1065 5.92 56.32 20.28
N THR A 1066 5.33 57.06 19.34
CA THR A 1066 6.04 57.57 18.17
C THR A 1066 5.73 59.03 17.99
N TYR A 1067 6.64 59.73 17.33
CA TYR A 1067 6.58 61.18 17.13
C TYR A 1067 6.26 61.42 15.67
N VAL A 1068 5.15 62.11 15.40
CA VAL A 1068 4.67 62.30 14.04
C VAL A 1068 4.51 63.81 13.81
N PRO A 1069 5.15 64.38 12.80
CA PRO A 1069 4.89 65.79 12.48
C PRO A 1069 3.44 65.98 12.06
N ALA A 1070 2.86 67.11 12.44
CA ALA A 1070 1.44 67.36 12.23
C ALA A 1070 1.21 68.52 11.27
N GLN A 1071 1.74 69.70 11.57
CA GLN A 1071 1.43 70.90 10.80
C GLN A 1071 2.69 71.38 10.13
N GLU A 1072 2.62 71.62 8.82
CA GLU A 1072 3.80 71.95 8.03
C GLU A 1072 3.60 73.29 7.32
N LYS A 1073 4.73 73.93 7.01
CA LYS A 1073 4.74 75.19 6.28
C LYS A 1073 5.75 75.12 5.14
N ASN A 1074 5.41 75.78 4.03
CA ASN A 1074 6.31 75.92 2.91
C ASN A 1074 7.28 77.07 3.17
N PHE A 1075 8.57 76.81 3.02
CA PHE A 1075 9.60 77.83 3.14
C PHE A 1075 10.49 77.76 1.91
N THR A 1076 11.13 78.87 1.57
CA THR A 1076 12.06 78.90 0.46
C THR A 1076 13.45 78.51 0.95
N THR A 1077 14.03 77.50 0.33
CA THR A 1077 15.26 76.90 0.82
C THR A 1077 16.40 77.14 -0.17
N ALA A 1078 17.61 76.78 0.26
CA ALA A 1078 18.79 76.97 -0.58
C ALA A 1078 19.93 76.14 -0.03
N PRO A 1079 20.71 75.48 -0.90
CA PRO A 1079 21.77 74.60 -0.40
C PRO A 1079 22.84 75.34 0.39
N ALA A 1080 23.15 76.57 0.01
CA ALA A 1080 24.20 77.34 0.68
C ALA A 1080 23.97 78.82 0.41
N ILE A 1081 24.59 79.66 1.22
CA ILE A 1081 24.53 81.11 1.09
C ILE A 1081 25.95 81.67 0.99
N CYS A 1082 26.16 82.59 0.04
CA CYS A 1082 27.46 83.21 -0.16
C CYS A 1082 27.50 84.59 0.50
N HIS A 1083 28.47 84.78 1.38
CA HIS A 1083 28.62 86.00 2.16
C HIS A 1083 29.72 86.89 1.60
N ASP A 1084 30.93 86.35 1.45
CA ASP A 1084 32.10 87.07 0.98
C ASP A 1084 32.75 86.34 -0.19
N GLY A 1085 31.94 85.74 -1.05
CA GLY A 1085 32.45 84.88 -2.10
C GLY A 1085 32.64 83.43 -1.71
N LYS A 1086 32.73 83.13 -0.41
CA LYS A 1086 32.77 81.77 0.06
C LYS A 1086 31.36 81.19 0.19
N ALA A 1087 31.29 79.86 0.18
CA ALA A 1087 30.02 79.15 0.31
C ALA A 1087 29.88 78.59 1.72
N HIS A 1088 28.73 78.84 2.33
CA HIS A 1088 28.44 78.41 3.70
C HIS A 1088 27.32 77.37 3.68
N PHE A 1089 27.61 76.18 4.21
CA PHE A 1089 26.63 75.11 4.30
C PHE A 1089 26.21 74.91 5.76
N PRO A 1090 24.99 74.43 6.02
CA PRO A 1090 24.56 74.28 7.42
C PRO A 1090 25.25 73.09 8.10
N ARG A 1091 25.77 73.35 9.30
CA ARG A 1091 26.45 72.30 10.05
C ARG A 1091 25.51 71.13 10.33
N GLU A 1092 24.30 71.44 10.81
CA GLU A 1092 23.29 70.42 11.05
C GLU A 1092 21.93 71.13 11.03
N GLY A 1093 21.12 70.84 10.01
CA GLY A 1093 19.90 71.57 9.82
C GLY A 1093 19.71 71.98 8.36
N VAL A 1094 18.97 73.05 8.12
CA VAL A 1094 18.64 73.46 6.77
C VAL A 1094 18.33 74.95 6.78
N PHE A 1095 18.69 75.63 5.69
CA PHE A 1095 18.34 77.04 5.53
C PHE A 1095 16.91 77.16 5.05
N VAL A 1096 16.17 78.09 5.66
CA VAL A 1096 14.82 78.41 5.22
C VAL A 1096 14.67 79.92 5.15
N SER A 1097 13.62 80.35 4.44
CA SER A 1097 13.25 81.75 4.34
C SER A 1097 11.74 81.83 4.28
N ASN A 1098 11.18 82.69 5.13
CA ASN A 1098 9.76 83.01 5.12
C ASN A 1098 9.40 84.06 4.07
N GLY A 1099 10.36 84.43 3.22
CA GLY A 1099 10.15 85.40 2.16
C GLY A 1099 11.13 86.56 2.20
N THR A 1100 11.52 86.98 3.41
CA THR A 1100 12.39 88.13 3.58
C THR A 1100 13.71 87.77 4.25
N HIS A 1101 13.69 87.10 5.40
CA HIS A 1101 14.88 86.81 6.16
C HIS A 1101 15.21 85.32 6.12
N TRP A 1102 16.50 85.02 6.18
CA TRP A 1102 17.01 83.66 6.08
C TRP A 1102 17.40 83.16 7.46
N PHE A 1103 16.79 82.07 7.89
CA PHE A 1103 17.12 81.39 9.14
C PHE A 1103 17.66 80.00 8.84
N VAL A 1104 18.24 79.38 9.86
CA VAL A 1104 18.63 77.98 9.79
C VAL A 1104 17.91 77.22 10.90
N THR A 1105 17.19 76.17 10.53
CA THR A 1105 16.39 75.41 11.47
C THR A 1105 16.84 73.94 11.48
N GLN A 1106 16.31 73.21 12.47
CA GLN A 1106 16.41 71.76 12.47
C GLN A 1106 15.40 71.19 11.49
N ARG A 1107 15.71 70.01 10.95
CA ARG A 1107 14.97 69.51 9.80
C ARG A 1107 13.53 69.15 10.15
N ASN A 1108 13.29 68.65 11.37
CA ASN A 1108 12.01 68.07 11.73
C ASN A 1108 11.17 68.98 12.62
N PHE A 1109 11.57 70.23 12.82
CA PHE A 1109 10.81 71.15 13.66
C PHE A 1109 11.26 72.58 13.39
N TYR A 1110 10.33 73.44 12.99
CA TYR A 1110 10.64 74.80 12.61
C TYR A 1110 11.00 75.60 13.86
N GLU A 1111 12.30 75.79 14.08
CA GLU A 1111 12.83 76.53 15.22
C GLU A 1111 13.89 77.47 14.65
N PRO A 1112 13.47 78.58 14.04
CA PRO A 1112 14.40 79.41 13.29
C PRO A 1112 15.46 80.05 14.18
N GLN A 1113 16.64 80.26 13.60
CA GLN A 1113 17.73 80.93 14.29
C GLN A 1113 18.51 81.76 13.29
N ILE A 1114 19.00 82.92 13.73
CA ILE A 1114 19.82 83.76 12.88
C ILE A 1114 21.01 82.94 12.37
N ILE A 1115 21.46 83.23 11.16
CA ILE A 1115 22.57 82.50 10.56
C ILE A 1115 23.87 83.13 11.02
N THR A 1116 24.73 82.33 11.64
CA THR A 1116 26.03 82.76 12.12
C THR A 1116 27.08 81.73 11.72
N THR A 1117 28.35 82.09 11.96
CA THR A 1117 29.47 81.21 11.64
C THR A 1117 29.54 79.97 12.51
N ASP A 1118 28.64 79.81 13.48
CA ASP A 1118 28.56 78.59 14.27
C ASP A 1118 27.53 77.61 13.74
N ASN A 1119 26.51 78.11 13.04
CA ASN A 1119 25.53 77.25 12.38
C ASN A 1119 26.03 76.76 11.03
N THR A 1120 26.93 77.50 10.39
CA THR A 1120 27.39 77.20 9.04
C THR A 1120 28.90 76.98 9.01
N PHE A 1121 29.33 76.13 8.09
CA PHE A 1121 30.74 75.90 7.82
C PHE A 1121 31.06 76.21 6.36
N VAL A 1122 32.30 76.62 6.11
CA VAL A 1122 32.70 77.13 4.80
C VAL A 1122 33.30 75.99 4.00
N SER A 1123 32.95 75.92 2.72
CA SER A 1123 33.55 74.91 1.83
C SER A 1123 33.41 75.40 0.39
N GLY A 1124 34.52 75.80 -0.22
CA GLY A 1124 34.52 76.13 -1.63
C GLY A 1124 34.13 77.57 -1.90
N ASN A 1125 33.44 77.79 -3.01
CA ASN A 1125 32.98 79.12 -3.40
C ASN A 1125 31.66 78.97 -4.14
N CYS A 1126 31.22 80.06 -4.78
CA CYS A 1126 29.89 80.15 -5.36
C CYS A 1126 29.81 79.65 -6.80
N ASP A 1127 30.94 79.32 -7.43
CA ASP A 1127 30.94 78.98 -8.84
C ASP A 1127 30.70 77.49 -9.10
N VAL A 1128 30.64 76.67 -8.05
CA VAL A 1128 30.50 75.23 -8.19
C VAL A 1128 29.11 74.75 -7.77
N VAL A 1129 28.59 75.27 -6.66
CA VAL A 1129 27.30 74.84 -6.15
C VAL A 1129 26.20 75.27 -7.14
N ILE A 1130 25.16 74.46 -7.24
CA ILE A 1130 24.03 74.74 -8.12
C ILE A 1130 22.85 75.14 -7.25
N GLY A 1131 22.38 76.37 -7.42
CA GLY A 1131 21.29 76.90 -6.64
C GLY A 1131 21.70 77.76 -5.46
N ILE A 1132 22.97 78.17 -5.39
CA ILE A 1132 23.45 78.93 -4.24
C ILE A 1132 22.87 80.34 -4.29
N VAL A 1133 22.63 80.91 -3.10
CA VAL A 1133 22.04 82.24 -3.01
C VAL A 1133 22.95 83.16 -2.19
N ASN A 1134 22.58 84.44 -2.10
CA ASN A 1134 23.34 85.45 -1.39
C ASN A 1134 22.61 85.87 -0.13
N ASN A 1135 23.39 86.10 0.94
CA ASN A 1135 22.85 86.62 2.20
C ASN A 1135 24.04 87.04 3.05
N THR A 1136 23.77 87.45 4.29
CA THR A 1136 24.79 87.87 5.24
C THR A 1136 24.90 86.84 6.36
N VAL A 1137 26.12 86.44 6.66
CA VAL A 1137 26.43 85.55 7.78
C VAL A 1137 26.98 86.39 8.91
N TYR A 1138 26.26 86.44 10.03
CA TYR A 1138 26.64 87.31 11.13
C TYR A 1138 27.70 86.65 11.99
N ASP A 1139 28.72 87.44 12.35
CA ASP A 1139 29.84 86.92 13.12
C ASP A 1139 29.66 87.28 14.58
N PRO A 1140 29.62 86.30 15.49
CA PRO A 1140 29.51 86.64 16.93
C PRO A 1140 30.70 87.41 17.46
N LEU A 1141 31.84 87.39 16.75
CA LEU A 1141 33.08 87.95 17.27
C LEU A 1141 33.21 89.45 17.00
N GLN A 1142 32.69 89.93 15.88
CA GLN A 1142 32.86 91.33 15.50
C GLN A 1142 32.31 92.31 16.53
N PRO A 1143 31.09 92.14 17.05
CA PRO A 1143 30.61 93.08 18.08
C PRO A 1143 31.51 93.16 19.30
N GLU A 1144 32.08 92.02 19.72
CA GLU A 1144 32.96 92.03 20.89
C GLU A 1144 34.17 92.92 20.66
N LEU A 1145 34.80 92.80 19.49
CA LEU A 1145 35.92 93.68 19.17
C LEU A 1145 35.47 95.13 19.05
N ASP A 1146 34.28 95.34 18.47
CA ASP A 1146 33.78 96.71 18.30
C ASP A 1146 33.58 97.40 19.64
N SER A 1147 33.03 96.68 20.62
CA SER A 1147 32.81 97.23 21.95
C SER A 1147 34.02 97.00 22.85
N ALA B 27 28.83 -5.49 -45.79
CA ALA B 27 28.63 -4.05 -45.95
C ALA B 27 27.62 -3.53 -44.94
N TYR B 28 27.97 -2.45 -44.25
CA TYR B 28 27.12 -1.85 -43.22
C TYR B 28 26.95 -0.37 -43.51
N THR B 29 25.82 0.18 -43.06
CA THR B 29 25.49 1.58 -43.29
C THR B 29 24.90 2.16 -42.01
N ASN B 30 24.98 3.47 -41.89
CA ASN B 30 24.48 4.18 -40.72
C ASN B 30 22.94 4.20 -40.73
N SER B 31 22.36 4.28 -39.54
CA SER B 31 20.91 4.30 -39.37
C SER B 31 20.45 5.53 -38.60
N PHE B 32 20.87 6.72 -39.04
CA PHE B 32 20.89 7.95 -38.25
C PHE B 32 19.67 8.14 -37.36
N THR B 33 18.48 8.30 -37.96
CA THR B 33 17.26 8.51 -37.18
C THR B 33 16.06 7.79 -37.76
N ARG B 34 16.24 6.87 -38.72
CA ARG B 34 15.11 6.21 -39.34
C ARG B 34 14.63 5.05 -38.46
N GLY B 35 13.45 4.54 -38.80
CA GLY B 35 12.86 3.46 -38.04
C GLY B 35 11.91 3.86 -36.95
N VAL B 36 11.32 5.05 -37.02
CA VAL B 36 10.37 5.52 -36.02
C VAL B 36 8.97 5.36 -36.59
N TYR B 37 8.08 4.79 -35.78
CA TYR B 37 6.69 4.57 -36.17
C TYR B 37 5.78 4.93 -35.00
N TYR B 38 4.49 5.02 -35.27
CA TYR B 38 3.53 5.27 -34.21
C TYR B 38 3.32 4.01 -33.39
N PRO B 39 3.66 4.01 -32.10
CA PRO B 39 3.59 2.75 -31.33
C PRO B 39 2.19 2.19 -31.24
N ASP B 40 1.17 3.04 -31.31
CA ASP B 40 -0.22 2.61 -31.23
C ASP B 40 -1.00 3.40 -32.27
N LYS B 41 -2.33 3.31 -32.20
CA LYS B 41 -3.23 4.00 -33.13
C LYS B 41 -4.09 5.03 -32.40
N VAL B 42 -3.50 5.69 -31.41
CA VAL B 42 -4.17 6.75 -30.66
C VAL B 42 -3.52 8.08 -31.03
N PHE B 43 -4.36 9.09 -31.26
CA PHE B 43 -3.92 10.38 -31.75
C PHE B 43 -3.45 11.27 -30.61
N ARG B 44 -2.20 11.73 -30.68
CA ARG B 44 -1.65 12.70 -29.76
C ARG B 44 -1.08 13.85 -30.56
N SER B 45 -1.16 15.07 -30.00
CA SER B 45 -0.69 16.24 -30.69
C SER B 45 -0.01 17.19 -29.72
N SER B 46 1.06 17.82 -30.19
CA SER B 46 1.80 18.83 -29.42
C SER B 46 2.14 18.31 -28.02
N VAL B 47 2.91 17.23 -27.98
CA VAL B 47 3.23 16.59 -26.70
C VAL B 47 4.51 15.79 -26.86
N LEU B 48 5.29 15.73 -25.79
CA LEU B 48 6.46 14.85 -25.69
C LEU B 48 6.03 13.65 -24.85
N HIS B 49 5.99 12.47 -25.47
CA HIS B 49 5.47 11.28 -24.81
C HIS B 49 6.53 10.19 -24.76
N SER B 50 6.57 9.45 -23.66
CA SER B 50 7.56 8.41 -23.43
C SER B 50 6.88 7.05 -23.54
N THR B 51 7.52 6.13 -24.25
CA THR B 51 6.99 4.78 -24.39
C THR B 51 8.12 3.85 -24.81
N GLN B 52 8.08 2.62 -24.33
CA GLN B 52 9.10 1.63 -24.66
C GLN B 52 8.48 0.50 -25.47
N ASP B 53 9.14 0.15 -26.57
CA ASP B 53 8.72 -0.93 -27.44
C ASP B 53 9.90 -1.31 -28.34
N LEU B 54 9.62 -2.12 -29.36
CA LEU B 54 10.63 -2.55 -30.32
C LEU B 54 10.83 -1.43 -31.35
N PHE B 55 11.98 -0.75 -31.27
CA PHE B 55 12.33 0.30 -32.22
C PHE B 55 13.70 0.01 -32.82
N LEU B 56 14.00 0.69 -33.91
CA LEU B 56 15.32 0.61 -34.52
C LEU B 56 16.26 1.56 -33.78
N PRO B 57 17.30 1.06 -33.13
CA PRO B 57 18.24 1.95 -32.43
C PRO B 57 18.91 2.92 -33.39
N PHE B 58 19.02 4.18 -32.97
CA PHE B 58 19.60 5.22 -33.80
C PHE B 58 21.07 4.94 -34.08
N PHE B 59 21.51 5.29 -35.29
CA PHE B 59 22.90 5.15 -35.70
C PHE B 59 23.39 3.71 -35.59
N SER B 60 22.50 2.76 -35.87
CA SER B 60 22.87 1.36 -35.88
C SER B 60 23.47 0.97 -37.22
N ASN B 61 24.15 -0.19 -37.22
CA ASN B 61 24.59 -0.80 -38.46
C ASN B 61 23.40 -1.46 -39.16
N VAL B 62 23.20 -1.15 -40.43
CA VAL B 62 22.24 -1.85 -41.27
C VAL B 62 22.98 -2.52 -42.42
N THR B 63 22.79 -3.82 -42.57
CA THR B 63 23.49 -4.57 -43.61
C THR B 63 23.07 -4.08 -44.99
N TRP B 64 24.05 -3.95 -45.89
CA TRP B 64 23.80 -3.54 -47.26
C TRP B 64 23.97 -4.75 -48.18
N PHE B 65 22.89 -5.13 -48.86
CA PHE B 65 22.89 -6.28 -49.76
C PHE B 65 22.91 -5.80 -51.21
N HIS B 66 22.98 -6.76 -52.13
CA HIS B 66 23.00 -6.47 -53.55
C HIS B 66 22.29 -7.57 -54.35
N ASN B 81 20.09 -12.62 -52.44
CA ASN B 81 19.00 -12.55 -51.48
C ASN B 81 19.01 -13.74 -50.52
N PRO B 82 20.01 -13.80 -49.64
CA PRO B 82 20.10 -14.93 -48.71
C PRO B 82 19.03 -14.83 -47.61
N VAL B 83 18.84 -15.97 -46.92
CA VAL B 83 17.91 -16.02 -45.81
C VAL B 83 18.49 -15.31 -44.60
N LEU B 84 17.63 -14.61 -43.87
CA LEU B 84 18.02 -13.80 -42.73
C LEU B 84 17.14 -14.13 -41.54
N PRO B 85 17.63 -13.92 -40.32
CA PRO B 85 16.79 -14.17 -39.14
C PRO B 85 15.69 -13.12 -39.01
N PHE B 86 14.81 -13.35 -38.04
CA PHE B 86 13.72 -12.44 -37.70
C PHE B 86 13.65 -12.28 -36.17
N ASN B 87 14.80 -11.97 -35.57
CA ASN B 87 14.99 -12.04 -34.11
C ASN B 87 13.78 -11.55 -33.32
N ASP B 88 13.43 -10.27 -33.47
CA ASP B 88 12.22 -9.75 -32.84
C ASP B 88 11.41 -8.90 -33.81
N GLY B 89 12.09 -8.27 -34.76
CA GLY B 89 11.43 -7.40 -35.73
C GLY B 89 12.43 -6.83 -36.72
N VAL B 90 11.98 -6.58 -37.95
CA VAL B 90 12.89 -6.22 -39.05
C VAL B 90 12.48 -4.88 -39.60
N TYR B 91 13.45 -3.97 -39.69
CA TYR B 91 13.31 -2.72 -40.44
C TYR B 91 13.94 -2.94 -41.82
N PHE B 92 13.09 -2.97 -42.85
CA PHE B 92 13.50 -3.26 -44.21
C PHE B 92 13.39 -1.98 -45.03
N ALA B 93 14.53 -1.44 -45.45
CA ALA B 93 14.56 -0.23 -46.27
C ALA B 93 14.96 -0.59 -47.68
N SER B 94 14.45 0.17 -48.65
CA SER B 94 14.78 -0.09 -50.04
C SER B 94 14.79 1.20 -50.85
N THR B 95 15.90 1.45 -51.54
CA THR B 95 16.00 2.52 -52.51
C THR B 95 16.01 1.88 -53.90
N GLU B 96 15.07 2.30 -54.75
CA GLU B 96 14.92 1.65 -56.04
C GLU B 96 14.25 2.60 -57.03
N LYS B 97 14.43 2.29 -58.31
CA LYS B 97 13.74 3.00 -59.38
C LYS B 97 13.07 2.06 -60.39
N SER B 98 13.36 0.76 -60.35
CA SER B 98 12.75 -0.20 -61.25
C SER B 98 11.87 -1.23 -60.55
N ASN B 99 11.68 -1.12 -59.23
CA ASN B 99 10.82 -2.02 -58.46
C ASN B 99 11.22 -3.48 -58.63
N ILE B 100 12.52 -3.74 -58.48
CA ILE B 100 13.03 -5.11 -58.59
C ILE B 100 12.46 -5.98 -57.47
N ILE B 101 12.41 -5.46 -56.25
CA ILE B 101 11.88 -6.21 -55.12
C ILE B 101 10.39 -6.44 -55.33
N ARG B 102 9.94 -7.66 -55.06
CA ARG B 102 8.53 -7.98 -55.27
C ARG B 102 7.85 -8.59 -54.06
N GLY B 103 8.54 -9.41 -53.27
CA GLY B 103 7.87 -10.08 -52.19
C GLY B 103 8.77 -10.42 -51.03
N TRP B 104 8.17 -11.00 -50.00
CA TRP B 104 8.88 -11.46 -48.80
C TRP B 104 8.31 -12.80 -48.37
N ILE B 105 9.17 -13.62 -47.74
CA ILE B 105 8.78 -14.90 -47.18
C ILE B 105 9.30 -14.97 -45.75
N PHE B 106 8.42 -15.32 -44.81
CA PHE B 106 8.75 -15.43 -43.39
C PHE B 106 8.41 -16.82 -42.90
N GLY B 107 9.15 -17.30 -41.91
CA GLY B 107 8.86 -18.60 -41.33
C GLY B 107 10.02 -19.09 -40.49
N THR B 108 9.98 -20.39 -40.19
CA THR B 108 11.05 -21.06 -39.44
C THR B 108 11.92 -21.92 -40.33
N THR B 109 11.30 -22.82 -41.09
CA THR B 109 12.02 -23.69 -42.02
C THR B 109 11.95 -23.20 -43.47
N LEU B 110 10.98 -22.36 -43.79
CA LEU B 110 10.79 -21.84 -45.15
C LEU B 110 10.61 -22.97 -46.16
N ASP B 111 9.99 -24.06 -45.74
CA ASP B 111 9.69 -25.18 -46.61
C ASP B 111 8.43 -25.86 -46.08
N SER B 112 7.96 -26.88 -46.80
CA SER B 112 6.73 -27.57 -46.47
C SER B 112 6.84 -28.28 -45.12
N LYS B 113 5.73 -28.89 -44.68
CA LYS B 113 5.52 -29.56 -43.40
C LYS B 113 5.24 -28.56 -42.28
N THR B 114 5.25 -27.26 -42.56
CA THR B 114 4.93 -26.23 -41.58
C THR B 114 4.37 -25.02 -42.34
N GLN B 115 3.83 -24.07 -41.57
CA GLN B 115 3.27 -22.85 -42.14
C GLN B 115 4.35 -21.80 -42.32
N SER B 116 4.11 -20.91 -43.28
CA SER B 116 5.05 -19.84 -43.58
C SER B 116 4.30 -18.71 -44.27
N LEU B 117 4.62 -17.48 -43.87
CA LEU B 117 4.01 -16.30 -44.47
C LEU B 117 4.67 -15.98 -45.80
N LEU B 118 3.85 -15.62 -46.78
CA LEU B 118 4.33 -15.19 -48.09
C LEU B 118 3.52 -13.97 -48.54
N ILE B 119 4.21 -12.88 -48.83
CA ILE B 119 3.61 -11.66 -49.38
C ILE B 119 4.24 -11.41 -50.73
N VAL B 120 3.41 -11.15 -51.74
CA VAL B 120 3.89 -11.00 -53.12
C VAL B 120 3.12 -9.88 -53.80
N ASN B 121 3.84 -8.88 -54.29
CA ASN B 121 3.27 -7.89 -55.18
C ASN B 121 3.17 -8.44 -56.60
N ASN B 122 2.00 -8.30 -57.22
CA ASN B 122 1.78 -8.76 -58.60
C ASN B 122 1.01 -7.64 -59.31
N ALA B 123 1.76 -6.68 -59.84
CA ALA B 123 1.44 -5.89 -61.03
C ALA B 123 0.16 -5.07 -60.89
N THR B 124 -0.69 -5.43 -59.93
CA THR B 124 -1.83 -4.62 -59.51
C THR B 124 -2.12 -4.70 -58.04
N ASN B 125 -1.64 -5.71 -57.31
CA ASN B 125 -2.10 -5.89 -55.94
C ASN B 125 -1.16 -6.82 -55.19
N VAL B 126 -1.31 -6.82 -53.87
CA VAL B 126 -0.48 -7.64 -52.98
C VAL B 126 -1.31 -8.85 -52.55
N VAL B 127 -0.71 -10.03 -52.63
CA VAL B 127 -1.32 -11.28 -52.20
C VAL B 127 -0.56 -11.78 -50.98
N ILE B 128 -1.30 -12.11 -49.93
CA ILE B 128 -0.72 -12.58 -48.68
C ILE B 128 -1.32 -13.94 -48.35
N LYS B 129 -0.45 -14.92 -48.10
CA LYS B 129 -0.87 -16.29 -47.85
C LYS B 129 0.01 -16.89 -46.77
N VAL B 130 -0.50 -17.94 -46.11
CA VAL B 130 0.24 -18.59 -45.04
C VAL B 130 0.22 -20.10 -45.22
N CYS B 131 0.03 -20.55 -46.46
CA CYS B 131 -0.05 -21.98 -46.73
C CYS B 131 1.30 -22.66 -46.45
N GLU B 132 1.27 -23.99 -46.37
CA GLU B 132 2.47 -24.80 -46.28
C GLU B 132 3.07 -24.97 -47.67
N PHE B 133 3.77 -23.93 -48.12
CA PHE B 133 4.23 -23.87 -49.50
C PHE B 133 5.43 -24.78 -49.72
N GLN B 134 5.59 -25.24 -50.95
CA GLN B 134 6.77 -25.98 -51.39
C GLN B 134 7.65 -24.99 -52.15
N PHE B 135 8.51 -24.29 -51.42
CA PHE B 135 9.35 -23.26 -52.01
C PHE B 135 10.50 -23.87 -52.81
N CYS B 136 11.00 -23.08 -53.76
CA CYS B 136 12.18 -23.44 -54.52
C CYS B 136 13.44 -23.19 -53.69
N ASN B 137 14.56 -23.74 -54.17
CA ASN B 137 15.84 -23.52 -53.48
C ASN B 137 16.22 -22.04 -53.48
N ASP B 138 16.04 -21.36 -54.61
CA ASP B 138 16.34 -19.94 -54.74
C ASP B 138 15.15 -19.23 -55.37
N PRO B 139 14.06 -19.07 -54.61
CA PRO B 139 12.83 -18.50 -55.19
C PRO B 139 13.03 -17.04 -55.57
N PHE B 140 12.30 -16.62 -56.61
CA PHE B 140 12.32 -15.24 -57.08
C PHE B 140 11.23 -15.01 -58.12
N ASN B 164 -0.43 -26.07 -49.14
CA ASN B 164 -1.79 -26.33 -48.71
C ASN B 164 -1.98 -26.03 -47.24
N ASN B 165 -3.13 -26.45 -46.69
CA ASN B 165 -3.47 -26.23 -45.29
C ASN B 165 -3.41 -24.75 -44.92
N CYS B 166 -3.84 -23.89 -45.84
CA CYS B 166 -3.82 -22.46 -45.60
C CYS B 166 -4.78 -22.09 -44.48
N THR B 167 -4.36 -21.14 -43.64
CA THR B 167 -5.21 -20.60 -42.58
C THR B 167 -5.65 -19.17 -42.84
N PHE B 168 -5.02 -18.48 -43.79
CA PHE B 168 -5.38 -17.09 -44.11
C PHE B 168 -4.92 -16.80 -45.54
N GLU B 169 -5.70 -15.96 -46.22
CA GLU B 169 -5.38 -15.56 -47.58
C GLU B 169 -6.08 -14.24 -47.88
N TYR B 170 -5.31 -13.26 -48.32
CA TYR B 170 -5.83 -11.92 -48.60
C TYR B 170 -5.31 -11.42 -49.93
N VAL B 171 -6.16 -10.70 -50.66
CA VAL B 171 -5.81 -10.05 -51.92
C VAL B 171 -6.28 -8.61 -51.84
N SER B 172 -5.40 -7.67 -52.21
CA SER B 172 -5.74 -6.26 -52.20
C SER B 172 -6.37 -5.83 -53.53
N ASN B 188 13.29 6.19 -55.44
CA ASN B 188 12.17 6.04 -54.51
C ASN B 188 12.58 5.21 -53.29
N LEU B 189 12.18 5.67 -52.11
CA LEU B 189 12.50 5.02 -50.85
C LEU B 189 11.26 4.38 -50.28
N ARG B 190 11.37 3.12 -49.88
CA ARG B 190 10.28 2.39 -49.22
C ARG B 190 10.83 1.83 -47.92
N GLU B 191 10.26 2.27 -46.80
CA GLU B 191 10.62 1.77 -45.48
C GLU B 191 9.50 0.88 -44.97
N PHE B 192 9.88 -0.23 -44.33
CA PHE B 192 8.94 -1.18 -43.76
C PHE B 192 9.42 -1.61 -42.39
N VAL B 193 8.45 -1.90 -41.52
CA VAL B 193 8.71 -2.46 -40.19
C VAL B 193 7.81 -3.67 -40.02
N PHE B 194 8.41 -4.82 -39.76
CA PHE B 194 7.69 -6.07 -39.52
C PHE B 194 7.93 -6.48 -38.08
N LYS B 195 6.85 -6.73 -37.34
CA LYS B 195 6.98 -7.09 -35.94
C LYS B 195 5.91 -8.10 -35.55
N ASN B 196 6.07 -8.69 -34.37
CA ASN B 196 5.11 -9.63 -33.84
C ASN B 196 4.72 -9.27 -32.41
N TYR B 200 0.53 -10.73 -32.59
CA TYR B 200 0.37 -11.12 -33.98
C TYR B 200 1.19 -10.21 -34.89
N PHE B 201 1.10 -10.45 -36.20
CA PHE B 201 1.99 -9.80 -37.15
C PHE B 201 1.52 -8.39 -37.46
N LYS B 202 2.48 -7.46 -37.50
CA LYS B 202 2.20 -6.06 -37.74
C LYS B 202 3.17 -5.53 -38.79
N ILE B 203 2.63 -4.88 -39.82
CA ILE B 203 3.41 -4.30 -40.91
C ILE B 203 3.12 -2.81 -40.95
N TYR B 204 4.15 -2.01 -40.71
CA TYR B 204 4.13 -0.56 -40.88
C TYR B 204 5.01 -0.22 -42.08
N SER B 205 4.76 0.94 -42.69
CA SER B 205 5.56 1.30 -43.85
C SER B 205 5.42 2.78 -44.16
N LYS B 206 6.25 3.22 -45.11
CA LYS B 206 6.25 4.59 -45.62
C LYS B 206 6.91 4.60 -47.00
N HIS B 207 6.40 5.44 -47.88
CA HIS B 207 6.93 5.60 -49.23
C HIS B 207 7.24 7.07 -49.47
N THR B 208 8.44 7.35 -49.97
CA THR B 208 8.92 8.71 -50.18
C THR B 208 9.68 8.76 -51.49
N PRO B 209 9.79 9.95 -52.09
CA PRO B 209 10.66 10.11 -53.26
C PRO B 209 12.07 10.55 -52.87
N ILE B 210 13.03 10.13 -53.69
CA ILE B 210 14.43 10.47 -53.48
C ILE B 210 15.08 10.88 -54.79
N ASP B 215 24.87 6.12 -48.51
CA ASP B 215 23.93 5.64 -49.51
C ASP B 215 22.49 5.74 -49.01
N LEU B 216 22.31 5.54 -47.70
CA LEU B 216 21.00 5.68 -47.08
C LEU B 216 20.77 7.14 -46.73
N PRO B 217 19.76 7.79 -47.32
CA PRO B 217 19.57 9.23 -47.06
C PRO B 217 19.30 9.51 -45.60
N GLN B 218 19.85 10.63 -45.12
CA GLN B 218 19.65 11.06 -43.74
C GLN B 218 18.39 11.90 -43.62
N GLY B 219 17.74 11.80 -42.48
CA GLY B 219 16.51 12.52 -42.23
C GLY B 219 15.67 11.81 -41.18
N PHE B 220 14.48 12.36 -40.96
CA PHE B 220 13.54 11.83 -39.99
C PHE B 220 12.17 11.72 -40.62
N SER B 221 11.51 10.58 -40.41
CA SER B 221 10.16 10.37 -40.92
C SER B 221 9.44 9.40 -40.01
N ALA B 222 8.12 9.48 -40.01
CA ALA B 222 7.27 8.64 -39.17
C ALA B 222 6.50 7.67 -40.06
N LEU B 223 6.66 6.38 -39.80
CA LEU B 223 5.95 5.36 -40.55
C LEU B 223 4.57 5.13 -39.95
N GLU B 224 3.62 4.78 -40.82
CA GLU B 224 2.25 4.58 -40.36
C GLU B 224 1.87 3.10 -40.43
N PRO B 225 1.01 2.64 -39.52
CA PRO B 225 0.52 1.26 -39.60
C PRO B 225 -0.23 1.02 -40.90
N LEU B 226 0.03 -0.12 -41.53
CA LEU B 226 -0.62 -0.48 -42.78
C LEU B 226 -1.39 -1.79 -42.69
N VAL B 227 -0.76 -2.86 -42.19
CA VAL B 227 -1.35 -4.20 -42.27
C VAL B 227 -1.27 -4.86 -40.90
N ASP B 228 -2.34 -5.53 -40.50
CA ASP B 228 -2.37 -6.38 -39.32
C ASP B 228 -2.75 -7.80 -39.71
N LEU B 229 -1.92 -8.77 -39.35
CA LEU B 229 -2.18 -10.18 -39.62
C LEU B 229 -2.33 -10.93 -38.32
N PRO B 230 -3.55 -11.27 -37.90
CA PRO B 230 -3.74 -12.07 -36.67
C PRO B 230 -3.56 -13.56 -36.93
N ILE B 231 -2.34 -13.95 -37.27
CA ILE B 231 -2.02 -15.33 -37.61
C ILE B 231 -1.29 -16.03 -36.48
N GLY B 232 -0.41 -15.32 -35.77
CA GLY B 232 0.35 -15.90 -34.68
C GLY B 232 1.26 -17.02 -35.13
N ILE B 233 1.99 -16.80 -36.21
CA ILE B 233 2.90 -17.80 -36.77
C ILE B 233 4.28 -17.61 -36.17
N ASN B 234 4.90 -18.70 -35.74
CA ASN B 234 6.28 -18.66 -35.27
C ASN B 234 7.20 -18.29 -36.41
N ILE B 235 7.93 -17.18 -36.25
CA ILE B 235 8.79 -16.63 -37.29
C ILE B 235 10.16 -16.38 -36.67
N THR B 236 11.18 -17.03 -37.20
CA THR B 236 12.56 -16.80 -36.79
C THR B 236 13.49 -16.49 -37.96
N ARG B 237 13.02 -16.60 -39.19
CA ARG B 237 13.86 -16.43 -40.37
C ARG B 237 12.99 -15.89 -41.50
N PHE B 238 13.63 -15.25 -42.48
CA PHE B 238 12.89 -14.70 -43.61
C PHE B 238 13.86 -14.44 -44.75
N GLN B 239 13.28 -14.14 -45.91
CA GLN B 239 14.04 -13.83 -47.12
C GLN B 239 13.21 -12.92 -48.02
N THR B 240 13.90 -12.22 -48.91
CA THR B 240 13.27 -11.34 -49.89
C THR B 240 13.25 -12.00 -51.26
N LEU B 241 12.29 -11.56 -52.08
CA LEU B 241 12.09 -12.11 -53.42
C LEU B 241 12.09 -10.93 -54.41
N LEU B 242 13.13 -10.84 -55.22
CA LEU B 242 13.29 -9.71 -56.13
C LEU B 242 13.57 -10.19 -57.56
N ALA B 263 18.42 -1.86 -57.86
CA ALA B 263 17.68 -1.68 -56.61
C ALA B 263 18.51 -2.15 -55.42
N ALA B 264 18.58 -1.31 -54.39
CA ALA B 264 19.34 -1.62 -53.19
C ALA B 264 18.39 -1.68 -51.99
N TYR B 265 18.78 -2.46 -50.98
CA TYR B 265 17.96 -2.59 -49.79
C TYR B 265 18.85 -2.88 -48.59
N TYR B 266 18.32 -2.55 -47.41
CA TYR B 266 19.01 -2.69 -46.14
C TYR B 266 18.09 -3.35 -45.14
N VAL B 267 18.69 -4.12 -44.22
CA VAL B 267 17.96 -4.86 -43.20
C VAL B 267 18.51 -4.48 -41.83
N GLY B 268 17.62 -4.19 -40.88
CA GLY B 268 18.03 -3.95 -39.52
C GLY B 268 17.10 -4.67 -38.55
N TYR B 269 17.56 -4.78 -37.31
CA TYR B 269 16.87 -5.53 -36.28
C TYR B 269 16.47 -4.61 -35.14
N LEU B 270 15.23 -4.74 -34.68
CA LEU B 270 14.68 -3.89 -33.63
C LEU B 270 15.14 -4.36 -32.26
N GLN B 271 15.17 -3.43 -31.32
CA GLN B 271 15.48 -3.68 -29.92
C GLN B 271 14.40 -3.07 -29.04
N PRO B 272 14.16 -3.65 -27.86
CA PRO B 272 13.17 -3.07 -26.91
C PRO B 272 13.72 -1.88 -26.14
N ARG B 273 13.62 -0.70 -26.76
CA ARG B 273 14.24 0.51 -26.24
C ARG B 273 13.21 1.60 -26.03
N THR B 274 13.32 2.29 -24.90
CA THR B 274 12.44 3.41 -24.60
C THR B 274 12.72 4.57 -25.54
N PHE B 275 11.66 5.27 -25.95
CA PHE B 275 11.77 6.41 -26.85
C PHE B 275 10.84 7.52 -26.37
N LEU B 276 11.30 8.76 -26.53
CA LEU B 276 10.47 9.94 -26.29
C LEU B 276 10.19 10.60 -27.63
N LEU B 277 8.92 10.61 -28.01
CA LEU B 277 8.47 11.09 -29.32
C LEU B 277 7.77 12.44 -29.18
N LYS B 278 7.90 13.27 -30.23
CA LYS B 278 7.40 14.64 -30.24
C LYS B 278 6.24 14.72 -31.22
N TYR B 279 5.02 14.55 -30.72
CA TYR B 279 3.82 14.63 -31.56
C TYR B 279 3.49 16.09 -31.83
N ASN B 280 3.57 16.48 -33.10
CA ASN B 280 3.22 17.83 -33.54
C ASN B 280 1.71 18.05 -33.36
N GLU B 281 1.29 19.32 -33.47
CA GLU B 281 -0.13 19.62 -33.41
C GLU B 281 -0.93 18.91 -34.50
N ASN B 282 -0.27 18.58 -35.61
CA ASN B 282 -0.90 17.77 -36.66
C ASN B 282 -0.89 16.28 -36.32
N GLY B 283 -0.38 15.89 -35.17
CA GLY B 283 -0.29 14.50 -34.80
C GLY B 283 0.81 13.72 -35.46
N THR B 284 1.76 14.39 -36.11
CA THR B 284 2.85 13.73 -36.80
C THR B 284 4.09 13.73 -35.92
N ILE B 285 4.80 12.60 -35.91
CA ILE B 285 6.05 12.46 -35.17
C ILE B 285 7.14 13.23 -35.89
N THR B 286 7.45 14.44 -35.41
CA THR B 286 8.46 15.27 -36.05
C THR B 286 9.87 15.04 -35.49
N ASP B 287 10.00 14.32 -34.38
CA ASP B 287 11.31 14.03 -33.81
C ASP B 287 11.15 13.01 -32.69
N ALA B 288 12.25 12.35 -32.35
CA ALA B 288 12.24 11.38 -31.27
C ALA B 288 13.66 11.25 -30.71
N VAL B 289 13.75 10.78 -29.47
CA VAL B 289 15.02 10.51 -28.81
C VAL B 289 15.01 9.08 -28.30
N ASP B 290 16.05 8.32 -28.65
CA ASP B 290 16.31 7.00 -28.11
C ASP B 290 16.93 7.13 -26.72
N CYS B 291 16.14 6.83 -25.69
CA CYS B 291 16.53 7.11 -24.31
C CYS B 291 17.73 6.29 -23.84
N ALA B 292 18.25 5.38 -24.67
CA ALA B 292 19.41 4.58 -24.29
C ALA B 292 20.62 4.79 -25.18
N LEU B 293 20.54 5.69 -26.17
CA LEU B 293 21.63 5.85 -27.13
C LEU B 293 22.90 6.36 -26.47
N ASP B 294 22.77 7.40 -25.63
CA ASP B 294 23.92 8.09 -25.05
C ASP B 294 23.48 8.72 -23.74
N PRO B 295 24.43 9.07 -22.86
CA PRO B 295 24.06 9.78 -21.63
C PRO B 295 23.32 11.08 -21.89
N LEU B 296 23.67 11.79 -22.95
CA LEU B 296 22.93 13.01 -23.30
C LEU B 296 21.47 12.68 -23.59
N SER B 297 21.22 11.60 -24.34
CA SER B 297 19.85 11.19 -24.59
C SER B 297 19.18 10.73 -23.30
N GLU B 298 19.93 10.08 -22.41
CA GLU B 298 19.42 9.72 -21.08
C GLU B 298 18.89 10.95 -20.35
N THR B 299 19.68 12.01 -20.32
CA THR B 299 19.24 13.26 -19.70
C THR B 299 18.03 13.82 -20.43
N LYS B 300 18.02 13.75 -21.76
CA LYS B 300 16.91 14.28 -22.54
C LYS B 300 15.60 13.60 -22.14
N CYS B 301 15.60 12.27 -22.01
CA CYS B 301 14.36 11.59 -21.66
C CYS B 301 14.01 11.78 -20.19
N THR B 302 15.02 11.74 -19.30
CA THR B 302 14.73 11.87 -17.88
C THR B 302 14.14 13.23 -17.53
N LEU B 303 14.44 14.26 -18.32
CA LEU B 303 13.84 15.57 -18.13
C LEU B 303 12.60 15.79 -18.98
N LYS B 304 12.24 14.83 -19.83
CA LYS B 304 11.07 14.92 -20.71
C LYS B 304 11.15 16.17 -21.60
N SER B 305 12.27 16.32 -22.29
CA SER B 305 12.44 17.43 -23.22
C SER B 305 13.52 17.07 -24.24
N PHE B 306 13.42 17.70 -25.41
CA PHE B 306 14.42 17.54 -26.46
C PHE B 306 15.58 18.51 -26.32
N THR B 307 15.51 19.45 -25.38
CA THR B 307 16.58 20.42 -25.15
C THR B 307 16.88 20.44 -23.66
N VAL B 308 18.16 20.59 -23.32
CA VAL B 308 18.62 20.57 -21.94
C VAL B 308 19.44 21.82 -21.68
N GLU B 309 19.12 22.52 -20.60
CA GLU B 309 19.89 23.68 -20.19
C GLU B 309 21.17 23.25 -19.50
N LYS B 310 22.12 24.19 -19.41
CA LYS B 310 23.39 23.93 -18.76
C LYS B 310 23.17 23.55 -17.29
N GLY B 311 23.90 22.56 -16.83
CA GLY B 311 23.82 22.13 -15.44
C GLY B 311 24.22 20.68 -15.31
N ILE B 312 24.05 20.17 -14.10
CA ILE B 312 24.32 18.77 -13.77
C ILE B 312 23.02 18.13 -13.31
N TYR B 313 22.65 17.02 -13.94
CA TYR B 313 21.42 16.32 -13.61
C TYR B 313 21.74 14.86 -13.30
N GLN B 314 20.91 14.27 -12.45
CA GLN B 314 20.97 12.84 -12.17
C GLN B 314 19.93 12.13 -13.02
N THR B 315 20.35 11.07 -13.70
CA THR B 315 19.48 10.39 -14.65
C THR B 315 19.24 8.93 -14.34
N SER B 316 20.20 8.23 -13.72
CA SER B 316 20.06 6.81 -13.45
C SER B 316 21.08 6.42 -12.38
N ASN B 317 21.15 5.12 -12.10
CA ASN B 317 22.03 4.59 -11.07
C ASN B 317 22.86 3.45 -11.67
N PHE B 318 24.17 3.56 -11.56
CA PHE B 318 25.08 2.48 -11.92
C PHE B 318 25.16 1.49 -10.76
N ARG B 319 24.95 0.22 -11.06
CA ARG B 319 25.00 -0.85 -10.07
C ARG B 319 25.63 -2.07 -10.72
N VAL B 320 26.71 -2.57 -10.11
CA VAL B 320 27.35 -3.78 -10.61
C VAL B 320 26.45 -4.97 -10.35
N GLN B 321 26.29 -5.83 -11.37
CA GLN B 321 25.41 -6.98 -11.22
C GLN B 321 26.20 -8.18 -10.70
N PRO B 322 25.52 -9.08 -9.98
CA PRO B 322 26.21 -10.28 -9.48
C PRO B 322 26.58 -11.22 -10.61
N THR B 323 27.86 -11.58 -10.66
CA THR B 323 28.37 -12.36 -11.79
C THR B 323 27.84 -13.79 -11.75
N GLU B 324 27.75 -14.39 -10.56
CA GLU B 324 27.16 -15.71 -10.43
C GLU B 324 26.54 -15.82 -9.04
N SER B 325 26.03 -17.02 -8.73
CA SER B 325 25.36 -17.31 -7.48
C SER B 325 26.13 -18.34 -6.68
N ILE B 326 26.07 -18.22 -5.35
CA ILE B 326 26.68 -19.18 -4.44
C ILE B 326 25.65 -19.58 -3.40
N VAL B 327 25.65 -20.86 -3.04
CA VAL B 327 24.76 -21.42 -2.03
C VAL B 327 25.61 -22.22 -1.05
N ARG B 328 25.43 -21.96 0.25
CA ARG B 328 26.25 -22.59 1.28
C ARG B 328 25.35 -23.15 2.38
N PHE B 329 25.56 -24.42 2.72
CA PHE B 329 24.84 -25.11 3.78
C PHE B 329 25.85 -25.93 4.57
N PRO B 330 25.52 -26.29 5.82
CA PRO B 330 26.43 -27.12 6.62
C PRO B 330 26.70 -28.48 5.98
N ASN B 331 27.67 -29.18 6.57
CA ASN B 331 28.10 -30.47 6.06
C ASN B 331 26.99 -31.51 6.19
N ILE B 332 26.73 -32.25 5.11
CA ILE B 332 25.67 -33.23 5.11
C ILE B 332 26.08 -34.43 5.96
N THR B 333 25.35 -34.66 7.04
CA THR B 333 25.59 -35.79 7.93
C THR B 333 24.25 -36.42 8.29
N ASN B 334 24.32 -37.52 9.05
CA ASN B 334 23.13 -38.20 9.59
C ASN B 334 22.20 -38.68 8.47
N LEU B 335 22.77 -39.48 7.57
CA LEU B 335 21.95 -40.08 6.52
C LEU B 335 20.92 -41.03 7.12
N CYS B 336 19.67 -40.87 6.70
CA CYS B 336 18.61 -41.79 7.07
C CYS B 336 19.02 -43.25 6.83
N PRO B 337 18.71 -44.15 7.76
CA PRO B 337 19.15 -45.55 7.66
C PRO B 337 18.30 -46.37 6.70
N PHE B 338 18.23 -45.94 5.44
CA PHE B 338 17.57 -46.73 4.41
C PHE B 338 18.30 -48.03 4.12
N GLY B 339 19.59 -48.11 4.42
CA GLY B 339 20.30 -49.37 4.25
C GLY B 339 19.70 -50.46 5.09
N GLU B 340 19.40 -50.15 6.36
CA GLU B 340 18.84 -51.16 7.26
C GLU B 340 17.51 -51.71 6.73
N VAL B 341 16.89 -51.03 5.75
CA VAL B 341 15.59 -51.47 5.25
C VAL B 341 15.76 -52.24 3.94
N PHE B 342 16.28 -51.54 2.92
CA PHE B 342 16.37 -52.15 1.59
C PHE B 342 17.37 -53.30 1.56
N ASN B 343 18.36 -53.31 2.45
CA ASN B 343 19.43 -54.30 2.42
C ASN B 343 19.31 -55.33 3.56
N ALA B 344 18.15 -55.41 4.19
CA ALA B 344 17.97 -56.36 5.29
C ALA B 344 18.14 -57.79 4.80
N THR B 345 18.74 -58.63 5.65
CA THR B 345 19.00 -60.01 5.27
C THR B 345 17.75 -60.87 5.30
N ARG B 346 16.83 -60.60 6.22
CA ARG B 346 15.55 -61.30 6.30
C ARG B 346 14.41 -60.31 6.14
N PHE B 347 13.38 -60.71 5.41
CA PHE B 347 12.19 -59.92 5.20
C PHE B 347 11.00 -60.57 5.91
N ALA B 348 10.00 -59.75 6.21
CA ALA B 348 8.81 -60.21 6.91
C ALA B 348 7.86 -60.93 5.96
N SER B 349 7.04 -61.81 6.54
CA SER B 349 5.87 -62.31 5.84
C SER B 349 4.84 -61.20 5.69
N VAL B 350 4.13 -61.21 4.55
CA VAL B 350 3.31 -60.06 4.19
C VAL B 350 2.24 -59.80 5.25
N TYR B 351 1.68 -60.87 5.83
CA TYR B 351 0.65 -60.68 6.85
C TYR B 351 1.23 -59.99 8.08
N ALA B 352 2.50 -60.22 8.37
CA ALA B 352 3.20 -59.62 9.50
C ALA B 352 4.25 -58.61 9.03
N TRP B 353 3.91 -57.82 8.01
CA TRP B 353 4.87 -56.91 7.38
C TRP B 353 5.61 -56.07 8.40
N ASN B 354 6.86 -55.75 8.11
CA ASN B 354 7.68 -54.99 9.05
C ASN B 354 7.53 -53.50 8.77
N ARG B 355 7.57 -52.70 9.84
CA ARG B 355 7.51 -51.25 9.74
C ARG B 355 8.67 -50.62 10.50
N LYS B 356 9.47 -49.83 9.81
CA LYS B 356 10.54 -49.03 10.40
C LYS B 356 10.14 -47.55 10.31
N ARG B 357 10.04 -46.89 11.46
CA ARG B 357 9.77 -45.46 11.50
C ARG B 357 11.08 -44.70 11.41
N ILE B 358 11.20 -43.84 10.40
CA ILE B 358 12.41 -43.07 10.14
C ILE B 358 12.12 -41.60 10.44
N SER B 359 12.98 -41.00 11.24
CA SER B 359 12.85 -39.61 11.66
C SER B 359 14.24 -39.04 11.93
N ASN B 360 14.29 -37.72 12.05
CA ASN B 360 15.49 -36.96 12.46
C ASN B 360 16.75 -37.43 11.73
N CYS B 361 16.74 -37.21 10.42
CA CYS B 361 17.85 -37.65 9.56
C CYS B 361 17.70 -36.94 8.22
N VAL B 362 18.80 -36.91 7.47
CA VAL B 362 18.80 -36.42 6.10
C VAL B 362 18.72 -37.61 5.15
N ALA B 363 17.77 -37.55 4.21
CA ALA B 363 17.50 -38.65 3.29
C ALA B 363 18.15 -38.35 1.95
N ASP B 364 19.06 -39.22 1.53
CA ASP B 364 19.63 -39.18 0.18
C ASP B 364 18.84 -40.15 -0.68
N TYR B 365 17.88 -39.61 -1.45
CA TYR B 365 17.10 -40.44 -2.36
C TYR B 365 17.82 -40.74 -3.66
N SER B 366 18.96 -40.11 -3.93
CA SER B 366 19.73 -40.45 -5.12
C SER B 366 20.15 -41.91 -5.11
N VAL B 367 20.42 -42.46 -3.92
CA VAL B 367 20.76 -43.87 -3.80
C VAL B 367 19.65 -44.75 -4.36
N LEU B 368 18.40 -44.33 -4.21
CA LEU B 368 17.27 -45.17 -4.57
C LEU B 368 16.89 -45.08 -6.04
N TYR B 369 16.59 -43.87 -6.53
CA TYR B 369 16.02 -43.78 -7.88
C TYR B 369 17.07 -44.06 -8.95
N ASN B 370 18.34 -43.74 -8.68
CA ASN B 370 19.42 -44.02 -9.63
C ASN B 370 19.90 -45.47 -9.56
N SER B 371 19.10 -46.39 -9.05
CA SER B 371 19.50 -47.78 -8.91
C SER B 371 18.93 -48.60 -10.06
N ALA B 372 19.79 -49.36 -10.72
CA ALA B 372 19.38 -50.29 -11.76
C ALA B 372 18.82 -51.60 -11.23
N SER B 373 18.78 -51.77 -9.90
CA SER B 373 18.53 -53.07 -9.29
C SER B 373 17.08 -53.27 -8.88
N PHE B 374 16.19 -52.32 -9.19
CA PHE B 374 14.77 -52.46 -8.87
C PHE B 374 13.99 -52.74 -10.14
N SER B 375 13.05 -53.69 -10.05
CA SER B 375 12.16 -53.99 -11.16
C SER B 375 10.82 -53.29 -11.09
N THR B 376 10.40 -52.82 -9.91
CA THR B 376 9.19 -52.03 -9.77
C THR B 376 9.47 -50.81 -8.92
N PHE B 377 9.01 -49.64 -9.38
CA PHE B 377 9.28 -48.38 -8.69
C PHE B 377 8.22 -47.34 -9.07
N LYS B 378 7.07 -47.38 -8.39
CA LYS B 378 5.94 -46.53 -8.72
C LYS B 378 5.67 -45.59 -7.57
N CYS B 379 5.60 -44.29 -7.84
CA CYS B 379 5.32 -43.29 -6.82
C CYS B 379 3.99 -42.61 -7.09
N TYR B 380 3.25 -42.35 -6.01
CA TYR B 380 1.91 -41.78 -6.03
C TYR B 380 1.92 -40.53 -5.16
N GLY B 381 1.75 -39.37 -5.79
CA GLY B 381 1.66 -38.11 -5.09
C GLY B 381 2.97 -37.40 -4.84
N VAL B 382 4.08 -37.93 -5.34
CA VAL B 382 5.39 -37.30 -5.21
C VAL B 382 6.23 -37.70 -6.42
N SER B 383 7.00 -36.75 -6.94
CA SER B 383 7.94 -37.05 -8.01
C SER B 383 9.24 -37.58 -7.42
N PRO B 384 9.76 -38.72 -7.90
CA PRO B 384 10.97 -39.28 -7.29
C PRO B 384 12.16 -38.34 -7.34
N THR B 385 12.50 -37.84 -8.53
CA THR B 385 13.63 -36.92 -8.66
C THR B 385 13.42 -35.68 -7.80
N LYS B 386 12.19 -35.16 -7.74
CA LYS B 386 11.89 -33.95 -7.00
C LYS B 386 11.52 -34.23 -5.54
N LEU B 387 12.07 -35.29 -4.95
CA LEU B 387 11.89 -35.56 -3.53
C LEU B 387 12.97 -34.95 -2.66
N ASN B 388 14.14 -34.67 -3.23
CA ASN B 388 15.29 -34.25 -2.43
C ASN B 388 15.14 -32.84 -1.88
N ASP B 389 14.26 -32.02 -2.45
CA ASP B 389 13.97 -30.69 -1.93
C ASP B 389 12.65 -30.64 -1.17
N LEU B 390 12.28 -31.72 -0.50
CA LEU B 390 11.06 -31.78 0.32
C LEU B 390 11.41 -32.24 1.73
N CYS B 391 10.72 -31.67 2.71
CA CYS B 391 10.81 -32.14 4.09
C CYS B 391 9.49 -32.79 4.48
N PHE B 392 9.57 -33.87 5.26
CA PHE B 392 8.40 -34.48 5.87
C PHE B 392 8.60 -34.63 7.37
N THR B 393 7.51 -34.89 8.07
CA THR B 393 7.55 -35.05 9.52
C THR B 393 7.86 -36.48 9.95
N ASN B 394 7.49 -37.47 9.13
CA ASN B 394 7.81 -38.87 9.41
C ASN B 394 7.95 -39.61 8.09
N VAL B 395 8.83 -40.61 8.06
CA VAL B 395 8.87 -41.55 6.95
C VAL B 395 8.63 -42.95 7.51
N TYR B 396 7.79 -43.71 6.83
CA TYR B 396 7.51 -45.08 7.22
C TYR B 396 8.03 -46.02 6.13
N ALA B 397 8.73 -47.08 6.54
CA ALA B 397 9.24 -48.08 5.62
C ALA B 397 8.59 -49.41 5.97
N ASP B 398 7.69 -49.88 5.12
CA ASP B 398 7.04 -51.17 5.31
C ASP B 398 7.66 -52.16 4.34
N SER B 399 8.01 -53.34 4.82
CA SER B 399 8.70 -54.29 3.96
C SER B 399 8.16 -55.69 4.19
N PHE B 400 8.20 -56.48 3.11
CA PHE B 400 7.68 -57.84 3.13
C PHE B 400 8.06 -58.53 1.82
N VAL B 401 7.59 -59.76 1.66
CA VAL B 401 7.78 -60.54 0.45
C VAL B 401 6.42 -61.03 -0.02
N ILE B 402 6.17 -60.98 -1.33
CA ILE B 402 4.96 -61.53 -1.93
C ILE B 402 5.32 -62.23 -3.23
N ARG B 403 4.31 -62.80 -3.87
CA ARG B 403 4.50 -63.38 -5.20
C ARG B 403 4.70 -62.27 -6.22
N GLY B 404 5.38 -62.59 -7.32
CA GLY B 404 5.47 -61.65 -8.42
C GLY B 404 4.10 -61.26 -8.95
N ASP B 405 3.18 -62.23 -9.05
CA ASP B 405 1.85 -61.96 -9.54
C ASP B 405 1.09 -61.02 -8.62
N GLU B 406 1.59 -60.84 -7.39
CA GLU B 406 0.90 -60.07 -6.39
C GLU B 406 1.50 -58.67 -6.26
N VAL B 407 2.62 -58.41 -6.94
CA VAL B 407 3.28 -57.11 -6.79
C VAL B 407 2.33 -55.99 -7.21
N ARG B 408 1.54 -56.25 -8.24
CA ARG B 408 0.60 -55.25 -8.76
C ARG B 408 -0.47 -54.87 -7.74
N GLN B 409 -0.65 -55.68 -6.70
CA GLN B 409 -1.63 -55.38 -5.66
C GLN B 409 -1.15 -54.34 -4.66
N ILE B 410 0.15 -54.05 -4.61
CA ILE B 410 0.66 -53.03 -3.70
C ILE B 410 0.52 -51.67 -4.36
N ALA B 411 -0.70 -51.15 -4.40
CA ALA B 411 -1.00 -49.89 -5.04
C ALA B 411 -2.34 -49.38 -4.49
N PRO B 412 -2.59 -48.08 -4.54
CA PRO B 412 -3.92 -47.58 -4.14
C PRO B 412 -5.02 -48.19 -4.99
N GLY B 413 -6.12 -48.54 -4.33
CA GLY B 413 -7.31 -48.95 -5.04
C GLY B 413 -7.23 -50.32 -5.68
N GLN B 414 -6.33 -51.18 -5.21
CA GLN B 414 -6.19 -52.52 -5.74
C GLN B 414 -6.93 -53.53 -4.87
N THR B 415 -7.26 -54.67 -5.48
CA THR B 415 -7.93 -55.76 -4.80
C THR B 415 -7.10 -57.03 -4.92
N GLY B 416 -7.49 -58.05 -4.16
CA GLY B 416 -6.79 -59.32 -4.12
C GLY B 416 -6.46 -59.73 -2.70
N LYS B 417 -5.98 -60.97 -2.59
CA LYS B 417 -5.73 -61.56 -1.27
C LYS B 417 -4.77 -60.70 -0.45
N ILE B 418 -3.76 -60.13 -1.10
CA ILE B 418 -2.79 -59.30 -0.38
C ILE B 418 -3.38 -57.95 -0.02
N ALA B 419 -3.93 -57.24 -1.01
CA ALA B 419 -4.47 -55.92 -0.71
C ALA B 419 -5.67 -55.98 0.23
N ASP B 420 -6.46 -57.05 0.14
CA ASP B 420 -7.65 -57.15 1.00
C ASP B 420 -7.31 -57.68 2.39
N TYR B 421 -6.39 -58.64 2.49
CA TYR B 421 -6.22 -59.40 3.72
C TYR B 421 -4.81 -59.36 4.28
N ASN B 422 -3.85 -58.70 3.61
CA ASN B 422 -2.48 -58.75 4.08
C ASN B 422 -1.87 -57.36 4.25
N TYR B 423 -1.86 -56.57 3.18
CA TYR B 423 -1.31 -55.22 3.23
C TYR B 423 -2.14 -54.31 2.33
N LYS B 424 -2.68 -53.24 2.90
CA LYS B 424 -3.62 -52.37 2.20
C LYS B 424 -3.09 -50.94 2.19
N LEU B 425 -2.92 -50.37 0.97
CA LEU B 425 -2.63 -48.95 0.84
C LEU B 425 -3.92 -48.13 0.78
N PRO B 426 -3.89 -46.89 1.27
CA PRO B 426 -5.07 -46.03 1.15
C PRO B 426 -5.24 -45.50 -0.26
N ASP B 427 -6.48 -45.08 -0.55
CA ASP B 427 -6.79 -44.51 -1.86
C ASP B 427 -6.01 -43.22 -2.11
N ASP B 428 -5.71 -42.45 -1.06
CA ASP B 428 -4.99 -41.19 -1.17
C ASP B 428 -3.52 -41.33 -0.82
N PHE B 429 -2.88 -42.39 -1.30
CA PHE B 429 -1.52 -42.72 -0.85
C PHE B 429 -0.53 -41.72 -1.43
N THR B 430 0.30 -41.15 -0.55
CA THR B 430 1.43 -40.30 -0.92
C THR B 430 2.70 -41.05 -0.54
N GLY B 431 3.30 -41.74 -1.50
CA GLY B 431 4.52 -42.47 -1.21
C GLY B 431 4.99 -43.23 -2.44
N CYS B 432 5.91 -44.16 -2.22
CA CYS B 432 6.48 -44.93 -3.31
C CYS B 432 6.51 -46.42 -2.96
N VAL B 433 6.22 -47.24 -3.96
CA VAL B 433 6.27 -48.69 -3.86
C VAL B 433 7.44 -49.18 -4.69
N ILE B 434 8.35 -49.91 -4.05
CA ILE B 434 9.58 -50.40 -4.68
C ILE B 434 9.63 -51.90 -4.49
N ALA B 435 9.98 -52.63 -5.55
CA ALA B 435 9.95 -54.08 -5.49
C ALA B 435 11.03 -54.64 -6.38
N TRP B 436 11.59 -55.77 -5.97
CA TRP B 436 12.56 -56.47 -6.80
C TRP B 436 12.44 -57.98 -6.59
N ASN B 437 12.77 -58.73 -7.65
CA ASN B 437 12.78 -60.19 -7.57
C ASN B 437 13.86 -60.66 -6.62
N SER B 438 13.48 -61.52 -5.68
CA SER B 438 14.41 -62.09 -4.70
C SER B 438 14.37 -63.61 -4.73
N ASN B 439 14.11 -64.21 -5.90
CA ASN B 439 14.11 -65.66 -6.00
C ASN B 439 15.44 -66.27 -5.60
N ASN B 440 16.55 -65.59 -5.88
CA ASN B 440 17.86 -66.09 -5.49
C ASN B 440 18.06 -66.13 -3.99
N LEU B 441 17.23 -65.43 -3.22
CA LEU B 441 17.37 -65.32 -1.77
C LEU B 441 16.28 -66.04 -1.00
N ASP B 442 15.01 -65.84 -1.36
CA ASP B 442 13.89 -66.23 -0.53
C ASP B 442 13.25 -67.54 -0.95
N SER B 443 13.87 -68.28 -1.86
CA SER B 443 13.40 -69.60 -2.25
C SER B 443 14.45 -70.66 -1.89
N LYS B 444 13.98 -71.82 -1.47
CA LYS B 444 14.82 -72.98 -1.21
C LYS B 444 14.41 -74.12 -2.13
N VAL B 445 15.30 -75.11 -2.26
CA VAL B 445 15.08 -76.17 -3.24
C VAL B 445 13.92 -77.06 -2.80
N GLY B 446 13.85 -77.38 -1.52
CA GLY B 446 12.68 -78.04 -0.98
C GLY B 446 11.46 -77.16 -0.89
N GLY B 447 11.60 -75.86 -1.12
CA GLY B 447 10.53 -74.91 -0.93
C GLY B 447 10.69 -74.15 0.37
N ASN B 448 10.67 -72.82 0.30
CA ASN B 448 10.87 -71.99 1.49
C ASN B 448 9.51 -71.68 2.09
N TYR B 449 9.19 -72.35 3.20
CA TYR B 449 7.90 -72.20 3.85
C TYR B 449 7.91 -71.17 4.97
N ASN B 450 8.97 -70.36 5.07
CA ASN B 450 9.02 -69.37 6.15
C ASN B 450 8.10 -68.19 5.87
N TYR B 451 7.86 -67.88 4.60
CA TYR B 451 7.04 -66.73 4.22
C TYR B 451 5.57 -67.13 4.16
N LEU B 452 4.72 -66.39 4.86
CA LEU B 452 3.31 -66.71 4.97
C LEU B 452 2.46 -65.53 4.54
N TYR B 453 1.22 -65.82 4.17
CA TYR B 453 0.22 -64.81 3.85
C TYR B 453 -1.11 -65.21 4.48
N ARG B 454 -1.95 -64.21 4.74
CA ARG B 454 -3.30 -64.49 5.22
C ARG B 454 -4.17 -64.91 4.05
N LEU B 455 -4.82 -66.06 4.19
CA LEU B 455 -5.68 -66.59 3.13
C LEU B 455 -7.17 -66.42 3.43
N PHE B 456 -7.55 -66.37 4.71
CA PHE B 456 -8.95 -66.31 5.10
C PHE B 456 -9.16 -65.13 6.03
N ARG B 457 -10.14 -64.29 5.71
CA ARG B 457 -10.51 -63.15 6.55
C ARG B 457 -11.92 -62.71 6.16
N LYS B 458 -12.72 -62.36 7.16
CA LYS B 458 -14.12 -62.06 6.92
C LYS B 458 -14.29 -60.77 6.13
N SER B 459 -13.44 -59.77 6.37
CA SER B 459 -13.59 -58.47 5.73
C SER B 459 -12.21 -57.90 5.41
N ASN B 460 -12.22 -56.85 4.58
CA ASN B 460 -10.97 -56.27 4.09
C ASN B 460 -10.28 -55.47 5.18
N LEU B 461 -8.94 -55.43 5.10
CA LEU B 461 -8.17 -54.60 6.00
C LEU B 461 -8.40 -53.12 5.70
N LYS B 462 -8.44 -52.32 6.77
CA LYS B 462 -8.27 -50.88 6.63
C LYS B 462 -6.84 -50.58 6.19
N PRO B 463 -6.60 -49.40 5.61
CA PRO B 463 -5.25 -49.08 5.13
C PRO B 463 -4.24 -49.04 6.28
N PHE B 464 -3.04 -49.56 6.00
CA PHE B 464 -1.96 -49.68 6.98
C PHE B 464 -2.34 -50.52 8.20
N GLU B 465 -3.33 -51.40 8.07
CA GLU B 465 -3.67 -52.32 9.13
C GLU B 465 -2.78 -53.57 9.04
N ARG B 466 -2.50 -54.16 10.20
CA ARG B 466 -1.62 -55.32 10.30
C ARG B 466 -2.29 -56.36 11.18
N ASP B 467 -2.80 -57.42 10.56
CA ASP B 467 -3.48 -58.50 11.28
C ASP B 467 -2.52 -59.66 11.46
N ILE B 468 -2.13 -59.92 12.71
CA ILE B 468 -1.24 -61.03 13.04
C ILE B 468 -1.97 -62.14 13.79
N SER B 469 -3.30 -62.12 13.77
CA SER B 469 -4.06 -63.13 14.49
C SER B 469 -3.93 -64.49 13.81
N THR B 470 -4.01 -65.55 14.61
CA THR B 470 -3.98 -66.92 14.12
C THR B 470 -5.27 -67.67 14.45
N GLU B 471 -6.35 -66.93 14.73
CA GLU B 471 -7.62 -67.56 15.09
C GLU B 471 -8.12 -68.45 13.95
N ILE B 472 -8.62 -69.63 14.31
CA ILE B 472 -9.19 -70.53 13.31
C ILE B 472 -10.38 -69.84 12.63
N TYR B 473 -10.42 -69.95 11.31
CA TYR B 473 -11.40 -69.23 10.50
C TYR B 473 -12.65 -70.09 10.30
N GLN B 474 -13.80 -69.54 10.65
CA GLN B 474 -15.06 -70.27 10.61
C GLN B 474 -15.69 -70.06 9.23
N ALA B 475 -15.49 -71.03 8.35
CA ALA B 475 -16.03 -70.97 7.00
C ALA B 475 -17.47 -71.46 6.92
N GLY B 476 -17.99 -72.09 7.97
CA GLY B 476 -19.32 -72.65 7.94
C GLY B 476 -20.23 -72.17 9.06
N SER B 477 -21.30 -72.92 9.31
CA SER B 477 -22.29 -72.50 10.31
C SER B 477 -21.86 -72.84 11.72
N THR B 478 -21.26 -74.01 11.93
CA THR B 478 -20.92 -74.38 13.30
C THR B 478 -19.53 -73.88 13.66
N PRO B 479 -19.34 -73.42 14.90
CA PRO B 479 -18.09 -72.75 15.26
C PRO B 479 -16.94 -73.73 15.39
N CYS B 480 -15.73 -73.18 15.54
CA CYS B 480 -14.50 -73.94 15.46
C CYS B 480 -13.86 -74.19 16.83
N ASN B 481 -13.83 -73.17 17.69
CA ASN B 481 -13.28 -73.28 19.04
C ASN B 481 -11.81 -73.68 19.03
N GLY B 482 -11.04 -73.06 18.13
CA GLY B 482 -9.63 -73.36 18.00
C GLY B 482 -9.30 -74.71 17.40
N VAL B 483 -10.29 -75.51 17.03
CA VAL B 483 -10.07 -76.82 16.43
C VAL B 483 -10.18 -76.65 14.91
N GLU B 484 -9.13 -77.06 14.20
CA GLU B 484 -9.18 -77.11 12.75
C GLU B 484 -10.07 -78.25 12.28
N GLY B 485 -10.35 -78.26 10.99
CA GLY B 485 -11.16 -79.29 10.38
C GLY B 485 -11.91 -78.73 9.20
N PHE B 486 -12.91 -79.48 8.76
CA PHE B 486 -13.77 -79.01 7.68
C PHE B 486 -14.51 -77.73 8.11
N ASN B 487 -14.55 -76.76 7.21
CA ASN B 487 -15.12 -75.45 7.46
C ASN B 487 -14.47 -74.74 8.65
N CYS B 488 -13.23 -75.11 8.98
CA CYS B 488 -12.53 -74.58 10.15
C CYS B 488 -11.04 -74.58 9.81
N TYR B 489 -10.56 -73.43 9.32
CA TYR B 489 -9.33 -73.35 8.56
C TYR B 489 -8.35 -72.42 9.26
N PHE B 490 -7.11 -72.87 9.40
CA PHE B 490 -6.03 -71.99 9.82
C PHE B 490 -5.92 -70.83 8.84
N PRO B 491 -5.88 -69.58 9.32
CA PRO B 491 -6.00 -68.44 8.40
C PRO B 491 -4.76 -68.17 7.56
N LEU B 492 -3.60 -68.68 7.95
CA LEU B 492 -2.36 -68.41 7.22
C LEU B 492 -2.02 -69.57 6.32
N GLN B 493 -1.35 -69.24 5.20
CA GLN B 493 -0.86 -70.22 4.25
C GLN B 493 0.55 -69.84 3.85
N SER B 494 1.31 -70.83 3.36
CA SER B 494 2.70 -70.63 3.00
C SER B 494 2.86 -70.59 1.49
N TYR B 495 3.80 -69.77 1.03
CA TYR B 495 4.09 -69.67 -0.40
C TYR B 495 4.87 -70.89 -0.88
N GLY B 496 5.84 -71.36 -0.09
CA GLY B 496 6.69 -72.46 -0.49
C GLY B 496 7.51 -72.18 -1.73
N PHE B 497 8.20 -71.04 -1.76
CA PHE B 497 8.94 -70.62 -2.95
C PHE B 497 9.99 -71.64 -3.33
N GLN B 498 9.87 -72.18 -4.55
CA GLN B 498 10.87 -73.04 -5.16
C GLN B 498 11.59 -72.29 -6.28
N PRO B 499 12.91 -72.44 -6.39
CA PRO B 499 13.65 -71.64 -7.39
C PRO B 499 13.24 -71.92 -8.83
N THR B 500 12.62 -73.08 -9.10
CA THR B 500 12.17 -73.40 -10.45
C THR B 500 10.83 -72.79 -10.79
N ASN B 501 10.28 -71.95 -9.91
CA ASN B 501 9.00 -71.31 -10.18
C ASN B 501 9.11 -70.31 -11.33
N GLY B 502 8.03 -70.19 -12.08
CA GLY B 502 7.89 -69.06 -12.98
C GLY B 502 7.81 -67.74 -12.24
N VAL B 503 8.13 -66.66 -12.96
CA VAL B 503 8.24 -65.34 -12.35
C VAL B 503 7.01 -65.02 -11.51
N GLY B 504 5.82 -65.41 -11.99
CA GLY B 504 4.60 -65.13 -11.27
C GLY B 504 4.53 -65.78 -9.90
N TYR B 505 5.26 -66.87 -9.69
CA TYR B 505 5.31 -67.55 -8.41
C TYR B 505 6.63 -67.33 -7.67
N GLN B 506 7.56 -66.57 -8.25
CA GLN B 506 8.83 -66.35 -7.57
C GLN B 506 8.66 -65.23 -6.54
N PRO B 507 9.46 -65.25 -5.47
CA PRO B 507 9.31 -64.22 -4.44
C PRO B 507 9.87 -62.88 -4.90
N TYR B 508 9.14 -61.82 -4.57
CA TYR B 508 9.59 -60.46 -4.73
C TYR B 508 9.58 -59.78 -3.38
N ARG B 509 10.65 -59.05 -3.08
CA ARG B 509 10.68 -58.20 -1.89
C ARG B 509 10.12 -56.82 -2.23
N VAL B 510 9.25 -56.33 -1.34
CA VAL B 510 8.56 -55.06 -1.53
C VAL B 510 8.86 -54.17 -0.33
N VAL B 511 9.13 -52.89 -0.62
CA VAL B 511 9.31 -51.83 0.36
C VAL B 511 8.41 -50.66 -0.03
N VAL B 512 7.50 -50.28 0.87
CA VAL B 512 6.57 -49.19 0.69
C VAL B 512 7.04 -48.05 1.57
N LEU B 513 7.43 -46.94 0.96
CA LEU B 513 7.82 -45.73 1.69
C LEU B 513 6.64 -44.78 1.73
N SER B 514 6.18 -44.48 2.94
CA SER B 514 5.12 -43.51 3.18
C SER B 514 5.74 -42.23 3.76
N PHE B 515 5.26 -41.09 3.28
CA PHE B 515 5.79 -39.78 3.65
C PHE B 515 4.69 -39.01 4.38
N GLU B 516 4.80 -38.92 5.70
CA GLU B 516 3.75 -38.33 6.52
C GLU B 516 4.18 -36.91 6.91
N LEU B 517 3.20 -35.99 6.84
CA LEU B 517 3.41 -34.58 7.15
C LEU B 517 2.31 -34.12 8.10
N LEU B 518 2.67 -33.95 9.37
CA LEU B 518 1.76 -33.56 10.43
C LEU B 518 1.98 -32.10 10.80
N HIS B 519 1.17 -31.60 11.73
CA HIS B 519 1.34 -30.26 12.27
C HIS B 519 2.35 -30.26 13.40
N ALA B 520 3.52 -30.86 13.13
CA ALA B 520 4.61 -30.98 14.09
C ALA B 520 5.90 -30.72 13.35
N PRO B 521 6.96 -30.34 14.05
CA PRO B 521 8.20 -29.95 13.36
C PRO B 521 8.75 -31.06 12.47
N ALA B 522 9.13 -30.68 11.26
CA ALA B 522 9.63 -31.65 10.29
C ALA B 522 11.04 -32.10 10.67
N THR B 523 11.31 -33.39 10.52
CA THR B 523 12.60 -33.95 10.91
C THR B 523 13.28 -34.76 9.82
N VAL B 524 12.71 -34.85 8.62
CA VAL B 524 13.31 -35.61 7.52
C VAL B 524 13.30 -34.72 6.29
N CYS B 525 14.49 -34.27 5.89
CA CYS B 525 14.66 -33.47 4.68
C CYS B 525 15.72 -34.08 3.79
N GLY B 526 15.79 -33.60 2.56
CA GLY B 526 16.71 -34.08 1.58
C GLY B 526 17.97 -33.24 1.51
N PRO B 527 18.99 -33.73 0.79
CA PRO B 527 20.38 -33.32 1.06
C PRO B 527 20.59 -31.82 1.05
N LYS B 528 20.19 -31.16 -0.04
CA LYS B 528 20.35 -29.72 -0.22
C LYS B 528 21.82 -29.32 -0.17
N LYS B 529 22.57 -29.85 -1.14
CA LYS B 529 24.01 -29.66 -1.22
C LYS B 529 24.34 -28.18 -1.41
N SER B 530 25.64 -27.87 -1.35
CA SER B 530 26.13 -26.52 -1.51
C SER B 530 27.19 -26.45 -2.61
N THR B 531 27.80 -25.27 -2.78
CA THR B 531 28.83 -25.07 -3.79
C THR B 531 30.00 -24.32 -3.18
N ASN B 532 30.97 -23.97 -4.02
CA ASN B 532 32.11 -23.19 -3.59
C ASN B 532 31.72 -21.72 -3.44
N LEU B 533 32.52 -20.99 -2.66
CA LEU B 533 32.32 -19.57 -2.41
C LEU B 533 33.47 -18.76 -3.00
N VAL B 534 33.15 -17.59 -3.53
CA VAL B 534 34.14 -16.69 -4.13
C VAL B 534 34.07 -15.34 -3.41
N LYS B 535 35.25 -14.75 -3.22
CA LYS B 535 35.39 -13.49 -2.51
C LYS B 535 35.77 -12.37 -3.49
N ASN B 536 35.62 -11.13 -3.02
CA ASN B 536 36.01 -9.92 -3.74
C ASN B 536 35.28 -9.79 -5.07
N LYS B 537 34.09 -10.39 -5.18
CA LYS B 537 33.27 -10.27 -6.37
C LYS B 537 31.81 -10.18 -5.94
N CYS B 538 31.06 -9.31 -6.59
CA CYS B 538 29.63 -9.16 -6.29
C CYS B 538 28.89 -10.47 -6.55
N VAL B 539 28.28 -11.02 -5.49
CA VAL B 539 27.56 -12.30 -5.59
C VAL B 539 26.19 -12.14 -4.94
N ASN B 540 25.23 -12.90 -5.45
CA ASN B 540 23.95 -13.10 -4.76
C ASN B 540 24.05 -14.39 -3.96
N PHE B 541 24.00 -14.26 -2.64
CA PHE B 541 24.34 -15.34 -1.72
C PHE B 541 23.12 -15.73 -0.90
N ASN B 542 23.11 -16.99 -0.47
CA ASN B 542 22.05 -17.52 0.40
C ASN B 542 22.74 -18.40 1.45
N PHE B 543 23.01 -17.81 2.61
CA PHE B 543 23.50 -18.56 3.75
C PHE B 543 22.32 -19.16 4.54
N ASN B 544 22.66 -19.88 5.61
CA ASN B 544 21.82 -20.90 6.24
C ASN B 544 20.33 -20.60 6.14
N GLY B 545 19.94 -19.40 6.56
CA GLY B 545 18.55 -19.02 6.51
C GLY B 545 18.33 -17.67 5.87
N LEU B 546 19.41 -16.94 5.58
CA LEU B 546 19.31 -15.59 5.06
C LEU B 546 19.78 -15.54 3.60
N THR B 547 19.27 -14.55 2.87
CA THR B 547 19.66 -14.35 1.49
C THR B 547 19.91 -12.88 1.26
N GLY B 548 20.78 -12.58 0.30
CA GLY B 548 21.11 -11.19 0.00
C GLY B 548 22.01 -11.09 -1.20
N THR B 549 22.48 -9.88 -1.44
CA THR B 549 23.42 -9.59 -2.51
C THR B 549 24.53 -8.70 -1.96
N GLY B 550 25.77 -9.04 -2.30
CA GLY B 550 26.90 -8.29 -1.81
C GLY B 550 28.20 -8.99 -2.10
N VAL B 551 29.26 -8.39 -1.60
CA VAL B 551 30.63 -8.89 -1.75
C VAL B 551 31.06 -9.45 -0.40
N LEU B 552 31.56 -10.68 -0.40
CA LEU B 552 32.03 -11.33 0.82
C LEU B 552 33.54 -11.13 0.91
N THR B 553 33.99 -10.62 2.06
CA THR B 553 35.40 -10.34 2.27
C THR B 553 35.87 -10.92 3.60
N GLU B 554 37.16 -11.21 3.66
CA GLU B 554 37.78 -11.64 4.91
C GLU B 554 37.56 -10.59 5.99
N SER B 555 37.10 -11.04 7.16
CA SER B 555 36.64 -10.15 8.21
C SER B 555 37.75 -9.91 9.22
N ASN B 556 37.44 -9.06 10.20
CA ASN B 556 38.36 -8.71 11.28
C ASN B 556 37.72 -8.96 12.64
N LYS B 557 36.48 -9.41 12.69
CA LYS B 557 35.73 -9.58 13.91
C LYS B 557 36.00 -10.96 14.52
N LYS B 558 35.59 -11.12 15.77
CA LYS B 558 35.74 -12.37 16.50
C LYS B 558 34.35 -12.82 16.95
N PHE B 559 33.66 -13.54 16.06
CA PHE B 559 32.36 -14.11 16.41
C PHE B 559 32.52 -15.17 17.48
N LEU B 560 31.49 -15.30 18.32
CA LEU B 560 31.47 -16.35 19.32
C LEU B 560 31.19 -17.70 18.63
N PRO B 561 31.53 -18.81 19.30
CA PRO B 561 31.34 -20.13 18.66
C PRO B 561 29.90 -20.43 18.27
N PHE B 562 28.93 -19.74 18.84
CA PHE B 562 27.53 -20.01 18.56
C PHE B 562 26.86 -18.92 17.72
N GLN B 563 27.58 -17.87 17.36
CA GLN B 563 26.99 -16.78 16.59
C GLN B 563 27.15 -17.06 15.10
N GLN B 564 26.09 -16.75 14.33
CA GLN B 564 26.06 -17.04 12.91
C GLN B 564 26.01 -15.76 12.07
N PHE B 565 25.04 -14.90 12.31
CA PHE B 565 24.78 -13.74 11.46
C PHE B 565 25.10 -12.46 12.22
N GLY B 566 25.93 -11.61 11.62
CA GLY B 566 26.19 -10.29 12.18
C GLY B 566 25.02 -9.35 12.00
N ARG B 567 25.14 -8.17 12.60
CA ARG B 567 24.10 -7.15 12.49
C ARG B 567 24.70 -5.80 12.84
N ASP B 568 24.50 -4.82 11.96
CA ASP B 568 24.93 -3.45 12.21
C ASP B 568 23.97 -2.78 13.19
N ILE B 569 24.25 -1.51 13.49
CA ILE B 569 23.42 -0.77 14.44
C ILE B 569 22.00 -0.60 13.91
N ALA B 570 21.85 -0.35 12.62
CA ALA B 570 20.53 -0.13 12.02
C ALA B 570 19.94 -1.42 11.45
N ASP B 571 19.93 -2.47 12.28
CA ASP B 571 19.27 -3.74 11.98
C ASP B 571 19.50 -4.17 10.53
N THR B 572 20.77 -4.18 10.14
CA THR B 572 21.19 -4.63 8.81
C THR B 572 22.25 -5.70 8.94
N THR B 573 22.11 -6.78 8.18
CA THR B 573 23.09 -7.85 8.18
C THR B 573 24.47 -7.31 7.81
N ASP B 574 25.47 -7.66 8.61
CA ASP B 574 26.82 -7.14 8.44
C ASP B 574 27.86 -8.22 8.19
N ALA B 575 27.79 -9.35 8.90
CA ALA B 575 28.72 -10.44 8.68
C ALA B 575 28.01 -11.77 8.91
N VAL B 576 28.57 -12.83 8.33
CA VAL B 576 28.00 -14.17 8.45
C VAL B 576 29.10 -15.18 8.74
N ARG B 577 28.70 -16.31 9.32
CA ARG B 577 29.59 -17.43 9.55
C ARG B 577 29.35 -18.47 8.47
N ASP B 578 30.38 -18.79 7.70
CA ASP B 578 30.23 -19.77 6.63
C ASP B 578 29.92 -21.14 7.23
N PRO B 579 28.86 -21.81 6.78
CA PRO B 579 28.44 -23.06 7.43
C PRO B 579 29.50 -24.16 7.40
N GLN B 580 30.31 -24.24 6.35
CA GLN B 580 31.32 -25.29 6.25
C GLN B 580 32.67 -24.86 6.82
N THR B 581 33.23 -23.77 6.31
CA THR B 581 34.49 -23.26 6.80
C THR B 581 34.24 -22.32 7.98
N LEU B 582 34.94 -22.56 9.09
CA LEU B 582 34.78 -21.74 10.29
C LEU B 582 35.49 -20.40 10.13
N GLU B 583 35.03 -19.63 9.15
CA GLU B 583 35.56 -18.30 8.87
C GLU B 583 34.41 -17.31 8.80
N ILE B 584 34.65 -16.10 9.29
CA ILE B 584 33.64 -15.05 9.34
C ILE B 584 33.83 -14.15 8.13
N LEU B 585 32.76 -13.93 7.38
CA LEU B 585 32.79 -13.16 6.14
C LEU B 585 32.00 -11.88 6.31
N ASP B 586 32.64 -10.74 6.06
CA ASP B 586 31.95 -9.46 6.03
C ASP B 586 31.22 -9.29 4.71
N ILE B 587 30.01 -8.76 4.80
CA ILE B 587 29.14 -8.56 3.64
C ILE B 587 29.13 -7.06 3.34
N THR B 588 29.87 -6.66 2.31
CA THR B 588 29.88 -5.27 1.86
C THR B 588 29.01 -5.17 0.62
N PRO B 589 27.89 -4.44 0.66
CA PRO B 589 26.99 -4.39 -0.50
C PRO B 589 27.72 -3.87 -1.74
N CYS B 590 27.35 -4.43 -2.89
CA CYS B 590 28.08 -4.15 -4.12
C CYS B 590 28.00 -2.68 -4.47
N SER B 591 29.06 -2.19 -5.12
CA SER B 591 29.17 -0.76 -5.39
C SER B 591 28.03 -0.29 -6.28
N PHE B 592 27.58 0.93 -6.01
CA PHE B 592 26.52 1.56 -6.79
C PHE B 592 26.60 3.06 -6.57
N GLY B 593 25.92 3.81 -7.42
CA GLY B 593 25.87 5.24 -7.25
C GLY B 593 25.20 5.92 -8.42
N GLY B 594 24.85 7.17 -8.21
CA GLY B 594 24.19 7.94 -9.25
C GLY B 594 25.10 8.21 -10.43
N VAL B 595 24.47 8.37 -11.59
CA VAL B 595 25.19 8.69 -12.83
C VAL B 595 24.75 10.08 -13.26
N SER B 596 25.50 11.11 -12.86
CA SER B 596 25.15 12.47 -13.23
C SER B 596 25.76 12.80 -14.59
N VAL B 597 25.03 13.59 -15.37
CA VAL B 597 25.44 13.96 -16.72
C VAL B 597 25.70 15.46 -16.70
N ILE B 598 26.97 15.85 -16.71
CA ILE B 598 27.34 17.26 -16.79
C ILE B 598 27.33 17.69 -18.24
N THR B 599 26.58 18.75 -18.55
CA THR B 599 26.43 19.23 -19.91
C THR B 599 26.34 20.74 -19.95
N PRO B 600 27.05 21.38 -20.87
CA PRO B 600 26.67 22.73 -21.28
C PRO B 600 25.35 22.66 -22.02
N GLY B 601 24.64 23.79 -22.06
CA GLY B 601 23.33 23.82 -22.66
C GLY B 601 23.35 23.27 -24.08
N THR B 602 22.41 22.38 -24.39
CA THR B 602 22.32 21.80 -25.73
C THR B 602 22.26 22.85 -26.82
N ASN B 603 21.83 24.07 -26.48
CA ASN B 603 21.86 25.17 -27.44
C ASN B 603 23.27 25.39 -27.99
N THR B 604 24.28 25.36 -27.11
CA THR B 604 25.63 25.68 -27.53
C THR B 604 26.34 24.49 -28.15
N SER B 605 26.22 23.31 -27.55
CA SER B 605 26.92 22.12 -28.03
C SER B 605 26.22 20.88 -27.50
N ASN B 606 26.64 19.72 -28.00
CA ASN B 606 26.10 18.44 -27.59
C ASN B 606 27.12 17.55 -26.89
N GLN B 607 28.30 18.06 -26.55
CA GLN B 607 29.31 17.27 -25.85
C GLN B 607 29.02 17.26 -24.36
N VAL B 608 29.18 16.09 -23.73
CA VAL B 608 28.80 15.88 -22.35
C VAL B 608 29.92 15.14 -21.62
N ALA B 609 29.87 15.21 -20.29
CA ALA B 609 30.73 14.43 -19.40
C ALA B 609 29.86 13.66 -18.42
N VAL B 610 30.39 12.55 -17.92
CA VAL B 610 29.63 11.65 -17.05
C VAL B 610 30.36 11.51 -15.72
N LEU B 611 29.65 11.77 -14.62
CA LEU B 611 30.17 11.62 -13.26
C LEU B 611 29.48 10.45 -12.60
N TYR B 612 30.24 9.38 -12.33
CA TYR B 612 29.76 8.27 -11.53
C TYR B 612 30.06 8.58 -10.08
N GLN B 613 29.00 8.75 -9.27
CA GLN B 613 29.16 9.29 -7.93
C GLN B 613 29.67 8.23 -6.96
N ASP B 614 30.76 8.56 -6.28
CA ASP B 614 31.29 7.78 -5.16
C ASP B 614 31.65 6.36 -5.60
N VAL B 615 32.49 6.27 -6.63
CA VAL B 615 33.08 4.99 -7.05
C VAL B 615 34.47 5.27 -7.59
N ASN B 616 35.32 4.25 -7.55
CA ASN B 616 36.61 4.31 -8.22
C ASN B 616 36.44 4.17 -9.74
N CYS B 617 37.42 4.71 -10.47
CA CYS B 617 37.42 4.68 -11.93
C CYS B 617 37.80 3.32 -12.50
N THR B 618 38.11 2.35 -11.65
CA THR B 618 38.43 1.00 -12.11
C THR B 618 37.19 0.14 -12.34
N GLU B 619 36.10 0.42 -11.65
CA GLU B 619 34.91 -0.41 -11.69
C GLU B 619 33.91 0.03 -12.75
N VAL B 620 34.23 1.06 -13.53
CA VAL B 620 33.34 1.50 -14.59
C VAL B 620 33.41 0.56 -15.78
N ASN B 641 41.79 10.37 -20.31
CA ASN B 641 41.04 11.58 -19.98
C ASN B 641 40.00 11.24 -18.91
N VAL B 642 40.48 10.69 -17.79
CA VAL B 642 39.62 10.28 -16.68
C VAL B 642 40.13 10.94 -15.41
N PHE B 643 39.21 11.52 -14.62
CA PHE B 643 39.56 12.25 -13.41
C PHE B 643 38.96 11.54 -12.21
N GLN B 644 39.80 11.21 -11.22
CA GLN B 644 39.35 10.61 -9.98
C GLN B 644 39.25 11.71 -8.92
N THR B 645 38.02 12.12 -8.59
CA THR B 645 37.78 13.18 -7.62
C THR B 645 37.09 12.59 -6.39
N ARG B 646 37.11 13.38 -5.31
CA ARG B 646 36.43 12.95 -4.09
C ARG B 646 34.94 12.73 -4.29
N ALA B 647 34.37 13.30 -5.35
CA ALA B 647 32.96 13.07 -5.66
C ALA B 647 32.73 11.79 -6.45
N GLY B 648 33.77 11.24 -7.06
CA GLY B 648 33.63 10.03 -7.85
C GLY B 648 34.51 9.98 -9.08
N CYS B 649 34.08 9.25 -10.10
CA CYS B 649 34.83 9.15 -11.34
C CYS B 649 34.20 10.04 -12.40
N LEU B 650 34.99 10.96 -12.94
CA LEU B 650 34.55 11.86 -14.00
C LEU B 650 35.19 11.48 -15.32
N ILE B 651 34.37 11.31 -16.36
CA ILE B 651 34.81 10.89 -17.68
C ILE B 651 34.35 11.92 -18.70
N GLY B 652 35.23 12.23 -19.65
CA GLY B 652 35.00 13.26 -20.66
C GLY B 652 35.40 14.67 -20.27
N ALA B 653 35.99 14.86 -19.10
CA ALA B 653 36.39 16.18 -18.62
C ALA B 653 37.91 16.28 -18.62
N GLU B 654 38.43 17.32 -19.26
CA GLU B 654 39.87 17.55 -19.30
C GLU B 654 40.30 18.27 -18.03
N HIS B 655 41.14 17.61 -17.23
CA HIS B 655 41.56 18.16 -15.95
C HIS B 655 42.67 19.17 -16.17
N VAL B 656 42.40 20.42 -15.79
CA VAL B 656 43.36 21.51 -15.94
C VAL B 656 43.81 21.95 -14.55
N ASN B 657 44.93 22.67 -14.53
CA ASN B 657 45.47 23.18 -13.28
C ASN B 657 44.97 24.57 -12.94
N ASN B 658 44.72 25.40 -13.95
CA ASN B 658 44.27 26.77 -13.73
C ASN B 658 42.89 26.77 -13.09
N SER B 659 42.69 27.69 -12.15
CA SER B 659 41.42 27.81 -11.44
C SER B 659 40.54 28.88 -12.09
N TYR B 660 39.24 28.67 -12.01
CA TYR B 660 38.26 29.59 -12.59
C TYR B 660 37.02 29.61 -11.72
N GLU B 661 36.16 30.58 -11.98
CA GLU B 661 34.89 30.66 -11.27
C GLU B 661 34.03 29.46 -11.59
N CYS B 662 33.35 28.92 -10.56
CA CYS B 662 32.55 27.72 -10.73
C CYS B 662 31.36 28.00 -11.64
N ASP B 663 31.12 27.11 -12.60
CA ASP B 663 29.99 27.22 -13.52
C ASP B 663 29.01 26.08 -13.32
N ILE B 664 29.46 24.84 -13.44
CA ILE B 664 28.63 23.66 -13.17
C ILE B 664 29.24 22.95 -11.97
N PRO B 665 28.65 23.04 -10.79
CA PRO B 665 29.28 22.43 -9.61
C PRO B 665 29.26 20.92 -9.69
N ILE B 666 30.40 20.31 -9.35
CA ILE B 666 30.52 18.86 -9.23
C ILE B 666 30.56 18.46 -7.76
N GLY B 667 31.52 18.97 -7.01
CA GLY B 667 31.60 18.72 -5.59
C GLY B 667 33.04 18.68 -5.12
N ALA B 668 33.19 18.77 -3.80
CA ALA B 668 34.50 18.72 -3.14
C ALA B 668 35.47 19.73 -3.77
N GLY B 669 34.95 20.92 -4.05
CA GLY B 669 35.77 21.98 -4.60
C GLY B 669 36.03 21.87 -6.09
N ILE B 670 35.49 20.86 -6.76
CA ILE B 670 35.70 20.65 -8.19
C ILE B 670 34.45 21.10 -8.93
N CYS B 671 34.64 21.95 -9.95
CA CYS B 671 33.57 22.38 -10.82
C CYS B 671 33.99 22.20 -12.28
N ALA B 672 33.02 21.90 -13.13
CA ALA B 672 33.27 21.66 -14.54
C ALA B 672 32.58 22.74 -15.37
N SER B 673 33.12 22.96 -16.58
CA SER B 673 32.57 23.95 -17.48
C SER B 673 33.13 23.73 -18.87
N TYR B 674 32.47 24.32 -19.86
CA TYR B 674 32.86 24.18 -21.25
C TYR B 674 33.69 25.40 -21.64
N GLN B 675 34.95 25.18 -22.00
CA GLN B 675 35.87 26.26 -22.28
C GLN B 675 36.82 25.86 -23.39
N THR B 676 37.44 26.86 -24.01
CA THR B 676 38.40 26.64 -25.08
C THR B 676 39.71 26.11 -24.52
N SER B 689 38.54 22.84 -30.62
CA SER B 689 39.27 23.83 -29.84
C SER B 689 38.64 24.02 -28.46
N GLN B 690 37.35 23.73 -28.36
CA GLN B 690 36.61 23.84 -27.12
C GLN B 690 36.29 22.45 -26.58
N SER B 691 36.27 22.34 -25.25
CA SER B 691 36.08 21.06 -24.60
C SER B 691 35.59 21.30 -23.18
N ILE B 692 35.22 20.20 -22.51
CA ILE B 692 34.77 20.27 -21.13
C ILE B 692 35.96 20.06 -20.22
N ILE B 693 36.11 20.94 -19.23
CA ILE B 693 37.22 20.89 -18.28
C ILE B 693 36.67 20.88 -16.86
N ALA B 694 37.41 20.24 -15.96
CA ALA B 694 37.10 20.21 -14.55
C ALA B 694 38.28 20.79 -13.77
N TYR B 695 37.98 21.69 -12.84
CA TYR B 695 39.03 22.43 -12.16
C TYR B 695 38.61 22.73 -10.73
N THR B 696 39.62 22.94 -9.87
CA THR B 696 39.38 23.39 -8.51
C THR B 696 38.98 24.86 -8.55
N MET B 697 37.73 25.15 -8.23
CA MET B 697 37.20 26.49 -8.44
C MET B 697 37.96 27.51 -7.61
N SER B 698 38.13 28.70 -8.16
CA SER B 698 38.82 29.78 -7.47
C SER B 698 37.85 30.61 -6.65
N LEU B 699 38.32 31.11 -5.52
CA LEU B 699 37.53 31.96 -4.64
C LEU B 699 37.69 33.44 -4.98
N GLY B 700 38.49 33.76 -5.98
CA GLY B 700 38.75 35.13 -6.37
C GLY B 700 40.23 35.44 -6.37
N ALA B 701 40.63 36.49 -7.11
CA ALA B 701 42.03 36.87 -7.16
C ALA B 701 42.49 37.33 -5.78
N GLU B 702 43.63 36.80 -5.32
CA GLU B 702 44.14 37.17 -4.02
C GLU B 702 44.67 38.60 -4.04
N ASN B 703 44.86 39.16 -2.85
CA ASN B 703 45.33 40.52 -2.72
C ASN B 703 45.98 40.68 -1.35
N SER B 704 46.90 41.63 -1.24
CA SER B 704 47.55 41.96 0.02
C SER B 704 47.36 43.44 0.31
N VAL B 705 46.91 43.74 1.52
CA VAL B 705 46.69 45.11 1.96
C VAL B 705 47.97 45.62 2.60
N ALA B 706 48.51 46.72 2.08
CA ALA B 706 49.76 47.25 2.59
C ALA B 706 49.56 47.92 3.94
N TYR B 707 49.19 47.12 4.95
CA TYR B 707 48.86 47.64 6.27
C TYR B 707 50.12 47.99 7.05
N SER B 708 50.12 49.19 7.64
CA SER B 708 51.19 49.60 8.54
C SER B 708 50.59 50.57 9.55
N ASN B 709 51.25 50.69 10.71
CA ASN B 709 50.66 51.37 11.85
C ASN B 709 50.49 52.87 11.63
N ASN B 710 51.09 53.44 10.60
CA ASN B 710 50.96 54.88 10.34
C ASN B 710 50.71 55.12 8.86
N SER B 711 49.78 54.35 8.30
CA SER B 711 49.40 54.48 6.89
C SER B 711 47.91 54.24 6.76
N ILE B 712 47.23 55.16 6.10
CA ILE B 712 45.80 55.08 5.88
C ILE B 712 45.54 55.39 4.41
N ALA B 713 44.63 54.63 3.81
CA ALA B 713 44.28 54.86 2.42
C ALA B 713 42.93 55.54 2.38
N ILE B 714 42.87 56.69 1.72
CA ILE B 714 41.65 57.49 1.69
C ILE B 714 41.20 57.62 0.25
N PRO B 715 39.92 57.50 -0.04
CA PRO B 715 39.47 57.69 -1.42
C PRO B 715 39.51 59.16 -1.82
N THR B 716 39.64 59.37 -3.13
CA THR B 716 39.67 60.70 -3.72
C THR B 716 38.55 60.89 -4.72
N ASN B 717 37.99 59.80 -5.26
CA ASN B 717 36.90 59.86 -6.22
C ASN B 717 35.83 58.91 -5.74
N PHE B 718 34.78 58.68 -6.54
CA PHE B 718 33.71 57.79 -6.13
C PHE B 718 32.90 57.37 -7.35
N THR B 719 32.06 56.36 -7.15
CA THR B 719 31.15 55.87 -8.17
C THR B 719 29.81 55.56 -7.54
N ILE B 720 28.73 55.94 -8.23
CA ILE B 720 27.38 55.66 -7.79
C ILE B 720 26.92 54.41 -8.52
N SER B 721 26.77 53.32 -7.78
CA SER B 721 26.42 52.02 -8.35
C SER B 721 24.97 51.68 -8.05
N VAL B 722 24.23 51.28 -9.07
CA VAL B 722 22.87 50.81 -8.93
C VAL B 722 22.91 49.30 -9.09
N THR B 723 22.64 48.58 -8.01
CA THR B 723 22.58 47.13 -8.07
C THR B 723 21.13 46.67 -8.10
N THR B 724 20.94 45.39 -8.42
CA THR B 724 19.60 44.83 -8.61
C THR B 724 19.41 43.62 -7.70
N GLU B 725 18.41 43.68 -6.83
CA GLU B 725 18.10 42.60 -5.90
C GLU B 725 16.67 42.14 -6.15
N ILE B 726 16.51 40.85 -6.47
CA ILE B 726 15.22 40.31 -6.89
C ILE B 726 14.68 39.41 -5.78
N LEU B 727 13.40 39.60 -5.43
CA LEU B 727 12.77 38.86 -4.35
C LEU B 727 11.38 38.38 -4.76
N PRO B 728 11.12 37.07 -4.73
CA PRO B 728 9.76 36.60 -4.96
C PRO B 728 8.85 36.94 -3.79
N VAL B 729 7.59 37.25 -4.12
CA VAL B 729 6.62 37.75 -3.14
C VAL B 729 5.43 36.81 -2.97
N SER B 730 4.90 36.29 -4.08
CA SER B 730 3.69 35.48 -4.02
C SER B 730 3.74 34.38 -5.06
N MET B 731 2.98 33.32 -4.80
CA MET B 731 2.86 32.18 -5.71
C MET B 731 1.63 32.35 -6.58
N THR B 732 1.27 31.28 -7.30
CA THR B 732 0.03 31.20 -8.04
C THR B 732 -1.03 30.57 -7.15
N LYS B 733 -2.15 31.27 -6.95
CA LYS B 733 -3.20 30.85 -6.03
C LYS B 733 -3.95 29.67 -6.63
N THR B 734 -3.33 28.49 -6.53
CA THR B 734 -3.94 27.27 -7.03
C THR B 734 -5.04 26.78 -6.10
N SER B 735 -6.05 26.16 -6.70
CA SER B 735 -7.14 25.55 -5.95
C SER B 735 -7.52 24.26 -6.64
N VAL B 736 -7.67 23.18 -5.87
CA VAL B 736 -7.93 21.86 -6.42
C VAL B 736 -9.26 21.38 -5.89
N ASP B 737 -10.12 20.89 -6.80
CA ASP B 737 -11.41 20.33 -6.41
C ASP B 737 -11.15 18.88 -6.06
N CYS B 738 -11.15 18.60 -4.76
CA CYS B 738 -10.76 17.27 -4.27
C CYS B 738 -11.67 16.18 -4.84
N THR B 739 -12.98 16.36 -4.72
CA THR B 739 -13.90 15.30 -5.14
C THR B 739 -13.89 15.14 -6.65
N MET B 740 -13.73 16.24 -7.39
CA MET B 740 -13.68 16.14 -8.85
C MET B 740 -12.37 15.55 -9.32
N TYR B 741 -11.27 15.87 -8.64
CA TYR B 741 -9.98 15.30 -9.01
C TYR B 741 -9.95 13.79 -8.75
N ILE B 742 -10.34 13.39 -7.54
CA ILE B 742 -10.27 11.98 -7.17
C ILE B 742 -11.34 11.18 -7.90
N CYS B 743 -12.57 11.69 -7.95
CA CYS B 743 -13.74 10.92 -8.34
C CYS B 743 -14.52 11.61 -9.45
N GLY B 744 -13.83 11.97 -10.53
CA GLY B 744 -14.43 12.74 -11.60
C GLY B 744 -15.72 12.15 -12.15
N ASP B 745 -16.83 12.82 -11.88
CA ASP B 745 -18.15 12.47 -12.43
C ASP B 745 -18.48 10.99 -12.22
N SER B 746 -18.39 10.54 -10.97
CA SER B 746 -18.77 9.18 -10.60
C SER B 746 -19.47 9.23 -9.25
N THR B 747 -20.78 8.94 -9.25
CA THR B 747 -21.53 8.96 -8.01
C THR B 747 -21.05 7.89 -7.04
N GLU B 748 -20.80 6.68 -7.55
CA GLU B 748 -20.31 5.60 -6.70
C GLU B 748 -18.94 5.95 -6.11
N CYS B 749 -18.07 6.56 -6.90
CA CYS B 749 -16.76 6.96 -6.39
C CYS B 749 -16.91 8.02 -5.31
N SER B 750 -17.84 8.96 -5.49
CA SER B 750 -18.07 9.96 -4.46
C SER B 750 -18.58 9.33 -3.18
N ASN B 751 -19.50 8.37 -3.30
CA ASN B 751 -20.00 7.67 -2.11
C ASN B 751 -18.88 6.93 -1.39
N LEU B 752 -18.00 6.28 -2.14
CA LEU B 752 -16.84 5.63 -1.53
C LEU B 752 -15.92 6.65 -0.87
N LEU B 753 -15.68 7.78 -1.53
CA LEU B 753 -14.78 8.80 -0.99
C LEU B 753 -15.33 9.40 0.29
N LEU B 754 -16.66 9.47 0.41
CA LEU B 754 -17.27 9.99 1.64
C LEU B 754 -16.87 9.16 2.86
N GLN B 755 -16.46 7.90 2.65
CA GLN B 755 -15.99 7.06 3.75
C GLN B 755 -14.72 7.61 4.39
N TYR B 756 -13.97 8.46 3.69
CA TYR B 756 -12.71 8.98 4.19
C TYR B 756 -12.89 10.27 5.00
N GLY B 757 -14.12 10.69 5.23
CA GLY B 757 -14.38 11.83 6.09
C GLY B 757 -14.01 13.17 5.50
N SER B 758 -13.23 13.95 6.25
CA SER B 758 -13.02 15.37 5.98
C SER B 758 -11.71 15.65 5.24
N PHE B 759 -11.09 14.63 4.65
CA PHE B 759 -9.80 14.84 3.99
C PHE B 759 -9.91 15.88 2.90
N CYS B 760 -10.94 15.77 2.06
CA CYS B 760 -11.16 16.73 0.99
C CYS B 760 -11.33 18.14 1.54
N THR B 761 -12.08 18.27 2.65
CA THR B 761 -12.25 19.57 3.28
C THR B 761 -10.93 20.11 3.80
N GLN B 762 -10.11 19.24 4.40
CA GLN B 762 -8.78 19.65 4.85
C GLN B 762 -7.96 20.22 3.70
N LEU B 763 -7.89 19.49 2.58
CA LEU B 763 -7.06 19.94 1.47
C LEU B 763 -7.59 21.27 0.90
N ASN B 764 -8.91 21.37 0.70
CA ASN B 764 -9.47 22.60 0.16
C ASN B 764 -9.22 23.78 1.09
N ARG B 765 -9.39 23.57 2.40
CA ARG B 765 -9.14 24.64 3.37
C ARG B 765 -7.67 25.06 3.34
N ALA B 766 -6.76 24.09 3.25
CA ALA B 766 -5.34 24.40 3.18
C ALA B 766 -5.03 25.25 1.95
N LEU B 767 -5.57 24.85 0.79
CA LEU B 767 -5.30 25.61 -0.43
C LEU B 767 -5.90 27.01 -0.35
N THR B 768 -7.09 27.14 0.23
CA THR B 768 -7.68 28.47 0.41
C THR B 768 -6.83 29.32 1.33
N GLY B 769 -6.31 28.71 2.41
CA GLY B 769 -5.41 29.42 3.29
C GLY B 769 -4.17 29.91 2.58
N ILE B 770 -3.58 29.05 1.76
CA ILE B 770 -2.40 29.44 0.98
C ILE B 770 -2.74 30.63 0.07
N ALA B 771 -3.88 30.57 -0.61
CA ALA B 771 -4.25 31.64 -1.52
C ALA B 771 -4.42 32.96 -0.78
N VAL B 772 -5.08 32.91 0.38
CA VAL B 772 -5.26 34.12 1.18
C VAL B 772 -3.91 34.62 1.68
N GLU B 773 -3.03 33.71 2.07
CA GLU B 773 -1.70 34.11 2.51
C GLU B 773 -0.95 34.83 1.39
N GLN B 774 -1.10 34.35 0.16
CA GLN B 774 -0.44 35.00 -0.98
C GLN B 774 -0.97 36.41 -1.19
N ASP B 775 -2.30 36.58 -1.12
CA ASP B 775 -2.85 37.92 -1.29
C ASP B 775 -2.41 38.83 -0.14
N LYS B 776 -2.33 38.29 1.08
CA LYS B 776 -1.81 39.07 2.20
C LYS B 776 -0.36 39.46 1.97
N ASN B 777 0.44 38.53 1.46
CA ASN B 777 1.84 38.82 1.17
C ASN B 777 1.96 39.98 0.20
N THR B 778 1.24 39.91 -0.92
CA THR B 778 1.32 41.00 -1.90
C THR B 778 0.85 42.31 -1.28
N GLN B 779 -0.25 42.27 -0.53
CA GLN B 779 -0.79 43.48 0.09
C GLN B 779 0.22 44.11 1.03
N GLU B 780 0.84 43.31 1.90
CA GLU B 780 1.77 43.87 2.87
C GLU B 780 3.08 44.29 2.24
N VAL B 781 3.50 43.63 1.15
CA VAL B 781 4.74 44.02 0.49
C VAL B 781 4.56 45.35 -0.24
N PHE B 782 3.47 45.49 -0.99
CA PHE B 782 3.33 46.70 -1.80
C PHE B 782 2.52 47.78 -1.11
N ALA B 783 1.34 47.45 -0.59
CA ALA B 783 0.46 48.45 -0.01
C ALA B 783 0.96 48.91 1.34
N GLN B 784 2.07 49.66 1.36
CA GLN B 784 2.62 50.22 2.58
C GLN B 784 2.55 51.74 2.59
N VAL B 785 2.08 52.35 1.52
CA VAL B 785 1.95 53.81 1.42
C VAL B 785 0.49 54.18 1.56
N LYS B 786 0.22 55.14 2.44
CA LYS B 786 -1.15 55.53 2.74
C LYS B 786 -1.85 56.09 1.49
N GLN B 787 -1.22 57.04 0.84
CA GLN B 787 -1.80 57.71 -0.32
C GLN B 787 -1.08 57.28 -1.59
N ILE B 788 -1.53 57.81 -2.73
CA ILE B 788 -0.93 57.53 -4.02
C ILE B 788 -0.29 58.81 -4.55
N TYR B 789 0.99 58.99 -4.28
CA TYR B 789 1.68 60.19 -4.76
C TYR B 789 1.95 60.09 -6.25
N LYS B 790 2.09 61.26 -6.87
CA LYS B 790 2.39 61.38 -8.29
C LYS B 790 3.42 62.48 -8.49
N THR B 791 4.41 62.21 -9.34
CA THR B 791 5.43 63.19 -9.62
C THR B 791 4.84 64.39 -10.36
N PRO B 792 5.39 65.58 -10.13
CA PRO B 792 4.91 66.77 -10.84
C PRO B 792 5.37 66.76 -12.28
N PRO B 793 4.73 67.54 -13.16
CA PRO B 793 5.21 67.63 -14.55
C PRO B 793 6.64 68.10 -14.66
N ILE B 794 7.09 68.96 -13.75
CA ILE B 794 8.48 69.43 -13.77
C ILE B 794 9.39 68.28 -13.38
N LYS B 795 10.48 68.10 -14.12
CA LYS B 795 11.45 67.05 -13.86
C LYS B 795 12.82 67.64 -13.49
N ASP B 796 12.81 68.71 -12.69
CA ASP B 796 14.06 69.34 -12.24
C ASP B 796 14.54 68.62 -10.98
N PHE B 797 15.06 67.42 -11.20
CA PHE B 797 15.56 66.58 -10.11
C PHE B 797 17.07 66.72 -9.93
N GLY B 798 17.62 67.90 -10.21
CA GLY B 798 19.04 68.13 -10.00
C GLY B 798 19.97 67.40 -10.94
N GLY B 799 19.47 66.92 -12.07
CA GLY B 799 20.27 66.18 -13.03
C GLY B 799 20.01 64.69 -13.04
N PHE B 800 19.48 64.13 -11.95
CA PHE B 800 19.12 62.73 -11.92
C PHE B 800 18.00 62.45 -12.93
N ASN B 801 18.15 61.36 -13.67
CA ASN B 801 17.24 61.02 -14.77
C ASN B 801 16.49 59.76 -14.35
N PHE B 802 15.24 59.94 -13.94
CA PHE B 802 14.39 58.84 -13.52
C PHE B 802 13.44 58.37 -14.62
N SER B 803 13.59 58.85 -15.85
CA SER B 803 12.66 58.51 -16.91
C SER B 803 12.63 57.01 -17.20
N GLN B 804 13.68 56.28 -16.81
CA GLN B 804 13.74 54.86 -17.07
C GLN B 804 13.02 54.03 -16.01
N ILE B 805 12.76 54.59 -14.83
CA ILE B 805 12.08 53.87 -13.77
C ILE B 805 10.70 54.44 -13.46
N LEU B 806 10.43 55.70 -13.80
CA LEU B 806 9.14 56.29 -13.55
C LEU B 806 8.14 55.80 -14.58
N PRO B 807 6.84 55.84 -14.27
CA PRO B 807 5.84 55.37 -15.23
C PRO B 807 5.89 56.16 -16.53
N ASP B 808 5.68 55.45 -17.64
CA ASP B 808 5.56 56.09 -18.94
C ASP B 808 4.09 56.18 -19.30
N PRO B 809 3.52 57.39 -19.41
CA PRO B 809 2.07 57.49 -19.70
C PRO B 809 1.69 56.90 -21.05
N SER B 810 2.63 56.77 -21.98
CA SER B 810 2.40 56.17 -23.29
C SER B 810 2.84 54.71 -23.33
N LYS B 811 2.57 53.96 -22.26
CA LYS B 811 3.03 52.59 -22.07
C LYS B 811 1.81 51.79 -21.62
N PRO B 812 1.91 50.46 -21.34
CA PRO B 812 0.69 49.72 -20.97
C PRO B 812 0.08 50.17 -19.64
N SER B 813 -0.33 51.43 -19.61
CA SER B 813 -1.29 51.99 -18.67
C SER B 813 -0.76 52.17 -17.24
N LYS B 814 0.34 51.51 -16.89
CA LYS B 814 1.01 51.88 -15.64
C LYS B 814 2.51 51.59 -15.60
N ARG B 815 3.11 51.00 -16.61
CA ARG B 815 4.36 50.25 -16.45
C ARG B 815 5.53 51.05 -17.00
N SER B 816 6.58 51.18 -16.19
CA SER B 816 7.79 51.85 -16.63
C SER B 816 8.58 50.95 -17.58
N PHE B 817 9.70 51.48 -18.07
CA PHE B 817 10.52 50.74 -19.02
C PHE B 817 11.12 49.49 -18.37
N ILE B 818 11.69 49.65 -17.18
CA ILE B 818 12.36 48.52 -16.53
C ILE B 818 11.35 47.46 -16.11
N GLU B 819 10.17 47.88 -15.65
CA GLU B 819 9.12 46.91 -15.34
C GLU B 819 8.72 46.14 -16.59
N ASP B 820 8.64 46.82 -17.74
CA ASP B 820 8.34 46.12 -18.98
C ASP B 820 9.44 45.12 -19.33
N LEU B 821 10.71 45.51 -19.16
CA LEU B 821 11.81 44.58 -19.36
C LEU B 821 11.66 43.36 -18.47
N LEU B 822 11.29 43.57 -17.21
CA LEU B 822 11.17 42.46 -16.27
C LEU B 822 10.02 41.53 -16.65
N PHE B 823 8.89 42.10 -17.07
CA PHE B 823 7.72 41.31 -17.39
C PHE B 823 7.91 40.45 -18.63
N ASN B 824 8.96 40.70 -19.42
CA ASN B 824 9.22 39.95 -20.64
C ASN B 824 10.32 38.91 -20.47
N LYS B 825 10.87 38.77 -19.27
CA LYS B 825 11.93 37.79 -19.00
C LYS B 825 11.41 36.61 -18.18
N VAL B 826 10.11 36.53 -17.96
CA VAL B 826 9.49 35.45 -17.20
C VAL B 826 8.34 34.89 -18.03
N THR B 827 8.32 33.57 -18.20
CA THR B 827 7.26 32.92 -18.96
C THR B 827 6.07 32.59 -18.07
N LEU B 849 -0.09 22.57 -18.93
CA LEU B 849 -0.70 23.32 -20.03
C LEU B 849 -1.71 24.34 -19.50
N ILE B 850 -2.13 25.26 -20.38
CA ILE B 850 -2.96 26.38 -19.96
C ILE B 850 -4.28 25.89 -19.37
N CYS B 851 -4.97 25.00 -20.08
CA CYS B 851 -6.29 24.56 -19.66
C CYS B 851 -6.48 23.05 -19.67
N ALA B 852 -5.54 22.28 -20.23
CA ALA B 852 -5.66 20.82 -20.19
C ALA B 852 -5.70 20.27 -18.78
N GLN B 853 -5.16 21.00 -17.80
CA GLN B 853 -5.31 20.62 -16.40
C GLN B 853 -6.62 21.10 -15.79
N LYS B 854 -7.23 22.15 -16.36
CA LYS B 854 -8.46 22.70 -15.82
C LYS B 854 -9.57 21.66 -15.74
N PHE B 855 -9.54 20.66 -16.64
CA PHE B 855 -10.60 19.66 -16.68
C PHE B 855 -10.43 18.56 -15.64
N ASN B 856 -9.42 18.64 -14.78
CA ASN B 856 -9.24 17.69 -13.69
C ASN B 856 -9.40 18.35 -12.33
N GLY B 857 -10.15 19.45 -12.27
CA GLY B 857 -10.41 20.15 -11.02
C GLY B 857 -9.33 21.09 -10.56
N LEU B 858 -8.22 21.19 -11.29
CA LEU B 858 -7.13 22.08 -10.92
C LEU B 858 -7.36 23.45 -11.57
N THR B 859 -7.62 24.45 -10.75
CA THR B 859 -7.87 25.81 -11.22
C THR B 859 -6.85 26.75 -10.60
N VAL B 860 -6.64 27.89 -11.26
CA VAL B 860 -5.71 28.91 -10.80
C VAL B 860 -6.51 30.18 -10.52
N LEU B 861 -6.70 30.49 -9.24
CA LEU B 861 -7.44 31.68 -8.87
C LEU B 861 -6.64 32.93 -9.27
N PRO B 862 -7.32 33.99 -9.68
CA PRO B 862 -6.61 35.22 -10.03
C PRO B 862 -6.23 36.00 -8.78
N PRO B 863 -5.10 36.70 -8.82
CA PRO B 863 -4.66 37.46 -7.64
C PRO B 863 -5.59 38.64 -7.35
N LEU B 864 -5.65 39.00 -6.06
CA LEU B 864 -6.51 40.11 -5.66
C LEU B 864 -6.04 41.42 -6.27
N LEU B 865 -4.73 41.64 -6.31
CA LEU B 865 -4.14 42.87 -6.82
C LEU B 865 -3.59 42.62 -8.23
N THR B 866 -4.26 43.20 -9.24
CA THR B 866 -3.79 43.06 -10.60
C THR B 866 -2.48 43.81 -10.81
N ASP B 867 -1.78 43.43 -11.89
CA ASP B 867 -0.45 44.00 -12.16
C ASP B 867 -0.50 45.52 -12.28
N GLU B 868 -1.60 46.06 -12.81
CA GLU B 868 -1.74 47.51 -12.93
C GLU B 868 -1.78 48.18 -11.56
N MET B 869 -2.48 47.57 -10.61
CA MET B 869 -2.56 48.15 -9.27
C MET B 869 -1.22 48.08 -8.55
N ILE B 870 -0.49 46.99 -8.73
CA ILE B 870 0.85 46.90 -8.15
C ILE B 870 1.78 47.95 -8.77
N ALA B 871 1.66 48.16 -10.08
CA ALA B 871 2.43 49.21 -10.74
C ALA B 871 2.06 50.58 -10.19
N GLN B 872 0.77 50.81 -9.95
CA GLN B 872 0.34 52.06 -9.33
C GLN B 872 0.96 52.25 -7.96
N TYR B 873 0.97 51.19 -7.15
CA TYR B 873 1.54 51.28 -5.81
C TYR B 873 3.03 51.59 -5.87
N THR B 874 3.75 50.92 -6.75
CA THR B 874 5.18 51.17 -6.87
C THR B 874 5.45 52.58 -7.40
N SER B 875 4.59 53.06 -8.31
CA SER B 875 4.72 54.45 -8.77
C SER B 875 4.51 55.43 -7.63
N ALA B 876 3.52 55.17 -6.77
CA ALA B 876 3.29 56.06 -5.64
C ALA B 876 4.49 56.06 -4.70
N LEU B 877 5.02 54.86 -4.41
CA LEU B 877 6.20 54.75 -3.56
C LEU B 877 7.38 55.49 -4.16
N LEU B 878 7.61 55.32 -5.47
CA LEU B 878 8.73 55.95 -6.14
C LEU B 878 8.59 57.47 -6.13
N ALA B 879 7.38 57.98 -6.36
CA ALA B 879 7.17 59.42 -6.36
C ALA B 879 7.36 60.00 -4.96
N GLY B 880 6.85 59.30 -3.94
CA GLY B 880 7.10 59.73 -2.57
C GLY B 880 8.57 59.77 -2.22
N THR B 881 9.30 58.72 -2.57
CA THR B 881 10.74 58.71 -2.32
C THR B 881 11.43 59.85 -3.02
N ILE B 882 11.10 60.08 -4.30
CA ILE B 882 11.80 61.10 -5.08
C ILE B 882 11.50 62.50 -4.54
N THR B 883 10.25 62.78 -4.22
CA THR B 883 9.86 64.15 -3.90
C THR B 883 9.89 64.49 -2.41
N SER B 884 9.99 63.49 -1.53
CA SER B 884 9.92 63.76 -0.10
C SER B 884 10.92 62.98 0.72
N GLY B 885 11.69 62.06 0.12
CA GLY B 885 12.67 61.31 0.87
C GLY B 885 12.06 60.24 1.75
N TRP B 886 12.32 60.33 3.06
CA TRP B 886 11.80 59.39 4.03
C TRP B 886 10.62 59.95 4.83
N THR B 887 10.33 61.24 4.70
CA THR B 887 9.28 61.85 5.51
C THR B 887 7.91 61.27 5.19
N PHE B 888 7.67 60.94 3.92
CA PHE B 888 6.34 60.49 3.51
C PHE B 888 5.92 59.20 4.20
N GLY B 889 6.87 58.44 4.73
CA GLY B 889 6.55 57.25 5.48
C GLY B 889 6.27 57.58 6.93
N ALA B 890 7.09 58.45 7.51
CA ALA B 890 6.93 58.82 8.90
C ALA B 890 5.63 59.59 9.14
N GLY B 891 5.15 60.32 8.14
CA GLY B 891 3.94 61.09 8.30
C GLY B 891 3.47 61.70 6.99
N ALA B 892 3.06 62.95 7.03
CA ALA B 892 2.65 63.63 5.81
C ALA B 892 3.85 63.85 4.91
N ALA B 893 3.61 63.84 3.60
CA ALA B 893 4.68 64.02 2.64
C ALA B 893 5.13 65.48 2.64
N LEU B 894 6.43 65.69 2.83
CA LEU B 894 7.00 67.02 2.91
C LEU B 894 8.02 67.16 1.78
N GLN B 895 7.67 67.95 0.77
CA GLN B 895 8.54 68.08 -0.39
C GLN B 895 9.90 68.63 0.01
N ILE B 896 10.88 68.40 -0.87
CA ILE B 896 12.25 68.84 -0.66
C ILE B 896 13.00 68.69 -1.99
N PRO B 897 13.80 69.66 -2.40
CA PRO B 897 14.54 69.52 -3.66
C PRO B 897 15.38 68.25 -3.62
N PHE B 898 15.41 67.53 -4.75
CA PHE B 898 16.06 66.22 -4.77
C PHE B 898 17.55 66.35 -4.47
N ALA B 899 18.20 67.40 -5.00
CA ALA B 899 19.60 67.63 -4.70
C ALA B 899 19.84 67.69 -3.20
N MET B 900 18.99 68.41 -2.47
CA MET B 900 19.18 68.52 -1.03
C MET B 900 18.84 67.21 -0.32
N GLN B 901 17.92 66.43 -0.88
CA GLN B 901 17.66 65.10 -0.35
C GLN B 901 18.89 64.23 -0.45
N MET B 902 19.55 64.25 -1.61
CA MET B 902 20.80 63.50 -1.77
C MET B 902 21.90 64.06 -0.88
N ALA B 903 21.87 65.37 -0.61
CA ALA B 903 22.81 65.95 0.35
C ALA B 903 22.60 65.35 1.73
N TYR B 904 21.34 65.22 2.15
CA TYR B 904 21.04 64.56 3.42
C TYR B 904 21.50 63.11 3.41
N ARG B 905 21.29 62.43 2.28
CA ARG B 905 21.69 61.02 2.17
C ARG B 905 23.20 60.89 2.33
N PHE B 906 23.96 61.73 1.63
CA PHE B 906 25.41 61.73 1.76
C PHE B 906 25.82 62.05 3.19
N ASN B 907 25.18 63.05 3.79
CA ASN B 907 25.50 63.43 5.17
C ASN B 907 25.24 62.28 6.14
N GLY B 908 24.44 61.30 5.75
CA GLY B 908 24.15 60.18 6.62
C GLY B 908 25.13 59.03 6.53
N ILE B 909 26.00 59.05 5.53
CA ILE B 909 27.02 58.01 5.36
C ILE B 909 28.42 58.56 5.64
N GLY B 910 28.52 59.65 6.38
CA GLY B 910 29.80 60.19 6.76
C GLY B 910 30.48 61.07 5.74
N VAL B 911 29.76 61.52 4.72
CA VAL B 911 30.30 62.45 3.72
C VAL B 911 29.53 63.75 3.81
N THR B 912 30.24 64.85 4.04
CA THR B 912 29.60 66.15 4.22
C THR B 912 28.80 66.54 2.97
N GLN B 913 27.95 67.56 3.14
CA GLN B 913 27.05 67.96 2.06
C GLN B 913 27.81 68.53 0.87
N ASN B 914 28.83 69.37 1.13
CA ASN B 914 29.50 70.09 0.06
C ASN B 914 30.08 69.16 -0.99
N VAL B 915 30.40 67.92 -0.62
CA VAL B 915 30.90 66.94 -1.58
C VAL B 915 29.91 66.75 -2.71
N LEU B 916 28.62 66.64 -2.37
CA LEU B 916 27.59 66.52 -3.41
C LEU B 916 27.53 67.76 -4.28
N TYR B 917 27.25 68.91 -3.67
CA TYR B 917 27.00 70.12 -4.45
C TYR B 917 28.19 70.44 -5.35
N GLU B 918 29.41 70.33 -4.84
CA GLU B 918 30.58 70.58 -5.67
C GLU B 918 30.77 69.52 -6.75
N ASN B 919 30.07 68.40 -6.67
CA ASN B 919 30.17 67.32 -7.64
C ASN B 919 28.79 66.79 -8.00
N GLN B 920 27.84 67.71 -8.21
CA GLN B 920 26.46 67.31 -8.50
C GLN B 920 26.36 66.67 -9.89
N LYS B 921 26.93 67.32 -10.90
CA LYS B 921 26.84 66.83 -12.27
C LYS B 921 27.48 65.46 -12.41
N LEU B 922 28.64 65.27 -11.77
CA LEU B 922 29.32 63.97 -11.83
C LEU B 922 28.43 62.86 -11.30
N ILE B 923 27.82 63.09 -10.13
CA ILE B 923 26.96 62.09 -9.51
C ILE B 923 25.74 61.82 -10.39
N ALA B 924 25.14 62.88 -10.94
CA ALA B 924 23.99 62.69 -11.82
C ALA B 924 24.36 61.85 -13.04
N ASN B 925 25.50 62.15 -13.67
CA ASN B 925 25.92 61.39 -14.83
C ASN B 925 26.21 59.94 -14.46
N GLN B 926 26.84 59.71 -13.31
CA GLN B 926 27.08 58.35 -12.86
C GLN B 926 25.78 57.59 -12.66
N PHE B 927 24.78 58.24 -12.05
CA PHE B 927 23.50 57.58 -11.82
C PHE B 927 22.82 57.24 -13.14
N ASN B 928 22.84 58.17 -14.10
CA ASN B 928 22.24 57.89 -15.40
C ASN B 928 22.95 56.74 -16.10
N SER B 929 24.28 56.74 -16.10
CA SER B 929 25.03 55.65 -16.72
C SER B 929 24.74 54.32 -16.04
N ALA B 930 24.61 54.33 -14.70
CA ALA B 930 24.29 53.10 -13.99
C ALA B 930 22.91 52.58 -14.37
N ILE B 931 21.94 53.48 -14.50
CA ILE B 931 20.60 53.07 -14.91
C ILE B 931 20.63 52.49 -16.33
N GLY B 932 21.38 53.13 -17.23
CA GLY B 932 21.53 52.59 -18.57
C GLY B 932 22.16 51.22 -18.58
N LYS B 933 23.20 51.03 -17.76
CA LYS B 933 23.85 49.72 -17.66
C LYS B 933 22.88 48.66 -17.13
N ILE B 934 22.06 49.04 -16.14
CA ILE B 934 21.06 48.10 -15.62
C ILE B 934 20.08 47.71 -16.72
N GLN B 935 19.60 48.68 -17.48
CA GLN B 935 18.72 48.38 -18.61
C GLN B 935 19.38 47.42 -19.60
N ASP B 936 20.63 47.70 -19.96
CA ASP B 936 21.33 46.84 -20.91
C ASP B 936 21.47 45.43 -20.36
N SER B 937 21.85 45.30 -19.10
CA SER B 937 22.03 43.98 -18.49
C SER B 937 20.72 43.21 -18.47
N LEU B 938 19.61 43.88 -18.10
CA LEU B 938 18.33 43.19 -18.05
C LEU B 938 17.83 42.83 -19.44
N SER B 939 18.13 43.65 -20.44
CA SER B 939 17.66 43.37 -21.80
C SER B 939 18.48 42.27 -22.47
N SER B 940 19.77 42.16 -22.13
CA SER B 940 20.63 41.20 -22.80
C SER B 940 20.51 39.81 -22.20
N THR B 941 20.48 39.72 -20.88
CA THR B 941 20.50 38.44 -20.17
C THR B 941 19.11 38.16 -19.61
N ALA B 942 18.60 36.95 -19.86
CA ALA B 942 17.32 36.53 -19.30
C ALA B 942 17.44 35.72 -18.02
N SER B 943 18.62 35.16 -17.73
CA SER B 943 18.81 34.41 -16.48
C SER B 943 18.83 35.31 -15.26
N ALA B 944 18.91 36.64 -15.44
CA ALA B 944 18.98 37.56 -14.31
C ALA B 944 17.81 37.36 -13.36
N LEU B 945 16.62 37.13 -13.89
CA LEU B 945 15.42 36.94 -13.07
C LEU B 945 15.18 35.47 -12.72
N GLY B 946 16.24 34.66 -12.71
CA GLY B 946 16.09 33.25 -12.41
C GLY B 946 15.33 32.99 -11.13
N LYS B 947 15.64 33.76 -10.08
CA LYS B 947 14.97 33.58 -8.79
C LYS B 947 13.46 33.58 -8.95
N LEU B 948 12.92 34.48 -9.79
CA LEU B 948 11.48 34.45 -10.06
C LEU B 948 11.12 33.23 -10.89
N GLN B 949 11.84 33.03 -12.00
CA GLN B 949 11.51 31.95 -12.93
C GLN B 949 11.43 30.61 -12.21
N ASP B 950 12.48 30.28 -11.45
CA ASP B 950 12.51 29.07 -10.65
C ASP B 950 11.16 28.84 -9.99
N VAL B 951 10.70 29.84 -9.21
CA VAL B 951 9.43 29.71 -8.49
C VAL B 951 8.35 29.21 -9.43
N VAL B 952 8.09 29.98 -10.49
CA VAL B 952 7.07 29.59 -11.48
C VAL B 952 7.28 28.14 -11.87
N ASN B 953 8.48 27.83 -12.37
CA ASN B 953 8.75 26.49 -12.87
C ASN B 953 8.34 25.45 -11.83
N GLN B 954 8.80 25.64 -10.59
CA GLN B 954 8.53 24.65 -9.55
C GLN B 954 7.04 24.38 -9.47
N ASN B 955 6.24 25.45 -9.32
CA ASN B 955 4.80 25.27 -9.21
C ASN B 955 4.29 24.44 -10.39
N ALA B 956 4.64 24.88 -11.61
CA ALA B 956 4.17 24.18 -12.79
C ALA B 956 4.53 22.70 -12.69
N GLN B 957 5.79 22.42 -12.40
CA GLN B 957 6.26 21.04 -12.32
C GLN B 957 5.37 20.25 -11.37
N ALA B 958 5.16 20.80 -10.16
CA ALA B 958 4.29 20.15 -9.19
C ALA B 958 2.97 19.75 -9.85
N LEU B 959 2.26 20.75 -10.38
CA LEU B 959 0.97 20.50 -11.00
C LEU B 959 1.07 19.39 -12.02
N ASN B 960 2.10 19.46 -12.89
CA ASN B 960 2.24 18.46 -13.94
C ASN B 960 2.27 17.07 -13.34
N THR B 961 3.11 16.85 -12.33
CA THR B 961 3.18 15.54 -11.70
C THR B 961 1.81 15.12 -11.19
N LEU B 962 1.12 16.05 -10.51
CA LEU B 962 -0.23 15.77 -10.05
C LEU B 962 -1.10 15.26 -11.18
N VAL B 963 -1.11 15.98 -12.30
CA VAL B 963 -1.91 15.56 -13.45
C VAL B 963 -1.48 14.18 -13.91
N LYS B 964 -0.16 13.95 -13.99
CA LYS B 964 0.30 12.64 -14.45
C LYS B 964 -0.04 11.54 -13.46
N GLN B 965 -0.27 11.89 -12.19
CA GLN B 965 -0.70 10.88 -11.24
C GLN B 965 -2.08 10.31 -11.57
N LEU B 966 -2.85 10.98 -12.44
CA LEU B 966 -4.11 10.42 -12.90
C LEU B 966 -3.92 9.28 -13.90
N SER B 967 -2.70 9.06 -14.39
CA SER B 967 -2.41 8.04 -15.38
C SER B 967 -1.89 6.75 -14.76
N SER B 968 -1.87 6.66 -13.44
CA SER B 968 -1.33 5.51 -12.73
C SER B 968 -2.44 4.62 -12.19
N ASN B 969 -2.21 3.31 -12.23
CA ASN B 969 -3.20 2.34 -11.78
C ASN B 969 -3.19 2.17 -10.27
N PHE B 970 -2.06 2.42 -9.62
CA PHE B 970 -1.88 2.27 -8.17
C PHE B 970 -2.24 0.86 -7.71
N GLY B 971 -2.16 -0.13 -8.58
CA GLY B 971 -2.52 -1.49 -8.27
C GLY B 971 -3.87 -1.92 -8.82
N ALA B 972 -4.70 -0.97 -9.23
CA ALA B 972 -5.97 -1.29 -9.86
C ALA B 972 -5.75 -1.95 -11.22
N ILE B 973 -6.86 -2.34 -11.84
CA ILE B 973 -6.80 -3.00 -13.15
C ILE B 973 -6.87 -2.00 -14.30
N SER B 974 -7.07 -0.71 -14.03
CA SER B 974 -7.07 0.32 -15.06
C SER B 974 -7.06 1.68 -14.38
N SER B 975 -6.33 2.62 -14.99
CA SER B 975 -6.22 3.97 -14.43
C SER B 975 -7.40 4.87 -14.82
N VAL B 976 -8.37 4.36 -15.55
CA VAL B 976 -9.54 5.12 -15.96
C VAL B 976 -10.74 4.61 -15.16
N LEU B 977 -11.34 5.50 -14.36
CA LEU B 977 -12.46 5.10 -13.50
C LEU B 977 -13.64 4.60 -14.32
N ASN B 978 -13.90 5.24 -15.46
CA ASN B 978 -15.03 4.86 -16.30
C ASN B 978 -14.90 3.42 -16.78
N ASP B 979 -13.69 3.00 -17.14
CA ASP B 979 -13.49 1.63 -17.59
C ASP B 979 -13.77 0.63 -16.48
N ILE B 980 -13.29 0.91 -15.27
CA ILE B 980 -13.55 0.01 -14.14
C ILE B 980 -15.04 -0.06 -13.85
N LEU B 981 -15.74 1.08 -13.93
CA LEU B 981 -17.17 1.06 -13.71
C LEU B 981 -17.92 0.30 -14.81
N SER B 982 -17.41 0.36 -16.05
CA SER B 982 -18.06 -0.32 -17.17
C SER B 982 -17.71 -1.79 -17.25
N ARG B 983 -16.66 -2.24 -16.57
CA ARG B 983 -16.16 -3.60 -16.71
C ARG B 983 -16.43 -4.49 -15.51
N LEU B 984 -16.72 -3.93 -14.34
CA LEU B 984 -16.93 -4.72 -13.13
C LEU B 984 -18.21 -4.30 -12.43
N ASP B 985 -18.82 -5.27 -11.76
CA ASP B 985 -19.96 -5.01 -10.89
C ASP B 985 -19.47 -4.46 -9.56
N PRO B 986 -20.37 -3.88 -8.75
CA PRO B 986 -19.92 -3.20 -7.51
C PRO B 986 -19.07 -4.07 -6.60
N PRO B 987 -19.39 -5.37 -6.42
CA PRO B 987 -18.60 -6.16 -5.45
C PRO B 987 -17.08 -6.01 -5.55
N GLU B 988 -16.52 -5.95 -6.75
CA GLU B 988 -15.08 -5.75 -6.92
C GLU B 988 -14.72 -4.40 -7.49
N ALA B 989 -15.65 -3.75 -8.20
CA ALA B 989 -15.44 -2.36 -8.59
C ALA B 989 -15.17 -1.49 -7.37
N GLU B 990 -15.79 -1.83 -6.23
CA GLU B 990 -15.55 -1.06 -5.01
C GLU B 990 -14.09 -1.18 -4.57
N VAL B 991 -13.53 -2.39 -4.64
CA VAL B 991 -12.12 -2.58 -4.28
C VAL B 991 -11.22 -1.81 -5.24
N GLN B 992 -11.49 -1.92 -6.54
CA GLN B 992 -10.66 -1.22 -7.53
C GLN B 992 -10.70 0.29 -7.32
N ILE B 993 -11.91 0.84 -7.15
CA ILE B 993 -12.07 2.26 -6.92
C ILE B 993 -11.45 2.67 -5.59
N ASP B 994 -11.45 1.78 -4.59
CA ASP B 994 -10.81 2.07 -3.32
C ASP B 994 -9.31 2.24 -3.52
N ARG B 995 -8.69 1.34 -4.29
CA ARG B 995 -7.27 1.48 -4.58
C ARG B 995 -6.99 2.80 -5.31
N LEU B 996 -7.80 3.10 -6.34
CA LEU B 996 -7.58 4.33 -7.09
C LEU B 996 -7.75 5.56 -6.20
N ILE B 997 -8.78 5.56 -5.34
CA ILE B 997 -9.04 6.69 -4.46
C ILE B 997 -7.89 6.87 -3.47
N THR B 998 -7.39 5.78 -2.91
CA THR B 998 -6.26 5.87 -1.98
C THR B 998 -5.05 6.48 -2.67
N GLY B 999 -4.75 6.01 -3.89
CA GLY B 999 -3.62 6.56 -4.61
C GLY B 999 -3.77 8.04 -4.90
N ARG B 1000 -4.93 8.44 -5.43
CA ARG B 1000 -5.13 9.83 -5.80
C ARG B 1000 -5.17 10.73 -4.57
N LEU B 1001 -5.73 10.24 -3.46
CA LEU B 1001 -5.73 11.01 -2.22
C LEU B 1001 -4.32 11.20 -1.70
N GLN B 1002 -3.49 10.16 -1.78
CA GLN B 1002 -2.09 10.31 -1.36
C GLN B 1002 -1.37 11.33 -2.23
N SER B 1003 -1.62 11.29 -3.55
CA SER B 1003 -1.01 12.28 -4.43
C SER B 1003 -1.46 13.69 -4.07
N LEU B 1004 -2.76 13.87 -3.80
CA LEU B 1004 -3.28 15.18 -3.43
C LEU B 1004 -2.66 15.68 -2.14
N GLN B 1005 -2.55 14.80 -1.13
CA GLN B 1005 -1.94 15.21 0.13
C GLN B 1005 -0.49 15.60 -0.05
N THR B 1006 0.26 14.83 -0.85
CA THR B 1006 1.64 15.17 -1.14
C THR B 1006 1.74 16.54 -1.79
N TYR B 1007 0.89 16.79 -2.80
CA TYR B 1007 0.90 18.08 -3.48
C TYR B 1007 0.58 19.21 -2.51
N VAL B 1008 -0.40 19.00 -1.64
CA VAL B 1008 -0.80 20.03 -0.69
C VAL B 1008 0.34 20.35 0.26
N THR B 1009 1.04 19.31 0.75
CA THR B 1009 2.16 19.55 1.65
C THR B 1009 3.29 20.30 0.95
N GLN B 1010 3.60 19.92 -0.29
CA GLN B 1010 4.59 20.66 -1.06
C GLN B 1010 4.19 22.12 -1.21
N GLN B 1011 2.92 22.36 -1.53
CA GLN B 1011 2.44 23.74 -1.68
C GLN B 1011 2.57 24.50 -0.37
N LEU B 1012 2.26 23.85 0.75
CA LEU B 1012 2.34 24.51 2.05
C LEU B 1012 3.78 24.91 2.37
N ILE B 1013 4.73 24.00 2.11
CA ILE B 1013 6.13 24.32 2.41
C ILE B 1013 6.64 25.43 1.50
N ARG B 1014 6.29 25.36 0.21
CA ARG B 1014 6.71 26.42 -0.70
C ARG B 1014 6.05 27.75 -0.35
N ALA B 1015 4.81 27.72 0.14
CA ALA B 1015 4.16 28.94 0.58
C ALA B 1015 4.82 29.51 1.81
N ALA B 1016 5.31 28.66 2.72
CA ALA B 1016 6.10 29.15 3.84
C ALA B 1016 7.38 29.83 3.33
N GLU B 1017 8.04 29.22 2.36
CA GLU B 1017 9.22 29.83 1.74
C GLU B 1017 8.88 31.21 1.19
N ILE B 1018 7.81 31.29 0.39
CA ILE B 1018 7.44 32.54 -0.25
C ILE B 1018 6.98 33.57 0.77
N ARG B 1019 6.36 33.14 1.86
CA ARG B 1019 6.00 34.07 2.93
C ARG B 1019 7.24 34.66 3.58
N ALA B 1020 8.26 33.83 3.81
CA ALA B 1020 9.52 34.34 4.34
C ALA B 1020 10.14 35.36 3.38
N SER B 1021 10.14 35.04 2.09
CA SER B 1021 10.68 35.98 1.11
C SER B 1021 9.85 37.26 1.04
N ALA B 1022 8.54 37.15 1.22
CA ALA B 1022 7.67 38.33 1.19
C ALA B 1022 7.89 39.20 2.41
N ASN B 1023 8.10 38.59 3.58
CA ASN B 1023 8.44 39.36 4.76
C ASN B 1023 9.77 40.08 4.58
N LEU B 1024 10.75 39.40 3.98
CA LEU B 1024 12.02 40.06 3.69
C LEU B 1024 11.82 41.23 2.72
N ALA B 1025 11.00 41.05 1.69
CA ALA B 1025 10.75 42.12 0.74
C ALA B 1025 10.05 43.30 1.40
N ALA B 1026 9.06 43.02 2.27
CA ALA B 1026 8.37 44.09 2.98
C ALA B 1026 9.32 44.85 3.89
N THR B 1027 10.20 44.13 4.60
CA THR B 1027 11.17 44.80 5.46
C THR B 1027 12.12 45.66 4.64
N LYS B 1028 12.56 45.16 3.49
CA LYS B 1028 13.43 45.94 2.61
C LYS B 1028 12.72 47.19 2.11
N MET B 1029 11.45 47.06 1.72
CA MET B 1029 10.70 48.22 1.25
C MET B 1029 10.51 49.25 2.35
N SER B 1030 10.25 48.79 3.57
CA SER B 1030 10.05 49.71 4.68
C SER B 1030 11.34 50.44 5.04
N GLU B 1031 12.43 49.71 5.20
CA GLU B 1031 13.66 50.28 5.75
C GLU B 1031 14.65 50.71 4.68
N CYS B 1032 14.30 50.59 3.41
CA CYS B 1032 15.19 50.85 2.28
C CYS B 1032 14.63 51.88 1.32
N VAL B 1033 13.33 51.81 1.04
CA VAL B 1033 12.67 52.78 0.17
C VAL B 1033 12.13 53.95 0.97
N LEU B 1034 11.31 53.67 1.99
CA LEU B 1034 10.71 54.69 2.84
C LEU B 1034 11.69 55.32 3.81
N GLY B 1035 12.97 54.98 3.70
CA GLY B 1035 13.98 55.55 4.56
C GLY B 1035 15.38 55.42 3.98
N GLN B 1036 16.36 55.20 4.86
CA GLN B 1036 17.75 55.00 4.43
C GLN B 1036 18.38 54.07 5.46
N SER B 1037 18.61 52.82 5.06
CA SER B 1037 19.16 51.83 5.97
C SER B 1037 20.67 51.96 6.06
N LYS B 1038 21.18 52.00 7.29
CA LYS B 1038 22.61 51.91 7.55
C LYS B 1038 23.06 50.48 7.79
N ARG B 1039 22.16 49.51 7.62
CA ARG B 1039 22.54 48.11 7.74
C ARG B 1039 23.43 47.74 6.56
N VAL B 1040 24.60 47.19 6.88
CA VAL B 1040 25.62 46.93 5.87
C VAL B 1040 25.19 45.79 4.96
N ASP B 1041 25.31 46.02 3.64
CA ASP B 1041 25.04 45.02 2.62
C ASP B 1041 23.59 44.55 2.59
N PHE B 1042 22.75 45.13 3.44
CA PHE B 1042 21.33 44.77 3.44
C PHE B 1042 20.57 45.51 2.36
N CYS B 1043 21.13 46.58 1.82
CA CYS B 1043 20.50 47.38 0.78
C CYS B 1043 21.52 47.71 -0.31
N GLY B 1044 22.22 46.69 -0.78
CA GLY B 1044 23.16 46.81 -1.87
C GLY B 1044 24.59 46.98 -1.39
N LYS B 1045 25.53 46.52 -2.21
CA LYS B 1045 26.94 46.62 -1.89
C LYS B 1045 27.37 48.08 -1.81
N GLY B 1046 28.21 48.39 -0.83
CA GLY B 1046 28.64 49.75 -0.60
C GLY B 1046 27.78 50.46 0.43
N TYR B 1047 27.98 51.77 0.51
CA TYR B 1047 27.17 52.60 1.40
C TYR B 1047 25.85 52.89 0.72
N HIS B 1048 24.75 52.67 1.43
CA HIS B 1048 23.44 52.81 0.83
C HIS B 1048 23.03 54.27 0.77
N LEU B 1049 22.58 54.69 -0.42
CA LEU B 1049 22.01 56.01 -0.63
C LEU B 1049 20.49 55.97 -0.69
N MET B 1050 19.92 55.11 -1.53
CA MET B 1050 18.47 54.99 -1.61
C MET B 1050 18.14 53.71 -2.38
N SER B 1051 16.84 53.51 -2.62
CA SER B 1051 16.36 52.33 -3.32
C SER B 1051 15.14 52.73 -4.14
N PHE B 1052 14.91 52.00 -5.22
CA PHE B 1052 13.72 52.17 -6.05
C PHE B 1052 13.06 50.82 -6.30
N PRO B 1053 11.79 50.65 -5.96
CA PRO B 1053 11.13 49.36 -6.19
C PRO B 1053 10.53 49.27 -7.58
N GLN B 1054 10.46 48.04 -8.08
CA GLN B 1054 9.85 47.76 -9.37
C GLN B 1054 9.06 46.46 -9.26
N SER B 1055 7.85 46.45 -9.82
CA SER B 1055 7.07 45.22 -9.82
C SER B 1055 7.72 44.18 -10.73
N ALA B 1056 7.24 42.95 -10.64
CA ALA B 1056 7.64 41.88 -11.53
C ALA B 1056 6.69 40.71 -11.30
N PRO B 1057 6.49 39.83 -12.30
CA PRO B 1057 5.52 38.74 -12.11
C PRO B 1057 5.82 37.91 -10.88
N HIS B 1058 4.96 38.02 -9.87
CA HIS B 1058 5.09 37.29 -8.61
C HIS B 1058 6.39 37.64 -7.90
N GLY B 1059 6.76 38.91 -7.92
CA GLY B 1059 7.96 39.32 -7.21
C GLY B 1059 8.23 40.81 -7.38
N VAL B 1060 9.26 41.26 -6.67
CA VAL B 1060 9.68 42.65 -6.68
C VAL B 1060 11.17 42.71 -6.98
N VAL B 1061 11.60 43.84 -7.53
CA VAL B 1061 12.99 44.06 -7.91
C VAL B 1061 13.40 45.42 -7.35
N PHE B 1062 14.41 45.43 -6.48
CA PHE B 1062 14.93 46.66 -5.91
C PHE B 1062 16.17 47.10 -6.68
N LEU B 1063 16.14 48.34 -7.17
CA LEU B 1063 17.33 49.01 -7.69
C LEU B 1063 17.93 49.79 -6.53
N HIS B 1064 19.01 49.27 -5.96
CA HIS B 1064 19.66 49.87 -4.81
C HIS B 1064 20.74 50.83 -5.31
N VAL B 1065 20.55 52.12 -5.06
CA VAL B 1065 21.54 53.14 -5.40
C VAL B 1065 22.46 53.33 -4.22
N THR B 1066 23.74 53.01 -4.41
CA THR B 1066 24.75 52.98 -3.36
C THR B 1066 25.97 53.78 -3.81
N TYR B 1067 26.73 54.24 -2.81
CA TYR B 1067 27.93 55.05 -3.04
C TYR B 1067 29.14 54.18 -2.74
N VAL B 1068 30.10 54.13 -3.68
CA VAL B 1068 31.26 53.25 -3.58
C VAL B 1068 32.52 54.05 -3.86
N PRO B 1069 33.45 54.17 -2.93
CA PRO B 1069 34.73 54.83 -3.25
C PRO B 1069 35.48 54.08 -4.34
N ALA B 1070 36.09 54.85 -5.24
CA ALA B 1070 36.72 54.31 -6.45
C ALA B 1070 38.23 54.51 -6.47
N GLN B 1071 38.70 55.75 -6.35
CA GLN B 1071 40.10 56.07 -6.47
C GLN B 1071 40.63 56.43 -5.09
N GLU B 1072 41.77 55.86 -4.71
CA GLU B 1072 42.29 55.97 -3.36
C GLU B 1072 43.78 56.33 -3.39
N LYS B 1073 44.22 56.97 -2.31
CA LYS B 1073 45.62 57.38 -2.17
C LYS B 1073 46.12 56.98 -0.80
N ASN B 1074 47.40 56.60 -0.74
CA ASN B 1074 48.08 56.35 0.53
C ASN B 1074 48.38 57.66 1.23
N PHE B 1075 48.36 57.62 2.57
CA PHE B 1075 48.80 58.77 3.36
C PHE B 1075 49.42 58.27 4.65
N THR B 1076 50.34 59.05 5.19
CA THR B 1076 50.83 58.82 6.54
C THR B 1076 49.88 59.51 7.51
N THR B 1077 49.54 58.84 8.60
CA THR B 1077 48.50 59.33 9.49
C THR B 1077 48.98 59.27 10.94
N ALA B 1078 48.34 60.08 11.77
CA ALA B 1078 48.61 60.14 13.20
C ALA B 1078 47.31 60.26 13.96
N PRO B 1079 47.20 59.63 15.13
CA PRO B 1079 45.94 59.68 15.88
C PRO B 1079 45.67 61.04 16.51
N ALA B 1080 46.69 61.88 16.71
CA ALA B 1080 46.52 63.19 17.31
C ALA B 1080 47.86 63.91 17.24
N ILE B 1081 47.82 65.21 17.52
CA ILE B 1081 48.99 66.09 17.37
C ILE B 1081 49.10 66.99 18.60
N CYS B 1082 50.30 67.11 19.14
CA CYS B 1082 50.57 68.12 20.15
C CYS B 1082 50.63 69.50 19.50
N HIS B 1083 50.14 70.51 20.20
CA HIS B 1083 50.38 71.90 19.84
C HIS B 1083 51.06 72.69 20.94
N ASP B 1084 50.54 72.63 22.15
CA ASP B 1084 51.10 73.34 23.31
C ASP B 1084 51.16 72.40 24.50
N GLY B 1085 51.52 71.15 24.26
CA GLY B 1085 51.50 70.11 25.29
C GLY B 1085 50.19 69.36 25.28
N LYS B 1086 49.09 70.09 25.08
CA LYS B 1086 47.78 69.47 24.93
C LYS B 1086 47.67 68.75 23.59
N ALA B 1087 46.83 67.72 23.56
CA ALA B 1087 46.61 66.94 22.35
C ALA B 1087 45.29 67.34 21.72
N HIS B 1088 45.27 67.34 20.38
CA HIS B 1088 44.08 67.67 19.61
C HIS B 1088 43.59 66.43 18.89
N PHE B 1089 42.29 66.14 19.01
CA PHE B 1089 41.71 65.04 18.27
C PHE B 1089 40.69 65.60 17.28
N PRO B 1090 40.56 64.99 16.10
CA PRO B 1090 39.67 65.55 15.08
C PRO B 1090 38.21 65.24 15.39
N ARG B 1091 37.36 66.27 15.27
CA ARG B 1091 35.94 66.11 15.50
C ARG B 1091 35.34 65.08 14.54
N GLU B 1092 35.40 65.39 13.24
CA GLU B 1092 34.93 64.49 12.19
C GLU B 1092 35.99 64.42 11.11
N GLY B 1093 36.56 63.24 10.91
CA GLY B 1093 37.65 63.03 9.98
C GLY B 1093 38.92 62.63 10.71
N VAL B 1094 39.96 62.40 9.90
CA VAL B 1094 41.26 61.92 10.38
C VAL B 1094 42.35 62.86 9.89
N PHE B 1095 43.45 62.89 10.64
CA PHE B 1095 44.64 63.61 10.23
C PHE B 1095 45.38 62.83 9.16
N VAL B 1096 45.90 63.55 8.15
CA VAL B 1096 46.70 62.97 7.09
C VAL B 1096 47.89 63.87 6.81
N SER B 1097 48.88 63.31 6.11
CA SER B 1097 50.05 64.06 5.68
C SER B 1097 50.40 63.64 4.27
N ASN B 1098 50.52 64.61 3.36
CA ASN B 1098 50.98 64.36 2.00
C ASN B 1098 52.49 64.26 1.88
N GLY B 1099 53.20 64.10 3.00
CA GLY B 1099 54.64 64.00 2.99
C GLY B 1099 55.32 65.06 3.82
N THR B 1100 54.82 66.28 3.75
CA THR B 1100 55.42 67.42 4.44
C THR B 1100 54.47 68.12 5.40
N HIS B 1101 53.22 68.35 5.00
CA HIS B 1101 52.26 69.09 5.80
C HIS B 1101 51.20 68.15 6.33
N TRP B 1102 50.47 68.63 7.34
CA TRP B 1102 49.41 67.85 7.99
C TRP B 1102 48.08 68.55 7.81
N PHE B 1103 47.08 67.81 7.33
CA PHE B 1103 45.72 68.29 7.19
C PHE B 1103 44.77 67.40 7.96
N VAL B 1104 43.53 67.86 8.11
CA VAL B 1104 42.45 67.05 8.65
C VAL B 1104 41.38 66.92 7.58
N THR B 1105 41.08 65.68 7.20
CA THR B 1105 40.17 65.39 6.10
C THR B 1105 39.13 64.38 6.56
N GLN B 1106 37.88 64.58 6.16
CA GLN B 1106 36.86 63.57 6.40
C GLN B 1106 37.32 62.22 5.88
N ARG B 1107 36.81 61.16 6.49
CA ARG B 1107 37.38 59.82 6.32
C ARG B 1107 36.79 59.06 5.15
N ASN B 1108 35.77 59.60 4.48
CA ASN B 1108 35.17 58.92 3.34
C ASN B 1108 35.44 59.64 2.03
N PHE B 1109 36.13 60.78 2.07
CA PHE B 1109 36.45 61.55 0.85
C PHE B 1109 37.58 62.50 1.17
N TYR B 1110 38.67 62.41 0.41
CA TYR B 1110 39.86 63.22 0.67
C TYR B 1110 39.53 64.69 0.45
N GLU B 1111 39.33 65.42 1.54
CA GLU B 1111 38.98 66.84 1.51
C GLU B 1111 39.87 67.54 2.51
N PRO B 1112 41.15 67.75 2.18
CA PRO B 1112 42.09 68.26 3.18
C PRO B 1112 41.73 69.67 3.63
N GLN B 1113 41.74 69.86 4.95
CA GLN B 1113 41.49 71.15 5.56
C GLN B 1113 42.62 71.45 6.55
N ILE B 1114 42.99 72.73 6.64
CA ILE B 1114 44.00 73.14 7.61
C ILE B 1114 43.53 72.75 9.01
N ILE B 1115 44.47 72.33 9.86
CA ILE B 1115 44.13 71.92 11.22
C ILE B 1115 43.99 73.17 12.08
N THR B 1116 42.82 73.32 12.72
CA THR B 1116 42.53 74.48 13.54
C THR B 1116 41.77 74.03 14.78
N THR B 1117 41.43 74.98 15.64
CA THR B 1117 40.75 74.66 16.88
C THR B 1117 39.24 74.52 16.72
N ASP B 1118 38.70 74.70 15.52
CA ASP B 1118 37.29 74.41 15.26
C ASP B 1118 37.09 73.11 14.51
N ASN B 1119 38.16 72.48 14.05
CA ASN B 1119 38.12 71.13 13.49
C ASN B 1119 38.50 70.07 14.50
N THR B 1120 39.24 70.46 15.55
CA THR B 1120 39.80 69.55 16.53
C THR B 1120 39.42 70.02 17.92
N PHE B 1121 39.26 69.07 18.83
CA PHE B 1121 38.96 69.35 20.22
C PHE B 1121 40.08 68.83 21.10
N VAL B 1122 40.30 69.51 22.22
CA VAL B 1122 41.41 69.21 23.12
C VAL B 1122 40.94 68.19 24.14
N SER B 1123 41.89 67.41 24.66
CA SER B 1123 41.60 66.48 25.75
C SER B 1123 42.92 66.12 26.42
N GLY B 1124 43.09 66.52 27.67
CA GLY B 1124 44.28 66.09 28.40
C GLY B 1124 45.56 66.64 27.79
N ASN B 1125 46.59 65.81 27.80
CA ASN B 1125 47.89 66.17 27.25
C ASN B 1125 48.40 64.99 26.44
N CYS B 1126 49.41 65.26 25.61
CA CYS B 1126 49.84 64.31 24.59
C CYS B 1126 51.02 63.46 25.03
N ASP B 1127 51.10 63.13 26.32
CA ASP B 1127 52.02 62.11 26.81
C ASP B 1127 51.41 60.72 26.90
N VAL B 1128 50.13 60.54 26.57
CA VAL B 1128 49.46 59.26 26.71
C VAL B 1128 49.14 58.62 25.36
N VAL B 1129 48.66 59.40 24.40
CA VAL B 1129 48.31 58.83 23.10
C VAL B 1129 49.55 58.25 22.43
N ILE B 1130 49.36 57.12 21.76
CA ILE B 1130 50.42 56.39 21.06
C ILE B 1130 50.38 56.73 19.58
N GLY B 1131 51.51 57.17 19.04
CA GLY B 1131 51.63 57.57 17.64
C GLY B 1131 51.50 59.06 17.35
N ILE B 1132 51.42 59.89 18.39
CA ILE B 1132 51.31 61.33 18.19
C ILE B 1132 52.49 61.88 17.38
N VAL B 1133 52.22 62.94 16.63
CA VAL B 1133 53.23 63.61 15.82
C VAL B 1133 53.10 65.11 16.08
N ASN B 1134 54.21 65.82 15.95
CA ASN B 1134 54.21 67.25 16.22
C ASN B 1134 53.68 68.02 15.02
N ASN B 1135 53.06 69.17 15.29
CA ASN B 1135 52.52 70.06 14.28
C ASN B 1135 51.99 71.29 15.00
N THR B 1136 51.61 72.30 14.22
CA THR B 1136 50.99 73.52 14.72
C THR B 1136 49.51 73.54 14.40
N VAL B 1137 48.70 73.97 15.35
CA VAL B 1137 47.25 74.08 15.21
C VAL B 1137 46.93 75.57 15.10
N TYR B 1138 46.72 76.05 13.88
CA TYR B 1138 46.39 77.45 13.68
C TYR B 1138 45.10 77.82 14.43
N ASP B 1139 45.13 78.97 15.10
CA ASP B 1139 44.01 79.44 15.89
C ASP B 1139 43.37 80.62 15.19
N PRO B 1140 42.10 80.52 14.77
CA PRO B 1140 41.49 81.62 14.02
C PRO B 1140 41.41 82.92 14.81
N LEU B 1141 41.31 82.85 16.14
CA LEU B 1141 41.08 84.05 16.93
C LEU B 1141 42.34 84.90 17.07
N GLN B 1142 43.53 84.30 16.97
CA GLN B 1142 44.76 85.07 17.15
C GLN B 1142 44.94 86.16 16.10
N PRO B 1143 44.83 85.89 14.80
CA PRO B 1143 44.95 86.99 13.82
C PRO B 1143 43.94 88.10 14.03
N GLU B 1144 42.70 87.75 14.36
CA GLU B 1144 41.68 88.77 14.60
C GLU B 1144 42.04 89.61 15.82
N LEU B 1145 42.53 88.98 16.89
CA LEU B 1145 42.94 89.73 18.07
C LEU B 1145 44.11 90.66 17.75
N ASP B 1146 45.08 90.18 16.97
CA ASP B 1146 46.21 91.00 16.60
C ASP B 1146 45.78 92.19 15.74
N SER B 1147 44.90 91.95 14.79
CA SER B 1147 44.42 93.00 13.89
C SER B 1147 43.45 93.93 14.60
N ALA C 27 10.29 -21.76 50.40
CA ALA C 27 11.20 -20.64 50.54
C ALA C 27 11.15 -19.73 49.32
N TYR C 28 11.71 -18.53 49.46
CA TYR C 28 11.74 -17.55 48.38
C TYR C 28 13.05 -16.81 48.41
N THR C 29 13.43 -16.24 47.27
CA THR C 29 14.69 -15.51 47.17
C THR C 29 14.52 -14.42 46.11
N ASN C 30 15.40 -13.42 46.17
CA ASN C 30 15.38 -12.30 45.24
C ASN C 30 16.22 -12.65 44.03
N SER C 31 15.66 -12.43 42.83
CA SER C 31 16.39 -12.59 41.57
C SER C 31 16.86 -11.21 41.12
N PHE C 32 17.97 -10.76 41.71
CA PHE C 32 18.47 -9.40 41.58
C PHE C 32 18.49 -8.89 40.14
N THR C 33 19.37 -9.47 39.31
CA THR C 33 19.49 -9.10 37.91
C THR C 33 19.77 -10.31 37.02
N ARG C 34 19.34 -11.50 37.45
CA ARG C 34 19.66 -12.73 36.73
C ARG C 34 18.49 -13.16 35.85
N GLY C 35 18.82 -13.94 34.83
CA GLY C 35 17.83 -14.44 33.89
C GLY C 35 17.92 -13.87 32.49
N VAL C 36 19.00 -13.18 32.15
CA VAL C 36 19.19 -12.60 30.83
C VAL C 36 19.92 -13.60 29.94
N TYR C 37 19.33 -13.94 28.80
CA TYR C 37 19.87 -14.90 27.87
C TYR C 37 19.85 -14.33 26.46
N TYR C 38 20.87 -14.67 25.67
CA TYR C 38 20.96 -14.23 24.27
C TYR C 38 19.69 -14.63 23.52
N PRO C 39 18.83 -13.69 23.15
CA PRO C 39 17.55 -14.06 22.53
C PRO C 39 17.68 -14.65 21.14
N ASP C 40 18.87 -14.71 20.58
CA ASP C 40 19.08 -15.23 19.23
C ASP C 40 20.57 -15.49 19.03
N LYS C 41 20.94 -15.82 17.79
CA LYS C 41 22.33 -16.10 17.43
C LYS C 41 22.86 -14.98 16.53
N VAL C 42 22.53 -13.74 16.87
CA VAL C 42 22.85 -12.58 16.07
C VAL C 42 23.92 -11.77 16.78
N PHE C 43 24.96 -11.39 16.05
CA PHE C 43 26.06 -10.59 16.61
C PHE C 43 25.75 -9.10 16.53
N ARG C 44 26.06 -8.40 17.62
CA ARG C 44 25.91 -6.95 17.72
C ARG C 44 27.02 -6.42 18.59
N SER C 45 27.62 -5.30 18.19
CA SER C 45 28.76 -4.73 18.88
C SER C 45 28.42 -3.32 19.31
N SER C 46 28.65 -3.02 20.59
CA SER C 46 28.48 -1.67 21.14
C SER C 46 27.11 -1.09 20.78
N VAL C 47 26.06 -1.88 21.05
CA VAL C 47 24.71 -1.53 20.64
C VAL C 47 23.74 -1.76 21.80
N LEU C 48 22.82 -0.83 21.97
CA LEU C 48 21.73 -0.95 22.94
C LEU C 48 20.49 -1.39 22.17
N HIS C 49 20.08 -2.64 22.38
CA HIS C 49 19.00 -3.25 21.59
C HIS C 49 17.79 -3.49 22.48
N SER C 50 16.62 -3.12 21.97
CA SER C 50 15.35 -3.33 22.66
C SER C 50 14.66 -4.55 22.06
N THR C 51 14.34 -5.53 22.90
CA THR C 51 13.71 -6.76 22.45
C THR C 51 12.70 -7.22 23.50
N GLN C 52 11.56 -7.69 23.03
CA GLN C 52 10.50 -8.20 23.91
C GLN C 52 10.42 -9.72 23.78
N ASP C 53 10.44 -10.40 24.92
CA ASP C 53 10.38 -11.86 24.97
C ASP C 53 10.15 -12.26 26.42
N LEU C 54 10.21 -13.57 26.67
CA LEU C 54 10.03 -14.14 28.00
C LEU C 54 11.32 -13.99 28.79
N PHE C 55 11.30 -13.16 29.84
CA PHE C 55 12.44 -12.98 30.71
C PHE C 55 12.02 -13.11 32.16
N LEU C 56 13.01 -13.27 33.03
CA LEU C 56 12.79 -13.25 34.47
C LEU C 56 12.76 -11.81 34.99
N PRO C 57 11.64 -11.33 35.50
CA PRO C 57 11.57 -9.95 35.99
C PRO C 57 12.61 -9.69 37.08
N PHE C 58 13.21 -8.51 37.04
CA PHE C 58 14.23 -8.16 38.02
C PHE C 58 13.63 -8.05 39.41
N PHE C 59 14.42 -8.46 40.41
CA PHE C 59 14.04 -8.39 41.82
C PHE C 59 12.69 -9.08 42.08
N SER C 60 12.42 -10.15 41.33
CA SER C 60 11.22 -10.94 41.55
C SER C 60 11.51 -12.08 42.53
N ASN C 61 10.48 -12.86 42.82
CA ASN C 61 10.60 -14.01 43.71
C ASN C 61 10.95 -15.28 42.93
N VAL C 62 11.98 -15.99 43.41
CA VAL C 62 12.36 -17.27 42.85
C VAL C 62 12.26 -18.30 43.97
N THR C 63 11.64 -19.44 43.68
CA THR C 63 11.46 -20.49 44.67
C THR C 63 12.78 -21.20 44.96
N TRP C 64 13.07 -21.38 46.25
CA TRP C 64 14.31 -21.97 46.72
C TRP C 64 14.01 -23.32 47.36
N PHE C 65 14.73 -24.36 46.94
CA PHE C 65 14.50 -25.70 47.44
C PHE C 65 15.80 -26.29 47.98
N HIS C 66 15.68 -27.16 48.97
CA HIS C 66 16.84 -27.82 49.57
C HIS C 66 16.90 -29.29 49.16
N ASN C 81 12.19 -33.93 45.52
CA ASN C 81 12.03 -33.77 44.07
C ASN C 81 10.60 -33.41 43.69
N PRO C 82 10.11 -32.25 44.13
CA PRO C 82 8.73 -31.86 43.81
C PRO C 82 8.57 -31.57 42.33
N VAL C 83 7.34 -31.73 41.86
CA VAL C 83 6.97 -31.45 40.48
C VAL C 83 6.38 -30.05 40.41
N LEU C 84 6.80 -29.27 39.43
CA LEU C 84 6.46 -27.86 39.30
C LEU C 84 5.85 -27.60 37.94
N PRO C 85 5.05 -26.55 37.82
CA PRO C 85 4.50 -26.19 36.50
C PRO C 85 5.59 -25.64 35.58
N PHE C 86 5.25 -25.59 34.29
CA PHE C 86 6.14 -25.10 33.24
C PHE C 86 5.39 -24.13 32.34
N ASN C 87 4.76 -23.13 32.96
CA ASN C 87 3.81 -22.22 32.30
C ASN C 87 4.35 -21.73 30.96
N ASP C 88 5.42 -20.95 30.98
CA ASP C 88 5.97 -20.39 29.74
C ASP C 88 7.50 -20.38 29.79
N GLY C 89 8.08 -21.46 30.29
CA GLY C 89 9.53 -21.52 30.40
C GLY C 89 9.97 -21.36 31.84
N VAL C 90 11.12 -21.98 32.16
CA VAL C 90 11.61 -22.04 33.52
C VAL C 90 13.10 -21.72 33.52
N TYR C 91 13.50 -20.80 34.39
CA TYR C 91 14.91 -20.58 34.69
C TYR C 91 15.26 -21.40 35.93
N PHE C 92 16.33 -22.18 35.82
CA PHE C 92 16.73 -23.12 36.86
C PHE C 92 18.17 -22.83 37.24
N ALA C 93 18.47 -22.88 38.54
CA ALA C 93 19.83 -22.59 38.98
C ALA C 93 20.20 -23.56 40.09
N SER C 94 21.49 -23.90 40.15
CA SER C 94 21.99 -24.86 41.12
C SER C 94 23.38 -24.48 41.61
N THR C 95 23.57 -24.58 42.91
CA THR C 95 24.88 -24.46 43.54
C THR C 95 25.31 -25.85 43.99
N GLU C 96 26.51 -26.26 43.58
CA GLU C 96 26.94 -27.64 43.73
C GLU C 96 28.33 -27.71 44.37
N LYS C 97 28.50 -28.69 45.26
CA LYS C 97 29.81 -29.05 45.78
C LYS C 97 30.09 -30.55 45.68
N SER C 98 29.08 -31.37 45.37
CA SER C 98 29.29 -32.81 45.22
C SER C 98 28.52 -33.39 44.04
N ASN C 99 27.98 -32.56 43.15
CA ASN C 99 27.23 -33.00 41.97
C ASN C 99 26.01 -33.84 42.40
N ILE C 100 25.18 -33.23 43.24
CA ILE C 100 23.97 -33.90 43.70
C ILE C 100 22.92 -33.93 42.59
N ILE C 101 22.59 -32.76 42.05
CA ILE C 101 21.59 -32.68 41.00
C ILE C 101 22.13 -33.37 39.74
N ARG C 102 21.29 -34.21 39.13
CA ARG C 102 21.71 -35.01 37.98
C ARG C 102 20.96 -34.69 36.71
N GLY C 103 19.63 -34.62 36.75
CA GLY C 103 18.91 -34.47 35.51
C GLY C 103 17.54 -33.84 35.69
N TRP C 104 16.76 -33.89 34.61
CA TRP C 104 15.43 -33.31 34.58
C TRP C 104 14.47 -34.23 33.84
N ILE C 105 13.20 -34.15 34.23
CA ILE C 105 12.10 -34.78 33.50
C ILE C 105 11.10 -33.69 33.13
N PHE C 106 10.67 -33.68 31.86
CA PHE C 106 9.65 -32.77 31.39
C PHE C 106 8.53 -33.57 30.74
N GLY C 107 7.31 -33.05 30.81
CA GLY C 107 6.20 -33.70 30.12
C GLY C 107 4.87 -33.10 30.53
N THR C 108 3.82 -33.91 30.39
CA THR C 108 2.48 -33.54 30.82
C THR C 108 1.94 -34.45 31.90
N THR C 109 2.04 -35.77 31.72
CA THR C 109 1.63 -36.73 32.74
C THR C 109 2.79 -37.52 33.33
N LEU C 110 3.80 -37.84 32.52
CA LEU C 110 5.00 -38.55 32.99
C LEU C 110 4.64 -39.87 33.68
N ASP C 111 3.65 -40.57 33.13
CA ASP C 111 3.20 -41.86 33.67
C ASP C 111 3.01 -42.87 32.55
N SER C 112 3.93 -42.86 31.58
CA SER C 112 3.93 -43.77 30.44
C SER C 112 2.65 -43.64 29.61
N LYS C 113 1.99 -42.50 29.66
CA LYS C 113 0.81 -42.25 28.83
C LYS C 113 1.10 -41.37 27.63
N THR C 114 2.13 -40.53 27.70
CA THR C 114 2.52 -39.68 26.60
C THR C 114 4.03 -39.47 26.67
N GLN C 115 4.63 -39.11 25.55
CA GLN C 115 6.07 -38.87 25.49
C GLN C 115 6.48 -37.83 26.52
N SER C 116 7.72 -37.93 26.97
CA SER C 116 8.22 -37.07 28.03
C SER C 116 9.74 -37.00 27.94
N LEU C 117 10.27 -35.78 27.99
CA LEU C 117 11.72 -35.60 27.90
C LEU C 117 12.40 -36.08 29.19
N LEU C 118 13.45 -36.86 29.04
CA LEU C 118 14.30 -37.29 30.15
C LEU C 118 15.73 -36.91 29.82
N ILE C 119 16.35 -36.09 30.66
CA ILE C 119 17.73 -35.66 30.49
C ILE C 119 18.51 -36.08 31.73
N VAL C 120 19.56 -36.88 31.54
CA VAL C 120 20.33 -37.42 32.66
C VAL C 120 21.81 -37.33 32.33
N ASN C 121 22.59 -36.80 33.28
CA ASN C 121 24.05 -36.77 33.19
C ASN C 121 24.61 -37.84 34.13
N ASN C 122 24.80 -39.05 33.58
CA ASN C 122 25.37 -40.15 34.37
C ASN C 122 26.91 -39.99 34.37
N ALA C 123 27.35 -39.01 35.16
CA ALA C 123 28.66 -38.95 35.81
C ALA C 123 29.80 -38.86 34.82
N THR C 124 29.54 -39.24 33.57
CA THR C 124 30.36 -38.89 32.42
C THR C 124 29.55 -38.65 31.15
N ASN C 125 28.30 -39.09 31.08
CA ASN C 125 27.58 -39.15 29.82
C ASN C 125 26.28 -38.37 29.93
N VAL C 126 26.09 -37.40 29.04
CA VAL C 126 24.82 -36.69 28.92
C VAL C 126 23.93 -37.47 27.96
N VAL C 127 22.71 -37.78 28.40
CA VAL C 127 21.77 -38.54 27.58
C VAL C 127 20.42 -37.83 27.62
N ILE C 128 19.84 -37.63 26.44
CA ILE C 128 18.52 -37.03 26.28
C ILE C 128 17.65 -38.01 25.50
N LYS C 129 16.48 -38.32 26.05
CA LYS C 129 15.54 -39.23 25.42
C LYS C 129 14.14 -38.65 25.51
N VAL C 130 13.26 -39.08 24.61
CA VAL C 130 11.89 -38.60 24.60
C VAL C 130 10.92 -39.79 24.56
N CYS C 131 11.35 -40.94 25.07
CA CYS C 131 10.49 -42.11 25.09
C CYS C 131 9.35 -41.91 26.09
N GLU C 132 8.29 -42.70 25.90
CA GLU C 132 7.16 -42.72 26.83
C GLU C 132 7.54 -43.54 28.07
N PHE C 133 8.47 -42.99 28.84
CA PHE C 133 8.99 -43.70 30.00
C PHE C 133 7.91 -43.89 31.06
N GLN C 134 8.00 -45.00 31.78
CA GLN C 134 7.17 -45.24 32.95
C GLN C 134 8.00 -44.91 34.19
N PHE C 135 7.67 -43.79 34.84
CA PHE C 135 8.46 -43.27 35.93
C PHE C 135 7.97 -43.80 37.28
N CYS C 136 8.88 -43.85 38.24
CA CYS C 136 8.54 -44.19 39.61
C CYS C 136 7.85 -43.02 40.31
N ASN C 137 7.27 -43.30 41.47
CA ASN C 137 6.68 -42.23 42.27
C ASN C 137 7.73 -41.20 42.68
N ASP C 138 8.91 -41.67 43.10
CA ASP C 138 10.04 -40.80 43.43
C ASP C 138 11.26 -41.30 42.66
N PRO C 139 11.41 -40.91 41.39
CA PRO C 139 12.52 -41.43 40.59
C PRO C 139 13.88 -40.89 41.02
N PHE C 140 14.46 -41.47 42.06
CA PHE C 140 15.77 -41.05 42.53
C PHE C 140 16.84 -42.01 42.06
N LEU C 141 18.08 -41.51 41.98
CA LEU C 141 19.24 -42.31 41.62
C LEU C 141 20.07 -42.61 42.85
N GLY C 142 20.75 -43.76 42.83
CA GLY C 142 21.55 -44.21 43.95
C GLY C 142 22.60 -43.22 44.39
N VAL C 143 22.65 -42.94 45.69
CA VAL C 143 23.61 -42.00 46.24
C VAL C 143 25.02 -42.59 46.19
N ASN C 165 8.10 -46.21 22.74
CA ASN C 165 7.90 -45.21 21.70
C ASN C 165 8.87 -44.05 21.85
N CYS C 166 10.01 -44.13 21.17
CA CYS C 166 11.05 -43.11 21.23
C CYS C 166 11.12 -42.42 19.88
N THR C 167 11.09 -41.09 19.90
CA THR C 167 11.18 -40.30 18.67
C THR C 167 12.48 -39.53 18.54
N PHE C 168 13.36 -39.62 19.53
CA PHE C 168 14.65 -38.94 19.50
C PHE C 168 15.52 -39.52 20.63
N GLU C 169 16.83 -39.54 20.40
CA GLU C 169 17.77 -40.05 21.39
C GLU C 169 19.14 -39.49 21.09
N TYR C 170 19.73 -38.77 22.06
CA TYR C 170 21.05 -38.18 21.90
C TYR C 170 21.92 -38.55 23.09
N VAL C 171 23.21 -38.75 22.83
CA VAL C 171 24.19 -39.06 23.86
C VAL C 171 25.44 -38.22 23.60
N SER C 172 25.97 -37.62 24.66
CA SER C 172 27.18 -36.81 24.56
C SER C 172 28.39 -37.59 25.04
N ASN C 188 30.28 -24.42 43.10
CA ASN C 188 30.09 -24.07 41.69
C ASN C 188 28.62 -23.75 41.40
N LEU C 189 28.39 -22.88 40.42
CA LEU C 189 27.07 -22.40 40.07
C LEU C 189 26.77 -22.72 38.61
N ARG C 190 25.57 -23.24 38.36
CA ARG C 190 25.12 -23.53 37.01
C ARG C 190 23.71 -22.98 36.82
N GLU C 191 23.50 -22.22 35.75
CA GLU C 191 22.20 -21.66 35.42
C GLU C 191 21.75 -22.18 34.05
N PHE C 192 20.48 -22.52 33.95
CA PHE C 192 19.88 -23.00 32.71
C PHE C 192 18.55 -22.30 32.49
N VAL C 193 18.19 -22.15 31.22
CA VAL C 193 16.88 -21.62 30.83
C VAL C 193 16.27 -22.60 29.84
N PHE C 194 15.14 -23.22 30.23
CA PHE C 194 14.41 -24.12 29.36
C PHE C 194 13.12 -23.42 28.91
N LYS C 195 12.87 -23.40 27.61
CA LYS C 195 11.58 -22.90 27.15
C LYS C 195 11.16 -23.67 25.89
N ASN C 196 9.87 -23.60 25.59
CA ASN C 196 9.28 -24.33 24.47
C ASN C 196 8.45 -23.37 23.64
N ILE C 197 8.92 -23.06 22.44
CA ILE C 197 8.25 -22.13 21.53
C ILE C 197 8.11 -22.79 20.17
N ASP C 198 6.89 -22.86 19.67
CA ASP C 198 6.58 -23.36 18.33
C ASP C 198 7.20 -24.73 18.08
N GLY C 199 7.07 -25.61 19.06
CA GLY C 199 7.56 -26.97 18.98
C GLY C 199 9.06 -27.12 19.16
N TYR C 200 9.79 -26.04 19.40
CA TYR C 200 11.23 -26.09 19.61
C TYR C 200 11.52 -25.89 21.09
N PHE C 201 12.37 -26.75 21.65
CA PHE C 201 12.73 -26.68 23.06
C PHE C 201 14.13 -26.07 23.16
N LYS C 202 14.18 -24.79 23.48
CA LYS C 202 15.44 -24.07 23.66
C LYS C 202 15.99 -24.31 25.07
N ILE C 203 17.27 -24.68 25.13
CA ILE C 203 17.99 -24.89 26.38
C ILE C 203 19.24 -24.02 26.32
N TYR C 204 19.25 -22.96 27.13
CA TYR C 204 20.41 -22.09 27.31
C TYR C 204 21.07 -22.42 28.64
N SER C 205 22.38 -22.16 28.74
CA SER C 205 23.10 -22.56 29.93
C SER C 205 24.27 -21.62 30.18
N LYS C 206 24.80 -21.67 31.40
CA LYS C 206 25.98 -20.92 31.79
C LYS C 206 26.53 -21.50 33.08
N HIS C 207 27.85 -21.58 33.17
CA HIS C 207 28.53 -22.08 34.36
C HIS C 207 29.46 -21.00 34.90
N THR C 208 29.64 -20.99 36.21
CA THR C 208 30.55 -20.03 36.83
C THR C 208 30.95 -20.54 38.21
N PRO C 209 32.15 -20.23 38.68
CA PRO C 209 32.50 -20.53 40.07
C PRO C 209 31.80 -19.58 41.03
N ILE C 210 31.71 -20.02 42.28
CA ILE C 210 31.01 -19.24 43.32
C ILE C 210 31.55 -19.68 44.67
N ASN C 211 31.55 -18.75 45.63
CA ASN C 211 31.83 -19.06 47.04
C ASN C 211 30.70 -18.46 47.86
N LEU C 212 29.61 -19.22 47.97
CA LEU C 212 28.42 -18.79 48.69
C LEU C 212 27.47 -19.97 48.81
N VAL C 213 26.74 -20.03 49.92
CA VAL C 213 25.92 -21.18 50.26
C VAL C 213 24.44 -20.80 50.39
N ARG C 214 24.15 -19.72 51.11
CA ARG C 214 22.79 -19.47 51.59
C ARG C 214 21.90 -18.72 50.61
N ASP C 215 22.43 -18.25 49.47
CA ASP C 215 21.60 -17.49 48.55
C ASP C 215 22.30 -17.38 47.20
N LEU C 216 21.56 -16.88 46.21
CA LEU C 216 22.13 -16.64 44.90
C LEU C 216 23.13 -15.48 44.96
N PRO C 217 24.15 -15.49 44.09
CA PRO C 217 25.09 -14.37 44.05
C PRO C 217 24.47 -13.19 43.32
N GLN C 218 24.81 -11.99 43.78
CA GLN C 218 24.34 -10.77 43.13
C GLN C 218 25.32 -10.39 42.03
N GLY C 219 24.81 -10.08 40.85
CA GLY C 219 25.64 -9.79 39.71
C GLY C 219 24.90 -10.07 38.43
N PHE C 220 25.58 -9.78 37.32
CA PHE C 220 25.01 -9.91 35.98
C PHE C 220 25.86 -10.87 35.15
N SER C 221 25.18 -11.72 34.38
CA SER C 221 25.84 -12.65 33.49
C SER C 221 24.82 -13.18 32.50
N ALA C 222 25.25 -13.37 31.26
CA ALA C 222 24.37 -13.82 30.20
C ALA C 222 24.50 -15.33 29.99
N LEU C 223 23.43 -15.93 29.47
CA LEU C 223 23.37 -17.38 29.25
C LEU C 223 23.37 -17.66 27.76
N GLU C 224 24.33 -18.45 27.30
CA GLU C 224 24.43 -18.78 25.90
C GLU C 224 23.52 -19.95 25.55
N PRO C 225 23.11 -20.08 24.29
CA PRO C 225 22.35 -21.27 23.88
C PRO C 225 23.24 -22.49 23.72
N LEU C 226 22.73 -23.62 24.22
CA LEU C 226 23.39 -24.91 24.09
C LEU C 226 22.63 -25.90 23.23
N VAL C 227 21.32 -26.05 23.43
CA VAL C 227 20.55 -27.05 22.69
C VAL C 227 19.26 -26.43 22.15
N ASP C 228 18.85 -26.87 20.98
CA ASP C 228 17.59 -26.47 20.35
C ASP C 228 16.90 -27.74 19.86
N LEU C 229 16.16 -28.41 20.74
CA LEU C 229 15.56 -29.69 20.36
C LEU C 229 14.36 -29.46 19.45
N PRO C 230 14.28 -30.16 18.31
CA PRO C 230 13.08 -30.08 17.46
C PRO C 230 11.97 -31.02 17.93
N ILE C 231 12.07 -31.47 19.18
CA ILE C 231 11.21 -32.51 19.74
C ILE C 231 9.76 -32.37 19.34
N GLY C 232 9.20 -31.17 19.50
CA GLY C 232 7.80 -30.93 19.20
C GLY C 232 6.83 -31.36 20.26
N ILE C 233 7.30 -31.93 21.36
CA ILE C 233 6.43 -32.35 22.45
C ILE C 233 6.11 -31.13 23.31
N ASN C 234 4.81 -30.89 23.54
CA ASN C 234 4.39 -29.80 24.40
C ASN C 234 4.48 -30.22 25.86
N ILE C 235 5.06 -29.34 26.69
CA ILE C 235 5.31 -29.63 28.10
C ILE C 235 4.38 -28.75 28.93
N THR C 236 3.95 -29.29 30.08
CA THR C 236 3.16 -28.54 31.03
C THR C 236 3.80 -28.58 32.42
N ARG C 237 4.46 -29.69 32.74
CA ARG C 237 5.04 -29.90 34.06
C ARG C 237 6.44 -30.48 33.91
N PHE C 238 7.22 -30.37 34.98
CA PHE C 238 8.58 -30.88 35.01
C PHE C 238 9.01 -31.13 36.45
N GLN C 239 10.11 -31.86 36.58
CA GLN C 239 10.63 -32.26 37.88
C GLN C 239 12.14 -32.45 37.78
N THR C 240 12.81 -32.27 38.92
CA THR C 240 14.26 -32.38 39.00
C THR C 240 14.67 -33.79 39.42
N LEU C 241 15.96 -34.09 39.23
CA LEU C 241 16.52 -35.39 39.57
C LEU C 241 17.87 -35.16 40.23
N LEU C 242 17.93 -35.37 41.55
CA LEU C 242 19.16 -35.21 42.30
C LEU C 242 19.59 -36.54 42.93
N ALA C 264 20.43 -27.85 47.08
CA ALA C 264 19.61 -26.65 46.99
C ALA C 264 19.63 -26.07 45.58
N TYR C 265 18.47 -25.64 45.11
CA TYR C 265 18.35 -25.07 43.77
C TYR C 265 17.28 -23.98 43.79
N TYR C 266 17.13 -23.30 42.65
CA TYR C 266 16.22 -22.18 42.53
C TYR C 266 15.48 -22.26 41.20
N VAL C 267 14.18 -21.94 41.23
CA VAL C 267 13.29 -22.01 40.08
C VAL C 267 12.59 -20.67 39.92
N GLY C 268 12.63 -20.12 38.70
CA GLY C 268 11.85 -18.94 38.37
C GLY C 268 11.09 -19.14 37.08
N TYR C 269 10.05 -18.30 36.92
CA TYR C 269 9.13 -18.39 35.78
C TYR C 269 9.20 -17.14 34.93
N LEU C 270 9.37 -17.34 33.61
CA LEU C 270 9.49 -16.24 32.67
C LEU C 270 8.16 -15.53 32.48
N GLN C 271 8.23 -14.26 32.09
CA GLN C 271 7.08 -13.44 31.77
C GLN C 271 7.39 -12.66 30.50
N PRO C 272 6.37 -12.27 29.73
CA PRO C 272 6.62 -11.52 28.46
C PRO C 272 6.92 -10.04 28.64
N ARG C 273 8.19 -9.72 28.90
CA ARG C 273 8.61 -8.35 29.15
C ARG C 273 9.54 -7.87 28.04
N THR C 274 9.73 -6.55 28.00
CA THR C 274 10.64 -5.90 27.07
C THR C 274 11.91 -5.52 27.82
N PHE C 275 13.07 -5.82 27.23
CA PHE C 275 14.36 -5.57 27.84
C PHE C 275 15.25 -4.79 26.89
N LEU C 276 16.15 -4.01 27.47
CA LEU C 276 17.21 -3.32 26.74
C LEU C 276 18.54 -3.97 27.09
N LEU C 277 19.22 -4.52 26.08
CA LEU C 277 20.45 -5.26 26.25
C LEU C 277 21.62 -4.47 25.68
N LYS C 278 22.73 -4.43 26.41
CA LYS C 278 23.92 -3.70 26.00
C LYS C 278 24.96 -4.70 25.50
N TYR C 279 25.25 -4.64 24.20
CA TYR C 279 26.29 -5.46 23.59
C TYR C 279 27.57 -4.64 23.49
N ASN C 280 28.65 -5.17 24.07
CA ASN C 280 29.94 -4.49 24.02
C ASN C 280 30.59 -4.75 22.65
N GLU C 281 31.85 -4.35 22.50
CA GLU C 281 32.54 -4.52 21.22
C GLU C 281 32.73 -5.98 20.85
N ASN C 282 32.67 -6.89 21.80
CA ASN C 282 32.97 -8.30 21.56
C ASN C 282 31.73 -9.16 21.39
N GLY C 283 30.56 -8.55 21.21
CA GLY C 283 29.35 -9.29 20.94
C GLY C 283 28.64 -9.90 22.13
N THR C 284 29.14 -9.70 23.34
CA THR C 284 28.54 -10.31 24.52
C THR C 284 27.72 -9.30 25.30
N ILE C 285 26.66 -9.78 25.94
CA ILE C 285 25.80 -8.93 26.76
C ILE C 285 26.50 -8.61 28.06
N THR C 286 26.66 -7.32 28.36
CA THR C 286 27.31 -6.88 29.58
C THR C 286 26.37 -6.24 30.59
N ASP C 287 25.17 -5.82 30.16
CA ASP C 287 24.22 -5.24 31.08
C ASP C 287 22.83 -5.25 30.43
N ALA C 288 21.81 -5.15 31.27
CA ALA C 288 20.43 -5.19 30.80
C ALA C 288 19.59 -4.26 31.66
N VAL C 289 18.50 -3.77 31.07
CA VAL C 289 17.55 -2.90 31.74
C VAL C 289 16.14 -3.41 31.47
N ASP C 290 15.41 -3.75 32.53
CA ASP C 290 14.03 -4.18 32.40
C ASP C 290 13.18 -2.95 32.14
N CYS C 291 12.46 -2.94 31.03
CA CYS C 291 11.77 -1.73 30.57
C CYS C 291 10.48 -1.47 31.34
N ALA C 292 10.14 -2.32 32.31
CA ALA C 292 8.94 -2.15 33.12
C ALA C 292 9.24 -2.30 34.60
N LEU C 293 10.51 -2.20 34.99
CA LEU C 293 10.90 -2.38 36.39
C LEU C 293 10.57 -1.15 37.22
N ASP C 294 10.94 0.03 36.74
CA ASP C 294 10.84 1.25 37.54
C ASP C 294 10.82 2.44 36.58
N PRO C 295 10.37 3.61 37.05
CA PRO C 295 10.31 4.77 36.14
C PRO C 295 11.64 5.11 35.48
N LEU C 296 12.74 5.00 36.23
CA LEU C 296 14.05 5.30 35.65
C LEU C 296 14.37 4.35 34.51
N SER C 297 14.07 3.06 34.69
CA SER C 297 14.31 2.10 33.62
C SER C 297 13.37 2.34 32.44
N GLU C 298 12.13 2.76 32.70
CA GLU C 298 11.23 3.14 31.62
C GLU C 298 11.82 4.28 30.79
N THR C 299 12.36 5.29 31.47
CA THR C 299 13.02 6.39 30.77
C THR C 299 14.21 5.89 29.98
N LYS C 300 15.01 5.01 30.58
CA LYS C 300 16.20 4.49 29.92
C LYS C 300 15.84 3.76 28.63
N CYS C 301 14.81 2.91 28.67
CA CYS C 301 14.44 2.15 27.49
C CYS C 301 13.61 2.95 26.50
N THR C 302 13.01 4.07 26.92
CA THR C 302 12.35 4.94 25.95
C THR C 302 13.33 5.90 25.28
N LEU C 303 14.47 6.20 25.92
CA LEU C 303 15.52 6.99 25.30
C LEU C 303 16.58 6.13 24.61
N LYS C 304 16.67 4.85 24.97
CA LYS C 304 17.67 3.94 24.42
C LYS C 304 19.08 4.41 24.76
N SER C 305 19.32 4.63 26.06
CA SER C 305 20.65 4.95 26.56
C SER C 305 20.71 4.59 28.04
N PHE C 306 21.80 3.92 28.43
CA PHE C 306 21.94 3.49 29.83
C PHE C 306 22.16 4.67 30.77
N THR C 307 22.56 5.83 30.25
CA THR C 307 22.70 7.04 31.05
C THR C 307 21.90 8.13 30.37
N VAL C 308 21.05 8.80 31.14
CA VAL C 308 20.20 9.87 30.64
C VAL C 308 20.50 11.15 31.38
N GLU C 309 20.74 12.23 30.64
CA GLU C 309 21.03 13.52 31.25
C GLU C 309 19.74 14.16 31.75
N LYS C 310 19.88 15.15 32.63
CA LYS C 310 18.74 15.75 33.33
C LYS C 310 17.69 16.26 32.34
N GLY C 311 16.45 16.36 32.79
CA GLY C 311 15.37 16.79 31.93
C GLY C 311 14.05 16.08 32.23
N ILE C 312 13.03 16.33 31.42
CA ILE C 312 11.72 15.71 31.58
C ILE C 312 11.36 15.00 30.27
N TYR C 313 11.12 13.68 30.38
CA TYR C 313 10.86 12.84 29.22
C TYR C 313 9.48 12.21 29.36
N GLN C 314 8.79 12.06 28.24
CA GLN C 314 7.50 11.37 28.19
C GLN C 314 7.71 9.89 27.87
N THR C 315 7.27 9.02 28.77
CA THR C 315 7.53 7.59 28.68
C THR C 315 6.31 6.77 28.27
N SER C 316 5.19 6.89 28.98
CA SER C 316 4.03 6.05 28.72
C SER C 316 2.77 6.80 29.10
N ASN C 317 1.64 6.10 29.08
CA ASN C 317 0.34 6.67 29.40
C ASN C 317 -0.31 5.86 30.52
N PHE C 318 -0.79 6.53 31.55
CA PHE C 318 -1.49 5.89 32.66
C PHE C 318 -3.00 6.00 32.47
N ARG C 319 -3.68 4.87 32.61
CA ARG C 319 -5.13 4.79 32.49
C ARG C 319 -5.67 3.92 33.62
N VAL C 320 -6.78 4.35 34.23
CA VAL C 320 -7.38 3.57 35.31
C VAL C 320 -7.84 2.23 34.74
N GLN C 321 -7.92 1.22 35.60
CA GLN C 321 -8.40 -0.07 35.14
C GLN C 321 -9.79 -0.36 35.69
N PRO C 322 -10.63 -1.06 34.92
CA PRO C 322 -11.96 -1.42 35.42
C PRO C 322 -11.88 -2.36 36.63
N THR C 323 -12.84 -2.19 37.54
CA THR C 323 -12.91 -3.00 38.75
C THR C 323 -13.99 -4.07 38.69
N GLU C 324 -15.08 -3.81 38.00
CA GLU C 324 -16.16 -4.78 37.82
C GLU C 324 -16.60 -4.78 36.37
N SER C 325 -17.18 -5.89 35.94
CA SER C 325 -17.70 -6.04 34.58
C SER C 325 -19.22 -6.08 34.64
N ILE C 326 -19.86 -5.19 33.92
CA ILE C 326 -21.32 -5.07 33.93
C ILE C 326 -21.84 -5.60 32.60
N VAL C 327 -22.78 -6.54 32.69
CA VAL C 327 -23.44 -7.12 31.54
C VAL C 327 -24.93 -6.93 31.71
N ARG C 328 -25.58 -6.29 30.73
CA ARG C 328 -27.00 -6.00 30.80
C ARG C 328 -27.68 -6.50 29.53
N PHE C 329 -28.86 -7.10 29.72
CA PHE C 329 -29.66 -7.62 28.61
C PHE C 329 -31.11 -7.64 29.06
N PRO C 330 -32.06 -7.63 28.13
CA PRO C 330 -33.46 -7.78 28.52
C PRO C 330 -33.75 -9.20 29.00
N ASN C 331 -34.75 -9.31 29.87
CA ASN C 331 -35.14 -10.60 30.45
C ASN C 331 -36.24 -11.24 29.62
N ILE C 332 -35.84 -12.16 28.75
CA ILE C 332 -36.74 -12.94 27.90
C ILE C 332 -36.43 -14.42 28.12
N THR C 333 -37.48 -15.24 28.18
CA THR C 333 -37.33 -16.66 28.43
C THR C 333 -37.66 -17.52 27.22
N ASN C 334 -38.75 -17.23 26.51
CA ASN C 334 -39.22 -18.12 25.45
C ASN C 334 -38.15 -18.28 24.37
N LEU C 335 -37.92 -19.54 23.98
CA LEU C 335 -36.99 -19.85 22.90
C LEU C 335 -37.56 -19.41 21.56
N CYS C 336 -36.66 -19.02 20.65
CA CYS C 336 -37.07 -18.67 19.30
C CYS C 336 -37.53 -19.93 18.57
N PRO C 337 -38.67 -19.90 17.90
CA PRO C 337 -39.21 -21.11 17.24
C PRO C 337 -38.52 -21.43 15.92
N PHE C 338 -37.19 -21.62 15.97
CA PHE C 338 -36.46 -22.01 14.78
C PHE C 338 -36.92 -23.37 14.27
N GLY C 339 -37.32 -24.27 15.17
CA GLY C 339 -37.72 -25.60 14.75
C GLY C 339 -38.86 -25.59 13.76
N GLU C 340 -39.85 -24.73 14.00
CA GLU C 340 -41.02 -24.68 13.13
C GLU C 340 -40.65 -24.24 11.71
N VAL C 341 -39.48 -23.63 11.52
CA VAL C 341 -39.05 -23.19 10.21
C VAL C 341 -38.18 -24.23 9.52
N PHE C 342 -37.16 -24.74 10.21
CA PHE C 342 -36.27 -25.73 9.60
C PHE C 342 -36.94 -27.10 9.51
N ASN C 343 -37.76 -27.45 10.49
CA ASN C 343 -38.45 -28.73 10.51
C ASN C 343 -39.87 -28.64 9.96
N ALA C 344 -40.19 -27.56 9.25
CA ALA C 344 -41.50 -27.44 8.62
C ALA C 344 -41.72 -28.55 7.61
N THR C 345 -42.89 -29.19 7.67
CA THR C 345 -43.20 -30.28 6.76
C THR C 345 -43.21 -29.82 5.31
N ARG C 346 -43.79 -28.66 5.04
CA ARG C 346 -43.87 -28.12 3.69
C ARG C 346 -43.15 -26.78 3.62
N PHE C 347 -42.46 -26.54 2.52
CA PHE C 347 -41.80 -25.27 2.24
C PHE C 347 -42.44 -24.58 1.04
N ALA C 348 -42.38 -23.26 1.05
CA ALA C 348 -42.96 -22.47 -0.03
C ALA C 348 -42.01 -22.46 -1.23
N SER C 349 -42.59 -22.48 -2.44
CA SER C 349 -41.79 -22.36 -3.65
C SER C 349 -40.94 -21.09 -3.61
N VAL C 350 -39.81 -21.15 -4.32
CA VAL C 350 -38.85 -20.04 -4.27
C VAL C 350 -39.50 -18.74 -4.72
N TYR C 351 -40.31 -18.78 -5.78
CA TYR C 351 -40.98 -17.58 -6.25
C TYR C 351 -41.96 -17.02 -5.22
N ALA C 352 -42.43 -17.84 -4.29
CA ALA C 352 -43.33 -17.42 -3.23
C ALA C 352 -42.72 -17.69 -1.86
N TRP C 353 -41.42 -17.42 -1.71
CA TRP C 353 -40.70 -17.71 -0.48
C TRP C 353 -41.44 -17.16 0.74
N ASN C 354 -41.56 -18.00 1.77
CA ASN C 354 -42.28 -17.61 2.96
C ASN C 354 -41.40 -16.77 3.86
N ARG C 355 -41.99 -15.78 4.51
CA ARG C 355 -41.27 -14.94 5.47
C ARG C 355 -41.92 -15.02 6.83
N LYS C 356 -41.12 -15.36 7.84
CA LYS C 356 -41.54 -15.45 9.22
C LYS C 356 -40.78 -14.40 10.03
N ARG C 357 -41.46 -13.71 10.92
CA ARG C 357 -40.84 -12.71 11.76
C ARG C 357 -40.48 -13.35 13.10
N ILE C 358 -39.21 -13.27 13.46
CA ILE C 358 -38.70 -13.78 14.73
C ILE C 358 -38.31 -12.58 15.58
N SER C 359 -38.89 -12.52 16.78
CA SER C 359 -38.71 -11.38 17.68
C SER C 359 -39.09 -11.81 19.09
N ASN C 360 -38.53 -11.08 20.06
CA ASN C 360 -38.83 -11.24 21.49
C ASN C 360 -38.63 -12.69 21.94
N CYS C 361 -37.43 -13.21 21.69
CA CYS C 361 -37.11 -14.59 22.03
C CYS C 361 -35.61 -14.75 22.12
N VAL C 362 -35.18 -15.85 22.75
CA VAL C 362 -33.78 -16.21 22.85
C VAL C 362 -33.42 -17.13 21.70
N ALA C 363 -32.36 -16.79 20.97
CA ALA C 363 -31.92 -17.52 19.79
C ALA C 363 -30.62 -18.26 20.11
N ASP C 364 -30.72 -19.55 20.40
CA ASP C 364 -29.55 -20.39 20.65
C ASP C 364 -29.05 -20.92 19.31
N TYR C 365 -28.19 -20.12 18.65
CA TYR C 365 -27.72 -20.47 17.32
C TYR C 365 -26.84 -21.72 17.30
N SER C 366 -26.32 -22.15 18.45
CA SER C 366 -25.49 -23.36 18.49
C SER C 366 -26.20 -24.54 17.86
N VAL C 367 -27.45 -24.78 18.28
CA VAL C 367 -28.28 -25.85 17.73
C VAL C 367 -28.22 -25.89 16.21
N LEU C 368 -28.04 -24.72 15.59
CA LEU C 368 -27.95 -24.64 14.14
C LEU C 368 -26.54 -24.94 13.65
N TYR C 369 -25.53 -24.29 14.20
CA TYR C 369 -24.18 -24.44 13.66
C TYR C 369 -23.41 -25.60 14.26
N ASN C 370 -23.95 -26.28 15.27
CA ASN C 370 -23.38 -27.53 15.75
C ASN C 370 -24.03 -28.76 15.13
N SER C 371 -25.11 -28.58 14.37
CA SER C 371 -25.78 -29.69 13.71
C SER C 371 -25.00 -30.10 12.45
N ALA C 372 -24.98 -31.40 12.19
CA ALA C 372 -24.40 -31.92 10.94
C ALA C 372 -25.43 -32.06 9.84
N SER C 373 -26.67 -31.60 10.06
CA SER C 373 -27.75 -31.78 9.10
C SER C 373 -27.73 -30.77 7.96
N PHE C 374 -26.83 -29.80 7.98
CA PHE C 374 -26.80 -28.71 7.00
C PHE C 374 -25.54 -28.82 6.17
N SER C 375 -25.71 -28.83 4.84
CA SER C 375 -24.56 -28.86 3.95
C SER C 375 -23.99 -27.48 3.63
N THR C 376 -24.81 -26.43 3.73
CA THR C 376 -24.33 -25.07 3.55
C THR C 376 -24.75 -24.20 4.72
N PHE C 377 -23.80 -23.48 5.31
CA PHE C 377 -24.08 -22.59 6.44
C PHE C 377 -23.11 -21.42 6.31
N LYS C 378 -23.58 -20.32 5.72
CA LYS C 378 -22.72 -19.21 5.35
C LYS C 378 -23.29 -17.92 5.91
N CYS C 379 -22.58 -17.29 6.85
CA CYS C 379 -23.01 -16.04 7.46
C CYS C 379 -22.18 -14.91 6.90
N TYR C 380 -22.86 -13.96 6.25
CA TYR C 380 -22.23 -12.78 5.66
C TYR C 380 -22.34 -11.59 6.62
N GLY C 381 -21.19 -10.96 6.89
CA GLY C 381 -21.13 -9.78 7.71
C GLY C 381 -21.09 -10.02 9.20
N VAL C 382 -21.14 -11.29 9.64
CA VAL C 382 -21.11 -11.64 11.06
C VAL C 382 -20.47 -13.03 11.14
N SER C 383 -19.96 -13.36 12.32
CA SER C 383 -19.47 -14.71 12.61
C SER C 383 -20.49 -15.45 13.45
N PRO C 384 -20.90 -16.66 13.02
CA PRO C 384 -22.00 -17.34 13.72
C PRO C 384 -21.74 -17.56 15.20
N THR C 385 -20.48 -17.80 15.59
CA THR C 385 -20.17 -17.96 17.01
C THR C 385 -20.55 -16.72 17.80
N LYS C 386 -20.26 -15.54 17.25
CA LYS C 386 -20.56 -14.28 17.92
C LYS C 386 -22.05 -13.99 18.02
N LEU C 387 -22.89 -14.70 17.24
CA LEU C 387 -24.33 -14.49 17.30
C LEU C 387 -24.90 -14.73 18.70
N ASN C 388 -24.22 -15.51 19.54
CA ASN C 388 -24.69 -15.75 20.88
C ASN C 388 -24.47 -14.57 21.82
N ASP C 389 -23.75 -13.53 21.37
CA ASP C 389 -23.45 -12.38 22.21
C ASP C 389 -23.93 -11.07 21.57
N LEU C 390 -24.97 -11.15 20.73
CA LEU C 390 -25.50 -9.97 20.07
C LEU C 390 -27.01 -9.92 20.23
N CYS C 391 -27.54 -8.69 20.20
CA CYS C 391 -28.97 -8.44 20.17
C CYS C 391 -29.34 -7.77 18.86
N PHE C 392 -30.39 -8.27 18.22
CA PHE C 392 -30.74 -7.82 16.87
C PHE C 392 -32.00 -6.96 16.92
N THR C 393 -32.18 -6.17 15.87
CA THR C 393 -33.40 -5.35 15.76
C THR C 393 -34.63 -6.23 15.63
N ASN C 394 -34.71 -6.99 14.54
CA ASN C 394 -35.88 -7.81 14.24
C ASN C 394 -35.46 -8.85 13.22
N VAL C 395 -35.62 -10.12 13.56
CA VAL C 395 -35.08 -11.20 12.73
C VAL C 395 -36.14 -11.61 11.73
N TYR C 396 -35.70 -11.99 10.52
CA TYR C 396 -36.62 -12.45 9.49
C TYR C 396 -36.06 -13.74 8.91
N ALA C 397 -36.94 -14.74 8.75
CA ALA C 397 -36.57 -16.03 8.20
C ALA C 397 -37.31 -16.22 6.88
N ASP C 398 -36.56 -16.24 5.79
CA ASP C 398 -37.09 -16.47 4.45
C ASP C 398 -36.82 -17.93 4.08
N SER C 399 -37.86 -18.69 3.86
CA SER C 399 -37.74 -20.12 3.59
C SER C 399 -38.25 -20.43 2.19
N PHE C 400 -37.55 -21.33 1.51
CA PHE C 400 -38.00 -21.82 0.21
C PHE C 400 -37.17 -23.06 -0.16
N VAL C 401 -37.34 -23.52 -1.40
CA VAL C 401 -36.71 -24.74 -1.90
C VAL C 401 -36.19 -24.45 -3.31
N ILE C 402 -34.97 -24.93 -3.60
CA ILE C 402 -34.39 -24.78 -4.92
C ILE C 402 -33.72 -26.09 -5.33
N ARG C 403 -33.02 -26.09 -6.46
CA ARG C 403 -32.18 -27.22 -6.86
C ARG C 403 -30.72 -26.92 -6.55
N GLY C 404 -29.94 -27.99 -6.40
CA GLY C 404 -28.58 -27.85 -5.90
C GLY C 404 -27.72 -26.91 -6.72
N ASP C 405 -27.80 -27.03 -8.05
CA ASP C 405 -26.96 -26.20 -8.92
C ASP C 405 -27.20 -24.72 -8.69
N GLU C 406 -28.39 -24.36 -8.23
CA GLU C 406 -28.76 -22.96 -8.00
C GLU C 406 -28.51 -22.50 -6.57
N VAL C 407 -27.99 -23.37 -5.70
CA VAL C 407 -27.70 -22.98 -4.33
C VAL C 407 -26.69 -21.84 -4.31
N ARG C 408 -25.73 -21.88 -5.23
CA ARG C 408 -24.74 -20.80 -5.34
C ARG C 408 -25.40 -19.45 -5.57
N GLN C 409 -26.56 -19.42 -6.23
CA GLN C 409 -27.22 -18.16 -6.53
C GLN C 409 -27.75 -17.47 -5.27
N ILE C 410 -27.86 -18.16 -4.16
CA ILE C 410 -28.35 -17.55 -2.91
C ILE C 410 -27.12 -17.00 -2.20
N ALA C 411 -26.73 -15.80 -2.63
CA ALA C 411 -25.56 -15.09 -2.09
C ALA C 411 -25.50 -13.70 -2.69
N PRO C 412 -24.90 -12.73 -1.99
CA PRO C 412 -24.84 -11.36 -2.55
C PRO C 412 -24.08 -11.32 -3.86
N GLY C 413 -24.56 -10.49 -4.78
CA GLY C 413 -23.83 -10.25 -6.01
C GLY C 413 -23.83 -11.41 -6.97
N GLN C 414 -24.78 -12.32 -6.86
CA GLN C 414 -24.89 -13.47 -7.75
C GLN C 414 -25.94 -13.22 -8.84
N THR C 415 -25.79 -13.95 -9.94
CA THR C 415 -26.70 -13.88 -11.06
C THR C 415 -27.22 -15.27 -11.38
N GLY C 416 -28.19 -15.33 -12.29
CA GLY C 416 -28.83 -16.57 -12.66
C GLY C 416 -30.34 -16.48 -12.52
N LYS C 417 -31.00 -17.60 -12.80
CA LYS C 417 -32.46 -17.66 -12.77
C LYS C 417 -32.99 -17.28 -11.40
N ILE C 418 -32.50 -17.93 -10.35
CA ILE C 418 -33.06 -17.73 -9.00
C ILE C 418 -32.82 -16.30 -8.54
N ALA C 419 -31.58 -15.82 -8.65
CA ALA C 419 -31.28 -14.48 -8.15
C ALA C 419 -32.05 -13.41 -8.92
N ASP C 420 -32.14 -13.56 -10.25
CA ASP C 420 -32.75 -12.50 -11.04
C ASP C 420 -34.28 -12.52 -10.92
N TYR C 421 -34.89 -13.71 -10.91
CA TYR C 421 -36.32 -13.84 -11.06
C TYR C 421 -37.03 -14.38 -9.83
N ASN C 422 -36.32 -14.96 -8.87
CA ASN C 422 -36.98 -15.66 -7.78
C ASN C 422 -36.64 -15.10 -6.41
N TYR C 423 -35.36 -14.86 -6.11
CA TYR C 423 -34.96 -14.41 -4.78
C TYR C 423 -33.60 -13.76 -4.86
N LYS C 424 -33.51 -12.49 -4.50
CA LYS C 424 -32.29 -11.70 -4.66
C LYS C 424 -31.88 -11.15 -3.30
N LEU C 425 -30.65 -11.47 -2.88
CA LEU C 425 -30.07 -10.86 -1.69
C LEU C 425 -29.43 -9.51 -2.01
N PRO C 426 -29.42 -8.59 -1.05
CA PRO C 426 -28.72 -7.32 -1.26
C PRO C 426 -27.21 -7.49 -1.29
N ASP C 427 -26.54 -6.57 -1.98
CA ASP C 427 -25.10 -6.65 -2.13
C ASP C 427 -24.40 -6.53 -0.77
N ASP C 428 -24.94 -5.71 0.11
CA ASP C 428 -24.43 -5.54 1.47
C ASP C 428 -25.18 -6.39 2.49
N PHE C 429 -25.69 -7.54 2.06
CA PHE C 429 -26.52 -8.37 2.93
C PHE C 429 -25.77 -8.77 4.20
N THR C 430 -26.46 -8.66 5.34
CA THR C 430 -25.95 -9.13 6.61
C THR C 430 -26.90 -10.19 7.14
N GLY C 431 -26.35 -11.35 7.52
CA GLY C 431 -27.16 -12.42 8.02
C GLY C 431 -26.65 -13.76 7.51
N CYS C 432 -27.40 -14.82 7.81
CA CYS C 432 -26.92 -16.17 7.53
C CYS C 432 -27.81 -16.87 6.53
N VAL C 433 -27.22 -17.76 5.73
CA VAL C 433 -27.93 -18.60 4.78
C VAL C 433 -27.64 -20.05 5.15
N ILE C 434 -28.69 -20.85 5.26
CA ILE C 434 -28.59 -22.26 5.65
C ILE C 434 -29.32 -23.09 4.61
N ALA C 435 -28.67 -24.11 4.10
CA ALA C 435 -29.24 -24.93 3.04
C ALA C 435 -28.85 -26.38 3.24
N TRP C 436 -29.78 -27.28 2.97
CA TRP C 436 -29.49 -28.70 3.12
C TRP C 436 -30.33 -29.51 2.14
N ASN C 437 -29.78 -30.65 1.73
CA ASN C 437 -30.47 -31.53 0.78
C ASN C 437 -31.77 -32.06 1.36
N SER C 438 -32.76 -32.21 0.48
CA SER C 438 -34.09 -32.69 0.87
C SER C 438 -34.60 -33.74 -0.11
N ASN C 439 -33.70 -34.52 -0.69
CA ASN C 439 -34.10 -35.53 -1.67
C ASN C 439 -35.05 -36.56 -1.06
N ASN C 440 -34.77 -37.00 0.18
CA ASN C 440 -35.62 -37.98 0.83
C ASN C 440 -37.03 -37.48 1.08
N LEU C 441 -37.24 -36.17 1.10
CA LEU C 441 -38.52 -35.57 1.49
C LEU C 441 -39.30 -34.99 0.33
N ASP C 442 -38.63 -34.32 -0.61
CA ASP C 442 -39.31 -33.55 -1.65
C ASP C 442 -39.34 -34.25 -3.01
N SER C 443 -38.72 -35.41 -3.13
CA SER C 443 -38.68 -36.13 -4.40
C SER C 443 -39.71 -37.24 -4.42
N LYS C 444 -40.24 -37.52 -5.62
CA LYS C 444 -41.21 -38.57 -5.82
C LYS C 444 -40.80 -39.40 -7.03
N VAL C 445 -41.13 -40.70 -6.98
CA VAL C 445 -40.79 -41.60 -8.08
C VAL C 445 -41.38 -41.12 -9.39
N GLY C 446 -42.62 -40.64 -9.36
CA GLY C 446 -43.25 -40.07 -10.53
C GLY C 446 -42.93 -38.62 -10.81
N GLY C 447 -42.09 -38.01 -9.98
CA GLY C 447 -41.71 -36.62 -10.15
C GLY C 447 -42.59 -35.68 -9.37
N ASN C 448 -41.99 -34.93 -8.44
CA ASN C 448 -42.72 -33.96 -7.63
C ASN C 448 -42.64 -32.59 -8.30
N TYR C 449 -43.80 -32.07 -8.69
CA TYR C 449 -43.88 -30.79 -9.40
C TYR C 449 -44.49 -29.68 -8.54
N ASN C 450 -44.59 -29.88 -7.23
CA ASN C 450 -45.23 -28.87 -6.37
C ASN C 450 -44.35 -27.63 -6.19
N TYR C 451 -43.04 -27.76 -6.35
CA TYR C 451 -42.13 -26.63 -6.21
C TYR C 451 -41.93 -25.96 -7.56
N LEU C 452 -42.05 -24.63 -7.58
CA LEU C 452 -42.04 -23.87 -8.82
C LEU C 452 -40.89 -22.87 -8.80
N TYR C 453 -40.58 -22.35 -9.98
CA TYR C 453 -39.62 -21.27 -10.13
C TYR C 453 -40.07 -20.35 -11.25
N ARG C 454 -39.82 -19.05 -11.10
CA ARG C 454 -40.18 -18.10 -12.13
C ARG C 454 -39.14 -18.14 -13.25
N LEU C 455 -39.61 -18.32 -14.48
CA LEU C 455 -38.72 -18.45 -15.62
C LEU C 455 -38.56 -17.17 -16.43
N PHE C 456 -39.56 -16.29 -16.39
CA PHE C 456 -39.52 -15.04 -17.15
C PHE C 456 -39.90 -13.87 -16.26
N ARG C 457 -39.30 -12.72 -16.55
CA ARG C 457 -39.61 -11.48 -15.84
C ARG C 457 -39.00 -10.32 -16.60
N LYS C 458 -39.73 -9.20 -16.65
CA LYS C 458 -39.27 -8.03 -17.40
C LYS C 458 -38.00 -7.42 -16.83
N SER C 459 -37.71 -7.64 -15.55
CA SER C 459 -36.52 -7.07 -14.93
C SER C 459 -36.15 -7.91 -13.72
N ASN C 460 -34.92 -7.70 -13.25
CA ASN C 460 -34.42 -8.44 -12.10
C ASN C 460 -35.05 -7.92 -10.81
N LEU C 461 -35.07 -8.77 -9.80
CA LEU C 461 -35.66 -8.44 -8.51
C LEU C 461 -34.72 -7.56 -7.69
N LYS C 462 -35.29 -6.61 -6.98
CA LYS C 462 -34.55 -5.88 -5.95
C LYS C 462 -34.47 -6.71 -4.67
N PRO C 463 -33.52 -6.40 -3.79
CA PRO C 463 -33.28 -7.26 -2.62
C PRO C 463 -34.54 -7.49 -1.79
N PHE C 464 -34.72 -8.74 -1.37
CA PHE C 464 -35.84 -9.19 -0.55
C PHE C 464 -37.21 -8.98 -1.19
N GLU C 465 -37.25 -8.69 -2.48
CA GLU C 465 -38.52 -8.56 -3.18
C GLU C 465 -39.20 -9.92 -3.31
N ARG C 466 -40.54 -9.89 -3.29
CA ARG C 466 -41.35 -11.10 -3.40
C ARG C 466 -42.36 -10.87 -4.52
N ASP C 467 -42.31 -11.73 -5.54
CA ASP C 467 -43.20 -11.63 -6.70
C ASP C 467 -43.94 -12.95 -6.83
N ILE C 468 -45.25 -12.91 -6.61
CA ILE C 468 -46.09 -14.10 -6.74
C ILE C 468 -47.08 -13.97 -7.91
N SER C 469 -46.84 -13.01 -8.81
CA SER C 469 -47.74 -12.79 -9.93
C SER C 469 -47.72 -13.98 -10.89
N THR C 470 -48.84 -14.16 -11.59
CA THR C 470 -48.97 -15.22 -12.58
C THR C 470 -49.28 -14.67 -13.97
N GLU C 471 -48.92 -13.42 -14.22
CA GLU C 471 -49.19 -12.80 -15.52
C GLU C 471 -48.48 -13.56 -16.64
N ILE C 472 -49.20 -13.76 -17.74
CA ILE C 472 -48.64 -14.46 -18.89
C ILE C 472 -47.55 -13.61 -19.54
N TYR C 473 -46.39 -14.22 -19.76
CA TYR C 473 -45.26 -13.51 -20.34
C TYR C 473 -45.28 -13.67 -21.85
N GLN C 474 -45.27 -12.55 -22.55
CA GLN C 474 -45.26 -12.49 -24.02
C GLN C 474 -43.81 -12.47 -24.50
N ALA C 475 -43.29 -13.63 -24.90
CA ALA C 475 -41.93 -13.73 -25.38
C ALA C 475 -41.77 -13.28 -26.84
N GLY C 476 -42.87 -13.06 -27.56
CA GLY C 476 -42.80 -12.66 -28.94
C GLY C 476 -43.53 -11.36 -29.22
N SER C 477 -43.81 -11.09 -30.48
CA SER C 477 -44.53 -9.87 -30.87
C SER C 477 -46.04 -10.03 -30.83
N THR C 478 -46.54 -11.26 -30.70
CA THR C 478 -47.98 -11.49 -30.70
C THR C 478 -48.55 -11.25 -29.31
N PRO C 479 -49.52 -10.35 -29.14
CA PRO C 479 -50.16 -10.19 -27.82
C PRO C 479 -50.81 -11.49 -27.36
N CYS C 480 -50.69 -11.76 -26.07
CA CYS C 480 -51.21 -13.00 -25.51
C CYS C 480 -52.65 -12.89 -25.03
N ASN C 481 -53.06 -11.72 -24.54
CA ASN C 481 -54.43 -11.48 -24.06
C ASN C 481 -54.82 -12.51 -22.98
N GLY C 482 -53.84 -12.88 -22.15
CA GLY C 482 -54.09 -13.84 -21.08
C GLY C 482 -54.18 -15.27 -21.54
N VAL C 483 -53.85 -15.57 -22.79
CA VAL C 483 -53.93 -16.92 -23.33
C VAL C 483 -52.51 -17.44 -23.54
N GLU C 484 -52.22 -18.59 -22.93
CA GLU C 484 -50.90 -19.21 -23.07
C GLU C 484 -50.77 -19.87 -24.44
N GLY C 485 -49.52 -19.97 -24.90
CA GLY C 485 -49.26 -20.57 -26.20
C GLY C 485 -47.86 -20.25 -26.66
N PHE C 486 -47.66 -20.34 -27.97
CA PHE C 486 -46.36 -20.05 -28.56
C PHE C 486 -45.96 -18.60 -28.24
N ASN C 487 -44.79 -18.44 -27.64
CA ASN C 487 -44.28 -17.16 -27.15
C ASN C 487 -45.18 -16.54 -26.08
N CYS C 488 -46.10 -17.31 -25.52
CA CYS C 488 -46.99 -16.86 -24.45
C CYS C 488 -46.93 -17.89 -23.33
N TYR C 489 -46.11 -17.62 -22.31
CA TYR C 489 -45.71 -18.63 -21.33
C TYR C 489 -46.25 -18.28 -19.96
N PHE C 490 -46.61 -19.31 -19.20
CA PHE C 490 -46.88 -19.15 -17.78
C PHE C 490 -45.56 -18.88 -17.06
N PRO C 491 -45.44 -17.79 -16.30
CA PRO C 491 -44.13 -17.39 -15.75
C PRO C 491 -43.52 -18.43 -14.84
N LEU C 492 -44.30 -19.35 -14.30
CA LEU C 492 -43.80 -20.37 -13.39
C LEU C 492 -43.57 -21.67 -14.13
N GLN C 493 -42.61 -22.45 -13.63
CA GLN C 493 -42.33 -23.78 -14.16
C GLN C 493 -41.91 -24.68 -13.01
N SER C 494 -42.33 -25.94 -13.07
CA SER C 494 -42.15 -26.85 -11.97
C SER C 494 -40.77 -27.50 -12.01
N TYR C 495 -40.18 -27.69 -10.83
CA TYR C 495 -38.98 -28.51 -10.72
C TYR C 495 -39.33 -29.98 -10.91
N GLY C 496 -38.42 -30.71 -11.54
CA GLY C 496 -38.56 -32.15 -11.61
C GLY C 496 -37.73 -32.87 -10.55
N PHE C 497 -38.37 -33.25 -9.45
CA PHE C 497 -37.67 -33.85 -8.32
C PHE C 497 -38.01 -35.35 -8.27
N GLN C 498 -37.09 -36.17 -8.75
CA GLN C 498 -37.15 -37.61 -8.64
C GLN C 498 -35.97 -38.12 -7.82
N PRO C 499 -36.16 -39.20 -7.04
CA PRO C 499 -35.04 -39.67 -6.19
C PRO C 499 -33.82 -40.10 -6.98
N THR C 500 -33.97 -40.46 -8.25
CA THR C 500 -32.84 -40.87 -9.08
C THR C 500 -32.14 -39.70 -9.75
N ASN C 501 -32.64 -38.48 -9.58
CA ASN C 501 -32.04 -37.33 -10.21
C ASN C 501 -30.65 -37.05 -9.63
N GLY C 502 -29.79 -36.45 -10.46
CA GLY C 502 -28.47 -36.06 -9.98
C GLY C 502 -28.55 -35.05 -8.86
N VAL C 503 -27.51 -35.04 -8.03
CA VAL C 503 -27.49 -34.19 -6.83
C VAL C 503 -27.69 -32.72 -7.20
N GLY C 504 -27.19 -32.31 -8.36
CA GLY C 504 -27.41 -30.94 -8.80
C GLY C 504 -28.87 -30.60 -9.02
N TYR C 505 -29.66 -31.59 -9.44
CA TYR C 505 -31.10 -31.42 -9.65
C TYR C 505 -31.93 -31.88 -8.47
N GLN C 506 -31.30 -32.34 -7.38
CA GLN C 506 -32.05 -32.77 -6.22
C GLN C 506 -32.53 -31.57 -5.41
N PRO C 507 -33.63 -31.72 -4.67
CA PRO C 507 -34.19 -30.58 -3.94
C PRO C 507 -33.40 -30.23 -2.70
N TYR C 508 -33.17 -28.93 -2.52
CA TYR C 508 -32.50 -28.37 -1.36
C TYR C 508 -33.42 -27.37 -0.68
N ARG C 509 -33.52 -27.47 0.64
CA ARG C 509 -34.28 -26.52 1.44
C ARG C 509 -33.35 -25.42 1.93
N VAL C 510 -33.79 -24.17 1.80
CA VAL C 510 -32.97 -23.01 2.10
C VAL C 510 -33.74 -22.08 3.03
N VAL C 511 -33.06 -21.59 4.07
CA VAL C 511 -33.59 -20.63 5.03
C VAL C 511 -32.57 -19.51 5.18
N VAL C 512 -33.04 -18.27 5.05
CA VAL C 512 -32.19 -17.09 5.13
C VAL C 512 -32.62 -16.28 6.34
N LEU C 513 -31.72 -16.16 7.32
CA LEU C 513 -31.93 -15.32 8.50
C LEU C 513 -31.34 -13.95 8.21
N SER C 514 -32.17 -12.92 8.29
CA SER C 514 -31.75 -11.55 8.08
C SER C 514 -32.01 -10.75 9.34
N PHE C 515 -30.98 -10.04 9.81
CA PHE C 515 -31.06 -9.18 10.97
C PHE C 515 -30.21 -7.93 10.75
N GLU C 516 -30.74 -6.79 11.21
CA GLU C 516 -30.02 -5.52 11.18
C GLU C 516 -29.37 -5.26 12.53
N LEU C 517 -28.13 -4.78 12.49
CA LEU C 517 -27.31 -4.66 13.69
C LEU C 517 -27.75 -3.45 14.52
N LEU C 518 -26.97 -3.12 15.56
CA LEU C 518 -27.38 -2.18 16.60
C LEU C 518 -27.62 -0.76 16.07
N HIS C 519 -28.89 -0.35 16.03
CA HIS C 519 -29.21 1.06 15.90
C HIS C 519 -30.41 1.48 16.76
N ALA C 520 -31.04 0.55 17.47
CA ALA C 520 -32.28 0.82 18.18
C ALA C 520 -32.45 -0.27 19.24
N PRO C 521 -33.47 -0.15 20.12
CA PRO C 521 -33.73 -1.24 21.08
C PRO C 521 -33.88 -2.59 20.38
N ALA C 522 -33.64 -3.67 21.11
CA ALA C 522 -33.60 -5.00 20.54
C ALA C 522 -34.52 -5.95 21.29
N THR C 523 -34.95 -7.01 20.60
CA THR C 523 -35.82 -8.02 21.18
C THR C 523 -35.30 -9.44 20.98
N VAL C 524 -34.32 -9.66 20.11
CA VAL C 524 -33.71 -10.98 19.92
C VAL C 524 -32.29 -10.89 20.42
N CYS C 525 -32.00 -11.63 21.50
CA CYS C 525 -30.69 -11.64 22.14
C CYS C 525 -30.23 -13.07 22.31
N GLY C 526 -28.95 -13.23 22.66
CA GLY C 526 -28.38 -14.53 22.89
C GLY C 526 -28.63 -15.01 24.31
N PRO C 527 -28.03 -16.14 24.68
CA PRO C 527 -28.25 -16.71 26.01
C PRO C 527 -27.51 -16.02 27.14
N LYS C 528 -26.84 -14.90 26.86
CA LYS C 528 -26.02 -14.26 27.89
C LYS C 528 -26.86 -13.83 29.08
N LYS C 529 -26.32 -14.05 30.28
CA LYS C 529 -27.00 -13.67 31.52
C LYS C 529 -26.80 -12.18 31.76
N SER C 530 -27.19 -11.72 32.95
CA SER C 530 -27.09 -10.31 33.32
C SER C 530 -26.41 -10.20 34.67
N THR C 531 -26.16 -8.96 35.10
CA THR C 531 -25.47 -8.69 36.35
C THR C 531 -25.97 -7.36 36.88
N ASN C 532 -25.77 -7.14 38.18
CA ASN C 532 -26.17 -5.88 38.79
C ASN C 532 -25.36 -4.72 38.20
N LEU C 533 -25.75 -3.51 38.60
CA LEU C 533 -25.17 -2.29 38.07
C LEU C 533 -24.49 -1.51 39.19
N VAL C 534 -23.30 -0.98 38.90
CA VAL C 534 -22.54 -0.18 39.85
C VAL C 534 -22.13 1.12 39.18
N LYS C 535 -22.26 2.22 39.93
CA LYS C 535 -21.98 3.56 39.45
C LYS C 535 -20.75 4.16 40.14
N ASN C 536 -20.26 5.25 39.54
CA ASN C 536 -19.17 6.05 40.11
C ASN C 536 -17.85 5.27 40.20
N LYS C 537 -17.67 4.30 39.32
CA LYS C 537 -16.44 3.51 39.27
C LYS C 537 -16.23 3.06 37.83
N CYS C 538 -14.97 3.10 37.39
CA CYS C 538 -14.64 2.72 36.01
C CYS C 538 -14.90 1.23 35.84
N VAL C 539 -15.78 0.88 34.90
CA VAL C 539 -16.19 -0.51 34.69
C VAL C 539 -16.29 -0.82 33.20
N ASN C 540 -16.32 -2.11 32.89
CA ASN C 540 -16.57 -2.61 31.55
C ASN C 540 -18.06 -2.85 31.35
N PHE C 541 -18.70 -1.99 30.57
CA PHE C 541 -20.13 -2.10 30.32
C PHE C 541 -20.37 -2.76 28.96
N ASN C 542 -21.47 -3.52 28.89
CA ASN C 542 -21.92 -4.18 27.66
C ASN C 542 -23.44 -4.09 27.62
N PHE C 543 -23.95 -3.02 27.01
CA PHE C 543 -25.38 -2.77 26.90
C PHE C 543 -25.87 -3.26 25.54
N ASN C 544 -26.59 -4.39 25.54
CA ASN C 544 -27.22 -4.93 24.33
C ASN C 544 -26.21 -5.14 23.21
N GLY C 545 -25.02 -5.63 23.57
CA GLY C 545 -23.96 -5.86 22.61
C GLY C 545 -23.08 -4.68 22.33
N LEU C 546 -23.46 -3.48 22.77
CA LEU C 546 -22.61 -2.31 22.66
C LEU C 546 -21.66 -2.32 23.85
N THR C 547 -20.38 -2.55 23.58
CA THR C 547 -19.38 -2.76 24.62
C THR C 547 -18.49 -1.53 24.77
N GLY C 548 -17.95 -1.34 25.97
CA GLY C 548 -17.03 -0.25 26.20
C GLY C 548 -16.60 -0.24 27.65
N THR C 549 -15.83 0.79 27.99
CA THR C 549 -15.31 0.96 29.34
C THR C 549 -15.46 2.41 29.77
N GLY C 550 -15.86 2.61 31.01
CA GLY C 550 -15.96 3.95 31.57
C GLY C 550 -16.80 3.96 32.83
N VAL C 551 -17.13 5.17 33.25
CA VAL C 551 -17.91 5.40 34.47
C VAL C 551 -19.33 5.73 34.10
N LEU C 552 -20.28 5.05 34.76
CA LEU C 552 -21.70 5.24 34.51
C LEU C 552 -22.28 6.08 35.64
N THR C 553 -22.95 7.17 35.29
CA THR C 553 -23.51 8.09 36.27
C THR C 553 -24.94 8.42 35.87
N GLU C 554 -25.72 8.91 36.84
CA GLU C 554 -27.05 9.38 36.54
C GLU C 554 -26.98 10.56 35.59
N SER C 555 -27.83 10.55 34.57
CA SER C 555 -27.83 11.57 33.53
C SER C 555 -29.03 12.49 33.67
N ASN C 556 -28.96 13.62 32.98
CA ASN C 556 -30.10 14.53 32.88
C ASN C 556 -30.61 14.62 31.45
N LYS C 557 -30.22 13.69 30.59
CA LYS C 557 -30.67 13.66 29.21
C LYS C 557 -32.08 13.09 29.16
N LYS C 558 -32.86 13.59 28.20
CA LYS C 558 -34.24 13.14 28.02
C LYS C 558 -34.31 12.39 26.70
N PHE C 559 -34.01 11.10 26.75
CA PHE C 559 -34.08 10.25 25.57
C PHE C 559 -35.51 10.12 25.08
N LEU C 560 -35.66 9.98 23.77
CA LEU C 560 -36.93 9.66 23.16
C LEU C 560 -37.22 8.16 23.27
N PRO C 561 -38.49 7.77 23.25
CA PRO C 561 -38.85 6.36 23.49
C PRO C 561 -38.26 5.40 22.48
N PHE C 562 -37.88 5.86 21.30
CA PHE C 562 -37.40 5.00 20.23
C PHE C 562 -35.88 5.03 20.09
N GLN C 563 -35.17 5.73 20.98
CA GLN C 563 -33.73 5.84 20.92
C GLN C 563 -33.12 5.06 22.07
N GLN C 564 -32.16 4.19 21.76
CA GLN C 564 -31.50 3.37 22.76
C GLN C 564 -30.31 4.10 23.40
N PHE C 565 -29.38 4.56 22.58
CA PHE C 565 -28.13 5.13 23.06
C PHE C 565 -27.82 6.41 22.29
N GLY C 566 -27.16 7.34 22.96
CA GLY C 566 -26.72 8.57 22.33
C GLY C 566 -25.36 8.41 21.68
N ARG C 567 -24.79 9.53 21.25
CA ARG C 567 -23.49 9.52 20.61
C ARG C 567 -22.77 10.84 20.87
N ASP C 568 -21.44 10.78 20.79
CA ASP C 568 -20.58 11.94 20.86
C ASP C 568 -20.21 12.39 19.45
N ILE C 569 -19.62 13.58 19.35
CA ILE C 569 -19.15 14.11 18.07
C ILE C 569 -18.23 13.12 17.37
N ALA C 570 -17.51 12.30 18.15
CA ALA C 570 -16.58 11.32 17.62
C ALA C 570 -17.24 9.99 17.28
N ASP C 571 -18.58 9.95 17.23
CA ASP C 571 -19.37 8.76 16.97
C ASP C 571 -19.18 7.69 18.06
N THR C 572 -18.58 8.07 19.19
CA THR C 572 -18.49 7.19 20.35
C THR C 572 -19.68 7.43 21.25
N THR C 573 -20.18 6.35 21.86
CA THR C 573 -21.38 6.44 22.68
C THR C 573 -21.18 7.41 23.84
N ASP C 574 -22.21 8.21 24.12
CA ASP C 574 -22.20 9.17 25.21
C ASP C 574 -23.08 8.75 26.37
N ALA C 575 -24.26 8.18 26.09
CA ALA C 575 -25.16 7.72 27.13
C ALA C 575 -25.96 6.56 26.57
N VAL C 576 -26.50 5.73 27.48
CA VAL C 576 -27.24 4.53 27.10
C VAL C 576 -28.49 4.40 27.96
N ARG C 577 -29.45 3.64 27.46
CA ARG C 577 -30.65 3.27 28.20
C ARG C 577 -30.49 1.85 28.71
N ASP C 578 -30.57 1.69 30.02
CA ASP C 578 -30.44 0.37 30.64
C ASP C 578 -31.57 -0.52 30.15
N PRO C 579 -31.27 -1.69 29.56
CA PRO C 579 -32.34 -2.52 28.99
C PRO C 579 -33.35 -3.02 30.01
N GLN C 580 -32.99 -3.11 31.29
CA GLN C 580 -33.90 -3.63 32.30
C GLN C 580 -34.57 -2.56 33.13
N THR C 581 -33.89 -1.44 33.38
CA THR C 581 -34.47 -0.31 34.10
C THR C 581 -34.55 0.88 33.16
N LEU C 582 -35.73 1.48 33.06
CA LEU C 582 -35.93 2.61 32.15
C LEU C 582 -35.27 3.87 32.72
N GLU C 583 -33.95 3.89 32.73
CA GLU C 583 -33.18 5.04 33.19
C GLU C 583 -32.03 5.29 32.22
N ILE C 584 -31.67 6.55 32.06
CA ILE C 584 -30.63 6.96 31.12
C ILE C 584 -29.34 7.18 31.89
N LEU C 585 -28.31 6.42 31.53
CA LEU C 585 -27.01 6.49 32.19
C LEU C 585 -26.03 7.22 31.28
N ASP C 586 -25.36 8.23 31.84
CA ASP C 586 -24.32 8.95 31.13
C ASP C 586 -22.99 8.25 31.34
N ILE C 587 -22.25 8.02 30.26
CA ILE C 587 -20.98 7.31 30.29
C ILE C 587 -19.86 8.33 30.09
N THR C 588 -18.92 8.37 31.03
CA THR C 588 -17.77 9.24 30.93
C THR C 588 -16.50 8.40 31.02
N PRO C 589 -15.62 8.47 30.02
CA PRO C 589 -14.37 7.71 30.10
C PRO C 589 -13.58 8.07 31.35
N CYS C 590 -13.03 7.06 32.01
CA CYS C 590 -12.38 7.31 33.28
C CYS C 590 -10.93 7.77 33.05
N SER C 591 -10.37 8.38 34.10
CA SER C 591 -9.20 9.25 33.96
C SER C 591 -8.05 8.53 33.25
N PHE C 592 -7.26 9.32 32.52
CA PHE C 592 -6.08 8.84 31.83
C PHE C 592 -5.20 10.05 31.51
N GLY C 593 -3.98 9.77 31.10
CA GLY C 593 -3.09 10.84 30.67
C GLY C 593 -1.66 10.40 30.62
N GLY C 594 -0.84 11.28 30.05
CA GLY C 594 0.57 10.99 29.87
C GLY C 594 1.31 10.93 31.19
N VAL C 595 2.47 10.26 31.15
CA VAL C 595 3.36 10.15 32.30
C VAL C 595 4.74 10.63 31.88
N SER C 596 5.28 11.58 32.65
CA SER C 596 6.60 12.13 32.39
C SER C 596 7.51 11.81 33.58
N VAL C 597 8.80 11.69 33.32
CA VAL C 597 9.76 11.27 34.34
C VAL C 597 10.77 12.41 34.49
N ILE C 598 10.52 13.28 35.47
CA ILE C 598 11.49 14.32 35.79
C ILE C 598 12.69 13.69 36.49
N THR C 599 13.86 13.78 35.86
CA THR C 599 15.04 13.12 36.38
C THR C 599 16.20 14.12 36.45
N PRO C 600 16.95 14.16 37.56
CA PRO C 600 18.15 15.00 37.63
C PRO C 600 19.30 14.48 36.78
N GLY C 601 19.15 13.32 36.14
CA GLY C 601 20.25 12.71 35.43
C GLY C 601 20.97 11.65 36.25
N THR C 602 21.13 10.45 35.68
CA THR C 602 21.75 9.34 36.40
C THR C 602 23.17 9.67 36.85
N ASN C 603 23.82 10.65 36.20
CA ASN C 603 25.18 11.03 36.57
C ASN C 603 25.26 11.42 38.04
N THR C 604 24.24 12.11 38.56
CA THR C 604 24.27 12.61 39.93
C THR C 604 23.45 11.77 40.89
N SER C 605 22.38 11.13 40.44
CA SER C 605 21.54 10.30 41.29
C SER C 605 20.56 9.54 40.41
N ASN C 606 20.05 8.43 40.94
CA ASN C 606 19.07 7.61 40.25
C ASN C 606 17.65 7.85 40.74
N GLN C 607 17.43 8.84 41.60
CA GLN C 607 16.10 9.14 42.11
C GLN C 607 15.38 10.06 41.14
N VAL C 608 14.12 9.74 40.83
CA VAL C 608 13.35 10.45 39.82
C VAL C 608 11.95 10.71 40.37
N ALA C 609 11.28 11.68 39.76
CA ALA C 609 9.88 11.97 40.07
C ALA C 609 9.02 11.72 38.85
N VAL C 610 7.74 11.44 39.09
CA VAL C 610 6.80 11.06 38.04
C VAL C 610 5.67 12.06 38.02
N LEU C 611 5.35 12.58 36.84
CA LEU C 611 4.23 13.49 36.65
C LEU C 611 3.15 12.80 35.84
N TYR C 612 2.00 12.56 36.47
CA TYR C 612 0.80 12.12 35.76
C TYR C 612 0.02 13.35 35.31
N GLN C 613 -0.15 13.51 34.01
CA GLN C 613 -0.75 14.72 33.46
C GLN C 613 -2.26 14.66 33.53
N ASP C 614 -2.87 15.75 34.01
CA ASP C 614 -4.33 15.95 33.94
C ASP C 614 -5.10 14.83 34.63
N VAL C 615 -4.59 14.38 35.78
CA VAL C 615 -5.28 13.42 36.63
C VAL C 615 -5.22 13.94 38.06
N ASN C 616 -6.12 13.42 38.89
CA ASN C 616 -6.17 13.82 40.29
C ASN C 616 -5.34 12.86 41.14
N CYS C 617 -4.62 13.43 42.11
CA CYS C 617 -3.73 12.64 42.95
C CYS C 617 -4.46 11.55 43.72
N THR C 618 -5.75 11.75 43.99
CA THR C 618 -6.55 10.74 44.68
C THR C 618 -6.79 9.49 43.84
N GLU C 619 -6.47 9.53 42.55
CA GLU C 619 -6.78 8.44 41.64
C GLU C 619 -5.58 7.56 41.33
N VAL C 620 -4.36 8.07 41.48
CA VAL C 620 -3.17 7.29 41.20
C VAL C 620 -2.99 6.19 42.25
N ASN C 641 4.51 11.74 49.82
CA ASN C 641 5.19 12.80 49.09
C ASN C 641 4.53 13.04 47.74
N VAL C 642 3.39 13.72 47.75
CA VAL C 642 2.61 13.97 46.55
C VAL C 642 2.29 15.45 46.47
N PHE C 643 2.31 16.01 45.25
CA PHE C 643 2.03 17.42 45.02
C PHE C 643 1.03 17.58 43.88
N GLN C 644 0.01 18.41 44.09
CA GLN C 644 -0.99 18.70 43.07
C GLN C 644 -0.66 20.03 42.41
N THR C 645 -0.59 20.03 41.08
CA THR C 645 -0.33 21.24 40.32
C THR C 645 -1.27 21.27 39.12
N ARG C 646 -1.38 22.45 38.49
CA ARG C 646 -2.20 22.57 37.30
C ARG C 646 -1.75 21.61 36.22
N ALA C 647 -0.45 21.28 36.17
CA ALA C 647 0.03 20.30 35.20
C ALA C 647 -0.55 18.93 35.48
N GLY C 648 -0.72 18.58 36.75
CA GLY C 648 -1.21 17.26 37.12
C GLY C 648 -0.82 16.84 38.52
N CYS C 649 -0.45 15.58 38.67
CA CYS C 649 -0.03 15.04 39.96
C CYS C 649 1.45 14.66 39.90
N LEU C 650 2.25 15.20 40.82
CA LEU C 650 3.68 14.95 40.88
C LEU C 650 3.99 14.08 42.08
N ILE C 651 4.71 12.99 41.85
CA ILE C 651 5.02 12.00 42.87
C ILE C 651 6.53 11.85 42.96
N GLY C 652 7.05 11.93 44.17
CA GLY C 652 8.47 11.83 44.42
C GLY C 652 9.22 13.14 44.55
N ALA C 653 8.52 14.28 44.60
CA ALA C 653 9.15 15.58 44.72
C ALA C 653 8.53 16.33 45.88
N GLU C 654 9.36 17.01 46.67
CA GLU C 654 8.90 17.77 47.82
C GLU C 654 8.65 19.22 47.42
N HIS C 655 7.58 19.80 47.97
CA HIS C 655 7.21 21.17 47.67
C HIS C 655 7.90 22.13 48.64
N VAL C 656 8.62 23.10 48.07
CA VAL C 656 9.42 24.07 48.83
C VAL C 656 8.84 25.44 48.56
N ASN C 657 8.58 26.21 49.63
CA ASN C 657 8.02 27.54 49.48
C ASN C 657 9.03 28.51 48.85
N ASN C 658 10.31 28.32 49.11
CA ASN C 658 11.33 29.18 48.48
C ASN C 658 11.21 29.12 46.97
N SER C 659 11.77 30.14 46.31
CA SER C 659 11.72 30.26 44.86
C SER C 659 13.13 30.41 44.30
N TYR C 660 13.39 29.71 43.19
CA TYR C 660 14.70 29.72 42.56
C TYR C 660 14.50 29.85 41.05
N GLU C 661 15.62 29.95 40.33
CA GLU C 661 15.59 29.93 38.88
C GLU C 661 15.17 28.56 38.37
N CYS C 662 14.43 28.55 37.26
CA CYS C 662 13.93 27.30 36.70
C CYS C 662 15.08 26.47 36.13
N ASP C 663 15.09 25.19 36.47
CA ASP C 663 16.12 24.27 35.99
C ASP C 663 15.53 23.22 35.05
N ILE C 664 14.51 22.48 35.51
CA ILE C 664 13.78 21.53 34.68
C ILE C 664 12.31 21.97 34.68
N PRO C 665 11.79 22.45 33.56
CA PRO C 665 10.42 22.99 33.55
C PRO C 665 9.38 21.89 33.58
N ILE C 666 8.46 22.00 34.54
CA ILE C 666 7.29 21.13 34.62
C ILE C 666 6.09 21.79 33.96
N GLY C 667 5.79 23.02 34.33
CA GLY C 667 4.72 23.78 33.69
C GLY C 667 3.92 24.60 34.67
N ALA C 668 3.13 25.55 34.16
CA ALA C 668 2.28 26.41 34.99
C ALA C 668 3.09 27.10 36.07
N GLY C 669 4.29 27.56 35.71
CA GLY C 669 5.16 28.23 36.64
C GLY C 669 5.85 27.34 37.64
N ILE C 670 5.78 26.02 37.47
CA ILE C 670 6.39 25.07 38.38
C ILE C 670 7.58 24.43 37.68
N CYS C 671 8.74 24.47 38.35
CA CYS C 671 9.95 23.82 37.87
C CYS C 671 10.55 22.97 38.99
N ALA C 672 11.23 21.90 38.61
CA ALA C 672 11.81 20.97 39.56
C ALA C 672 13.33 20.95 39.44
N SER C 673 13.98 20.77 40.58
CA SER C 673 15.44 20.73 40.65
C SER C 673 15.84 19.64 41.64
N TYR C 674 17.14 19.41 41.76
CA TYR C 674 17.70 18.46 42.72
C TYR C 674 18.62 19.21 43.66
N GLN C 675 18.25 19.25 44.94
CA GLN C 675 18.98 20.07 45.90
C GLN C 675 19.13 19.31 47.21
N THR C 676 20.05 19.79 48.05
CA THR C 676 20.28 19.20 49.35
C THR C 676 19.24 19.68 50.37
N GLN C 690 19.96 14.81 50.26
CA GLN C 690 19.48 15.49 49.07
C GLN C 690 18.15 14.92 48.62
N SER C 691 17.49 15.60 47.69
CA SER C 691 16.18 15.18 47.18
C SER C 691 15.79 16.10 46.03
N ILE C 692 14.70 15.72 45.37
CA ILE C 692 14.14 16.46 44.25
C ILE C 692 13.03 17.36 44.78
N ILE C 693 13.07 18.64 44.42
CA ILE C 693 12.10 19.59 44.91
C ILE C 693 11.42 20.27 43.73
N ALA C 694 10.16 20.65 43.95
CA ALA C 694 9.36 21.38 42.98
C ALA C 694 8.99 22.73 43.56
N TYR C 695 9.20 23.79 42.78
CA TYR C 695 9.00 25.15 43.26
C TYR C 695 8.34 25.97 42.18
N THR C 696 7.83 27.14 42.58
CA THR C 696 7.32 28.13 41.63
C THR C 696 8.50 29.01 41.22
N MET C 697 8.91 28.90 39.96
CA MET C 697 10.16 29.52 39.53
C MET C 697 10.13 31.04 39.73
N SER C 698 11.26 31.58 40.14
CA SER C 698 11.42 33.02 40.27
C SER C 698 11.97 33.61 38.98
N LEU C 699 11.33 34.68 38.51
CA LEU C 699 11.74 35.28 37.25
C LEU C 699 13.16 35.85 37.34
N GLY C 700 13.49 36.47 38.46
CA GLY C 700 14.83 37.02 38.64
C GLY C 700 14.95 37.72 39.98
N ALA C 701 16.13 38.27 40.20
CA ALA C 701 16.41 38.98 41.45
C ALA C 701 15.71 40.33 41.46
N GLU C 702 14.97 40.61 42.53
CA GLU C 702 14.31 41.90 42.66
C GLU C 702 15.35 43.02 42.76
N ASN C 703 15.10 44.11 42.04
CA ASN C 703 16.03 45.24 42.02
C ASN C 703 15.20 46.49 41.70
N SER C 704 14.91 47.27 42.73
CA SER C 704 14.19 48.52 42.55
C SER C 704 15.15 49.62 42.11
N VAL C 705 14.73 50.41 41.12
CA VAL C 705 15.56 51.48 40.57
C VAL C 705 15.26 52.76 41.34
N ALA C 706 16.31 53.44 41.79
CA ALA C 706 16.18 54.66 42.58
C ALA C 706 15.93 55.84 41.65
N TYR C 707 14.75 55.82 41.04
CA TYR C 707 14.37 56.87 40.11
C TYR C 707 14.08 58.16 40.86
N SER C 708 14.47 59.28 40.28
CA SER C 708 14.19 60.58 40.85
C SER C 708 14.33 61.64 39.78
N ASN C 709 13.52 62.69 39.90
CA ASN C 709 13.39 63.65 38.81
C ASN C 709 14.61 64.55 38.65
N ASN C 710 15.56 64.51 39.58
CA ASN C 710 16.79 65.28 39.49
C ASN C 710 17.98 64.46 39.96
N SER C 711 18.05 63.19 39.53
CA SER C 711 19.18 62.34 39.85
C SER C 711 19.49 61.45 38.66
N ILE C 712 20.72 61.51 38.17
CA ILE C 712 21.15 60.74 37.01
C ILE C 712 22.31 59.84 37.43
N ALA C 713 22.46 58.72 36.73
CA ALA C 713 23.53 57.75 36.98
C ALA C 713 24.34 57.62 35.70
N ILE C 714 25.60 58.03 35.75
CA ILE C 714 26.48 58.05 34.59
C ILE C 714 27.63 57.07 34.81
N PRO C 715 27.92 56.20 33.85
CA PRO C 715 29.08 55.31 33.99
C PRO C 715 30.38 56.10 33.96
N THR C 716 31.37 55.61 34.71
CA THR C 716 32.71 56.17 34.70
C THR C 716 33.76 55.25 34.09
N ASN C 717 33.38 54.02 33.75
CA ASN C 717 34.32 53.02 33.26
C ASN C 717 33.53 52.01 32.44
N PHE C 718 34.26 51.17 31.71
CA PHE C 718 33.63 50.25 30.78
C PHE C 718 34.39 48.93 30.76
N THR C 719 33.85 47.98 29.99
CA THR C 719 34.49 46.70 29.70
C THR C 719 34.28 46.36 28.24
N ILE C 720 35.26 45.70 27.65
CA ILE C 720 35.19 45.21 26.28
C ILE C 720 34.93 43.71 26.35
N SER C 721 33.68 43.31 26.16
CA SER C 721 33.26 41.93 26.34
C SER C 721 33.12 41.24 24.99
N VAL C 722 33.64 40.03 24.89
CA VAL C 722 33.52 39.22 23.68
C VAL C 722 32.57 38.07 23.97
N THR C 723 31.49 38.01 23.21
CA THR C 723 30.53 36.92 23.28
C THR C 723 30.69 36.02 22.06
N THR C 724 30.09 34.83 22.14
CA THR C 724 30.11 33.86 21.06
C THR C 724 28.69 33.49 20.65
N GLU C 725 28.43 33.51 19.34
CA GLU C 725 27.11 33.22 18.81
C GLU C 725 27.25 32.14 17.75
N ILE C 726 26.53 31.03 17.91
CA ILE C 726 26.67 29.86 17.06
C ILE C 726 25.44 29.75 16.17
N LEU C 727 25.63 29.54 14.87
CA LEU C 727 24.54 29.45 13.93
C LEU C 727 24.74 28.28 12.98
N PRO C 728 23.71 27.47 12.75
CA PRO C 728 23.79 26.46 11.69
C PRO C 728 23.57 27.08 10.31
N VAL C 729 24.24 26.50 9.32
CA VAL C 729 24.25 27.08 7.97
C VAL C 729 23.81 26.05 6.94
N SER C 730 24.00 24.76 7.24
CA SER C 730 23.64 23.74 6.27
C SER C 730 23.48 22.39 6.95
N MET C 731 22.81 21.49 6.23
CA MET C 731 22.61 20.11 6.63
C MET C 731 23.56 19.20 5.87
N THR C 732 23.42 17.89 6.07
CA THR C 732 24.11 16.89 5.27
C THR C 732 23.32 16.60 4.00
N LYS C 733 23.98 16.72 2.86
CA LYS C 733 23.34 16.60 1.55
C LYS C 733 23.02 15.12 1.28
N THR C 734 21.93 14.66 1.87
CA THR C 734 21.50 13.28 1.72
C THR C 734 20.71 13.09 0.43
N SER C 735 20.88 11.92 -0.20
CA SER C 735 20.13 11.55 -1.39
C SER C 735 19.75 10.08 -1.30
N VAL C 736 18.50 9.77 -1.62
CA VAL C 736 17.97 8.41 -1.50
C VAL C 736 17.50 7.94 -2.87
N ASP C 737 17.91 6.72 -3.24
CA ASP C 737 17.48 6.05 -4.47
C ASP C 737 16.27 5.19 -4.13
N CYS C 738 15.08 5.65 -4.52
CA CYS C 738 13.86 4.98 -4.10
C CYS C 738 13.79 3.56 -4.66
N THR C 739 14.21 3.39 -5.91
CA THR C 739 14.11 2.08 -6.55
C THR C 739 14.93 1.04 -5.79
N MET C 740 16.15 1.39 -5.39
CA MET C 740 16.96 0.43 -4.65
C MET C 740 16.51 0.29 -3.20
N TYR C 741 15.97 1.35 -2.61
CA TYR C 741 15.51 1.25 -1.22
C TYR C 741 14.24 0.40 -1.12
N ILE C 742 13.25 0.69 -1.96
CA ILE C 742 11.98 -0.01 -1.92
C ILE C 742 12.13 -1.43 -2.47
N CYS C 743 12.85 -1.57 -3.57
CA CYS C 743 12.87 -2.79 -4.37
C CYS C 743 14.29 -3.28 -4.61
N GLY C 744 15.08 -3.39 -3.54
CA GLY C 744 16.46 -3.81 -3.70
C GLY C 744 16.62 -5.11 -4.46
N ASP C 745 17.20 -5.02 -5.67
CA ASP C 745 17.50 -6.18 -6.50
C ASP C 745 16.30 -7.13 -6.61
N SER C 746 15.23 -6.61 -7.21
CA SER C 746 14.03 -7.41 -7.42
C SER C 746 13.25 -6.84 -8.60
N THR C 747 13.26 -7.58 -9.73
CA THR C 747 12.58 -7.11 -10.93
C THR C 747 11.08 -7.00 -10.73
N GLU C 748 10.46 -8.01 -10.10
CA GLU C 748 9.01 -7.99 -9.91
C GLU C 748 8.60 -6.80 -9.04
N CYS C 749 9.36 -6.52 -7.98
CA CYS C 749 9.05 -5.39 -7.14
C CYS C 749 9.13 -4.08 -7.92
N SER C 750 10.14 -3.95 -8.79
CA SER C 750 10.25 -2.75 -9.62
C SER C 750 9.07 -2.63 -10.57
N ASN C 751 8.64 -3.74 -11.17
CA ASN C 751 7.48 -3.71 -12.06
C ASN C 751 6.23 -3.26 -11.30
N LEU C 752 6.03 -3.77 -10.08
CA LEU C 752 4.92 -3.31 -9.27
C LEU C 752 5.05 -1.84 -8.91
N LEU C 753 6.25 -1.40 -8.56
CA LEU C 753 6.48 -0.02 -8.15
C LEU C 753 6.21 0.94 -9.31
N LEU C 754 6.46 0.50 -10.54
CA LEU C 754 6.28 1.36 -11.69
C LEU C 754 4.82 1.77 -11.88
N GLN C 755 3.91 1.09 -11.19
CA GLN C 755 2.49 1.45 -11.27
C GLN C 755 2.21 2.77 -10.56
N TYR C 756 2.99 3.10 -9.54
CA TYR C 756 2.71 4.27 -8.70
C TYR C 756 3.12 5.60 -9.35
N GLY C 757 3.44 5.61 -10.64
CA GLY C 757 3.68 6.86 -11.33
C GLY C 757 5.05 7.46 -11.10
N SER C 758 5.06 8.72 -10.68
CA SER C 758 6.26 9.55 -10.63
C SER C 758 6.61 9.96 -9.20
N PHE C 759 6.30 9.09 -8.23
CA PHE C 759 6.67 9.36 -6.85
C PHE C 759 8.18 9.56 -6.72
N CYS C 760 8.96 8.62 -7.28
CA CYS C 760 10.41 8.72 -7.20
C CYS C 760 10.93 10.00 -7.84
N THR C 761 10.38 10.38 -8.99
CA THR C 761 10.89 11.59 -9.63
C THR C 761 10.74 12.79 -8.71
N GLN C 762 9.56 12.97 -8.12
CA GLN C 762 9.38 14.14 -7.26
C GLN C 762 10.15 14.04 -5.95
N LEU C 763 10.27 12.84 -5.37
CA LEU C 763 11.10 12.69 -4.17
C LEU C 763 12.56 13.01 -4.44
N ASN C 764 13.12 12.42 -5.50
CA ASN C 764 14.50 12.71 -5.88
C ASN C 764 14.69 14.18 -6.18
N ARG C 765 13.70 14.78 -6.85
CA ARG C 765 13.77 16.21 -7.17
C ARG C 765 13.79 17.05 -5.90
N ALA C 766 12.96 16.70 -4.92
CA ALA C 766 12.95 17.43 -3.66
C ALA C 766 14.28 17.31 -2.94
N LEU C 767 14.85 16.10 -2.90
CA LEU C 767 16.13 15.93 -2.21
C LEU C 767 17.26 16.65 -2.94
N THR C 768 17.23 16.64 -4.28
CA THR C 768 18.21 17.40 -5.06
C THR C 768 18.08 18.89 -4.78
N GLY C 769 16.84 19.38 -4.75
CA GLY C 769 16.61 20.77 -4.39
C GLY C 769 17.14 21.09 -3.01
N ILE C 770 16.95 20.18 -2.05
CA ILE C 770 17.47 20.38 -0.70
C ILE C 770 18.98 20.54 -0.74
N ALA C 771 19.66 19.63 -1.46
CA ALA C 771 21.12 19.69 -1.54
C ALA C 771 21.57 21.00 -2.18
N VAL C 772 20.93 21.39 -3.29
CA VAL C 772 21.25 22.64 -3.96
C VAL C 772 21.04 23.81 -3.00
N GLU C 773 19.96 23.78 -2.23
CA GLU C 773 19.67 24.84 -1.28
C GLU C 773 20.74 24.93 -0.21
N GLN C 774 21.25 23.78 0.25
CA GLN C 774 22.33 23.80 1.23
C GLN C 774 23.59 24.42 0.65
N ASP C 775 23.93 24.03 -0.58
CA ASP C 775 25.06 24.65 -1.26
C ASP C 775 24.88 26.16 -1.36
N LYS C 776 23.69 26.60 -1.75
CA LYS C 776 23.40 28.03 -1.85
C LYS C 776 23.53 28.72 -0.50
N ASN C 777 23.03 28.07 0.56
CA ASN C 777 23.12 28.64 1.91
C ASN C 777 24.56 28.88 2.28
N THR C 778 25.41 27.86 2.13
CA THR C 778 26.81 28.02 2.49
C THR C 778 27.46 29.10 1.62
N GLN C 779 27.17 29.10 0.32
CA GLN C 779 27.75 30.07 -0.59
C GLN C 779 27.40 31.50 -0.16
N GLU C 780 26.13 31.75 0.15
CA GLU C 780 25.72 33.10 0.50
C GLU C 780 26.16 33.50 1.89
N VAL C 781 26.26 32.55 2.82
CA VAL C 781 26.72 32.88 4.17
C VAL C 781 28.19 33.28 4.15
N PHE C 782 29.03 32.50 3.46
CA PHE C 782 30.47 32.75 3.53
C PHE C 782 31.03 33.56 2.38
N ALA C 783 30.65 33.24 1.14
CA ALA C 783 31.23 33.87 -0.05
C ALA C 783 30.68 35.28 -0.23
N GLN C 784 31.08 36.16 0.68
CA GLN C 784 30.66 37.56 0.64
C GLN C 784 31.80 38.53 0.40
N VAL C 785 33.01 38.06 0.15
CA VAL C 785 34.17 38.91 -0.12
C VAL C 785 34.64 38.66 -1.55
N LYS C 786 34.80 39.75 -2.31
CA LYS C 786 35.14 39.64 -3.73
C LYS C 786 36.54 39.07 -3.94
N GLN C 787 37.48 39.34 -3.03
CA GLN C 787 38.86 38.91 -3.16
C GLN C 787 39.26 38.09 -1.94
N ILE C 788 40.50 37.63 -1.95
CA ILE C 788 41.05 36.87 -0.82
C ILE C 788 42.21 37.69 -0.27
N TYR C 789 41.92 38.54 0.72
CA TYR C 789 42.96 39.29 1.41
C TYR C 789 43.72 38.39 2.36
N LYS C 790 44.96 38.76 2.65
CA LYS C 790 45.77 38.03 3.62
C LYS C 790 46.55 39.01 4.47
N THR C 791 46.62 38.71 5.77
CA THR C 791 47.26 39.60 6.72
C THR C 791 48.76 39.71 6.42
N PRO C 792 49.35 40.89 6.56
CA PRO C 792 50.81 41.00 6.40
C PRO C 792 51.53 40.34 7.55
N PRO C 793 52.82 40.01 7.38
CA PRO C 793 53.56 39.38 8.49
C PRO C 793 53.62 40.21 9.76
N ILE C 794 53.69 41.54 9.65
CA ILE C 794 53.73 42.38 10.84
C ILE C 794 52.37 42.33 11.52
N LYS C 795 52.37 42.20 12.85
CA LYS C 795 51.14 42.16 13.64
C LYS C 795 51.01 43.41 14.52
N ASP C 796 51.40 44.56 14.00
CA ASP C 796 51.35 45.82 14.75
C ASP C 796 49.91 46.34 14.73
N PHE C 797 49.04 45.59 15.37
CA PHE C 797 47.61 45.93 15.43
C PHE C 797 47.29 46.68 16.73
N GLY C 798 47.99 47.81 16.92
CA GLY C 798 47.71 48.69 18.04
C GLY C 798 47.71 47.99 19.38
N GLY C 799 48.35 46.82 19.45
CA GLY C 799 48.37 46.00 20.64
C GLY C 799 47.38 44.86 20.62
N PHE C 800 46.39 44.90 19.74
CA PHE C 800 45.45 43.80 19.62
C PHE C 800 46.16 42.56 19.06
N ASN C 801 45.75 41.39 19.54
CA ASN C 801 46.40 40.12 19.23
C ASN C 801 45.37 39.20 18.60
N PHE C 802 45.47 39.00 17.29
CA PHE C 802 44.52 38.15 16.56
C PHE C 802 45.04 36.75 16.29
N SER C 803 46.21 36.40 16.84
CA SER C 803 46.84 35.13 16.52
C SER C 803 45.96 33.92 16.82
N GLN C 804 44.87 34.11 17.56
CA GLN C 804 43.94 33.03 17.89
C GLN C 804 42.79 32.92 16.90
N ILE C 805 42.72 33.82 15.92
CA ILE C 805 41.70 33.73 14.87
C ILE C 805 42.28 33.77 13.48
N LEU C 806 43.48 34.30 13.27
CA LEU C 806 44.11 34.28 11.96
C LEU C 806 44.57 32.84 11.66
N PRO C 807 44.65 32.47 10.39
CA PRO C 807 45.10 31.11 10.06
C PRO C 807 46.51 30.84 10.59
N ASP C 808 46.73 29.60 11.02
CA ASP C 808 48.04 29.16 11.47
C ASP C 808 48.78 28.56 10.29
N PRO C 809 49.92 29.14 9.86
CA PRO C 809 50.64 28.57 8.71
C PRO C 809 51.13 27.15 8.95
N SER C 810 51.28 26.74 10.20
CA SER C 810 51.63 25.37 10.55
C SER C 810 50.43 24.76 11.27
N LYS C 811 49.51 24.20 10.49
CA LYS C 811 48.25 23.70 11.01
C LYS C 811 47.75 22.63 10.05
N PRO C 812 46.78 21.80 10.49
CA PRO C 812 46.31 20.73 9.59
C PRO C 812 45.75 21.25 8.27
N SER C 813 44.80 22.19 8.32
CA SER C 813 44.18 22.70 7.10
C SER C 813 44.07 24.22 7.16
N LYS C 814 45.13 24.88 7.64
CA LYS C 814 45.19 26.33 7.73
C LYS C 814 44.00 26.90 8.49
N ARG C 815 43.60 26.22 9.56
CA ARG C 815 42.52 26.67 10.41
C ARG C 815 43.06 27.34 11.66
N SER C 816 42.28 28.28 12.20
CA SER C 816 42.69 28.99 13.40
C SER C 816 42.39 28.16 14.64
N PHE C 817 42.96 28.59 15.77
CA PHE C 817 42.80 27.86 17.01
C PHE C 817 41.34 27.63 17.35
N ILE C 818 40.54 28.71 17.34
CA ILE C 818 39.13 28.59 17.68
C ILE C 818 38.39 27.74 16.64
N GLU C 819 38.77 27.88 15.37
CA GLU C 819 38.20 27.03 14.32
C GLU C 819 38.49 25.56 14.58
N ASP C 820 39.73 25.23 14.96
CA ASP C 820 40.07 23.85 15.24
C ASP C 820 39.31 23.32 16.44
N LEU C 821 39.16 24.15 17.49
CA LEU C 821 38.35 23.76 18.63
C LEU C 821 36.92 23.45 18.20
N LEU C 822 36.31 24.33 17.40
CA LEU C 822 34.95 24.11 16.95
C LEU C 822 34.84 22.83 16.14
N PHE C 823 35.81 22.57 15.26
CA PHE C 823 35.79 21.35 14.47
C PHE C 823 35.94 20.10 15.35
N ASN C 824 36.72 20.20 16.42
CA ASN C 824 36.95 19.07 17.30
C ASN C 824 35.88 18.88 18.37
N LYS C 825 34.97 19.84 18.52
CA LYS C 825 33.90 19.72 19.51
C LYS C 825 32.57 19.27 18.91
N VAL C 826 32.58 18.81 17.66
CA VAL C 826 31.38 18.34 16.97
C VAL C 826 31.66 16.96 16.41
N THR C 827 30.74 16.03 16.64
CA THR C 827 30.85 14.67 16.11
C THR C 827 29.50 14.17 15.62
N LYS C 854 24.24 2.29 5.28
CA LYS C 854 25.18 2.90 4.33
C LYS C 854 24.76 2.61 2.89
N PHE C 855 25.05 1.39 2.44
CA PHE C 855 24.82 1.00 1.04
C PHE C 855 23.46 0.34 0.91
N ASN C 856 22.42 1.13 1.16
CA ASN C 856 21.04 0.68 1.06
C ASN C 856 20.21 1.73 0.33
N GLY C 857 20.82 2.37 -0.67
CA GLY C 857 20.20 3.44 -1.42
C GLY C 857 20.38 4.82 -0.84
N LEU C 858 21.02 4.94 0.32
CA LEU C 858 21.25 6.22 0.97
C LEU C 858 22.68 6.67 0.75
N THR C 859 22.85 7.88 0.25
CA THR C 859 24.18 8.44 0.01
C THR C 859 24.24 9.85 0.58
N VAL C 860 25.46 10.30 0.84
CA VAL C 860 25.70 11.63 1.38
C VAL C 860 26.57 12.35 0.35
N LEU C 861 25.95 13.25 -0.41
CA LEU C 861 26.72 14.03 -1.37
C LEU C 861 27.68 14.97 -0.64
N PRO C 862 28.84 15.23 -1.22
CA PRO C 862 29.80 16.11 -0.56
C PRO C 862 29.43 17.56 -0.77
N PRO C 863 29.74 18.44 0.19
CA PRO C 863 29.47 19.86 -0.02
C PRO C 863 30.36 20.44 -1.10
N LEU C 864 29.85 21.46 -1.78
CA LEU C 864 30.58 22.04 -2.90
C LEU C 864 31.85 22.73 -2.42
N LEU C 865 31.77 23.43 -1.29
CA LEU C 865 32.90 24.15 -0.71
C LEU C 865 33.49 23.29 0.41
N THR C 866 34.70 22.79 0.20
CA THR C 866 35.38 22.02 1.22
C THR C 866 35.78 22.91 2.39
N ASP C 867 35.99 22.28 3.55
CA ASP C 867 36.29 23.04 4.76
C ASP C 867 37.50 23.93 4.58
N GLU C 868 38.45 23.52 3.74
CA GLU C 868 39.59 24.38 3.44
C GLU C 868 39.14 25.68 2.77
N MET C 869 38.21 25.56 1.82
CA MET C 869 37.70 26.76 1.14
C MET C 869 36.93 27.65 2.09
N ILE C 870 36.13 27.07 2.98
CA ILE C 870 35.41 27.88 3.97
C ILE C 870 36.39 28.57 4.90
N ALA C 871 37.48 27.89 5.27
CA ALA C 871 38.52 28.50 6.07
C ALA C 871 39.17 29.66 5.34
N GLN C 872 39.42 29.48 4.04
CA GLN C 872 39.99 30.57 3.25
C GLN C 872 39.04 31.76 3.18
N TYR C 873 37.73 31.50 3.06
CA TYR C 873 36.76 32.60 3.01
C TYR C 873 36.72 33.35 4.33
N THR C 874 36.69 32.62 5.45
CA THR C 874 36.71 33.28 6.75
C THR C 874 38.02 34.04 6.95
N SER C 875 39.13 33.50 6.46
CA SER C 875 40.41 34.21 6.53
C SER C 875 40.38 35.50 5.73
N ALA C 876 39.81 35.47 4.53
CA ALA C 876 39.72 36.68 3.72
C ALA C 876 38.86 37.74 4.41
N LEU C 877 37.69 37.32 4.92
CA LEU C 877 36.82 38.27 5.61
C LEU C 877 37.51 38.84 6.84
N LEU C 878 38.17 37.99 7.62
CA LEU C 878 38.84 38.43 8.84
C LEU C 878 39.99 39.38 8.53
N ALA C 879 40.80 39.07 7.52
CA ALA C 879 41.90 39.94 7.14
C ALA C 879 41.38 41.28 6.63
N GLY C 880 40.31 41.27 5.85
CA GLY C 880 39.72 42.52 5.42
C GLY C 880 39.25 43.36 6.60
N THR C 881 38.56 42.72 7.55
CA THR C 881 38.08 43.43 8.72
C THR C 881 39.23 44.01 9.53
N ILE C 882 40.30 43.23 9.70
CA ILE C 882 41.43 43.67 10.52
C ILE C 882 42.17 44.83 9.84
N THR C 883 42.53 44.67 8.56
CA THR C 883 43.45 45.59 7.93
C THR C 883 42.76 46.75 7.23
N SER C 884 41.43 46.71 7.08
CA SER C 884 40.71 47.74 6.35
C SER C 884 39.45 48.21 7.06
N GLY C 885 38.99 47.52 8.10
CA GLY C 885 37.80 47.94 8.81
C GLY C 885 36.53 47.49 8.11
N TRP C 886 35.66 48.43 7.76
CA TRP C 886 34.45 48.11 7.02
C TRP C 886 34.54 48.51 5.55
N THR C 887 35.57 49.27 5.17
CA THR C 887 35.66 49.77 3.80
C THR C 887 35.75 48.62 2.79
N PHE C 888 36.37 47.51 3.17
CA PHE C 888 36.55 46.39 2.25
C PHE C 888 35.22 45.78 1.82
N GLY C 889 34.17 45.99 2.60
CA GLY C 889 32.83 45.53 2.24
C GLY C 889 32.17 46.47 1.27
N ALA C 890 32.31 47.78 1.52
CA ALA C 890 31.68 48.76 0.65
C ALA C 890 32.34 48.81 -0.72
N GLY C 891 33.67 48.79 -0.76
CA GLY C 891 34.39 48.87 -2.02
C GLY C 891 35.81 48.35 -1.89
N ALA C 892 36.75 49.01 -2.55
CA ALA C 892 38.14 48.60 -2.48
C ALA C 892 38.63 48.70 -1.04
N ALA C 893 39.46 47.75 -0.63
CA ALA C 893 39.96 47.75 0.74
C ALA C 893 40.91 48.91 0.95
N LEU C 894 40.65 49.70 1.99
CA LEU C 894 41.44 50.87 2.35
C LEU C 894 42.09 50.59 3.69
N GLN C 895 43.42 50.49 3.69
CA GLN C 895 44.13 50.19 4.92
C GLN C 895 43.91 51.30 5.94
N ILE C 896 44.12 50.96 7.21
CA ILE C 896 43.95 51.90 8.31
C ILE C 896 44.56 51.30 9.57
N PRO C 897 45.28 52.07 10.38
CA PRO C 897 45.77 51.54 11.65
C PRO C 897 44.60 51.09 12.52
N PHE C 898 44.78 49.98 13.22
CA PHE C 898 43.67 49.38 13.96
C PHE C 898 43.18 50.31 15.06
N ALA C 899 44.09 51.04 15.70
CA ALA C 899 43.68 52.00 16.73
C ALA C 899 42.71 53.03 16.17
N MET C 900 42.96 53.52 14.96
CA MET C 900 42.06 54.50 14.37
C MET C 900 40.72 53.87 14.00
N GLN C 901 40.74 52.60 13.59
CA GLN C 901 39.49 51.89 13.33
C GLN C 901 38.66 51.78 14.61
N MET C 902 39.29 51.42 15.72
CA MET C 902 38.57 51.37 16.99
C MET C 902 38.09 52.75 17.42
N ALA C 903 38.85 53.80 17.07
CA ALA C 903 38.38 55.16 17.32
C ALA C 903 37.11 55.44 16.53
N TYR C 904 37.07 55.01 15.27
CA TYR C 904 35.85 55.12 14.49
C TYR C 904 34.69 54.41 15.18
N ARG C 905 34.95 53.19 15.66
CA ARG C 905 33.89 52.41 16.29
C ARG C 905 33.38 53.08 17.56
N PHE C 906 34.28 53.61 18.38
CA PHE C 906 33.88 54.32 19.58
C PHE C 906 33.06 55.55 19.23
N ASN C 907 33.48 56.33 18.23
CA ASN C 907 32.65 57.41 17.74
C ASN C 907 31.29 56.89 17.29
N GLY C 908 31.27 55.66 16.78
CA GLY C 908 30.04 55.01 16.32
C GLY C 908 29.11 54.62 17.44
N ILE C 909 29.62 54.52 18.67
CA ILE C 909 28.78 54.15 19.81
C ILE C 909 28.60 55.33 20.77
N GLY C 910 28.83 56.55 20.30
CA GLY C 910 28.55 57.72 21.11
C GLY C 910 29.55 57.96 22.21
N VAL C 911 30.73 57.36 22.14
CA VAL C 911 31.82 57.62 23.06
C VAL C 911 32.93 58.31 22.28
N THR C 912 33.26 59.54 22.68
CA THR C 912 34.27 60.30 21.97
C THR C 912 35.59 59.52 21.89
N GLN C 913 36.34 59.79 20.83
CA GLN C 913 37.49 58.95 20.49
C GLN C 913 38.61 59.04 21.53
N ASN C 914 38.79 60.21 22.17
CA ASN C 914 39.86 60.36 23.15
C ASN C 914 39.80 59.30 24.24
N VAL C 915 38.60 58.79 24.54
CA VAL C 915 38.47 57.71 25.51
C VAL C 915 39.33 56.52 25.11
N LEU C 916 39.30 56.16 23.82
CA LEU C 916 40.14 55.07 23.33
C LEU C 916 41.61 55.38 23.52
N TYR C 917 42.09 56.46 22.89
CA TYR C 917 43.51 56.75 22.88
C TYR C 917 44.08 56.91 24.28
N GLU C 918 43.28 57.41 25.22
CA GLU C 918 43.75 57.51 26.60
C GLU C 918 43.69 56.18 27.33
N ASN C 919 42.93 55.22 26.83
CA ASN C 919 42.81 53.90 27.44
C ASN C 919 43.07 52.80 26.42
N GLN C 920 44.07 52.99 25.56
CA GLN C 920 44.31 52.01 24.50
C GLN C 920 44.84 50.70 25.06
N LYS C 921 45.83 50.77 25.95
CA LYS C 921 46.44 49.56 26.48
C LYS C 921 45.42 48.76 27.28
N LEU C 922 44.62 49.44 28.11
CA LEU C 922 43.59 48.75 28.89
C LEU C 922 42.59 48.05 27.99
N ILE C 923 42.13 48.71 26.93
CA ILE C 923 41.17 48.09 26.03
C ILE C 923 41.80 46.88 25.33
N ALA C 924 43.05 47.01 24.88
CA ALA C 924 43.70 45.88 24.23
C ALA C 924 43.83 44.69 25.18
N ASN C 925 44.24 44.95 26.43
CA ASN C 925 44.37 43.89 27.41
C ASN C 925 43.02 43.25 27.71
N GLN C 926 41.97 44.07 27.84
CA GLN C 926 40.64 43.52 28.09
C GLN C 926 40.17 42.64 26.94
N PHE C 927 40.42 43.07 25.70
CA PHE C 927 40.04 42.27 24.55
C PHE C 927 40.80 40.95 24.54
N ASN C 928 42.10 40.99 24.82
CA ASN C 928 42.88 39.75 24.88
C ASN C 928 42.36 38.83 25.96
N SER C 929 42.05 39.37 27.13
CA SER C 929 41.50 38.55 28.22
C SER C 929 40.16 37.93 27.81
N ALA C 930 39.31 38.71 27.12
CA ALA C 930 38.03 38.17 26.67
C ALA C 930 38.22 37.04 25.67
N ILE C 931 39.16 37.20 24.75
CA ILE C 931 39.42 36.14 23.78
C ILE C 931 39.95 34.90 24.48
N GLY C 932 40.84 35.08 25.46
CA GLY C 932 41.30 33.95 26.25
C GLY C 932 40.18 33.24 26.99
N LYS C 933 39.27 34.02 27.58
CA LYS C 933 38.13 33.42 28.27
C LYS C 933 37.26 32.63 27.30
N ILE C 934 37.06 33.15 26.09
CA ILE C 934 36.29 32.43 25.08
C ILE C 934 37.00 31.13 24.71
N GLN C 935 38.31 31.19 24.53
CA GLN C 935 39.11 29.99 24.29
C GLN C 935 38.87 28.95 25.37
N ASP C 936 39.01 29.35 26.63
CA ASP C 936 38.85 28.41 27.74
C ASP C 936 37.44 27.83 27.77
N SER C 937 36.43 28.68 27.57
CA SER C 937 35.05 28.21 27.58
C SER C 937 34.80 27.17 26.50
N LEU C 938 35.28 27.45 25.28
CA LEU C 938 35.10 26.50 24.18
C LEU C 938 35.85 25.21 24.44
N SER C 939 37.07 25.30 24.98
CA SER C 939 37.87 24.10 25.22
C SER C 939 37.28 23.25 26.34
N SER C 940 36.63 23.88 27.32
CA SER C 940 36.13 23.17 28.50
C SER C 940 34.75 22.57 28.27
N THR C 941 33.81 23.37 27.78
CA THR C 941 32.41 22.96 27.62
C THR C 941 32.18 22.54 26.18
N ALA C 942 31.89 21.26 25.98
CA ALA C 942 31.56 20.76 24.64
C ALA C 942 30.14 21.12 24.22
N SER C 943 29.21 21.25 25.17
CA SER C 943 27.82 21.51 24.84
C SER C 943 27.60 22.91 24.27
N ALA C 944 28.62 23.78 24.32
CA ALA C 944 28.48 25.14 23.80
C ALA C 944 28.03 25.14 22.35
N LEU C 945 28.54 24.21 21.54
CA LEU C 945 28.18 24.13 20.13
C LEU C 945 26.93 23.30 19.88
N GLY C 946 26.11 23.12 20.92
CA GLY C 946 24.93 22.27 20.91
C GLY C 946 24.15 22.34 19.62
N LYS C 947 23.73 23.55 19.24
CA LYS C 947 22.95 23.77 18.04
C LYS C 947 23.48 22.95 16.87
N LEU C 948 24.74 23.19 16.50
CA LEU C 948 25.30 22.48 15.36
C LEU C 948 25.16 20.97 15.55
N GLN C 949 25.66 20.47 16.69
CA GLN C 949 25.55 19.05 17.00
C GLN C 949 24.11 18.59 16.86
N ASP C 950 23.18 19.35 17.46
CA ASP C 950 21.78 18.97 17.43
C ASP C 950 21.35 18.71 15.99
N VAL C 951 21.63 19.67 15.10
CA VAL C 951 21.26 19.51 13.69
C VAL C 951 21.70 18.14 13.21
N VAL C 952 23.01 17.87 13.31
CA VAL C 952 23.56 16.58 12.89
C VAL C 952 22.72 15.45 13.46
N ASN C 953 22.60 15.43 14.79
CA ASN C 953 21.86 14.37 15.47
C ASN C 953 20.53 14.12 14.78
N GLN C 954 19.74 15.18 14.62
CA GLN C 954 18.39 15.03 14.08
C GLN C 954 18.45 14.26 12.77
N ASN C 955 19.30 14.74 11.84
CA ASN C 955 19.38 14.11 10.53
C ASN C 955 19.66 12.62 10.68
N ALA C 956 20.69 12.28 11.47
CA ALA C 956 21.04 10.89 11.65
C ALA C 956 19.82 10.09 12.06
N GLN C 957 19.10 10.56 13.09
CA GLN C 957 17.94 9.84 13.58
C GLN C 957 16.98 9.58 12.43
N ALA C 958 16.67 10.63 11.66
CA ALA C 958 15.81 10.48 10.49
C ALA C 958 16.25 9.30 9.66
N LEU C 959 17.49 9.33 9.19
CA LEU C 959 18.01 8.24 8.35
C LEU C 959 17.79 6.91 9.05
N ASN C 960 18.22 6.83 10.32
CA ASN C 960 18.07 5.59 11.07
C ASN C 960 16.62 5.12 11.02
N THR C 961 15.70 6.02 11.37
CA THR C 961 14.28 5.66 11.34
C THR C 961 13.92 5.11 9.96
N LEU C 962 14.29 5.85 8.91
CA LEU C 962 14.01 5.40 7.55
C LEU C 962 14.49 3.97 7.36
N VAL C 963 15.75 3.71 7.74
CA VAL C 963 16.32 2.38 7.54
C VAL C 963 15.53 1.36 8.35
N LYS C 964 15.17 1.72 9.59
CA LYS C 964 14.43 0.80 10.43
C LYS C 964 13.07 0.47 9.83
N GLN C 965 12.52 1.38 9.01
CA GLN C 965 11.25 1.08 8.36
C GLN C 965 11.35 -0.12 7.43
N LEU C 966 12.55 -0.45 6.95
CA LEU C 966 12.72 -1.64 6.14
C LEU C 966 12.48 -2.93 6.93
N SER C 967 12.46 -2.86 8.26
CA SER C 967 12.24 -4.03 9.09
C SER C 967 10.78 -4.21 9.52
N SER C 968 9.88 -3.37 9.02
CA SER C 968 8.47 -3.46 9.37
C SER C 968 7.70 -4.19 8.28
N ASN C 969 6.74 -5.02 8.69
CA ASN C 969 6.00 -5.84 7.75
C ASN C 969 4.86 -5.09 7.09
N PHE C 970 4.43 -3.97 7.65
CA PHE C 970 3.34 -3.14 7.11
C PHE C 970 2.08 -3.96 6.83
N GLY C 971 1.91 -5.06 7.56
CA GLY C 971 0.81 -5.98 7.35
C GLY C 971 1.14 -7.20 6.52
N ALA C 972 2.29 -7.22 5.85
CA ALA C 972 2.70 -8.39 5.10
C ALA C 972 3.08 -9.52 6.06
N ILE C 973 3.50 -10.65 5.48
CA ILE C 973 3.88 -11.80 6.28
C ILE C 973 5.33 -11.75 6.73
N SER C 974 6.18 -10.99 6.03
CA SER C 974 7.59 -10.87 6.38
C SER C 974 8.14 -9.58 5.80
N SER C 975 9.01 -8.93 6.56
CA SER C 975 9.65 -7.69 6.13
C SER C 975 10.67 -7.90 5.02
N VAL C 976 11.01 -9.15 4.71
CA VAL C 976 12.02 -9.47 3.69
C VAL C 976 11.31 -9.75 2.38
N LEU C 977 11.60 -8.93 1.36
CA LEU C 977 11.00 -9.10 0.05
C LEU C 977 11.37 -10.44 -0.59
N ASN C 978 12.63 -10.85 -0.47
CA ASN C 978 13.08 -12.07 -1.10
C ASN C 978 12.34 -13.29 -0.57
N ASP C 979 12.10 -13.33 0.75
CA ASP C 979 11.37 -14.46 1.32
C ASP C 979 9.95 -14.53 0.78
N ILE C 980 9.27 -13.38 0.66
CA ILE C 980 7.93 -13.38 0.09
C ILE C 980 7.96 -13.87 -1.35
N LEU C 981 8.93 -13.40 -2.14
CA LEU C 981 9.02 -13.83 -3.53
C LEU C 981 9.24 -15.34 -3.63
N SER C 982 10.13 -15.87 -2.80
CA SER C 982 10.50 -17.28 -2.91
C SER C 982 9.46 -18.21 -2.30
N ARG C 983 8.67 -17.72 -1.34
CA ARG C 983 7.78 -18.58 -0.56
C ARG C 983 6.36 -18.65 -1.13
N LEU C 984 5.76 -17.51 -1.46
CA LEU C 984 4.38 -17.49 -1.89
C LEU C 984 4.27 -17.56 -3.42
N ASP C 985 3.09 -17.97 -3.87
CA ASP C 985 2.76 -17.94 -5.28
C ASP C 985 2.58 -16.50 -5.75
N PRO C 986 2.79 -16.24 -7.04
CA PRO C 986 2.70 -14.85 -7.55
C PRO C 986 1.37 -14.17 -7.24
N PRO C 987 0.22 -14.86 -7.33
CA PRO C 987 -1.04 -14.14 -7.08
C PRO C 987 -1.12 -13.45 -5.73
N GLU C 988 -0.58 -14.06 -4.67
CA GLU C 988 -0.59 -13.47 -3.34
C GLU C 988 0.69 -12.72 -3.02
N ALA C 989 1.83 -13.18 -3.53
CA ALA C 989 3.05 -12.41 -3.41
C ALA C 989 2.90 -11.02 -4.02
N GLU C 990 2.06 -10.87 -5.05
CA GLU C 990 1.83 -9.55 -5.63
C GLU C 990 1.14 -8.62 -4.65
N VAL C 991 0.14 -9.13 -3.93
CA VAL C 991 -0.55 -8.32 -2.92
C VAL C 991 0.41 -7.99 -1.77
N GLN C 992 1.20 -8.97 -1.34
CA GLN C 992 2.16 -8.72 -0.27
C GLN C 992 3.18 -7.65 -0.66
N ILE C 993 3.70 -7.71 -1.89
CA ILE C 993 4.65 -6.72 -2.33
C ILE C 993 3.99 -5.37 -2.55
N ASP C 994 2.69 -5.36 -2.89
CA ASP C 994 1.95 -4.11 -2.93
C ASP C 994 1.90 -3.47 -1.55
N ARG C 995 1.61 -4.28 -0.53
CA ARG C 995 1.62 -3.79 0.84
C ARG C 995 2.99 -3.22 1.21
N LEU C 996 4.05 -3.97 0.91
CA LEU C 996 5.39 -3.52 1.25
C LEU C 996 5.75 -2.23 0.54
N ILE C 997 5.38 -2.12 -0.74
CA ILE C 997 5.70 -0.92 -1.51
C ILE C 997 4.95 0.28 -0.95
N THR C 998 3.66 0.11 -0.62
CA THR C 998 2.91 1.20 -0.01
C THR C 998 3.57 1.65 1.29
N GLY C 999 3.94 0.69 2.15
CA GLY C 999 4.56 1.04 3.41
C GLY C 999 5.87 1.79 3.23
N ARG C 1000 6.75 1.27 2.37
CA ARG C 1000 8.05 1.89 2.18
C ARG C 1000 7.91 3.26 1.54
N LEU C 1001 6.97 3.41 0.60
CA LEU C 1001 6.72 4.72 0.00
C LEU C 1001 6.21 5.71 1.03
N GLN C 1002 5.33 5.27 1.93
CA GLN C 1002 4.86 6.17 2.99
C GLN C 1002 6.00 6.58 3.92
N SER C 1003 6.87 5.63 4.27
CA SER C 1003 8.02 5.96 5.10
C SER C 1003 8.93 6.97 4.42
N LEU C 1004 9.21 6.76 3.13
CA LEU C 1004 10.04 7.69 2.38
C LEU C 1004 9.41 9.06 2.31
N GLN C 1005 8.09 9.12 2.08
CA GLN C 1005 7.40 10.40 2.02
C GLN C 1005 7.48 11.14 3.35
N THR C 1006 7.30 10.42 4.46
CA THR C 1006 7.42 11.04 5.77
C THR C 1006 8.82 11.59 5.99
N TYR C 1007 9.84 10.80 5.61
CA TYR C 1007 11.21 11.26 5.77
C TYR C 1007 11.48 12.50 4.92
N VAL C 1008 10.98 12.51 3.69
CA VAL C 1008 11.22 13.64 2.79
C VAL C 1008 10.53 14.89 3.31
N THR C 1009 9.30 14.75 3.81
CA THR C 1009 8.61 15.92 4.37
C THR C 1009 9.33 16.47 5.59
N GLN C 1010 9.79 15.57 6.49
CA GLN C 1010 10.56 16.03 7.64
C GLN C 1010 11.84 16.73 7.21
N GLN C 1011 12.52 16.20 6.20
CA GLN C 1011 13.73 16.83 5.69
C GLN C 1011 13.42 18.21 5.11
N LEU C 1012 12.31 18.33 4.39
CA LEU C 1012 11.92 19.62 3.82
C LEU C 1012 11.68 20.65 4.92
N ILE C 1013 10.97 20.26 5.98
CA ILE C 1013 10.67 21.20 7.06
C ILE C 1013 11.96 21.60 7.78
N ARG C 1014 12.82 20.63 8.09
CA ARG C 1014 14.07 20.93 8.78
C ARG C 1014 14.98 21.78 7.90
N ALA C 1015 14.95 21.56 6.59
CA ALA C 1015 15.73 22.38 5.68
C ALA C 1015 15.18 23.79 5.57
N ALA C 1016 13.87 23.97 5.66
CA ALA C 1016 13.32 25.33 5.76
C ALA C 1016 13.83 26.03 7.02
N GLU C 1017 13.82 25.31 8.14
CA GLU C 1017 14.39 25.84 9.38
C GLU C 1017 15.85 26.26 9.18
N ILE C 1018 16.64 25.37 8.57
CA ILE C 1018 18.06 25.65 8.39
C ILE C 1018 18.27 26.78 7.40
N ARG C 1019 17.39 26.93 6.40
CA ARG C 1019 17.49 28.06 5.48
C ARG C 1019 17.20 29.36 6.20
N ALA C 1020 16.23 29.37 7.10
CA ALA C 1020 15.99 30.56 7.91
C ALA C 1020 17.21 30.89 8.76
N SER C 1021 17.80 29.87 9.37
CA SER C 1021 19.01 30.08 10.17
C SER C 1021 20.15 30.62 9.31
N ALA C 1022 20.30 30.11 8.08
CA ALA C 1022 21.38 30.55 7.21
C ALA C 1022 21.15 31.97 6.73
N ASN C 1023 19.90 32.35 6.46
CA ASN C 1023 19.60 33.73 6.13
C ASN C 1023 19.93 34.66 7.30
N LEU C 1024 19.59 34.23 8.52
CA LEU C 1024 19.93 35.02 9.70
C LEU C 1024 21.45 35.15 9.84
N ALA C 1025 22.18 34.07 9.60
CA ALA C 1025 23.63 34.10 9.69
C ALA C 1025 24.23 35.03 8.64
N ALA C 1026 23.71 34.99 7.41
CA ALA C 1026 24.20 35.88 6.36
C ALA C 1026 23.93 37.33 6.73
N THR C 1027 22.74 37.63 7.24
CA THR C 1027 22.43 39.00 7.65
C THR C 1027 23.35 39.45 8.77
N LYS C 1028 23.61 38.57 9.74
CA LYS C 1028 24.53 38.90 10.83
C LYS C 1028 25.92 39.16 10.32
N MET C 1029 26.40 38.34 9.38
CA MET C 1029 27.74 38.54 8.84
C MET C 1029 27.82 39.84 8.06
N SER C 1030 26.76 40.20 7.34
CA SER C 1030 26.78 41.42 6.54
C SER C 1030 26.76 42.65 7.44
N GLU C 1031 25.85 42.69 8.42
CA GLU C 1031 25.64 43.89 9.21
C GLU C 1031 26.50 43.97 10.45
N CYS C 1032 27.15 42.89 10.83
CA CYS C 1032 27.89 42.75 12.08
C CYS C 1032 29.39 42.70 11.87
N VAL C 1033 29.85 41.95 10.87
CA VAL C 1033 31.28 41.79 10.59
C VAL C 1033 31.71 42.86 9.60
N LEU C 1034 31.05 42.90 8.44
CA LEU C 1034 31.41 43.87 7.41
C LEU C 1034 31.15 45.31 7.83
N GLY C 1035 30.39 45.52 8.90
CA GLY C 1035 30.11 46.85 9.38
C GLY C 1035 30.01 46.93 10.89
N GLN C 1036 29.22 47.87 11.40
CA GLN C 1036 28.99 47.99 12.83
C GLN C 1036 27.51 48.21 13.05
N SER C 1037 26.83 47.22 13.63
CA SER C 1037 25.39 47.30 13.86
C SER C 1037 25.05 48.24 15.00
N LYS C 1038 23.94 48.97 14.84
CA LYS C 1038 23.33 49.75 15.90
C LYS C 1038 22.01 49.16 16.36
N ARG C 1039 21.73 47.91 15.96
CA ARG C 1039 20.53 47.20 16.40
C ARG C 1039 20.81 46.55 17.76
N VAL C 1040 19.97 46.88 18.75
CA VAL C 1040 20.21 46.39 20.10
C VAL C 1040 20.00 44.89 20.16
N ASP C 1041 20.88 44.21 20.89
CA ASP C 1041 20.82 42.76 21.12
C ASP C 1041 20.76 41.95 19.83
N PHE C 1042 21.09 42.56 18.69
CA PHE C 1042 21.27 41.80 17.46
C PHE C 1042 22.69 41.29 17.28
N CYS C 1043 23.65 41.89 17.96
CA CYS C 1043 25.06 41.51 17.87
C CYS C 1043 25.68 41.50 19.27
N GLY C 1044 25.03 40.82 20.18
CA GLY C 1044 25.56 40.66 21.53
C GLY C 1044 25.07 41.74 22.48
N LYS C 1045 24.94 41.36 23.74
CA LYS C 1045 24.47 42.28 24.77
C LYS C 1045 25.43 43.46 24.91
N GLY C 1046 24.89 44.66 24.95
CA GLY C 1046 25.68 45.87 25.02
C GLY C 1046 25.81 46.55 23.67
N TYR C 1047 26.59 47.63 23.66
CA TYR C 1047 26.85 48.36 22.44
C TYR C 1047 27.85 47.57 21.60
N HIS C 1048 27.54 47.40 20.32
CA HIS C 1048 28.36 46.58 19.43
C HIS C 1048 29.55 47.36 18.90
N LEU C 1049 30.72 46.75 18.96
CA LEU C 1049 31.93 47.30 18.35
C LEU C 1049 32.31 46.62 17.04
N MET C 1050 32.43 45.29 17.04
CA MET C 1050 32.79 44.58 15.83
C MET C 1050 32.49 43.09 16.01
N SER C 1051 32.77 42.31 14.97
CA SER C 1051 32.59 40.88 15.02
C SER C 1051 33.67 40.20 14.19
N PHE C 1052 33.95 38.95 14.53
CA PHE C 1052 34.90 38.13 13.79
C PHE C 1052 34.24 36.79 13.45
N PRO C 1053 34.14 36.42 12.19
CA PRO C 1053 33.59 35.11 11.84
C PRO C 1053 34.60 33.99 12.06
N GLN C 1054 34.05 32.79 12.24
CA GLN C 1054 34.85 31.57 12.38
C GLN C 1054 34.05 30.42 11.79
N SER C 1055 34.71 29.61 10.96
CA SER C 1055 34.03 28.47 10.37
C SER C 1055 33.62 27.47 11.46
N ALA C 1056 32.79 26.51 11.07
CA ALA C 1056 32.46 25.37 11.91
C ALA C 1056 31.74 24.35 11.04
N PRO C 1057 31.72 23.07 11.46
CA PRO C 1057 31.14 22.05 10.57
C PRO C 1057 29.67 22.34 10.29
N HIS C 1058 29.39 22.72 9.05
CA HIS C 1058 28.05 23.10 8.62
C HIS C 1058 27.49 24.25 9.46
N GLY C 1059 28.33 25.23 9.77
CA GLY C 1059 27.86 26.36 10.55
C GLY C 1059 28.91 27.44 10.68
N VAL C 1060 28.48 28.56 11.27
CA VAL C 1060 29.33 29.72 11.51
C VAL C 1060 29.27 30.11 12.98
N VAL C 1061 30.34 30.74 13.45
CA VAL C 1061 30.47 31.17 14.84
C VAL C 1061 30.98 32.60 14.84
N PHE C 1062 30.17 33.52 15.35
CA PHE C 1062 30.54 34.92 15.44
C PHE C 1062 31.12 35.23 16.82
N LEU C 1063 32.29 35.85 16.84
CA LEU C 1063 32.86 36.44 18.04
C LEU C 1063 32.48 37.91 18.05
N HIS C 1064 31.51 38.27 18.89
CA HIS C 1064 31.00 39.63 18.97
C HIS C 1064 31.80 40.41 20.01
N VAL C 1065 32.53 41.42 19.56
CA VAL C 1065 33.25 42.33 20.45
C VAL C 1065 32.35 43.53 20.71
N THR C 1066 31.97 43.74 21.98
CA THR C 1066 30.98 44.73 22.35
C THR C 1066 31.50 45.54 23.54
N TYR C 1067 30.87 46.69 23.75
CA TYR C 1067 31.30 47.68 24.73
C TYR C 1067 30.20 47.82 25.78
N VAL C 1068 30.55 47.65 27.05
CA VAL C 1068 29.56 47.61 28.11
C VAL C 1068 29.98 48.52 29.26
N PRO C 1069 29.23 49.58 29.56
CA PRO C 1069 29.60 50.42 30.72
C PRO C 1069 29.46 49.64 32.01
N ALA C 1070 30.43 49.83 32.91
CA ALA C 1070 30.54 48.99 34.10
C ALA C 1070 30.34 49.76 35.40
N GLN C 1071 31.13 50.81 35.64
CA GLN C 1071 31.14 51.49 36.93
C GLN C 1071 30.35 52.79 36.82
N GLU C 1072 29.27 52.88 37.59
CA GLU C 1072 28.32 53.98 37.50
C GLU C 1072 28.34 54.81 38.78
N LYS C 1073 28.18 56.13 38.61
CA LYS C 1073 28.16 57.07 39.72
C LYS C 1073 26.86 57.87 39.69
N ASN C 1074 26.39 58.24 40.88
CA ASN C 1074 25.24 59.11 41.02
C ASN C 1074 25.67 60.57 40.97
N PHE C 1075 25.04 61.34 40.09
CA PHE C 1075 25.25 62.78 40.02
C PHE C 1075 23.89 63.47 40.01
N THR C 1076 23.84 64.65 40.63
CA THR C 1076 22.64 65.47 40.51
C THR C 1076 22.57 65.99 39.08
N THR C 1077 21.35 66.21 38.59
CA THR C 1077 21.20 66.57 37.19
C THR C 1077 20.23 67.73 37.05
N ALA C 1078 20.27 68.35 35.87
CA ALA C 1078 19.36 69.42 35.50
C ALA C 1078 19.09 69.34 34.01
N PRO C 1079 17.91 69.77 33.56
CA PRO C 1079 17.65 69.79 32.12
C PRO C 1079 18.25 71.00 31.42
N ALA C 1080 18.56 72.06 32.17
CA ALA C 1080 19.17 73.27 31.63
C ALA C 1080 19.62 74.10 32.82
N ILE C 1081 20.45 75.10 32.54
CA ILE C 1081 20.98 76.00 33.57
C ILE C 1081 20.72 77.42 33.12
N CYS C 1082 20.36 78.28 34.08
CA CYS C 1082 19.96 79.65 33.80
C CYS C 1082 21.12 80.57 34.16
N HIS C 1083 21.63 81.29 33.17
CA HIS C 1083 22.77 82.17 33.38
C HIS C 1083 22.36 83.64 33.48
N ASP C 1084 21.75 84.18 32.42
CA ASP C 1084 21.34 85.57 32.35
C ASP C 1084 19.91 85.68 31.86
N GLY C 1085 19.03 84.83 32.38
CA GLY C 1085 17.69 84.72 31.87
C GLY C 1085 17.52 83.76 30.72
N LYS C 1086 18.61 83.40 30.04
CA LYS C 1086 18.56 82.41 28.97
C LYS C 1086 18.74 81.00 29.53
N ALA C 1087 18.19 80.03 28.82
CA ALA C 1087 18.32 78.62 29.18
C ALA C 1087 19.33 77.96 28.25
N HIS C 1088 20.31 77.27 28.84
CA HIS C 1088 21.38 76.62 28.10
C HIS C 1088 21.22 75.11 28.19
N PHE C 1089 21.14 74.44 27.04
CA PHE C 1089 21.05 73.00 26.97
C PHE C 1089 22.32 72.41 26.36
N PRO C 1090 22.70 71.19 26.73
CA PRO C 1090 23.95 70.63 26.20
C PRO C 1090 23.82 70.25 24.73
N ARG C 1091 24.85 70.59 23.95
CA ARG C 1091 24.88 70.20 22.54
C ARG C 1091 24.91 68.70 22.41
N GLU C 1092 25.85 68.05 23.10
CA GLU C 1092 25.97 66.59 23.08
C GLU C 1092 26.48 66.19 24.46
N GLY C 1093 25.56 65.84 25.34
CA GLY C 1093 25.88 65.47 26.70
C GLY C 1093 24.75 65.83 27.63
N VAL C 1094 25.08 65.86 28.93
CA VAL C 1094 24.10 66.12 29.98
C VAL C 1094 24.80 66.87 31.10
N PHE C 1095 24.07 67.80 31.72
CA PHE C 1095 24.59 68.50 32.89
C PHE C 1095 24.59 67.57 34.08
N VAL C 1096 25.61 67.70 34.92
CA VAL C 1096 25.74 66.95 36.16
C VAL C 1096 26.26 67.87 37.24
N SER C 1097 26.13 67.41 38.48
CA SER C 1097 26.58 68.16 39.65
C SER C 1097 27.03 67.18 40.72
N ASN C 1098 28.25 67.38 41.20
CA ASN C 1098 28.81 66.62 42.32
C ASN C 1098 28.46 67.25 43.66
N GLY C 1099 27.44 68.10 43.71
CA GLY C 1099 27.02 68.73 44.94
C GLY C 1099 27.25 70.23 44.95
N THR C 1100 28.35 70.67 44.36
CA THR C 1100 28.74 72.08 44.40
C THR C 1100 28.77 72.72 43.02
N HIS C 1101 29.45 72.11 42.05
CA HIS C 1101 29.62 72.70 40.73
C HIS C 1101 28.82 71.92 39.69
N TRP C 1102 28.53 72.60 38.58
CA TRP C 1102 27.78 72.04 37.47
C TRP C 1102 28.71 71.86 36.28
N PHE C 1103 28.78 70.63 35.76
CA PHE C 1103 29.58 70.29 34.59
C PHE C 1103 28.68 69.72 33.51
N VAL C 1104 29.27 69.50 32.33
CA VAL C 1104 28.56 68.86 31.22
C VAL C 1104 29.42 67.69 30.72
N THR C 1105 28.85 66.49 30.71
CA THR C 1105 29.58 65.28 30.34
C THR C 1105 28.87 64.57 29.19
N GLN C 1106 29.65 63.89 28.36
CA GLN C 1106 29.07 62.96 27.40
C GLN C 1106 28.26 61.88 28.14
N ARG C 1107 27.25 61.36 27.44
CA ARG C 1107 26.22 60.57 28.13
C ARG C 1107 26.73 59.19 28.54
N ASN C 1108 27.61 58.59 27.75
CA ASN C 1108 28.00 57.20 27.94
C ASN C 1108 29.35 57.05 28.63
N PHE C 1109 29.94 58.15 29.11
CA PHE C 1109 31.21 58.07 29.82
C PHE C 1109 31.42 59.36 30.59
N TYR C 1110 31.61 59.26 31.90
CA TYR C 1110 31.74 60.44 32.73
C TYR C 1110 33.05 61.15 32.41
N GLU C 1111 32.96 62.27 31.72
CA GLU C 1111 34.13 63.09 31.38
C GLU C 1111 33.74 64.55 31.58
N PRO C 1112 33.75 65.03 32.81
CA PRO C 1112 33.22 66.37 33.10
C PRO C 1112 34.04 67.45 32.42
N GLN C 1113 33.34 68.47 31.92
CA GLN C 1113 33.96 69.63 31.33
C GLN C 1113 33.22 70.88 31.80
N ILE C 1114 33.99 71.93 32.11
CA ILE C 1114 33.43 73.20 32.57
C ILE C 1114 32.40 73.62 31.53
N ILE C 1115 31.33 74.28 31.97
CA ILE C 1115 30.27 74.66 31.04
C ILE C 1115 30.67 75.95 30.34
N THR C 1116 30.73 75.90 29.01
CA THR C 1116 31.11 77.02 28.18
C THR C 1116 30.10 77.15 27.04
N THR C 1117 30.06 78.34 26.45
CA THR C 1117 29.13 78.61 25.35
C THR C 1117 29.41 77.75 24.12
N ASP C 1118 30.49 76.95 24.15
CA ASP C 1118 30.76 75.99 23.09
C ASP C 1118 30.29 74.59 23.46
N ASN C 1119 30.00 74.32 24.73
CA ASN C 1119 29.39 73.06 25.13
C ASN C 1119 27.87 73.12 25.09
N THR C 1120 27.29 74.30 25.24
CA THR C 1120 25.85 74.47 25.41
C THR C 1120 25.30 75.47 24.40
N PHE C 1121 24.04 75.25 24.02
CA PHE C 1121 23.33 76.12 23.10
C PHE C 1121 22.14 76.74 23.81
N VAL C 1122 21.79 77.95 23.39
CA VAL C 1122 20.79 78.77 24.08
C VAL C 1122 19.43 78.50 23.45
N SER C 1123 18.38 78.63 24.27
CA SER C 1123 17.01 78.53 23.78
C SER C 1123 16.03 79.06 24.81
N GLY C 1124 15.18 80.01 24.41
CA GLY C 1124 14.09 80.46 25.26
C GLY C 1124 14.58 81.22 26.48
N ASN C 1125 13.83 81.07 27.58
CA ASN C 1125 14.15 81.72 28.84
C ASN C 1125 13.86 80.76 29.97
N CYS C 1126 14.13 81.19 31.21
CA CYS C 1126 14.13 80.31 32.35
C CYS C 1126 12.77 80.20 33.03
N ASP C 1127 11.70 80.70 32.40
CA ASP C 1127 10.36 80.64 32.96
C ASP C 1127 9.54 79.50 32.38
N VAL C 1128 10.13 78.66 31.54
CA VAL C 1128 9.41 77.62 30.81
C VAL C 1128 9.87 76.23 31.23
N VAL C 1129 11.18 75.99 31.21
CA VAL C 1129 11.70 74.65 31.46
C VAL C 1129 11.42 74.27 32.91
N ILE C 1130 10.92 73.06 33.12
CA ILE C 1130 10.52 72.58 34.44
C ILE C 1130 11.73 71.93 35.08
N GLY C 1131 12.35 72.61 36.03
CA GLY C 1131 13.51 72.09 36.73
C GLY C 1131 14.82 72.83 36.47
N ILE C 1132 14.78 73.95 35.76
CA ILE C 1132 16.02 74.67 35.44
C ILE C 1132 16.71 75.10 36.72
N VAL C 1133 18.04 75.06 36.70
CA VAL C 1133 18.88 75.42 37.84
C VAL C 1133 19.70 76.65 37.47
N ASN C 1134 20.34 77.22 38.49
CA ASN C 1134 21.14 78.42 38.32
C ASN C 1134 22.61 78.05 38.29
N ASN C 1135 23.38 78.75 37.45
CA ASN C 1135 24.82 78.56 37.34
C ASN C 1135 25.36 79.68 36.47
N THR C 1136 26.68 79.67 36.25
CA THR C 1136 27.36 80.62 35.39
C THR C 1136 28.01 79.89 34.22
N VAL C 1137 27.71 80.34 33.01
CA VAL C 1137 28.28 79.74 31.80
C VAL C 1137 29.53 80.52 31.43
N TYR C 1138 30.70 79.91 31.65
CA TYR C 1138 31.97 80.56 31.35
C TYR C 1138 32.09 80.83 29.85
N ASP C 1139 32.57 82.03 29.52
CA ASP C 1139 32.76 82.41 28.12
C ASP C 1139 34.24 82.40 27.79
N PRO C 1140 34.69 81.52 26.90
CA PRO C 1140 36.14 81.50 26.56
C PRO C 1140 36.65 82.79 25.95
N LEU C 1141 35.78 83.58 25.31
CA LEU C 1141 36.24 84.76 24.59
C LEU C 1141 36.64 85.89 25.52
N GLN C 1142 35.99 85.99 26.69
CA GLN C 1142 36.21 87.14 27.57
C GLN C 1142 37.64 87.23 28.10
N PRO C 1143 38.25 86.17 28.64
CA PRO C 1143 39.65 86.32 29.11
C PRO C 1143 40.60 86.73 28.00
N GLU C 1144 40.42 86.19 26.79
CA GLU C 1144 41.27 86.59 25.67
C GLU C 1144 41.05 88.05 25.30
N LEU C 1145 39.79 88.49 25.30
CA LEU C 1145 39.49 89.89 24.98
C LEU C 1145 40.10 90.84 26.00
N ASP C 1146 40.03 90.48 27.30
CA ASP C 1146 40.61 91.32 28.33
C ASP C 1146 42.12 91.42 28.17
N SER C 1147 42.78 90.32 27.85
CA SER C 1147 44.23 90.31 27.66
C SER C 1147 44.63 91.16 26.46
N GLN D 14 -25.40 -81.40 6.59
CA GLN D 14 -25.75 -81.29 5.17
C GLN D 14 -24.97 -80.17 4.50
N VAL D 15 -23.85 -80.52 3.88
CA VAL D 15 -23.04 -79.59 3.11
C VAL D 15 -23.34 -79.83 1.63
N GLN D 16 -24.00 -78.87 0.99
CA GLN D 16 -24.38 -79.00 -0.40
C GLN D 16 -24.61 -77.62 -0.99
N LEU D 17 -24.53 -77.56 -2.32
CA LEU D 17 -24.87 -76.37 -3.08
C LEU D 17 -25.95 -76.73 -4.10
N VAL D 18 -27.07 -76.00 -4.05
CA VAL D 18 -28.22 -76.29 -4.91
C VAL D 18 -28.44 -75.10 -5.83
N GLU D 19 -28.30 -75.33 -7.13
CA GLU D 19 -28.47 -74.28 -8.13
C GLU D 19 -29.90 -74.29 -8.68
N SER D 20 -30.29 -73.13 -9.22
CA SER D 20 -31.59 -72.99 -9.87
C SER D 20 -31.57 -71.73 -10.73
N GLY D 21 -32.62 -71.56 -11.52
CA GLY D 21 -32.78 -70.41 -12.37
C GLY D 21 -32.45 -70.63 -13.83
N GLY D 22 -31.78 -71.74 -14.17
CA GLY D 22 -31.48 -72.01 -15.56
C GLY D 22 -32.72 -72.20 -16.41
N GLY D 23 -32.54 -72.05 -17.72
CA GLY D 23 -33.62 -72.31 -18.64
C GLY D 23 -33.24 -71.93 -20.05
N LEU D 24 -34.25 -71.96 -20.92
CA LEU D 24 -34.09 -71.60 -22.32
C LEU D 24 -34.45 -70.13 -22.52
N ILE D 25 -33.59 -69.40 -23.23
CA ILE D 25 -33.75 -67.96 -23.38
C ILE D 25 -33.11 -67.54 -24.70
N GLN D 26 -33.76 -66.60 -25.38
CA GLN D 26 -33.25 -66.10 -26.65
C GLN D 26 -32.02 -65.20 -26.41
N PRO D 27 -31.15 -65.08 -27.41
CA PRO D 27 -30.00 -64.18 -27.26
C PRO D 27 -30.43 -62.76 -26.97
N GLY D 28 -29.64 -62.06 -26.15
CA GLY D 28 -29.98 -60.74 -25.68
C GLY D 28 -30.88 -60.71 -24.46
N GLY D 29 -31.48 -61.84 -24.08
CA GLY D 29 -32.30 -61.90 -22.89
C GLY D 29 -31.45 -61.86 -21.63
N SER D 30 -32.14 -61.95 -20.50
CA SER D 30 -31.48 -61.91 -19.20
C SER D 30 -31.96 -63.08 -18.34
N LEU D 31 -31.08 -63.50 -17.43
CA LEU D 31 -31.31 -64.71 -16.65
C LEU D 31 -30.54 -64.57 -15.33
N ARG D 32 -31.17 -64.98 -14.24
CA ARG D 32 -30.59 -64.86 -12.91
C ARG D 32 -30.53 -66.24 -12.26
N LEU D 33 -29.33 -66.71 -11.98
CA LEU D 33 -29.11 -68.01 -11.36
C LEU D 33 -29.00 -67.85 -9.85
N SER D 34 -29.56 -68.81 -9.12
CA SER D 34 -29.44 -68.88 -7.68
C SER D 34 -28.60 -70.08 -7.29
N CYS D 35 -27.93 -69.97 -6.13
CA CYS D 35 -27.14 -71.07 -5.57
C CYS D 35 -27.35 -71.03 -4.06
N ALA D 36 -28.21 -71.93 -3.56
CA ALA D 36 -28.52 -72.00 -2.14
C ALA D 36 -27.58 -72.96 -1.44
N ALA D 37 -26.93 -72.47 -0.39
CA ALA D 37 -25.96 -73.25 0.38
C ALA D 37 -26.52 -73.62 1.74
N SER D 38 -26.10 -74.77 2.24
CA SER D 38 -26.27 -75.12 3.64
C SER D 38 -25.00 -75.79 4.15
N GLY D 39 -24.63 -75.47 5.38
CA GLY D 39 -23.33 -75.87 5.89
C GLY D 39 -22.29 -74.79 5.65
N VAL D 40 -21.90 -74.63 4.38
CA VAL D 40 -21.02 -73.55 3.98
C VAL D 40 -21.75 -72.21 4.11
N THR D 41 -21.06 -71.21 4.64
CA THR D 41 -21.56 -69.84 4.66
C THR D 41 -20.98 -69.10 3.45
N VAL D 42 -21.86 -68.64 2.55
CA VAL D 42 -21.41 -68.08 1.28
C VAL D 42 -20.57 -66.84 1.50
N SER D 43 -21.00 -65.97 2.42
CA SER D 43 -20.30 -64.70 2.63
C SER D 43 -18.99 -64.85 3.39
N SER D 44 -18.69 -66.05 3.90
CA SER D 44 -17.44 -66.30 4.59
C SER D 44 -16.43 -67.04 3.71
N ASN D 45 -16.72 -67.23 2.43
CA ASN D 45 -15.94 -68.13 1.59
C ASN D 45 -15.70 -67.48 0.24
N TYR D 46 -14.63 -67.92 -0.43
CA TYR D 46 -14.46 -67.70 -1.85
C TYR D 46 -15.49 -68.54 -2.61
N MET D 47 -16.42 -67.87 -3.30
CA MET D 47 -17.47 -68.54 -4.05
C MET D 47 -17.31 -68.21 -5.53
N SER D 48 -17.28 -69.26 -6.36
CA SER D 48 -17.05 -69.13 -7.78
C SER D 48 -18.25 -69.63 -8.57
N TRP D 49 -18.40 -69.13 -9.79
CA TRP D 49 -19.25 -69.74 -10.80
C TRP D 49 -18.38 -70.33 -11.89
N VAL D 50 -18.57 -71.62 -12.16
CA VAL D 50 -17.86 -72.33 -13.22
C VAL D 50 -18.88 -72.98 -14.15
N ARG D 51 -18.63 -72.88 -15.45
CA ARG D 51 -19.55 -73.42 -16.44
C ARG D 51 -18.81 -74.40 -17.33
N GLN D 52 -19.57 -75.29 -17.97
CA GLN D 52 -19.01 -76.31 -18.86
C GLN D 52 -19.93 -76.43 -20.07
N ALA D 53 -19.45 -76.01 -21.23
CA ALA D 53 -20.20 -76.17 -22.45
C ALA D 53 -20.22 -77.63 -22.88
N PRO D 54 -21.20 -78.03 -23.69
CA PRO D 54 -21.28 -79.42 -24.13
C PRO D 54 -19.99 -79.88 -24.80
N GLY D 55 -19.43 -80.98 -24.29
CA GLY D 55 -18.22 -81.54 -24.83
C GLY D 55 -16.96 -80.72 -24.61
N LYS D 56 -17.06 -79.59 -23.90
CA LYS D 56 -15.92 -78.73 -23.63
C LYS D 56 -15.54 -78.83 -22.15
N GLY D 57 -14.49 -78.09 -21.78
CA GLY D 57 -13.98 -78.13 -20.43
C GLY D 57 -14.58 -77.08 -19.52
N LEU D 58 -14.25 -77.20 -18.23
CA LEU D 58 -14.70 -76.23 -17.24
C LEU D 58 -14.11 -74.85 -17.53
N GLU D 59 -14.98 -73.84 -17.60
CA GLU D 59 -14.57 -72.46 -17.82
C GLU D 59 -15.02 -71.61 -16.63
N TRP D 60 -14.06 -71.02 -15.93
CA TRP D 60 -14.38 -70.10 -14.84
C TRP D 60 -15.13 -68.89 -15.37
N VAL D 61 -16.11 -68.43 -14.59
CA VAL D 61 -16.94 -67.29 -14.97
C VAL D 61 -16.69 -66.10 -14.05
N SER D 62 -16.76 -66.31 -12.73
CA SER D 62 -16.72 -65.21 -11.78
C SER D 62 -16.41 -65.76 -10.40
N ILE D 63 -15.94 -64.88 -9.53
CA ILE D 63 -15.67 -65.22 -8.14
C ILE D 63 -15.94 -63.98 -7.29
N ILE D 64 -16.44 -64.20 -6.08
CA ILE D 64 -16.64 -63.15 -5.09
C ILE D 64 -15.89 -63.53 -3.82
N TYR D 65 -15.05 -62.63 -3.34
CA TYR D 65 -14.32 -62.86 -2.11
C TYR D 65 -15.20 -62.58 -0.90
N SER D 66 -14.83 -63.20 0.23
CA SER D 66 -15.56 -62.95 1.48
C SER D 66 -15.54 -61.48 1.86
N GLY D 67 -14.42 -60.80 1.61
CA GLY D 67 -14.33 -59.37 1.86
C GLY D 67 -15.09 -58.50 0.88
N GLY D 68 -15.62 -59.08 -0.19
CA GLY D 68 -16.45 -58.36 -1.14
C GLY D 68 -15.85 -58.21 -2.52
N THR D 69 -14.55 -58.49 -2.69
CA THR D 69 -13.90 -58.34 -3.98
C THR D 69 -14.49 -59.32 -4.98
N THR D 70 -14.68 -58.85 -6.22
CA THR D 70 -15.25 -59.68 -7.28
C THR D 70 -14.34 -59.63 -8.50
N TYR D 71 -14.33 -60.74 -9.24
CA TYR D 71 -13.63 -60.82 -10.52
C TYR D 71 -14.52 -61.55 -11.52
N TYR D 72 -14.21 -61.35 -12.80
CA TYR D 72 -15.02 -61.90 -13.88
C TYR D 72 -14.10 -62.33 -15.02
N ALA D 73 -14.48 -63.40 -15.71
CA ALA D 73 -13.84 -63.76 -16.96
C ALA D 73 -13.98 -62.64 -17.99
N ASP D 74 -12.97 -62.51 -18.84
CA ASP D 74 -13.00 -61.49 -19.88
C ASP D 74 -14.24 -61.63 -20.77
N SER D 75 -14.62 -62.88 -21.07
CA SER D 75 -15.72 -63.12 -21.99
C SER D 75 -17.06 -62.68 -21.42
N VAL D 76 -17.16 -62.48 -20.11
CA VAL D 76 -18.41 -62.08 -19.46
C VAL D 76 -18.34 -60.71 -18.82
N LYS D 77 -17.20 -60.03 -18.92
CA LYS D 77 -17.06 -58.69 -18.33
C LYS D 77 -18.09 -57.74 -18.92
N GLY D 78 -18.75 -56.97 -18.04
CA GLY D 78 -19.74 -56.01 -18.46
C GLY D 78 -21.08 -56.60 -18.85
N ARG D 79 -21.24 -57.91 -18.75
CA ARG D 79 -22.54 -58.56 -18.96
C ARG D 79 -23.02 -59.36 -17.77
N PHE D 80 -22.13 -59.98 -17.01
CA PHE D 80 -22.50 -60.77 -15.83
C PHE D 80 -22.16 -59.99 -14.57
N THR D 81 -22.94 -60.27 -13.51
CA THR D 81 -22.72 -59.67 -12.21
C THR D 81 -22.95 -60.73 -11.14
N ILE D 82 -21.92 -61.00 -10.34
CA ILE D 82 -22.03 -61.90 -9.19
C ILE D 82 -22.44 -61.10 -7.97
N SER D 83 -23.14 -61.76 -7.05
CA SER D 83 -23.65 -61.12 -5.84
C SER D 83 -24.03 -62.22 -4.86
N ARG D 84 -24.54 -61.80 -3.70
CA ARG D 84 -24.93 -62.75 -2.67
C ARG D 84 -25.87 -62.06 -1.69
N ASP D 85 -26.73 -62.86 -1.05
CA ASP D 85 -27.62 -62.39 0.00
C ASP D 85 -27.27 -63.16 1.27
N SER D 86 -26.59 -62.47 2.20
CA SER D 86 -26.17 -63.11 3.43
C SER D 86 -27.34 -63.69 4.21
N SER D 87 -28.45 -62.94 4.29
CA SER D 87 -29.61 -63.41 5.03
C SER D 87 -30.18 -64.70 4.45
N MET D 88 -30.04 -64.89 3.13
CA MET D 88 -30.55 -66.09 2.47
C MET D 88 -29.49 -67.17 2.29
N ASN D 89 -28.26 -66.92 2.73
CA ASN D 89 -27.10 -67.77 2.44
C ASN D 89 -27.17 -68.32 1.02
N THR D 90 -27.21 -67.39 0.06
CA THR D 90 -27.41 -67.73 -1.33
C THR D 90 -26.46 -66.92 -2.20
N LEU D 91 -25.90 -67.58 -3.22
CA LEU D 91 -25.07 -66.93 -4.22
C LEU D 91 -25.87 -66.75 -5.50
N TYR D 92 -25.63 -65.64 -6.20
CA TYR D 92 -26.38 -65.30 -7.40
C TYR D 92 -25.42 -64.98 -8.54
N LEU D 93 -25.87 -65.24 -9.76
CA LEU D 93 -25.23 -64.77 -10.98
C LEU D 93 -26.28 -64.12 -11.87
N GLN D 94 -26.16 -62.81 -12.07
CA GLN D 94 -27.03 -62.08 -12.99
C GLN D 94 -26.37 -62.05 -14.37
N MET D 95 -27.05 -62.61 -15.37
CA MET D 95 -26.51 -62.74 -16.71
C MET D 95 -27.36 -61.92 -17.68
N ASN D 96 -26.82 -60.81 -18.15
CA ASN D 96 -27.47 -59.97 -19.14
C ASN D 96 -26.74 -60.09 -20.48
N SER D 97 -27.42 -59.63 -21.54
CA SER D 97 -26.87 -59.64 -22.89
C SER D 97 -26.35 -61.01 -23.28
N LEU D 98 -27.14 -62.04 -22.95
CA LEU D 98 -26.72 -63.42 -23.17
C LEU D 98 -26.50 -63.71 -24.64
N ARG D 99 -25.53 -64.58 -24.92
CA ARG D 99 -25.17 -64.98 -26.28
C ARG D 99 -25.23 -66.49 -26.39
N ALA D 100 -25.29 -66.97 -27.63
CA ALA D 100 -25.34 -68.40 -27.89
C ALA D 100 -24.21 -69.16 -27.21
N GLU D 101 -23.00 -68.60 -27.24
CA GLU D 101 -21.85 -69.30 -26.68
C GLU D 101 -21.81 -69.27 -25.15
N ASP D 102 -22.78 -68.64 -24.50
CA ASP D 102 -22.96 -68.79 -23.07
C ASP D 102 -23.67 -70.09 -22.69
N THR D 103 -24.18 -70.84 -23.67
CA THR D 103 -24.89 -72.08 -23.37
C THR D 103 -23.96 -73.08 -22.71
N ALA D 104 -24.35 -73.55 -21.51
CA ALA D 104 -23.55 -74.46 -20.72
C ALA D 104 -24.36 -74.85 -19.50
N VAL D 105 -23.87 -75.87 -18.79
CA VAL D 105 -24.27 -76.10 -17.40
C VAL D 105 -23.44 -75.18 -16.51
N TYR D 106 -24.10 -74.52 -15.57
CA TYR D 106 -23.45 -73.57 -14.67
C TYR D 106 -23.42 -74.13 -13.25
N TYR D 107 -22.22 -74.28 -12.71
CA TYR D 107 -22.02 -74.74 -11.34
C TYR D 107 -21.63 -73.56 -10.46
N CYS D 108 -22.09 -73.60 -9.21
CA CYS D 108 -21.49 -72.78 -8.16
C CYS D 108 -20.60 -73.67 -7.29
N ALA D 109 -19.53 -73.07 -6.77
CA ALA D 109 -18.51 -73.84 -6.06
C ALA D 109 -17.89 -73.01 -4.96
N ARG D 110 -17.43 -73.69 -3.92
CA ARG D 110 -16.71 -73.05 -2.82
C ARG D 110 -15.22 -73.28 -3.05
N ASP D 111 -14.47 -72.20 -3.22
CA ASP D 111 -13.05 -72.26 -3.53
C ASP D 111 -12.24 -72.12 -2.25
N LEU D 112 -11.31 -73.06 -2.04
CA LEU D 112 -10.36 -72.98 -0.94
C LEU D 112 -8.94 -72.69 -1.41
N MET D 113 -8.79 -72.10 -2.60
CA MET D 113 -7.48 -71.80 -3.17
C MET D 113 -6.54 -73.01 -3.18
N VAL D 114 -5.49 -72.96 -2.37
CA VAL D 114 -4.49 -74.02 -2.35
C VAL D 114 -5.07 -75.35 -1.90
N TYR D 115 -6.18 -75.33 -1.15
CA TYR D 115 -6.85 -76.56 -0.76
C TYR D 115 -7.80 -77.09 -1.83
N GLY D 116 -7.81 -76.48 -3.02
CA GLY D 116 -8.65 -76.96 -4.10
C GLY D 116 -10.09 -76.52 -3.97
N ILE D 117 -10.89 -76.90 -4.96
CA ILE D 117 -12.32 -76.66 -4.97
C ILE D 117 -12.99 -77.93 -4.47
N ASP D 118 -13.54 -77.88 -3.26
CA ASP D 118 -13.99 -79.10 -2.58
C ASP D 118 -15.49 -79.30 -2.59
N VAL D 119 -16.28 -78.23 -2.70
CA VAL D 119 -17.74 -78.34 -2.74
C VAL D 119 -18.24 -77.81 -4.08
N TRP D 120 -18.93 -78.66 -4.83
CA TRP D 120 -19.57 -78.29 -6.08
C TRP D 120 -21.07 -78.52 -5.97
N GLY D 121 -21.84 -77.68 -6.68
CA GLY D 121 -23.26 -77.90 -6.81
C GLY D 121 -23.59 -78.99 -7.81
N GLN D 122 -24.89 -79.23 -7.98
CA GLN D 122 -25.33 -80.20 -8.98
C GLN D 122 -25.42 -79.62 -10.38
N GLY D 123 -25.40 -78.30 -10.52
CA GLY D 123 -25.45 -77.66 -11.82
C GLY D 123 -26.84 -77.30 -12.30
N THR D 124 -26.97 -76.16 -12.96
CA THR D 124 -28.18 -75.77 -13.64
C THR D 124 -27.86 -75.47 -15.10
N THR D 125 -28.78 -75.80 -16.00
CA THR D 125 -28.51 -75.78 -17.42
C THR D 125 -29.04 -74.51 -18.05
N VAL D 126 -28.18 -73.81 -18.80
CA VAL D 126 -28.54 -72.59 -19.52
C VAL D 126 -28.42 -72.87 -21.00
N THR D 127 -29.48 -72.58 -21.75
CA THR D 127 -29.46 -72.73 -23.21
C THR D 127 -29.87 -71.41 -23.84
N VAL D 128 -28.98 -70.85 -24.65
CA VAL D 128 -29.23 -69.59 -25.34
C VAL D 128 -29.25 -69.86 -26.84
N SER D 129 -30.37 -69.55 -27.49
CA SER D 129 -30.58 -69.92 -28.88
C SER D 129 -31.74 -69.10 -29.44
N SER D 130 -31.61 -68.75 -30.72
CA SER D 130 -32.73 -68.18 -31.47
C SER D 130 -33.62 -69.22 -32.12
N ALA D 131 -33.32 -70.51 -31.94
CA ALA D 131 -34.06 -71.54 -32.63
C ALA D 131 -35.52 -71.57 -32.19
N SER D 132 -36.41 -71.83 -33.14
CA SER D 132 -37.83 -72.01 -32.86
C SER D 132 -38.10 -73.47 -32.49
N THR D 133 -38.92 -73.67 -31.46
CA THR D 133 -39.33 -75.01 -31.09
C THR D 133 -39.96 -75.73 -32.29
N LYS D 134 -39.47 -76.92 -32.58
CA LYS D 134 -39.89 -77.66 -33.76
C LYS D 134 -39.85 -79.16 -33.45
N GLY D 135 -40.91 -79.87 -33.82
CA GLY D 135 -40.92 -81.30 -33.73
C GLY D 135 -40.06 -81.90 -34.83
N PRO D 136 -39.55 -83.11 -34.59
CA PRO D 136 -38.59 -83.70 -35.53
C PRO D 136 -39.27 -84.41 -36.69
N SER D 137 -38.57 -84.38 -37.83
CA SER D 137 -38.83 -85.33 -38.90
C SER D 137 -38.15 -86.66 -38.59
N VAL D 138 -38.84 -87.76 -38.89
CA VAL D 138 -38.34 -89.10 -38.64
C VAL D 138 -38.26 -89.82 -39.97
N PHE D 139 -37.04 -90.03 -40.47
CA PHE D 139 -36.84 -90.71 -41.73
C PHE D 139 -36.32 -92.13 -41.52
N PRO D 140 -36.65 -93.06 -42.42
CA PRO D 140 -36.16 -94.44 -42.26
C PRO D 140 -34.72 -94.59 -42.70
N LEU D 141 -33.98 -95.41 -41.97
CA LEU D 141 -32.67 -95.90 -42.40
C LEU D 141 -32.85 -97.36 -42.79
N ALA D 142 -33.07 -97.60 -44.08
CA ALA D 142 -33.53 -98.90 -44.53
C ALA D 142 -32.39 -99.90 -44.57
N PRO D 143 -32.64 -101.17 -44.23
CA PRO D 143 -31.62 -102.19 -44.38
C PRO D 143 -31.28 -102.42 -45.84
N SER D 144 -29.99 -102.62 -46.12
CA SER D 144 -29.53 -102.76 -47.49
C SER D 144 -29.91 -104.12 -48.05
N SER D 145 -30.01 -104.19 -49.38
CA SER D 145 -30.33 -105.45 -50.04
C SER D 145 -29.22 -106.48 -49.86
N LYS D 146 -27.98 -106.04 -49.72
CA LYS D 146 -26.85 -106.96 -49.59
C LYS D 146 -26.82 -107.60 -48.21
N GLY D 151 -25.12 -112.22 -42.07
CA GLY D 151 -26.14 -112.91 -41.30
C GLY D 151 -27.06 -111.97 -40.55
N THR D 152 -26.59 -110.75 -40.30
CA THR D 152 -27.32 -109.75 -39.53
C THR D 152 -27.32 -108.43 -40.28
N ALA D 153 -28.47 -107.78 -40.32
CA ALA D 153 -28.64 -106.51 -41.02
C ALA D 153 -28.90 -105.39 -40.03
N ALA D 154 -28.53 -104.18 -40.41
CA ALA D 154 -28.74 -102.99 -39.60
C ALA D 154 -29.80 -102.08 -40.23
N LEU D 155 -30.66 -101.53 -39.38
CA LEU D 155 -31.67 -100.57 -39.80
C LEU D 155 -31.85 -99.56 -38.68
N GLY D 156 -32.57 -98.48 -38.96
CA GLY D 156 -32.79 -97.49 -37.92
C GLY D 156 -33.63 -96.34 -38.40
N CYS D 157 -33.63 -95.28 -37.59
CA CYS D 157 -34.42 -94.07 -37.79
C CYS D 157 -33.53 -92.85 -37.63
N LEU D 158 -33.69 -91.89 -38.53
CA LEU D 158 -33.02 -90.60 -38.42
C LEU D 158 -34.00 -89.57 -37.87
N VAL D 159 -33.69 -89.03 -36.69
CA VAL D 159 -34.51 -88.04 -36.02
C VAL D 159 -33.84 -86.69 -36.25
N LYS D 160 -34.32 -85.95 -37.23
CA LYS D 160 -33.63 -84.77 -37.75
C LYS D 160 -34.40 -83.50 -37.44
N ASP D 161 -33.67 -82.45 -37.06
CA ASP D 161 -34.18 -81.08 -37.03
C ASP D 161 -35.26 -80.86 -35.98
N TYR D 162 -34.92 -81.02 -34.70
CA TYR D 162 -35.84 -80.71 -33.62
C TYR D 162 -35.17 -79.77 -32.62
N PHE D 163 -36.01 -79.12 -31.81
CA PHE D 163 -35.52 -78.22 -30.76
C PHE D 163 -36.64 -77.99 -29.77
N PRO D 164 -36.34 -77.90 -28.46
CA PRO D 164 -35.05 -78.19 -27.84
C PRO D 164 -34.88 -79.67 -27.52
N GLU D 165 -33.78 -80.02 -26.84
CA GLU D 165 -33.64 -81.35 -26.27
C GLU D 165 -34.69 -81.58 -25.19
N PRO D 166 -34.99 -82.85 -24.87
CA PRO D 166 -34.54 -84.10 -25.47
C PRO D 166 -35.63 -84.83 -26.28
N VAL D 167 -35.23 -85.82 -27.07
CA VAL D 167 -36.15 -86.83 -27.58
C VAL D 167 -35.79 -88.18 -26.98
N THR D 168 -36.79 -89.04 -26.86
CA THR D 168 -36.60 -90.45 -26.53
C THR D 168 -37.07 -91.30 -27.70
N VAL D 169 -36.45 -92.47 -27.86
CA VAL D 169 -36.77 -93.38 -28.95
C VAL D 169 -36.90 -94.78 -28.39
N SER D 170 -37.94 -95.50 -28.82
CA SER D 170 -38.10 -96.91 -28.55
C SER D 170 -38.39 -97.64 -29.86
N TRP D 171 -38.35 -98.96 -29.80
CA TRP D 171 -38.59 -99.81 -30.97
C TRP D 171 -39.70 -100.80 -30.65
N ASN D 172 -40.68 -100.88 -31.54
CA ASN D 172 -41.86 -101.74 -31.36
C ASN D 172 -42.48 -101.56 -29.98
N SER D 173 -42.62 -100.30 -29.56
CA SER D 173 -43.30 -99.94 -28.32
C SER D 173 -42.65 -100.62 -27.11
N GLY D 174 -41.33 -100.76 -27.16
CA GLY D 174 -40.57 -101.34 -26.07
C GLY D 174 -40.25 -102.80 -26.21
N ALA D 175 -40.83 -103.48 -27.21
CA ALA D 175 -40.63 -104.91 -27.37
C ALA D 175 -39.29 -105.25 -27.98
N LEU D 176 -38.61 -104.29 -28.61
CA LEU D 176 -37.30 -104.51 -29.21
C LEU D 176 -36.29 -103.62 -28.48
N THR D 177 -35.48 -104.23 -27.62
CA THR D 177 -34.44 -103.53 -26.87
C THR D 177 -33.04 -104.06 -27.12
N SER D 178 -32.90 -105.32 -27.52
CA SER D 178 -31.58 -105.91 -27.73
C SER D 178 -30.92 -105.32 -28.97
N GLY D 179 -29.68 -104.86 -28.81
CA GLY D 179 -28.94 -104.31 -29.92
C GLY D 179 -29.35 -102.93 -30.36
N VAL D 180 -30.17 -102.23 -29.58
CA VAL D 180 -30.57 -100.87 -29.93
C VAL D 180 -29.49 -99.91 -29.45
N HIS D 181 -29.11 -98.96 -30.32
CA HIS D 181 -28.17 -97.90 -29.97
C HIS D 181 -28.78 -96.56 -30.37
N THR D 182 -29.17 -95.77 -29.37
CA THR D 182 -29.64 -94.41 -29.59
C THR D 182 -28.48 -93.46 -29.28
N PHE D 183 -28.00 -92.76 -30.31
CA PHE D 183 -26.81 -91.93 -30.15
C PHE D 183 -27.17 -90.61 -29.46
N PRO D 184 -26.22 -90.01 -28.75
CA PRO D 184 -26.42 -88.61 -28.30
C PRO D 184 -26.64 -87.68 -29.48
N ALA D 185 -27.49 -86.68 -29.27
CA ALA D 185 -27.82 -85.73 -30.32
C ALA D 185 -26.63 -84.82 -30.62
N VAL D 186 -26.55 -84.35 -31.86
CA VAL D 186 -25.57 -83.34 -32.26
C VAL D 186 -26.32 -82.06 -32.63
N LEU D 187 -25.66 -80.94 -32.41
CA LEU D 187 -26.18 -79.63 -32.80
C LEU D 187 -25.68 -79.26 -34.19
N GLN D 188 -26.60 -78.89 -35.08
CA GLN D 188 -26.24 -78.54 -36.44
C GLN D 188 -25.99 -77.03 -36.56
N SER D 189 -25.35 -76.65 -37.66
CA SER D 189 -25.13 -75.24 -37.97
C SER D 189 -26.42 -74.44 -37.95
N SER D 190 -27.55 -75.09 -38.27
CA SER D 190 -28.84 -74.40 -38.27
C SER D 190 -29.37 -74.12 -36.87
N GLY D 191 -28.71 -74.60 -35.82
CA GLY D 191 -29.21 -74.44 -34.48
C GLY D 191 -30.24 -75.45 -34.03
N LEU D 192 -30.57 -76.44 -34.86
CA LEU D 192 -31.46 -77.51 -34.48
C LEU D 192 -30.69 -78.81 -34.27
N TYR D 193 -31.28 -79.70 -33.47
CA TYR D 193 -30.65 -80.96 -33.12
C TYR D 193 -30.99 -82.06 -34.12
N SER D 194 -30.11 -83.04 -34.21
CA SER D 194 -30.33 -84.25 -34.99
C SER D 194 -29.83 -85.45 -34.21
N LEU D 195 -30.32 -86.62 -34.57
CA LEU D 195 -30.09 -87.82 -33.79
C LEU D 195 -30.55 -89.03 -34.58
N SER D 196 -29.87 -90.15 -34.35
CA SER D 196 -30.20 -91.42 -35.00
C SER D 196 -30.36 -92.51 -33.95
N SER D 197 -31.23 -93.46 -34.25
CA SER D 197 -31.42 -94.66 -33.44
C SER D 197 -31.31 -95.87 -34.34
N VAL D 198 -30.45 -96.82 -33.98
CA VAL D 198 -30.16 -97.97 -34.83
C VAL D 198 -30.35 -99.25 -34.04
N VAL D 199 -30.58 -100.33 -34.77
CA VAL D 199 -30.67 -101.67 -34.18
C VAL D 199 -30.17 -102.67 -35.23
N THR D 200 -29.51 -103.72 -34.74
CA THR D 200 -29.08 -104.83 -35.59
C THR D 200 -29.98 -106.04 -35.36
N VAL D 201 -30.36 -106.70 -36.44
CA VAL D 201 -31.33 -107.80 -36.39
C VAL D 201 -30.92 -108.86 -37.41
N PRO D 202 -31.40 -110.09 -37.24
CA PRO D 202 -31.11 -111.12 -38.24
C PRO D 202 -31.65 -110.73 -39.61
N SER D 203 -30.80 -110.92 -40.64
CA SER D 203 -31.24 -110.75 -42.02
C SER D 203 -32.52 -111.53 -42.33
N SER D 204 -32.66 -112.71 -41.73
CA SER D 204 -33.79 -113.58 -42.03
C SER D 204 -35.13 -113.03 -41.55
N SER D 205 -35.13 -111.98 -40.73
CA SER D 205 -36.37 -111.44 -40.19
C SER D 205 -36.91 -110.26 -40.99
N LEU D 206 -36.13 -109.73 -41.95
CA LEU D 206 -36.48 -108.50 -42.63
C LEU D 206 -37.76 -108.61 -43.46
N GLY D 207 -38.28 -109.82 -43.67
CA GLY D 207 -39.51 -109.99 -44.43
C GLY D 207 -40.71 -110.38 -43.58
N THR D 208 -40.47 -110.88 -42.37
CA THR D 208 -41.53 -111.43 -41.54
C THR D 208 -41.72 -110.68 -40.24
N GLN D 209 -40.92 -109.66 -39.98
CA GLN D 209 -40.97 -108.91 -38.72
C GLN D 209 -40.99 -107.43 -39.04
N THR D 210 -42.02 -106.73 -38.57
CA THR D 210 -42.11 -105.30 -38.78
C THR D 210 -41.31 -104.55 -37.71
N TYR D 211 -40.56 -103.54 -38.14
CA TYR D 211 -39.78 -102.70 -37.25
C TYR D 211 -40.33 -101.28 -37.32
N ILE D 212 -40.87 -100.80 -36.21
CA ILE D 212 -41.29 -99.41 -36.06
C ILE D 212 -40.48 -98.78 -34.93
N CYS D 213 -39.94 -97.59 -35.18
CA CYS D 213 -39.34 -96.76 -34.15
C CYS D 213 -40.35 -95.73 -33.66
N ASN D 214 -40.39 -95.55 -32.33
CA ASN D 214 -41.31 -94.61 -31.70
C ASN D 214 -40.53 -93.41 -31.19
N VAL D 215 -40.83 -92.23 -31.73
CA VAL D 215 -40.11 -91.01 -31.42
C VAL D 215 -41.03 -90.10 -30.61
N ASN D 216 -40.55 -89.66 -29.46
CA ASN D 216 -41.31 -88.78 -28.57
C ASN D 216 -40.52 -87.50 -28.31
N HIS D 217 -41.17 -86.36 -28.48
CA HIS D 217 -40.55 -85.04 -28.27
C HIS D 217 -41.57 -84.18 -27.54
N LYS D 218 -41.57 -84.27 -26.21
CA LYS D 218 -42.55 -83.55 -25.40
C LYS D 218 -42.62 -82.04 -25.65
N PRO D 219 -41.51 -81.30 -25.81
CA PRO D 219 -41.63 -79.85 -26.00
C PRO D 219 -42.58 -79.43 -27.11
N SER D 220 -42.66 -80.20 -28.19
CA SER D 220 -43.54 -79.88 -29.30
C SER D 220 -44.82 -80.73 -29.32
N ASN D 221 -45.01 -81.58 -28.32
CA ASN D 221 -46.15 -82.50 -28.24
C ASN D 221 -46.18 -83.44 -29.45
N THR D 222 -45.00 -83.83 -29.92
CA THR D 222 -44.86 -84.66 -31.10
C THR D 222 -44.55 -86.09 -30.69
N LYS D 223 -45.43 -87.02 -31.05
CA LYS D 223 -45.12 -88.45 -31.05
C LYS D 223 -45.29 -88.99 -32.45
N VAL D 224 -44.23 -89.57 -33.00
CA VAL D 224 -44.22 -90.10 -34.35
C VAL D 224 -43.77 -91.56 -34.31
N ASP D 225 -44.48 -92.42 -35.02
CA ASP D 225 -44.06 -93.80 -35.26
C ASP D 225 -43.73 -93.97 -36.72
N LYS D 226 -42.54 -94.49 -37.02
CA LYS D 226 -42.07 -94.67 -38.38
C LYS D 226 -41.75 -96.14 -38.62
N LYS D 227 -42.44 -96.74 -39.58
CA LYS D 227 -42.16 -98.12 -39.98
C LYS D 227 -40.95 -98.14 -40.91
N VAL D 228 -39.96 -98.96 -40.56
CA VAL D 228 -38.73 -99.07 -41.34
C VAL D 228 -38.77 -100.41 -42.08
N GLU D 229 -38.76 -100.34 -43.40
CA GLU D 229 -38.93 -101.49 -44.27
C GLU D 229 -37.72 -101.65 -45.18
N PRO D 230 -37.46 -102.86 -45.69
CA PRO D 230 -36.47 -103.01 -46.75
C PRO D 230 -36.87 -102.22 -47.99
N LYS D 231 -35.90 -101.58 -48.62
CA LYS D 231 -36.18 -100.68 -49.72
C LYS D 231 -36.39 -101.46 -51.01
N SER D 232 -37.32 -100.99 -51.84
CA SER D 232 -37.79 -101.72 -53.01
C SER D 232 -37.20 -101.05 -54.25
N CYS D 233 -36.19 -101.69 -54.83
CA CYS D 233 -35.54 -101.17 -56.03
C CYS D 233 -36.41 -101.41 -57.26
N GLU E 14 1.83 -66.80 -20.14
CA GLU E 14 0.78 -67.66 -19.59
C GLU E 14 1.30 -69.06 -19.33
N ILE E 15 0.83 -69.67 -18.24
CA ILE E 15 1.22 -71.03 -17.88
C ILE E 15 0.26 -72.01 -18.53
N VAL E 16 0.80 -73.06 -19.15
CA VAL E 16 0.01 -74.06 -19.86
C VAL E 16 0.14 -75.37 -19.12
N MET E 17 -0.98 -76.09 -18.99
CA MET E 17 -1.01 -77.42 -18.40
C MET E 17 -1.17 -78.44 -19.54
N THR E 18 -0.25 -79.38 -19.63
CA THR E 18 -0.30 -80.45 -20.62
C THR E 18 -0.53 -81.77 -19.90
N GLN E 19 -1.68 -82.39 -20.15
CA GLN E 19 -2.07 -83.65 -19.52
C GLN E 19 -1.99 -84.76 -20.55
N SER E 20 -1.55 -85.94 -20.11
CA SER E 20 -1.41 -87.09 -20.99
C SER E 20 -1.56 -88.36 -20.16
N PRO E 21 -2.16 -89.43 -20.72
CA PRO E 21 -2.71 -89.48 -22.08
C PRO E 21 -4.12 -88.91 -22.17
N SER E 22 -4.62 -88.73 -23.39
CA SER E 22 -6.02 -88.31 -23.55
C SER E 22 -6.98 -89.39 -23.06
N SER E 23 -6.61 -90.65 -23.22
CA SER E 23 -7.42 -91.77 -22.74
C SER E 23 -6.49 -92.94 -22.43
N LEU E 24 -6.88 -93.74 -21.45
CA LEU E 24 -6.24 -95.02 -21.19
C LEU E 24 -7.28 -96.06 -20.84
N SER E 25 -6.96 -97.32 -21.11
CA SER E 25 -7.83 -98.44 -20.80
C SER E 25 -7.24 -99.24 -19.63
N ALA E 26 -8.10 -99.66 -18.71
CA ALA E 26 -7.65 -100.31 -17.49
C ALA E 26 -8.68 -101.32 -17.04
N SER E 27 -8.21 -102.48 -16.60
CA SER E 27 -9.05 -103.45 -15.93
C SER E 27 -9.17 -103.12 -14.45
N VAL E 28 -10.11 -103.80 -13.77
CA VAL E 28 -10.25 -103.61 -12.34
C VAL E 28 -9.07 -104.26 -11.63
N GLY E 29 -8.46 -103.52 -10.70
CA GLY E 29 -7.27 -103.96 -10.02
C GLY E 29 -5.97 -103.40 -10.59
N ASP E 30 -6.03 -102.76 -11.75
CA ASP E 30 -4.84 -102.22 -12.38
C ASP E 30 -4.33 -100.99 -11.62
N ARG E 31 -3.03 -100.75 -11.74
CA ARG E 31 -2.42 -99.51 -11.29
C ARG E 31 -2.47 -98.49 -12.42
N VAL E 32 -3.18 -97.39 -12.21
CA VAL E 32 -3.38 -96.35 -13.21
C VAL E 32 -2.51 -95.15 -12.86
N THR E 33 -1.95 -94.52 -13.88
CA THR E 33 -1.10 -93.35 -13.70
C THR E 33 -1.44 -92.29 -14.72
N ILE E 34 -1.71 -91.08 -14.26
CA ILE E 34 -2.10 -89.95 -15.09
C ILE E 34 -1.11 -88.83 -14.84
N THR E 35 -0.68 -88.16 -15.91
CA THR E 35 0.44 -87.23 -15.86
C THR E 35 -0.03 -85.83 -16.23
N CYS E 36 0.55 -84.83 -15.58
CA CYS E 36 0.25 -83.43 -15.82
C CYS E 36 1.54 -82.64 -15.79
N ARG E 37 1.76 -81.82 -16.82
CA ARG E 37 3.00 -81.08 -16.99
C ARG E 37 2.71 -79.59 -17.05
N ALA E 38 3.32 -78.83 -16.15
CA ALA E 38 3.22 -77.37 -16.14
C ALA E 38 4.30 -76.79 -17.02
N SER E 39 3.92 -75.84 -17.88
CA SER E 39 4.88 -75.22 -18.78
C SER E 39 5.95 -74.42 -18.05
N GLN E 40 5.69 -74.01 -16.81
CA GLN E 40 6.72 -73.46 -15.95
C GLN E 40 6.38 -73.82 -14.50
N GLY E 41 7.37 -73.67 -13.63
CA GLY E 41 7.25 -74.14 -12.26
C GLY E 41 6.10 -73.53 -11.50
N ILE E 42 5.20 -74.37 -11.00
CA ILE E 42 4.09 -73.93 -10.16
C ILE E 42 4.21 -74.51 -8.75
N SER E 43 5.41 -74.98 -8.38
CA SER E 43 5.64 -75.63 -7.09
C SER E 43 4.60 -76.72 -6.83
N SER E 44 3.78 -76.53 -5.80
CA SER E 44 2.78 -77.51 -5.40
C SER E 44 1.36 -77.00 -5.62
N TYR E 45 1.19 -75.96 -6.44
CA TYR E 45 -0.10 -75.32 -6.66
C TYR E 45 -0.90 -76.11 -7.71
N LEU E 46 -1.28 -77.32 -7.32
CA LEU E 46 -1.98 -78.23 -8.22
C LEU E 46 -3.02 -79.03 -7.45
N ALA E 47 -4.10 -79.38 -8.13
CA ALA E 47 -5.16 -80.21 -7.57
C ALA E 47 -5.65 -81.19 -8.63
N TRP E 48 -6.17 -82.32 -8.17
CA TRP E 48 -6.72 -83.35 -9.05
C TRP E 48 -8.21 -83.51 -8.77
N TYR E 49 -8.97 -83.76 -9.83
CA TYR E 49 -10.41 -83.92 -9.74
C TYR E 49 -10.86 -85.18 -10.47
N GLN E 50 -12.03 -85.68 -10.08
CA GLN E 50 -12.73 -86.73 -10.81
C GLN E 50 -14.08 -86.20 -11.27
N GLN E 51 -14.48 -86.58 -12.47
CA GLN E 51 -15.78 -86.17 -13.00
C GLN E 51 -16.37 -87.28 -13.84
N LYS E 52 -17.65 -87.58 -13.62
CA LYS E 52 -18.37 -88.60 -14.35
C LYS E 52 -19.45 -87.96 -15.21
N PRO E 53 -19.84 -88.59 -16.34
CA PRO E 53 -20.82 -87.97 -17.24
C PRO E 53 -22.08 -87.50 -16.53
N GLY E 54 -22.40 -86.21 -16.65
CA GLY E 54 -23.60 -85.66 -16.06
C GLY E 54 -23.48 -85.23 -14.62
N LYS E 55 -22.33 -85.47 -13.98
CA LYS E 55 -22.10 -85.11 -12.59
C LYS E 55 -21.10 -83.97 -12.49
N ALA E 56 -21.04 -83.39 -11.30
CA ALA E 56 -20.08 -82.33 -11.02
C ALA E 56 -18.70 -82.91 -10.72
N PRO E 57 -17.65 -82.10 -10.82
CA PRO E 57 -16.32 -82.59 -10.45
C PRO E 57 -16.24 -82.93 -8.97
N LYS E 58 -15.37 -83.89 -8.65
CA LYS E 58 -15.11 -84.32 -7.28
C LYS E 58 -13.62 -84.16 -6.99
N LEU E 59 -13.30 -83.37 -5.97
CA LEU E 59 -11.91 -83.13 -5.63
C LEU E 59 -11.29 -84.37 -4.99
N LEU E 60 -10.12 -84.75 -5.48
CA LEU E 60 -9.41 -85.93 -4.99
C LEU E 60 -8.15 -85.54 -4.22
N ILE E 61 -7.22 -84.83 -4.87
CA ILE E 61 -5.95 -84.44 -4.28
C ILE E 61 -5.83 -82.93 -4.36
N TYR E 62 -5.40 -82.30 -3.27
CA TYR E 62 -5.07 -80.89 -3.29
C TYR E 62 -3.63 -80.70 -2.83
N ALA E 63 -3.04 -79.57 -3.26
CA ALA E 63 -1.65 -79.23 -3.00
C ALA E 63 -0.72 -80.36 -3.46
N ALA E 64 -0.98 -80.84 -4.67
CA ALA E 64 -0.18 -81.81 -5.41
C ALA E 64 -0.19 -83.20 -4.79
N SER E 65 -0.17 -83.30 -3.44
CA SER E 65 0.05 -84.60 -2.83
C SER E 65 -0.76 -84.83 -1.54
N THR E 66 -1.78 -84.04 -1.25
CA THR E 66 -2.60 -84.26 -0.06
C THR E 66 -3.95 -84.86 -0.45
N LEU E 67 -4.38 -85.87 0.30
CA LEU E 67 -5.59 -86.60 -0.02
C LEU E 67 -6.79 -85.91 0.62
N GLN E 68 -7.74 -85.46 -0.21
CA GLN E 68 -8.96 -84.84 0.30
C GLN E 68 -9.70 -85.79 1.22
N SER E 69 -10.31 -85.23 2.27
CA SER E 69 -11.10 -86.03 3.20
C SER E 69 -12.21 -86.77 2.48
N GLY E 70 -12.40 -88.04 2.84
CA GLY E 70 -13.44 -88.86 2.26
C GLY E 70 -13.08 -89.53 0.96
N VAL E 71 -11.93 -89.23 0.38
CA VAL E 71 -11.48 -89.87 -0.86
C VAL E 71 -10.75 -91.16 -0.51
N PRO E 72 -11.01 -92.27 -1.20
CA PRO E 72 -10.37 -93.54 -0.84
C PRO E 72 -8.86 -93.47 -0.98
N SER E 73 -8.17 -94.21 -0.10
CA SER E 73 -6.72 -94.12 0.00
C SER E 73 -5.99 -94.66 -1.23
N ARG E 74 -6.71 -95.33 -2.15
CA ARG E 74 -6.06 -95.80 -3.38
C ARG E 74 -5.68 -94.64 -4.29
N PHE E 75 -6.26 -93.46 -4.10
CA PHE E 75 -5.87 -92.28 -4.85
C PHE E 75 -4.66 -91.63 -4.18
N SER E 76 -3.69 -91.24 -4.99
CA SER E 76 -2.52 -90.55 -4.48
C SER E 76 -1.95 -89.62 -5.53
N GLY E 77 -1.48 -88.45 -5.08
CA GLY E 77 -0.85 -87.48 -5.96
C GLY E 77 0.60 -87.28 -5.56
N SER E 78 1.42 -86.91 -6.54
CA SER E 78 2.84 -86.69 -6.29
C SER E 78 3.39 -85.72 -7.31
N GLY E 79 4.50 -85.10 -6.96
CA GLY E 79 5.20 -84.19 -7.85
C GLY E 79 5.23 -82.77 -7.33
N SER E 80 6.23 -82.00 -7.74
CA SER E 80 6.30 -80.59 -7.41
C SER E 80 7.13 -79.87 -8.46
N GLY E 81 6.72 -78.66 -8.82
CA GLY E 81 7.43 -77.90 -9.83
C GLY E 81 6.72 -77.89 -11.16
N THR E 82 7.05 -78.85 -12.02
CA THR E 82 6.50 -78.93 -13.37
C THR E 82 5.81 -80.25 -13.68
N ASP E 83 6.29 -81.36 -13.13
CA ASP E 83 5.80 -82.69 -13.48
C ASP E 83 5.01 -83.26 -12.31
N PHE E 84 3.76 -83.64 -12.57
CA PHE E 84 2.85 -84.14 -11.55
C PHE E 84 2.21 -85.42 -12.05
N THR E 85 1.93 -86.33 -11.12
CA THR E 85 1.23 -87.57 -11.44
C THR E 85 0.12 -87.83 -10.43
N LEU E 86 -1.02 -88.30 -10.93
CA LEU E 86 -2.04 -88.97 -10.14
C LEU E 86 -1.85 -90.49 -10.25
N THR E 87 -2.18 -91.19 -9.16
CA THR E 87 -1.95 -92.63 -9.10
C THR E 87 -3.13 -93.31 -8.42
N ILE E 88 -3.69 -94.31 -9.07
CA ILE E 88 -4.76 -95.13 -8.52
C ILE E 88 -4.20 -96.54 -8.34
N SER E 89 -3.83 -96.86 -7.09
CA SER E 89 -3.04 -98.07 -6.84
C SER E 89 -3.79 -99.35 -7.20
N SER E 90 -5.13 -99.32 -7.20
CA SER E 90 -5.90 -100.52 -7.48
C SER E 90 -7.28 -100.09 -7.97
N LEU E 91 -7.46 -100.05 -9.29
CA LEU E 91 -8.63 -99.42 -9.87
C LEU E 91 -9.89 -100.20 -9.50
N GLN E 92 -10.89 -99.47 -9.00
CA GLN E 92 -12.16 -100.04 -8.59
C GLN E 92 -13.24 -99.73 -9.62
N PRO E 93 -14.34 -100.49 -9.64
CA PRO E 93 -15.37 -100.26 -10.66
C PRO E 93 -15.91 -98.83 -10.67
N GLU E 94 -16.00 -98.19 -9.52
CA GLU E 94 -16.53 -96.83 -9.43
C GLU E 94 -15.48 -95.77 -9.76
N ASP E 95 -14.33 -96.16 -10.28
CA ASP E 95 -13.26 -95.23 -10.63
C ASP E 95 -13.16 -94.98 -12.13
N PHE E 96 -13.99 -95.65 -12.93
CA PHE E 96 -14.06 -95.36 -14.35
C PHE E 96 -14.75 -94.01 -14.56
N ALA E 97 -13.96 -93.00 -14.95
CA ALA E 97 -14.43 -91.63 -15.04
C ALA E 97 -13.42 -90.84 -15.89
N THR E 98 -13.60 -89.53 -15.92
CA THR E 98 -12.60 -88.62 -16.49
C THR E 98 -11.87 -87.89 -15.36
N TYR E 99 -10.56 -87.72 -15.53
CA TYR E 99 -9.71 -87.10 -14.53
C TYR E 99 -8.94 -85.98 -15.18
N TYR E 100 -8.67 -84.92 -14.41
CA TYR E 100 -7.87 -83.82 -14.92
C TYR E 100 -7.28 -83.01 -13.78
N CYS E 101 -6.20 -82.31 -14.08
CA CYS E 101 -5.45 -81.50 -13.13
C CYS E 101 -5.87 -80.04 -13.23
N GLN E 102 -5.59 -79.28 -12.17
CA GLN E 102 -5.89 -77.85 -12.15
C GLN E 102 -4.74 -77.11 -11.49
N GLN E 103 -4.18 -76.13 -12.20
CA GLN E 103 -3.25 -75.20 -11.60
C GLN E 103 -3.97 -74.33 -10.57
N LEU E 104 -3.40 -74.23 -9.38
CA LEU E 104 -4.01 -73.52 -8.28
C LEU E 104 -3.46 -72.10 -8.17
N ASP E 105 -4.35 -71.14 -7.91
CA ASP E 105 -3.98 -69.77 -7.57
C ASP E 105 -3.17 -69.13 -8.70
N SER E 106 -3.67 -69.27 -9.92
CA SER E 106 -2.97 -68.77 -11.10
C SER E 106 -3.29 -67.30 -11.32
N TYR E 107 -2.60 -66.70 -12.29
CA TYR E 107 -2.86 -65.34 -12.73
C TYR E 107 -2.64 -65.30 -14.23
N PRO E 108 -3.52 -64.63 -15.00
CA PRO E 108 -4.71 -63.87 -14.61
C PRO E 108 -5.82 -64.76 -14.03
N PRO E 109 -6.88 -64.16 -13.47
CA PRO E 109 -7.91 -64.96 -12.81
C PRO E 109 -8.55 -65.97 -13.76
N GLY E 110 -8.82 -67.14 -13.23
CA GLY E 110 -9.37 -68.23 -14.02
C GLY E 110 -8.86 -69.57 -13.51
N TYR E 111 -9.49 -70.63 -14.00
CA TYR E 111 -9.11 -71.99 -13.65
C TYR E 111 -8.57 -72.68 -14.89
N THR E 112 -7.26 -72.95 -14.90
CA THR E 112 -6.62 -73.70 -15.97
C THR E 112 -6.67 -75.18 -15.64
N PHE E 113 -7.41 -75.95 -16.45
CA PHE E 113 -7.52 -77.38 -16.28
C PHE E 113 -6.75 -78.12 -17.38
N GLY E 114 -6.23 -79.29 -17.02
CA GLY E 114 -5.72 -80.21 -18.02
C GLY E 114 -6.78 -80.62 -19.02
N GLN E 115 -6.32 -81.18 -20.14
CA GLN E 115 -7.24 -81.57 -21.20
C GLN E 115 -8.11 -82.77 -20.80
N GLY E 116 -7.70 -83.52 -19.80
CA GLY E 116 -8.52 -84.61 -19.29
C GLY E 116 -8.02 -85.97 -19.74
N THR E 117 -8.28 -86.98 -18.90
CA THR E 117 -7.94 -88.36 -19.19
C THR E 117 -9.17 -89.22 -18.92
N LYS E 118 -9.75 -89.80 -19.97
CA LYS E 118 -10.85 -90.73 -19.80
C LYS E 118 -10.34 -92.13 -19.50
N VAL E 119 -10.84 -92.72 -18.42
CA VAL E 119 -10.45 -94.07 -18.00
C VAL E 119 -11.65 -94.97 -18.27
N ASP E 120 -11.58 -95.76 -19.34
CA ASP E 120 -12.65 -96.66 -19.70
C ASP E 120 -12.30 -98.10 -19.32
N ILE E 121 -13.23 -99.01 -19.59
CA ILE E 121 -13.10 -100.41 -19.19
C ILE E 121 -12.35 -101.16 -20.27
N LYS E 122 -11.30 -101.89 -19.87
CA LYS E 122 -10.47 -102.62 -20.82
C LYS E 122 -11.16 -103.90 -21.24
N ARG E 123 -11.02 -104.25 -22.53
CA ARG E 123 -11.53 -105.51 -23.05
C ARG E 123 -10.72 -105.85 -24.30
N THR E 124 -10.94 -107.07 -24.80
CA THR E 124 -10.28 -107.50 -26.02
C THR E 124 -10.71 -106.65 -27.21
N VAL E 125 -9.80 -106.52 -28.18
CA VAL E 125 -10.08 -105.72 -29.36
C VAL E 125 -11.25 -106.31 -30.13
N ALA E 126 -12.14 -105.45 -30.62
CA ALA E 126 -13.27 -105.85 -31.44
C ALA E 126 -13.38 -104.91 -32.63
N ALA E 127 -13.43 -105.48 -33.83
CA ALA E 127 -13.57 -104.66 -35.02
C ALA E 127 -15.02 -104.23 -35.21
N PRO E 128 -15.26 -103.00 -35.65
CA PRO E 128 -16.64 -102.55 -35.88
C PRO E 128 -17.31 -103.29 -37.03
N SER E 129 -18.64 -103.33 -36.97
CA SER E 129 -19.46 -103.59 -38.15
C SER E 129 -19.82 -102.26 -38.80
N VAL E 130 -19.58 -102.15 -40.10
CA VAL E 130 -19.78 -100.90 -40.83
C VAL E 130 -21.00 -101.04 -41.72
N PHE E 131 -21.91 -100.07 -41.64
CA PHE E 131 -23.10 -100.01 -42.46
C PHE E 131 -23.27 -98.59 -42.99
N ILE E 132 -23.61 -98.47 -44.27
CA ILE E 132 -23.90 -97.18 -44.88
C ILE E 132 -25.37 -97.14 -45.26
N PHE E 133 -26.00 -95.98 -45.06
CA PHE E 133 -27.42 -95.82 -45.30
C PHE E 133 -27.65 -94.66 -46.26
N PRO E 134 -28.30 -94.88 -47.40
CA PRO E 134 -28.61 -93.76 -48.31
C PRO E 134 -29.68 -92.87 -47.70
N PRO E 135 -29.78 -91.62 -48.16
CA PRO E 135 -30.94 -90.80 -47.80
C PRO E 135 -32.24 -91.44 -48.27
N SER E 136 -33.29 -91.27 -47.46
CA SER E 136 -34.60 -91.78 -47.82
C SER E 136 -35.22 -90.94 -48.94
N ASP E 137 -36.15 -91.55 -49.67
CA ASP E 137 -36.91 -90.80 -50.66
C ASP E 137 -37.73 -89.70 -50.02
N GLU E 138 -38.25 -89.94 -48.81
CA GLU E 138 -39.04 -88.93 -48.12
C GLU E 138 -38.22 -87.69 -47.84
N GLN E 139 -36.99 -87.87 -47.36
CA GLN E 139 -36.14 -86.72 -47.04
C GLN E 139 -35.72 -85.97 -48.30
N LEU E 140 -35.40 -86.70 -49.37
CA LEU E 140 -34.99 -86.05 -50.62
C LEU E 140 -36.07 -85.11 -51.15
N LYS E 141 -37.34 -85.43 -50.90
CA LYS E 141 -38.43 -84.54 -51.29
C LYS E 141 -38.38 -83.20 -50.56
N SER E 142 -37.62 -83.11 -49.47
CA SER E 142 -37.58 -81.89 -48.67
C SER E 142 -36.47 -80.94 -49.10
N GLY E 143 -35.42 -81.45 -49.75
CA GLY E 143 -34.32 -80.62 -50.20
C GLY E 143 -32.97 -80.99 -49.62
N THR E 144 -32.90 -81.90 -48.65
CA THR E 144 -31.66 -82.24 -47.98
C THR E 144 -31.44 -83.75 -48.05
N ALA E 145 -30.20 -84.15 -48.28
CA ALA E 145 -29.81 -85.56 -48.27
C ALA E 145 -28.88 -85.81 -47.09
N SER E 146 -29.28 -86.69 -46.19
CA SER E 146 -28.43 -87.16 -45.10
C SER E 146 -27.96 -88.57 -45.41
N VAL E 147 -26.63 -88.75 -45.41
CA VAL E 147 -26.01 -90.06 -45.55
C VAL E 147 -25.42 -90.43 -44.19
N VAL E 148 -25.69 -91.65 -43.73
CA VAL E 148 -25.32 -92.08 -42.38
C VAL E 148 -24.43 -93.30 -42.49
N CYS E 149 -23.31 -93.28 -41.76
CA CYS E 149 -22.38 -94.40 -41.66
C CYS E 149 -22.39 -94.88 -40.23
N LEU E 150 -22.56 -96.18 -40.02
CA LEU E 150 -22.68 -96.76 -38.69
C LEU E 150 -21.47 -97.64 -38.38
N LEU E 151 -20.88 -97.45 -37.20
CA LEU E 151 -19.80 -98.29 -36.70
C LEU E 151 -20.28 -98.95 -35.42
N ASN E 152 -20.61 -100.23 -35.50
CA ASN E 152 -21.36 -100.92 -34.45
C ASN E 152 -20.43 -101.78 -33.60
N ASN E 153 -20.54 -101.63 -32.28
CA ASN E 153 -19.93 -102.53 -31.30
C ASN E 153 -18.44 -102.77 -31.57
N PHE E 154 -17.64 -101.72 -31.33
CA PHE E 154 -16.22 -101.80 -31.55
C PHE E 154 -15.47 -101.39 -30.29
N TYR E 155 -14.19 -101.77 -30.24
CA TYR E 155 -13.28 -101.42 -29.16
C TYR E 155 -11.86 -101.51 -29.67
N PRO E 156 -10.98 -100.55 -29.36
CA PRO E 156 -11.17 -99.38 -28.49
C PRO E 156 -11.93 -98.23 -29.13
N ARG E 157 -11.96 -97.09 -28.41
CA ARG E 157 -12.77 -95.96 -28.83
C ARG E 157 -12.20 -95.30 -30.07
N GLU E 158 -10.87 -95.24 -30.19
CA GLU E 158 -10.24 -94.57 -31.31
C GLU E 158 -10.65 -95.21 -32.63
N ALA E 159 -11.14 -94.39 -33.55
CA ALA E 159 -11.63 -94.85 -34.84
C ALA E 159 -11.65 -93.68 -35.80
N LYS E 160 -11.30 -93.93 -37.06
CA LYS E 160 -11.23 -92.90 -38.08
C LYS E 160 -12.24 -93.22 -39.17
N VAL E 161 -13.11 -92.25 -39.47
CA VAL E 161 -14.11 -92.39 -40.51
C VAL E 161 -13.84 -91.33 -41.58
N GLN E 162 -13.72 -91.76 -42.83
CA GLN E 162 -13.46 -90.87 -43.95
C GLN E 162 -14.58 -91.05 -44.97
N TRP E 163 -15.25 -89.96 -45.30
CA TRP E 163 -16.26 -89.97 -46.35
C TRP E 163 -15.60 -89.72 -47.70
N LYS E 164 -16.07 -90.45 -48.71
CA LYS E 164 -15.64 -90.24 -50.09
C LYS E 164 -16.87 -90.09 -50.97
N VAL E 165 -16.85 -89.07 -51.82
CA VAL E 165 -17.93 -88.79 -52.77
C VAL E 165 -17.30 -88.74 -54.16
N ASP E 166 -17.63 -89.71 -55.00
CA ASP E 166 -16.96 -89.89 -56.29
C ASP E 166 -15.44 -89.91 -56.12
N ASN E 167 -14.99 -90.62 -55.08
CA ASN E 167 -13.60 -90.78 -54.69
C ASN E 167 -12.94 -89.48 -54.23
N ALA E 168 -13.73 -88.45 -53.95
CA ALA E 168 -13.23 -87.21 -53.36
C ALA E 168 -13.42 -87.27 -51.85
N LEU E 169 -12.32 -87.15 -51.10
CA LEU E 169 -12.40 -87.21 -49.65
C LEU E 169 -13.09 -85.97 -49.10
N GLN E 170 -14.17 -86.18 -48.35
CA GLN E 170 -15.03 -85.09 -47.88
C GLN E 170 -14.70 -84.77 -46.43
N SER E 171 -14.42 -83.49 -46.16
CA SER E 171 -14.35 -83.01 -44.79
C SER E 171 -15.08 -81.67 -44.70
N GLY E 172 -15.64 -81.40 -43.52
CA GLY E 172 -16.33 -80.16 -43.24
C GLY E 172 -17.84 -80.24 -43.29
N ASN E 173 -18.40 -81.34 -43.81
CA ASN E 173 -19.85 -81.48 -43.95
C ASN E 173 -20.35 -82.75 -43.28
N SER E 174 -19.70 -83.18 -42.20
CA SER E 174 -20.11 -84.37 -41.47
C SER E 174 -19.98 -84.14 -39.98
N GLN E 175 -20.80 -84.85 -39.21
CA GLN E 175 -20.76 -84.82 -37.76
C GLN E 175 -20.86 -86.24 -37.22
N GLU E 176 -20.22 -86.47 -36.08
CA GLU E 176 -20.12 -87.79 -35.48
C GLU E 176 -20.68 -87.79 -34.08
N SER E 177 -21.20 -88.95 -33.66
CA SER E 177 -21.77 -89.13 -32.34
C SER E 177 -21.39 -90.51 -31.83
N VAL E 178 -20.90 -90.58 -30.60
CA VAL E 178 -20.46 -91.83 -29.98
CA VAL E 178 -20.47 -91.83 -29.98
C VAL E 178 -21.32 -92.10 -28.76
N THR E 179 -21.69 -93.37 -28.57
CA THR E 179 -22.37 -93.78 -27.35
C THR E 179 -21.36 -93.95 -26.23
N GLU E 180 -21.87 -94.11 -25.01
CA GLU E 180 -21.02 -94.47 -23.89
C GLU E 180 -20.74 -95.97 -23.91
N GLN E 181 -19.67 -96.36 -23.21
CA GLN E 181 -19.26 -97.76 -23.18
C GLN E 181 -20.40 -98.66 -22.73
N ASP E 182 -20.66 -99.70 -23.51
CA ASP E 182 -21.83 -100.53 -23.27
C ASP E 182 -21.69 -101.29 -21.95
N SER E 183 -22.75 -101.29 -21.15
CA SER E 183 -22.71 -101.88 -19.81
C SER E 183 -22.66 -103.40 -19.82
N LYS E 184 -22.71 -104.05 -20.98
CA LYS E 184 -22.64 -105.50 -21.02
C LYS E 184 -21.41 -106.04 -21.75
N ASP E 185 -21.02 -105.45 -22.88
CA ASP E 185 -19.88 -105.93 -23.63
C ASP E 185 -18.76 -104.91 -23.78
N SER E 186 -18.89 -103.73 -23.19
CA SER E 186 -17.80 -102.75 -23.06
C SER E 186 -17.38 -102.17 -24.40
N THR E 187 -18.20 -102.31 -25.44
CA THR E 187 -17.88 -101.76 -26.74
C THR E 187 -18.45 -100.35 -26.89
N TYR E 188 -18.04 -99.68 -27.97
CA TYR E 188 -18.61 -98.42 -28.40
C TYR E 188 -19.34 -98.58 -29.72
N SER E 189 -20.27 -97.67 -29.98
CA SER E 189 -20.89 -97.51 -31.29
C SER E 189 -20.77 -96.06 -31.71
N LEU E 190 -20.55 -95.85 -33.01
CA LEU E 190 -20.38 -94.51 -33.56
C LEU E 190 -21.21 -94.37 -34.82
N SER E 191 -21.81 -93.19 -35.00
CA SER E 191 -22.51 -92.83 -36.22
C SER E 191 -21.85 -91.61 -36.83
N SER E 192 -21.88 -91.55 -38.17
CA SER E 192 -21.39 -90.38 -38.90
C SER E 192 -22.45 -89.99 -39.92
N THR E 193 -22.84 -88.72 -39.91
CA THR E 193 -23.90 -88.22 -40.79
C THR E 193 -23.31 -87.22 -41.77
N LEU E 194 -23.45 -87.50 -43.06
CA LEU E 194 -23.00 -86.60 -44.12
C LEU E 194 -24.22 -85.86 -44.66
N THR E 195 -24.19 -84.53 -44.59
CA THR E 195 -25.32 -83.71 -45.01
C THR E 195 -24.96 -82.99 -46.31
N LEU E 196 -25.87 -83.08 -47.28
CA LEU E 196 -25.72 -82.39 -48.56
C LEU E 196 -27.06 -81.79 -48.95
N SER E 197 -27.03 -80.75 -49.77
CA SER E 197 -28.22 -80.34 -50.49
C SER E 197 -28.62 -81.40 -51.51
N LYS E 198 -29.93 -81.52 -51.73
CA LYS E 198 -30.43 -82.45 -52.74
C LYS E 198 -29.75 -82.25 -54.09
N ALA E 199 -29.52 -81.00 -54.48
CA ALA E 199 -28.91 -80.71 -55.77
C ALA E 199 -27.49 -81.26 -55.85
N ASP E 200 -26.67 -80.96 -54.84
CA ASP E 200 -25.34 -81.55 -54.76
C ASP E 200 -25.40 -83.07 -54.75
N TYR E 201 -26.26 -83.65 -53.91
CA TYR E 201 -26.35 -85.09 -53.80
C TYR E 201 -26.60 -85.77 -55.15
N GLU E 202 -27.44 -85.15 -55.98
CA GLU E 202 -27.74 -85.70 -57.30
C GLU E 202 -26.65 -85.45 -58.33
N LYS E 203 -25.59 -84.72 -57.98
CA LYS E 203 -24.48 -84.52 -58.89
C LYS E 203 -23.43 -85.63 -58.81
N HIS E 204 -23.59 -86.59 -57.90
CA HIS E 204 -22.58 -87.60 -57.66
C HIS E 204 -23.23 -88.98 -57.57
N LYS E 205 -22.44 -90.01 -57.84
CA LYS E 205 -22.94 -91.38 -57.93
C LYS E 205 -22.50 -92.26 -56.79
N VAL E 206 -21.21 -92.28 -56.46
CA VAL E 206 -20.65 -93.22 -55.50
C VAL E 206 -20.46 -92.54 -54.16
N TYR E 207 -21.13 -93.04 -53.13
CA TYR E 207 -21.04 -92.51 -51.77
C TYR E 207 -20.49 -93.60 -50.86
N ALA E 208 -19.44 -93.29 -50.11
CA ALA E 208 -18.78 -94.28 -49.29
C ALA E 208 -18.20 -93.63 -48.03
N CYS E 209 -18.19 -94.40 -46.95
CA CYS E 209 -17.40 -94.09 -45.76
C CYS E 209 -16.33 -95.14 -45.58
N GLU E 210 -15.10 -94.70 -45.33
CA GLU E 210 -13.95 -95.58 -45.12
C GLU E 210 -13.59 -95.58 -43.65
N VAL E 211 -13.55 -96.76 -43.04
CA VAL E 211 -13.35 -96.91 -41.61
C VAL E 211 -12.02 -97.61 -41.38
N THR E 212 -11.15 -96.99 -40.59
CA THR E 212 -9.93 -97.60 -40.10
C THR E 212 -10.02 -97.79 -38.60
N HIS E 213 -9.55 -98.94 -38.12
CA HIS E 213 -9.68 -99.28 -36.71
C HIS E 213 -8.67 -100.37 -36.38
N GLN E 214 -8.27 -100.43 -35.11
CA GLN E 214 -7.26 -101.39 -34.68
C GLN E 214 -7.67 -102.82 -34.99
N GLY E 215 -8.97 -103.11 -34.95
CA GLY E 215 -9.44 -104.46 -35.22
C GLY E 215 -9.45 -104.86 -36.67
N LEU E 216 -9.27 -103.91 -37.57
CA LEU E 216 -9.31 -104.15 -39.01
C LEU E 216 -7.90 -104.15 -39.56
N SER E 217 -7.53 -105.22 -40.27
CA SER E 217 -6.19 -105.31 -40.83
C SER E 217 -5.95 -104.25 -41.90
N SER E 218 -7.00 -103.82 -42.58
CA SER E 218 -6.94 -102.80 -43.61
C SER E 218 -8.26 -102.07 -43.63
N PRO E 219 -8.29 -100.81 -44.08
CA PRO E 219 -9.54 -100.03 -44.03
C PRO E 219 -10.69 -100.75 -44.73
N VAL E 220 -11.85 -100.73 -44.09
CA VAL E 220 -13.07 -101.33 -44.63
C VAL E 220 -13.93 -100.21 -45.21
N THR E 221 -14.40 -100.41 -46.44
CA THR E 221 -15.24 -99.45 -47.13
C THR E 221 -16.60 -100.06 -47.42
N LYS E 222 -17.66 -99.33 -47.08
CA LYS E 222 -19.01 -99.65 -47.51
C LYS E 222 -19.52 -98.51 -48.39
N SER E 223 -20.18 -98.85 -49.49
CA SER E 223 -20.62 -97.86 -50.45
C SER E 223 -21.97 -98.25 -51.04
N PHE E 224 -22.61 -97.26 -51.66
CA PHE E 224 -23.77 -97.47 -52.51
C PHE E 224 -23.63 -96.57 -53.73
N ASN E 225 -24.40 -96.90 -54.77
CA ASN E 225 -24.51 -96.05 -55.95
C ASN E 225 -25.89 -95.41 -55.97
N ARG E 226 -25.91 -94.08 -56.06
CA ARG E 226 -27.15 -93.30 -56.05
C ARG E 226 -28.11 -93.76 -57.15
N GLY E 227 -29.26 -94.30 -56.76
CA GLY E 227 -30.26 -94.73 -57.71
C GLY E 227 -30.29 -96.21 -58.00
N GLU E 228 -29.54 -97.03 -57.27
CA GLU E 228 -29.49 -98.46 -57.53
C GLU E 228 -30.16 -99.25 -56.40
C1 NAG F . -42.82 -2.72 -9.86
C2 NAG F . -41.52 -3.00 -10.60
C3 NAG F . -41.30 -1.96 -11.69
C4 NAG F . -42.52 -1.83 -12.60
C5 NAG F . -43.78 -1.63 -11.75
C6 NAG F . -45.06 -1.66 -12.56
C7 NAG F . -40.09 -4.06 -8.91
C8 NAG F . -38.89 -3.91 -8.04
N2 NAG F . -40.38 -3.02 -9.70
O3 NAG F . -40.16 -2.31 -12.48
O4 NAG F . -42.35 -0.71 -13.45
O5 NAG F . -43.90 -2.67 -10.77
O6 NAG F . -45.97 -0.66 -12.14
O7 NAG F . -40.77 -5.08 -8.92
C1 NAG F . -42.58 -1.04 -14.84
C2 NAG F . -42.99 0.24 -15.56
C3 NAG F . -43.21 -0.03 -17.03
C4 NAG F . -41.99 -0.69 -17.65
C5 NAG F . -41.62 -1.94 -16.86
C6 NAG F . -40.34 -2.58 -17.34
C7 NAG F . -44.11 1.79 -14.02
C8 NAG F . -45.44 2.28 -13.51
N2 NAG F . -44.17 0.82 -14.95
O3 NAG F . -43.50 1.20 -17.71
O4 NAG F . -42.27 -1.06 -19.01
O5 NAG F . -41.41 -1.60 -15.48
O6 NAG F . -40.25 -2.56 -18.76
O7 NAG F . -43.05 2.25 -13.62
C1 NAG G . 0.34 72.23 18.49
C2 NAG G . -0.11 73.61 18.95
C3 NAG G . -0.76 73.51 20.32
C4 NAG G . -1.86 72.47 20.33
C5 NAG G . -1.35 71.14 19.78
C6 NAG G . -2.45 70.11 19.62
C7 NAG G . 1.34 75.28 17.91
C8 NAG G . 2.52 76.19 18.10
N2 NAG G . 1.00 74.54 18.96
O3 NAG G . -1.28 74.79 20.69
O4 NAG G . -2.33 72.28 21.67
O5 NAG G . -0.78 71.33 18.48
O6 NAG G . -1.95 68.90 19.08
O7 NAG G . 0.75 75.22 16.84
C1 NAG G . -3.68 72.76 21.79
C2 NAG G . -4.27 72.23 23.09
C3 NAG G . -5.69 72.75 23.28
C4 NAG G . -5.71 74.27 23.18
C5 NAG G . -5.06 74.73 21.88
C6 NAG G . -4.94 76.24 21.78
C7 NAG G . -3.60 70.07 24.06
C8 NAG G . -3.68 68.58 23.93
N2 NAG G . -4.26 70.77 23.12
O3 NAG G . -6.19 72.33 24.55
O4 NAG G . -7.06 74.73 23.22
O5 NAG G . -3.73 74.19 21.78
O6 NAG G . -4.85 76.66 20.44
O7 NAG G . -2.98 70.62 24.95
C1 NAG H . -3.74 59.16 35.78
C2 NAG H . -3.99 60.00 37.03
C3 NAG H . -4.99 59.30 37.94
C4 NAG H . -6.26 58.95 37.18
C5 NAG H . -5.91 58.16 35.92
C6 NAG H . -7.12 57.89 35.05
C7 NAG H . -2.00 61.35 37.53
C8 NAG H . -0.75 61.46 38.35
N2 NAG H . -2.75 60.27 37.74
O3 NAG H . -5.29 60.14 39.05
O4 NAG H . -7.12 58.17 38.00
O5 NAG H . -4.98 58.90 35.12
O6 NAG H . -6.74 57.74 33.68
O7 NAG H . -2.31 62.20 36.70
C1 NAG H . -8.29 58.95 38.32
C2 NAG H . -9.44 58.00 38.66
C3 NAG H . -10.68 58.79 39.05
C4 NAG H . -10.36 59.77 40.17
C5 NAG H . -9.18 60.65 39.77
C6 NAG H . -8.73 61.57 40.88
C7 NAG H . -9.15 55.92 37.38
C8 NAG H . -9.55 55.14 36.17
N2 NAG H . -9.73 57.12 37.53
O3 NAG H . -11.70 57.88 39.47
O4 NAG H . -11.49 60.58 40.44
O5 NAG H . -8.06 59.82 39.43
O6 NAG H . -7.67 62.40 40.46
O7 NAG H . -8.33 55.48 38.19
C1 NAG I . 9.94 86.72 8.34
C2 NAG I . 8.97 87.88 8.21
C3 NAG I . 9.66 89.19 8.61
C4 NAG I . 10.27 89.05 10.00
C5 NAG I . 11.16 87.81 10.09
C6 NAG I . 11.66 87.54 11.48
C7 NAG I . 7.25 87.53 6.49
C8 NAG I . 6.89 87.71 5.05
N2 NAG I . 8.46 87.98 6.85
O3 NAG I . 8.72 90.25 8.59
O4 NAG I . 11.07 90.21 10.27
O5 NAG I . 10.42 86.65 9.68
O6 NAG I . 11.07 86.36 12.03
O7 NAG I . 6.48 87.01 7.29
C1 NAG I . 10.62 90.87 11.47
C2 NAG I . 11.65 91.95 11.81
C3 NAG I . 11.24 92.71 13.06
C4 NAG I . 9.82 93.25 12.91
C5 NAG I . 8.86 92.12 12.52
C6 NAG I . 7.46 92.62 12.22
C7 NAG I . 14.06 91.79 11.29
C8 NAG I . 15.34 91.08 11.59
N2 NAG I . 12.99 91.38 11.98
O3 NAG I . 12.14 93.77 13.31
O4 NAG I . 9.38 93.84 14.13
O5 NAG I . 9.33 91.47 11.32
O6 NAG I . 7.46 93.99 11.89
O7 NAG I . 13.98 92.68 10.45
C1 NAG J . 25.46 87.09 -5.52
C2 NAG J . 24.77 87.50 -6.82
C3 NAG J . 25.74 87.41 -7.98
C4 NAG J . 27.01 88.21 -7.70
C5 NAG J . 27.60 87.77 -6.36
C6 NAG J . 28.80 88.60 -5.94
C7 NAG J . 22.35 87.19 -7.12
C8 NAG J . 21.25 86.21 -7.38
N2 NAG J . 23.59 86.70 -7.07
O3 NAG J . 25.10 87.90 -9.17
O4 NAG J . 27.96 88.04 -8.73
O5 NAG J . 26.62 87.89 -5.32
O6 NAG J . 28.63 89.11 -4.63
O7 NAG J . 22.13 88.39 -6.95
C1 NAG J . 27.93 89.18 -9.60
C2 NAG J . 29.36 89.66 -9.88
C3 NAG J . 29.34 90.83 -10.85
C4 NAG J . 28.55 90.47 -12.11
C5 NAG J . 27.16 89.97 -11.74
C6 NAG J . 26.37 89.49 -12.94
C7 NAG J . 31.35 89.89 -8.49
C8 NAG J . 31.89 90.30 -7.15
N2 NAG J . 30.03 90.02 -8.66
O3 NAG J . 30.68 91.19 -11.19
O4 NAG J . 28.43 91.62 -12.95
O5 NAG J . 27.27 88.86 -10.84
O6 NAG J . 27.22 88.92 -13.92
O7 NAG J . 32.08 89.45 -9.38
C1 NAG K . 16.85 60.63 -19.65
C2 NAG K . 16.80 61.87 -20.54
C3 NAG K . 15.94 61.60 -21.77
C4 NAG K . 16.43 60.35 -22.49
C5 NAG K . 16.54 59.17 -21.52
C6 NAG K . 17.18 57.95 -22.15
C7 NAG K . 17.02 64.09 -19.51
C8 NAG K . 16.32 65.18 -18.74
N2 NAG K . 16.28 63.01 -19.81
O3 NAG K . 16.00 62.71 -22.65
O4 NAG K . 15.52 60.02 -23.53
O5 NAG K . 17.36 59.52 -20.39
O6 NAG K . 17.55 56.99 -21.16
O7 NAG K . 18.20 64.17 -19.83
C1 NAG K . 16.18 60.10 -24.81
C2 NAG K . 15.46 59.15 -25.77
C3 NAG K . 16.10 59.23 -27.16
C4 NAG K . 16.12 60.67 -27.65
C5 NAG K . 16.80 61.56 -26.62
C6 NAG K . 16.76 63.03 -26.98
C7 NAG K . 14.43 57.18 -24.73
C8 NAG K . 14.64 55.77 -24.26
N2 NAG K . 15.49 57.79 -25.28
O3 NAG K . 15.34 58.42 -28.07
O4 NAG K . 16.82 60.75 -28.88
O5 NAG K . 16.15 61.43 -25.34
O6 NAG K . 17.89 63.72 -26.46
O7 NAG K . 13.36 57.75 -24.61
C1 NAG L . 51.45 69.05 0.53
C2 NAG L . 52.50 69.37 -0.54
C3 NAG L . 53.07 70.76 -0.30
C4 NAG L . 51.95 71.79 -0.22
C5 NAG L . 50.92 71.38 0.82
C6 NAG L . 49.72 72.28 0.86
C7 NAG L . 53.62 67.39 -1.45
C8 NAG L . 54.79 66.45 -1.31
N2 NAG L . 53.56 68.38 -0.55
O3 NAG L . 53.96 71.09 -1.36
O4 NAG L . 52.50 73.05 0.14
O5 NAG L . 50.43 70.05 0.53
O6 NAG L . 49.10 72.38 -0.42
O7 NAG L . 52.79 67.27 -2.34
C1 NAG L . 52.17 74.05 -0.86
C2 NAG L . 52.65 75.41 -0.35
C3 NAG L . 52.36 76.49 -1.39
C4 NAG L . 52.94 76.11 -2.73
C5 NAG L . 52.46 74.71 -3.14
C6 NAG L . 53.10 74.22 -4.42
C7 NAG L . 52.60 75.46 2.11
C8 NAG L . 51.83 75.87 3.32
N2 NAG L . 52.04 75.74 0.93
O3 NAG L . 52.92 77.72 -0.95
O4 NAG L . 52.55 77.05 -3.72
O5 NAG L . 52.78 73.76 -2.12
O6 NAG L . 52.38 73.11 -4.96
O7 NAG L . 53.70 74.90 2.19
C1 NAG M . 57.53 67.31 19.80
C2 NAG M . 58.34 66.05 20.10
C3 NAG M . 58.72 66.00 21.57
C4 NAG M . 59.43 67.29 21.99
C5 NAG M . 58.57 68.49 21.62
C6 NAG M . 59.26 69.81 21.91
C7 NAG M . 58.13 63.90 18.95
C8 NAG M . 57.23 62.73 18.66
N2 NAG M . 57.61 64.86 19.72
O3 NAG M . 59.56 64.88 21.80
O4 NAG M . 59.66 67.28 23.39
O5 NAG M . 58.27 68.47 20.22
O6 NAG M . 58.33 70.82 22.28
O7 NAG M . 59.28 63.96 18.51
C1 NAG M . 61.06 67.02 23.65
C2 NAG M . 61.47 67.76 24.91
C3 NAG M . 62.93 67.47 25.24
C4 NAG M . 63.17 65.97 25.30
C5 NAG M . 62.68 65.29 24.03
C6 NAG M . 62.76 63.79 24.08
C7 NAG M . 60.36 69.87 25.49
C8 NAG M . 60.27 71.34 25.22
N2 NAG M . 61.26 69.19 24.77
O3 NAG M . 63.27 68.07 26.48
O4 NAG M . 64.55 65.69 25.47
O5 NAG M . 61.29 65.62 23.81
O6 NAG M . 62.79 63.22 22.77
O7 NAG M . 59.64 69.32 26.32
C1 NAG N . 38.45 50.62 34.55
C2 NAG N . 39.49 51.26 35.46
C3 NAG N . 40.86 50.60 35.27
C4 NAG N . 40.74 49.09 35.43
C5 NAG N . 39.63 48.54 34.52
C6 NAG N . 39.37 47.07 34.73
C7 NAG N . 38.93 53.59 35.96
C8 NAG N . 39.13 55.03 35.57
N2 NAG N . 39.58 52.69 35.23
O3 NAG N . 41.78 51.11 36.21
O4 NAG N . 41.98 48.44 35.16
O5 NAG N . 38.40 49.23 34.79
O6 NAG N . 38.22 46.85 35.53
O7 NAG N . 38.19 53.27 36.89
C1 NAG N . 42.41 47.86 36.40
C2 NAG N . 43.42 46.75 36.12
C3 NAG N . 43.91 46.15 37.43
C4 NAG N . 44.46 47.23 38.35
C5 NAG N . 43.42 48.33 38.54
C6 NAG N . 43.93 49.50 39.34
C7 NAG N . 43.21 45.51 34.01
C8 NAG N . 42.49 44.40 33.29
N2 NAG N . 42.83 45.72 35.28
O3 NAG N . 44.93 45.18 37.16
O4 NAG N . 44.79 46.68 39.61
O5 NAG N . 43.01 48.85 37.26
O6 NAG N . 43.11 49.77 40.47
O7 NAG N . 44.08 46.18 33.47
C1 NAG O . 48.91 36.34 21.27
C2 NAG O . 50.42 36.50 21.30
C3 NAG O . 51.10 35.13 21.23
C4 NAG O . 50.57 34.22 22.33
C5 NAG O . 49.04 34.17 22.27
C6 NAG O . 48.42 33.39 23.41
C7 NAG O . 51.80 38.30 20.34
C8 NAG O . 52.14 39.07 19.11
N2 NAG O . 50.88 37.34 20.20
O3 NAG O . 52.51 35.28 21.36
O4 NAG O . 51.10 32.91 22.16
O5 NAG O . 48.49 35.49 22.34
O6 NAG O . 47.10 33.82 23.69
O7 NAG O . 52.34 38.53 21.42
C1 NAG O . 51.78 32.52 23.38
C2 NAG O . 51.71 30.99 23.49
C3 NAG O . 52.43 30.53 24.75
C4 NAG O . 53.87 31.07 24.77
C5 NAG O . 53.86 32.59 24.59
C6 NAG O . 55.25 33.17 24.48
C7 NAG O . 49.71 30.08 22.40
C8 NAG O . 48.29 29.65 22.59
N2 NAG O . 50.34 30.54 23.50
O3 NAG O . 52.46 29.11 24.79
O4 NAG O . 54.49 30.75 26.01
O5 NAG O . 53.16 32.94 23.39
O6 NAG O . 56.00 32.53 23.46
O7 NAG O . 50.28 30.02 21.31
C1 NAG P . 33.14 69.00 42.54
C2 NAG P . 33.85 69.08 43.88
C3 NAG P . 34.67 70.37 43.97
C4 NAG P . 35.62 70.47 42.77
C5 NAG P . 34.85 70.30 41.46
C6 NAG P . 35.76 70.23 40.26
C7 NAG P . 32.60 67.86 45.60
C8 NAG P . 31.61 67.97 46.72
N2 NAG P . 32.91 69.01 44.98
O3 NAG P . 35.40 70.39 45.18
O4 NAG P . 36.29 71.73 42.79
O5 NAG P . 34.10 69.07 41.48
O6 NAG P . 36.82 69.30 40.46
O7 NAG P . 33.11 66.80 45.28
C1 NAG P . 37.71 71.50 42.83
C2 NAG P . 38.43 72.86 42.80
C3 NAG P . 39.93 72.66 42.88
C4 NAG P . 40.28 71.82 44.11
C5 NAG P . 39.50 70.52 44.09
C6 NAG P . 39.72 69.68 45.33
C7 NAG P . 37.09 74.50 41.55
C8 NAG P . 36.88 75.17 40.22
N2 NAG P . 38.08 73.60 41.59
O3 NAG P . 40.57 73.93 42.96
O4 NAG P . 41.68 71.53 44.10
O5 NAG P . 38.09 70.79 44.02
O6 NAG P . 39.88 68.30 45.00
O7 NAG P . 36.43 74.78 42.53
C1 NAG Q . -35.05 20.81 27.92
C2 NAG Q . -35.72 22.13 27.54
C3 NAG Q . -35.65 23.11 28.71
C4 NAG Q . -36.19 22.47 29.98
C5 NAG Q . -35.51 21.13 30.24
C6 NAG Q . -36.10 20.39 31.41
C7 NAG Q . -35.57 22.51 25.11
C8 NAG Q . -34.80 23.18 24.02
N2 NAG Q . -35.10 22.70 26.36
O3 NAG Q . -36.40 24.28 28.39
O4 NAG Q . -35.96 23.33 31.09
O5 NAG Q . -35.67 20.27 29.09
O6 NAG Q . -35.83 18.99 31.33
O7 NAG Q . -36.55 21.82 24.90
C1 NAG R . -23.38 1.26 -41.21
C2 NAG R . -24.07 2.49 -41.80
C3 NAG R . -23.31 2.99 -43.03
C4 NAG R . -21.84 3.22 -42.68
C5 NAG R . -21.25 1.95 -42.10
C6 NAG R . -19.81 2.12 -41.65
C7 NAG R . -26.48 2.97 -41.75
C8 NAG R . -27.84 2.52 -42.19
N2 NAG R . -25.46 2.21 -42.15
O3 NAG R . -23.89 4.19 -43.51
O4 NAG R . -21.12 3.58 -43.85
O5 NAG R . -21.99 1.56 -40.93
O6 NAG R . -19.73 2.44 -40.27
O7 NAG R . -26.31 3.98 -41.06
C1 NAG S . -26.00 -26.07 -28.22
C2 NAG S . -26.27 -24.57 -28.28
C3 NAG S . -27.39 -24.19 -27.31
C4 NAG S . -28.61 -25.08 -27.50
C5 NAG S . -28.22 -26.55 -27.48
C6 NAG S . -29.36 -27.49 -27.81
C7 NAG S . -24.85 -22.57 -28.45
C8 NAG S . -23.56 -21.93 -28.04
N2 NAG S . -25.07 -23.82 -27.99
O3 NAG S . -27.75 -22.83 -27.53
O4 NAG S . -29.56 -24.84 -26.48
O5 NAG S . -27.20 -26.79 -28.47
O6 NAG S . -29.30 -27.92 -29.16
O7 NAG S . -25.67 -21.99 -29.16
C1 NAG T . -25.10 41.19 15.73
C2 NAG T . -24.91 40.48 17.07
C3 NAG T . -25.22 41.43 18.21
C4 NAG T . -24.39 42.70 18.09
C5 NAG T . -24.59 43.33 16.71
C6 NAG T . -23.70 44.53 16.46
C7 NAG T . -25.28 38.05 16.93
C8 NAG T . -26.29 36.95 17.06
N2 NAG T . -25.75 39.29 17.15
O3 NAG T . -24.92 40.78 19.45
O4 NAG T . -24.80 43.64 19.08
O5 NAG T . -24.28 42.36 15.69
O6 NAG T . -23.13 44.49 15.16
O7 NAG T . -24.11 37.84 16.66
C1 NAG U . -17.90 35.71 -23.63
C2 NAG U . -16.53 36.31 -23.96
C3 NAG U . -16.68 37.43 -24.98
C4 NAG U . -17.42 36.93 -26.21
C5 NAG U . -18.77 36.34 -25.80
C6 NAG U . -19.52 35.73 -26.96
C7 NAG U . -15.18 36.01 -21.93
C8 NAG U . -14.56 36.67 -20.75
N2 NAG U . -15.87 36.79 -22.76
O3 NAG U . -15.40 37.91 -25.35
O4 NAG U . -17.64 38.01 -27.12
O5 NAG U . -18.56 35.29 -24.84
O6 NAG U . -20.12 36.73 -27.78
O7 NAG U . -15.05 34.80 -22.15
C1 NAG V . -20.67 53.40 -14.85
C2 NAG V . -22.16 53.63 -15.04
C3 NAG V . -22.60 53.13 -16.41
C4 NAG V . -21.75 53.75 -17.50
C5 NAG V . -20.26 53.51 -17.22
C6 NAG V . -19.35 54.20 -18.20
C7 NAG V . -23.94 53.58 -13.35
C8 NAG V . -24.62 52.76 -12.29
N2 NAG V . -22.93 52.98 -13.99
O3 NAG V . -23.98 53.45 -16.62
O4 NAG V . -22.08 53.17 -18.77
O5 NAG V . -19.95 54.02 -15.92
O6 NAG V . -18.07 54.43 -17.64
O7 NAG V . -24.29 54.72 -13.61
C1 NAG W . 14.48 75.99 -10.42
C2 NAG W . 15.78 76.75 -10.64
C3 NAG W . 15.51 78.06 -11.36
C4 NAG W . 14.72 77.81 -12.65
C5 NAG W . 13.47 77.00 -12.35
C6 NAG W . 12.70 76.61 -13.59
C7 NAG W . 17.25 76.11 -8.79
C8 NAG W . 17.87 76.52 -7.49
N2 NAG W . 16.46 76.99 -9.38
O3 NAG W . 16.73 78.70 -11.68
O4 NAG W . 14.35 79.04 -13.25
O5 NAG W . 13.81 75.78 -11.68
O6 NAG W . 11.37 77.15 -13.57
O7 NAG W . 17.47 74.99 -9.28
C1 NAG X . 2.77 74.45 -0.29
C2 NAG X . 1.45 74.37 0.49
C3 NAG X . 0.45 73.50 -0.26
C4 NAG X . 0.26 74.01 -1.68
C5 NAG X . 1.61 74.09 -2.38
C6 NAG X . 1.52 74.71 -3.76
C7 NAG X . 0.93 74.21 2.89
C8 NAG X . 1.29 73.57 4.18
N2 NAG X . 1.67 73.86 1.83
O3 NAG X . -0.79 73.51 0.43
O4 NAG X . -0.59 73.14 -2.41
O5 NAG X . 2.52 74.92 -1.63
O6 NAG X . 0.50 74.10 -4.54
O7 NAG X . 0.02 75.03 2.79
C1 NAG Y . 29.33 -1.38 -37.36
C2 NAG Y . 29.79 -1.29 -35.90
C3 NAG Y . 31.26 -0.87 -35.82
C4 NAG Y . 32.13 -1.78 -36.68
C5 NAG Y . 31.59 -1.83 -38.10
C6 NAG Y . 32.33 -2.81 -38.98
C7 NAG Y . 28.27 -0.74 -34.06
C8 NAG Y . 27.46 0.34 -33.40
N2 NAG Y . 28.95 -0.38 -35.14
O3 NAG Y . 31.69 -0.93 -34.46
O4 NAG Y . 33.46 -1.29 -36.71
O5 NAG Y . 30.21 -2.26 -38.08
O6 NAG Y . 31.49 -3.35 -39.99
O7 NAG Y . 28.31 -1.88 -33.62
C1 NAG Z . 9.94 -21.50 -33.50
C2 NAG Z . 9.96 -22.07 -32.09
C3 NAG Z . 11.39 -22.31 -31.62
C4 NAG Z . 12.13 -23.17 -32.64
C5 NAG Z . 12.02 -22.57 -34.04
C6 NAG Z . 12.63 -23.44 -35.10
C7 NAG Z . 8.07 -21.46 -30.64
C8 NAG Z . 7.50 -20.44 -29.70
N2 NAG Z . 9.27 -21.19 -31.16
O3 NAG Z . 11.38 -22.94 -30.35
O4 NAG Z . 13.50 -23.28 -32.27
O5 NAG Z . 10.65 -22.38 -34.38
O6 NAG Z . 13.00 -22.68 -36.26
O7 NAG Z . 7.47 -22.50 -30.91
C1 NAG AA . -0.91 20.72 -40.52
C2 NAG AA . -0.03 21.92 -40.85
C3 NAG AA . -0.80 22.93 -41.71
C4 NAG AA . -1.39 22.25 -42.93
C5 NAG AA . -2.21 21.02 -42.52
C6 NAG AA . -2.70 20.22 -43.70
C7 NAG AA . 1.63 23.22 -39.57
C8 NAG AA . 1.98 23.80 -38.25
N2 NAG AA . 0.47 22.56 -39.64
O3 NAG AA . 0.07 23.98 -42.11
O4 NAG AA . -2.24 23.16 -43.62
O5 NAG AA . -1.39 20.14 -41.74
O6 NAG AA . -2.61 18.82 -43.46
O7 NAG AA . 2.37 23.32 -40.55
C1 NAG BA . 33.03 -30.40 6.20
C2 NAG BA . 34.08 -30.22 7.30
C3 NAG BA . 35.40 -29.77 6.71
C4 NAG BA . 35.84 -30.72 5.61
C5 NAG BA . 34.74 -30.84 4.56
C6 NAG BA . 35.06 -31.84 3.48
C7 NAG BA . 33.24 -29.66 9.54
C8 NAG BA . 32.79 -28.56 10.45
N2 NAG BA . 33.61 -29.28 8.32
O3 NAG BA . 36.39 -29.72 7.74
O4 NAG BA . 37.02 -30.21 4.98
O5 NAG BA . 33.53 -31.30 5.20
O6 NAG BA . 33.89 -32.31 2.83
O7 NAG BA . 33.27 -30.83 9.90
C1 NAG CA . 22.80 -51.88 -0.21
C2 NAG CA . 22.67 -50.36 -0.35
C3 NAG CA . 23.22 -49.90 -1.70
C4 NAG CA . 24.62 -50.46 -1.94
C5 NAG CA . 24.67 -51.96 -1.68
C6 NAG CA . 26.06 -52.53 -1.74
C7 NAG CA . 20.91 -48.80 0.37
C8 NAG CA . 19.43 -48.54 0.44
N2 NAG CA . 21.28 -49.95 -0.20
O3 NAG CA . 23.24 -48.48 -1.75
O4 NAG CA . 25.03 -50.19 -3.27
O5 NAG CA . 24.16 -52.25 -0.37
O6 NAG CA . 26.07 -53.83 -2.29
O7 NAG CA . 21.73 -48.02 0.83
C1 NAG DA . 20.84 29.91 -28.15
C2 NAG DA . 20.09 30.97 -27.34
C3 NAG DA . 19.76 32.17 -28.23
C4 NAG DA . 21.02 32.70 -28.89
C5 NAG DA . 21.75 31.57 -29.63
C6 NAG DA . 23.07 31.99 -30.21
C7 NAG DA . 18.77 30.05 -25.49
C8 NAG DA . 17.45 29.48 -25.07
N2 NAG DA . 18.87 30.40 -26.77
O3 NAG DA . 19.16 33.19 -27.44
O4 NAG DA . 20.69 33.72 -29.83
O5 NAG DA . 22.03 30.50 -28.71
O6 NAG DA . 23.44 31.18 -31.31
O7 NAG DA . 19.72 30.15 -24.71
C1 NAG EA . 39.16 2.84 -4.31
C2 NAG EA . 38.67 1.86 -3.24
C3 NAG EA . 39.35 2.19 -1.90
C4 NAG EA . 40.87 2.21 -2.07
C5 NAG EA . 41.27 3.16 -3.19
C6 NAG EA . 42.75 3.14 -3.49
C7 NAG EA . 36.50 0.90 -2.67
C8 NAG EA . 35.01 1.14 -2.58
N2 NAG EA . 37.23 1.93 -3.10
O3 NAG EA . 38.98 1.20 -0.94
O4 NAG EA . 41.48 2.63 -0.85
O5 NAG EA . 40.60 2.79 -4.40
O6 NAG EA . 42.99 2.96 -4.88
O7 NAG EA . 37.00 -0.17 -2.34
C1 NAG FA . 49.29 20.19 -13.07
C2 NAG FA . 49.77 19.39 -14.27
C3 NAG FA . 50.39 18.06 -13.82
C4 NAG FA . 51.47 18.31 -12.78
C5 NAG FA . 50.93 19.17 -11.64
C6 NAG FA . 51.99 19.56 -10.64
C7 NAG FA . 48.39 19.97 -16.22
C8 NAG FA . 47.23 19.56 -17.08
N2 NAG FA . 48.69 19.14 -15.21
O3 NAG FA . 50.93 17.38 -14.94
O4 NAG FA . 51.94 17.07 -12.26
O5 NAG FA . 50.38 20.38 -12.15
O6 NAG FA . 51.47 20.45 -9.65
O7 NAG FA . 49.02 21.00 -16.41
C1 NAG GA . 55.17 51.70 13.81
C2 NAG GA . 55.75 52.13 15.16
C3 NAG GA . 57.21 52.54 15.01
C4 NAG GA . 58.01 51.45 14.33
C5 NAG GA . 57.34 51.05 13.01
C6 NAG GA . 58.02 49.89 12.33
C7 NAG GA . 54.07 53.01 16.73
C8 NAG GA . 53.35 54.24 17.20
N2 NAG GA . 54.96 53.21 15.74
O3 NAG GA . 57.75 52.82 16.29
O4 NAG GA . 59.33 51.90 14.07
O5 NAG GA . 55.98 50.66 13.25
O6 NAG GA . 57.64 49.80 10.95
O7 NAG GA . 53.85 51.91 17.20
C1 NAG HA . 36.22 60.31 -11.09
C2 NAG HA . 37.20 61.32 -11.71
C3 NAG HA . 36.64 61.90 -12.99
C4 NAG HA . 36.24 60.79 -13.95
C5 NAG HA . 35.26 59.84 -13.25
C6 NAG HA . 34.88 58.66 -14.10
C7 NAG HA . 38.75 62.59 -10.28
C8 NAG HA . 38.89 63.74 -9.32
N2 NAG HA . 37.52 62.39 -10.76
O3 NAG HA . 37.62 62.72 -13.61
O4 NAG HA . 35.62 61.33 -15.11
O5 NAG HA . 35.88 59.32 -12.07
O6 NAG HA . 33.46 58.43 -14.07
O7 NAG HA . 39.70 61.89 -10.61
C1 NAG IA . 50.15 52.20 -1.21
C2 NAG IA . 49.66 52.06 -2.64
C3 NAG IA . 49.70 50.60 -3.07
C4 NAG IA . 51.09 50.02 -2.87
C5 NAG IA . 51.53 50.24 -1.43
C6 NAG IA . 52.96 49.80 -1.17
C7 NAG IA . 47.82 53.03 -3.96
C8 NAG IA . 46.41 53.54 -3.92
N2 NAG IA . 48.31 52.60 -2.79
O3 NAG IA . 49.33 50.49 -4.45
O4 NAG IA . 51.09 48.62 -3.15
O5 NAG IA . 51.46 51.62 -1.09
O6 NAG IA . 53.01 48.69 -0.28
O7 NAG IA . 48.47 53.01 -4.99
C1 NAG JA . 7.50 -12.07 46.99
C2 NAG JA . 6.98 -10.76 46.42
C3 NAG JA . 6.65 -9.78 47.53
C4 NAG JA . 5.72 -10.43 48.56
C5 NAG JA . 6.30 -11.75 49.04
C6 NAG JA . 5.37 -12.50 49.96
C7 NAG JA . 7.58 -9.49 44.40
C8 NAG JA . 8.70 -8.96 43.56
N2 NAG JA . 7.94 -10.18 45.49
O3 NAG JA . 6.05 -8.61 46.99
O4 NAG JA . 5.54 -9.55 49.67
O5 NAG JA . 6.55 -12.60 47.92
O6 NAG JA . 5.41 -13.89 49.72
O7 NAG JA . 6.40 -9.30 44.10
C1 NAG KA . 37.62 -8.91 22.98
C2 NAG KA . 38.26 -8.56 24.33
C3 NAG KA . 39.74 -8.21 24.15
C4 NAG KA . 40.45 -9.33 23.40
C5 NAG KA . 39.72 -9.65 22.10
C6 NAG KA . 40.31 -10.82 21.36
C7 NAG KA . 37.41 -7.35 26.30
C8 NAG KA . 36.65 -6.15 26.78
N2 NAG KA . 37.55 -7.46 24.98
O3 NAG KA . 40.34 -8.01 25.42
O4 NAG KA . 41.79 -8.93 23.10
O5 NAG KA . 38.35 -9.98 22.37
O6 NAG KA . 39.30 -11.61 20.74
O7 NAG KA . 37.87 -8.18 27.07
C1 NAG LA . -37.30 -7.70 33.84
C2 NAG LA . -38.61 -8.28 34.42
C3 NAG LA . -39.47 -7.15 34.96
C4 NAG LA . -38.69 -6.32 35.97
C5 NAG LA . -37.39 -5.82 35.35
C6 NAG LA . -36.50 -5.10 36.32
C7 NAG LA . -40.03 -10.13 33.69
C8 NAG LA . -40.72 -10.79 32.53
N2 NAG LA . -39.33 -9.04 33.40
O3 NAG LA . -40.64 -7.70 35.57
O4 NAG LA . -39.46 -5.20 36.39
O5 NAG LA . -36.63 -6.94 34.85
O6 NAG LA . -35.79 -6.00 37.15
O7 NAG LA . -40.11 -10.58 34.83
C1 NAG MA . -9.36 16.91 42.09
C2 NAG MA . -9.55 18.14 41.20
C3 NAG MA . -10.01 19.32 42.05
C4 NAG MA . -11.25 18.96 42.85
C5 NAG MA . -11.00 17.69 43.66
C6 NAG MA . -12.24 17.20 44.39
C7 NAG MA . -7.95 17.86 39.36
C8 NAG MA . -6.65 18.32 38.77
N2 NAG MA . -8.32 18.46 40.50
O3 NAG MA . -10.29 20.43 41.19
O4 NAG MA . -11.59 20.02 43.73
O5 NAG MA . -10.58 16.62 42.80
O6 NAG MA . -11.91 16.73 45.70
O7 NAG MA . -8.63 16.99 38.83
C1 NAG NA . 4.90 26.80 53.19
C2 NAG NA . 5.23 25.99 54.44
C3 NAG NA . 3.95 25.34 55.00
C4 NAG NA . 2.89 26.40 55.23
C5 NAG NA . 2.65 27.20 53.94
C6 NAG NA . 1.69 28.34 54.12
C7 NAG NA . 7.43 24.94 54.75
C8 NAG NA . 8.33 23.83 54.34
N2 NAG NA . 6.23 24.97 54.16
O3 NAG NA . 4.26 24.68 56.22
O4 NAG NA . 1.66 25.78 55.61
O5 NAG NA . 3.89 27.77 53.50
O6 NAG NA . 2.12 29.50 53.43
O7 NAG NA . 7.76 25.80 55.57
C1 NAG OA . 11.12 66.97 41.70
C2 NAG OA . 10.46 68.30 41.38
C3 NAG OA . 10.50 69.22 42.60
C4 NAG OA . 9.89 68.52 43.81
C5 NAG OA . 10.59 67.17 44.03
C6 NAG OA . 9.97 66.38 45.15
C7 NAG OA . 10.67 68.76 38.98
C8 NAG OA . 11.44 69.48 37.91
N2 NAG OA . 11.09 68.93 40.24
O3 NAG OA . 9.78 70.41 42.32
O4 NAG OA . 10.06 69.33 44.96
O5 NAG OA . 10.49 66.37 42.85
O6 NAG OA . 8.73 66.93 45.57
O7 NAG OA . 9.71 68.05 38.71
C1 NAG PA . 22.46 56.01 43.77
C2 NAG PA . 23.29 54.77 44.11
C3 NAG PA . 22.39 53.59 44.48
C4 NAG PA . 21.40 54.00 45.58
C5 NAG PA . 20.62 55.22 45.13
C6 NAG PA . 19.67 55.74 46.19
C7 NAG PA . 25.39 53.89 43.19
C8 NAG PA . 26.15 53.58 41.94
N2 NAG PA . 24.17 54.41 43.01
O3 NAG PA . 23.18 52.50 44.92
O4 NAG PA . 20.50 52.93 45.84
O5 NAG PA . 21.53 56.29 44.84
O6 NAG PA . 19.51 57.14 46.11
O7 NAG PA . 25.85 53.68 44.30
C1 NAG QA . 17.71 81.34 40.09
C2 NAG QA . 16.65 81.01 41.15
C3 NAG QA . 15.45 81.95 41.02
C4 NAG QA . 15.91 83.40 41.04
C5 NAG QA . 16.97 83.63 39.97
C6 NAG QA . 17.55 85.03 39.99
C7 NAG QA . 16.74 78.65 41.81
C8 NAG QA . 16.18 77.27 41.56
N2 NAG QA . 16.23 79.62 41.05
O3 NAG QA . 14.54 81.71 42.08
O4 NAG QA . 14.80 84.26 40.80
O5 NAG QA . 18.07 82.72 40.18
O6 NAG QA . 18.52 85.21 38.97
O7 NAG QA . 17.61 78.86 42.64
#